data_6JP5
#
_entry.id   6JP5
#
_cell.length_a   1.00
_cell.length_b   1.00
_cell.length_c   1.00
_cell.angle_alpha   90.00
_cell.angle_beta   90.00
_cell.angle_gamma   90.00
#
_symmetry.space_group_name_H-M   'P 1'
#
loop_
_entity.id
_entity.type
_entity.pdbx_description
1 polymer 'Voltage-dependent L-type calcium channel subunit alpha-1S'
2 polymer 'Voltage-dependent calcium channel gamma-1 subunit'
3 polymer 'Voltage-dependent calcium channel subunit alpha-2/delta-1'
4 polymer 'Voltage-dependent L-type calcium channel subunit beta-1'
5 branched 2-acetamido-2-deoxy-beta-D-glucopyranose-(1-3)-2-acetamido-2-deoxy-beta-D-glucopyranose
6 branched beta-D-mannopyranose-(1-4)-2-acetamido-2-deoxy-beta-D-glucopyranose-(1-4)-2-acetamido-2-deoxy-beta-D-glucopyranose
7 non-polymer 2-acetamido-2-deoxy-beta-D-glucopyranose
8 non-polymer 'CALCIUM ION'
9 non-polymer 1,2-Distearoyl-sn-glycerophosphoethanolamine
10 non-polymer 'dimethyl 2,6-dimethyl-4-(2-nitrophenyl)-1,4-dihydropyridine-3,5-dicarboxylate'
11 non-polymer 1,2-DIACYL-SN-GLYCERO-3-PHOSPHOCHOLINE
12 non-polymer ETHANOLAMINE
#
loop_
_entity_poly.entity_id
_entity_poly.type
_entity_poly.pdbx_seq_one_letter_code
_entity_poly.pdbx_strand_id
1 'polypeptide(L)'
;MEPSSPQDEGLRKKQPKKPLPEVLPRPPRALFCLTLQNPLRKACISIVEWKPFETIILLTIFANCVALAVYLPMPEDDNN
SLNLGLEKLEYFFLTVFSIEAAMKIIAYGFLFHQDAYLRSGWNVLDFIIVFLGVFTAILEQVNVIQSNTAPMSSKGAGLD
VKALRAFRVLRPLRLVSGVPSLQVVLNSIFKAMLPLFHIALLVLFMVIIYAIIGLELFKGKMHKTCYYIGTDIVATVENE
KPSPCARTGSGRPCTINGSECRGGWPGPNHGITHFDNFGFSMLTVYQCITMEGWTDVLYWVNDAIGNEWPWIYFVTLILL
GSFFILNLVLGVLSGEFTKEREKAKSRGTFQKLREKQQLEEDLRGYMSWITQGEVMDVEDLREGKLSLEEGGSDTESLYE
IEGLNKIIQFIRHWRQWNRVFRWKCHDLVKSRVFYWLVILIVALNTLSIASEHHNQPLWLTHLQDIANRVLLSLFTIEML
LKMYGLGLRQYFMSIFNRFDCFVVCSGILELLLVESGAMTPLGISVLRCIRLLRLFKITKYWTSLSNLVASLLNSIRSIA
SLLLLLFLFIIIFALLGMQLFGGRYDFEDTEVRRSNFDNFPQALISVFQVLTGEDWNSVMYNGIMAYGGPSYPGVLVCIY
FIILFVCGNYILLNVFLAIAVDNLAEAESLTSAQKAKAEERKRRKMSRGLPDKTEEEKSVMAKKLEQKPKGEGIPTTAKL
KVDEFESNVNEVKDPYPSADFPGDDEEDEPEIPVSPRPRPLAELQLKEKAVPIPEASSFFIFSPTNKVRVLCHRIVNATW
FTNFILLFILLSSAALAAEDPIRAESVRNQILGYFDIAFTSVFTVEIVLKMTTYGAFLHKGSFCRNYFNILDLLVVAVSL
ISMGLESSTISVVKILRVLRVLRPLRAINRAKGLKHVVQCVFVAIRTIGNIVLVTTLLQFMFACIGVQLFKGKFFSCNDL
SKMTEEECRGYYYVYKDGDPTQMELRPRQWIHNDFHFDNVLSAMMSLFTVSTFEGWPQLLYRAIDSNEEDMGPVYNNRVE
MAIFFIIYIILIAFFMMNIFVGFVIVTFQEQGETEYKNCELDKNQRQCVQYALKARPLRCYIPKNPYQYQVWYVVTSSYF
EYLMFALIMLNTICLGMQHYHQSEEMNHISDILNVAFTIIFTLEMILKLLAFKARGYFGDPWNVFDFLIVIGSIIDVILS
EIDTFLASSGGLYCLGGGCGNVDPDESARISSAFFRLFRVMRLIKLLSRAEGVRTLLWTFIKSFQALPYVALLIVMLFFI
YAVIGMQMFGKIALVDGTQINRNNNFQTFPQAVLLLFRCATGEAWQEILLACSYGKLCDPESDYAPGEEYTCGTNFAYYY
FISFYMLCAFLIINLFVAVIMDNFDYLTRDWSILGPHHLDEFKAIWAEYDPEAKGRIKHLDVVTLLRRIQPPLGFGKFCP
HRVACKRLVGMNMPLNSDGTVTFNATLFALVRTALKIKTEGNFEQANEELRAIIKKIWKRTSMKLLDQVIPPIGDDEVTV
GKFYATFLIQEHFRKFMKRQEEYYGYRPKKDTVQIQAGLRTIEEEAAPEIRRTISGDLTAEEELERAMVEAAMEERIFRR
TGGLFGQVDTFLERTNSLPPVMANQRPLQFAEIEMEELESPVFLEDFPQDARTNPLARANTNNANANVAYGNSNHSNNQM
FSSVHCEREFPGEAETPAAGRGALSHSHRALGPHSKPCAGKLNGQLVQPGMPINQAPPAPCQQPSTDPPERGQRRTSLTG
SLQDEAPQRRSSEGSTPRRPAPATALLIQEALVRGGLDTLAADAGFVTATSQALADACQMEPEEVEVAATELLKARESVQ
GMASVPGSLSRRSSLGSLDQVQGSQETLIPPRP
;
A
2 'polypeptide(L)'
;MSPTEAPKVRVTLFCILVGIVLAMTAVVSDHWAVLSPHMENHNTTCEAAHFGLWRICTKRIALGEDRSCGPITLPGEKNC
SYFRHFNPGESSEIFEFTTQKEYSISAAAISVFSLGFLIMGTICALMAFRKKRDYLLRPASMFYVFAGLCLFVSLEVMRQ
SVKRMIDSEDTVWIEYYYSWSFACACAAFVLLFLGGISLLLFSLPRMPQNPWESCMDAEPEH
;
E
3 'polypeptide(L)'
;MAAGRPLAWTLTLWQAWLILIGPSSEEPFPSAVTIKSWVDKMQEDLVTLAKTASGVHQLVDIYEKYQDLYTVEPNNARQL
VEIAARDIEKLLSNRSKALVRLALEAEKVQAAHQWREDFASNEVVYYNAKDDLDPEKNDSEPGSQRIKPVFIDDANFRRQ
VSYQHAAVHIPTDIYEGSTIVLNELNWTSALDDVFKKNREEDPSLLWQVFGSATGLARYYPASPWVDNSRTPNKIDLYDV
RRRPWYIQGAASPKDMLILVDVSGSVSGLTLKLIRTSVSEMLETLSDDDFVNVASFNSNAQDVSCFQHLVQANVRNKKVL
KDAVNNITAKGITDYKKGFSFAFEQLLNYNVSRANCNKIIMLFTDGGEERAQEIFAKYNKDKKVRVFTFSVGQHNYDRGP
IQWMACENKGYYYEIPSIGAIRINTQEYLDVLGRPMVLAGDKAKQVQWTNVYLDALELGLVITGTLPVFNITGQFENKTN
LKNQLILGVMGVDVSLEDIKRLTPRFTLCPNGYYFAIDPNGYVLLHPNLQPKPIGVGIPTINLRKRRPNVQNPKSQEPVT
LDFLDAELENDIKVEIRNKMIDGESGEKTFRTLVKSQDERYIDKGNRTYTWTPVNGTDYSLALVLPTYSFYYIKAKIEET
ITQARYSETLKPDNFEESGYTFLAPRDYCSDLKPSDNNTEFLLNFNEFIDRKTPNNPSCNTDLINRVLLDAGFTNELVQN
YWSKQKNIKGVKARFVVTDGGITRVYPKEAGENWQENPETYEDSFYKRSLDNDNYVFTAPYFNKSGPGAYESGIMVSKAV
EIYIQGKLLKPAVVGIKIDVNSWIENFTKTSIRDPCAGPVCDCKRNSDVMDCVILDDGGFLLMANHDDYTNQIGRFFGEI
DPSLMRHLVNISVYAFNKSYDYQSVCEPGAAPKQGAGHRSAYVPSIADILQIGWWATAAAWSILQQFLLSLTFPRLLEAA
DMEDDDFTASMSKQSCITEQTQYFFDNDSKSFSGVLDCGNCSRIFHVEKLMNTNLIFIMVESKGTCPCDTRLLIQAEQTS
DGPDPCDMVKQPRYRKGPDVCFDNNVLEDYTDC
;
F
4 'polypeptide(L)'
;QGPHMALRKEAERQALAQLEKAKTKPVAFAVRTNVGYNPSPGDEVPVEGVAITFEPKDFLHIKEKYNNDWWIGRLVKEGC
EVGFIPSPVKLDSLRLLQEQKLRQSRLSSSKSGDNSSSSLGDVVTGTRRPTPPASGNEMTNLAFELEPLDLEEDEAELGE
QSGSAKTSVSSVTTPPPHGTRIPFFKKTEHVPPYDVVPSMRPIILVGPSLKGYEVTDMMQKALFDFLKHLFDGRISITRV
TADISLAKRSVLNNPSKHIIIERSNTRSSLAEVQSEIERIFELARTLQLVALDADTINHPAQLSKTSLAPIIVYIKITSP
KVLQRLIKSRGKSQSKHLNVQIAASEKLAQCPPEMFDIILDENQLEDACEHLAEYLEAYWKATHPPSSTPPNPLLNRTMA
TAALAASPAPVSNLQVQVLTSLRRNLSFWGGLETSQRGGGAVPQQQEHAM
;
B,C
#
# COMPACT_ATOMS: atom_id res chain seq x y z
N PHE A 32 -47.72 -45.53 10.37
CA PHE A 32 -46.53 -45.29 9.57
C PHE A 32 -46.80 -44.25 8.50
N CYS A 33 -47.92 -44.38 7.81
CA CYS A 33 -48.31 -43.45 6.75
C CYS A 33 -47.24 -43.40 5.66
N LEU A 34 -46.65 -44.55 5.35
CA LEU A 34 -45.61 -44.61 4.33
C LEU A 34 -46.12 -44.20 2.96
N THR A 35 -47.33 -44.64 2.63
CA THR A 35 -47.95 -44.32 1.34
C THR A 35 -47.37 -45.21 0.25
N LEU A 36 -46.57 -46.18 0.69
CA LEU A 36 -45.91 -47.12 -0.21
C LEU A 36 -44.77 -47.78 0.56
N GLN A 37 -43.99 -48.60 -0.12
CA GLN A 37 -42.87 -49.25 0.54
C GLN A 37 -42.51 -50.61 -0.05
N ASN A 38 -41.24 -50.99 0.09
CA ASN A 38 -40.89 -52.38 -0.13
C ASN A 38 -40.82 -52.89 1.30
N PRO A 39 -40.73 -54.23 1.56
CA PRO A 39 -40.73 -54.68 2.97
C PRO A 39 -39.46 -54.35 3.72
N LEU A 40 -39.35 -54.88 4.93
CA LEU A 40 -38.30 -54.49 5.84
C LEU A 40 -37.21 -55.56 5.76
N ARG A 41 -36.94 -56.03 4.53
CA ARG A 41 -35.83 -56.95 4.32
C ARG A 41 -34.49 -56.32 4.64
N LYS A 42 -34.36 -54.99 4.49
CA LYS A 42 -33.13 -54.29 4.82
C LYS A 42 -33.47 -52.94 5.44
N ALA A 43 -34.76 -52.60 5.48
CA ALA A 43 -35.23 -51.26 5.83
C ALA A 43 -35.36 -51.06 7.32
N CYS A 44 -34.54 -51.79 8.08
CA CYS A 44 -34.09 -51.38 9.39
C CYS A 44 -32.96 -50.35 9.32
N ILE A 45 -32.77 -49.69 8.17
CA ILE A 45 -31.86 -48.55 8.06
C ILE A 45 -32.40 -47.39 8.88
N SER A 46 -33.72 -47.34 9.05
CA SER A 46 -34.31 -46.32 9.92
C SER A 46 -34.03 -46.62 11.39
N ILE A 47 -33.61 -47.85 11.71
CA ILE A 47 -33.18 -48.16 13.07
C ILE A 47 -31.76 -47.66 13.30
N VAL A 48 -30.94 -47.69 12.24
CA VAL A 48 -29.51 -47.40 12.31
C VAL A 48 -29.25 -45.99 12.82
N GLU A 49 -30.15 -45.08 12.50
CA GLU A 49 -29.85 -43.67 12.41
C GLU A 49 -30.13 -42.93 13.73
N TRP A 50 -29.92 -43.58 14.87
CA TRP A 50 -30.45 -43.03 16.12
C TRP A 50 -29.75 -41.81 16.73
N LYS A 51 -28.81 -42.00 17.65
CA LYS A 51 -28.09 -40.91 18.30
C LYS A 51 -26.70 -40.62 17.72
N PRO A 52 -25.79 -41.59 17.56
CA PRO A 52 -24.42 -41.18 17.22
C PRO A 52 -24.17 -41.09 15.74
N PHE A 53 -24.99 -41.69 14.89
CA PHE A 53 -24.81 -41.54 13.45
C PHE A 53 -25.03 -40.11 13.01
N GLU A 54 -25.83 -39.39 13.76
CA GLU A 54 -25.97 -37.96 13.53
C GLU A 54 -24.72 -37.21 14.00
N THR A 55 -23.88 -37.85 14.82
CA THR A 55 -22.72 -37.16 15.37
C THR A 55 -21.40 -37.83 14.98
N ILE A 56 -21.42 -38.97 14.29
CA ILE A 56 -20.17 -39.40 13.67
C ILE A 56 -20.04 -38.77 12.30
N ILE A 57 -21.15 -38.42 11.68
CA ILE A 57 -21.07 -37.77 10.38
C ILE A 57 -20.95 -36.27 10.56
N LEU A 58 -21.10 -35.82 11.80
CA LEU A 58 -20.76 -34.45 12.14
C LEU A 58 -19.32 -34.36 12.58
N LEU A 59 -18.73 -35.50 12.94
CA LEU A 59 -17.32 -35.53 13.25
C LEU A 59 -16.51 -35.85 12.02
N THR A 60 -17.12 -36.51 11.04
CA THR A 60 -16.45 -36.76 9.79
C THR A 60 -16.26 -35.49 9.03
N ILE A 61 -17.21 -34.58 9.15
CA ILE A 61 -17.19 -33.38 8.33
C ILE A 61 -16.26 -32.35 8.93
N PHE A 62 -16.07 -32.38 10.23
CA PHE A 62 -15.07 -31.51 10.82
C PHE A 62 -13.69 -32.00 10.47
N ALA A 63 -13.54 -33.29 10.22
CA ALA A 63 -12.25 -33.81 9.79
C ALA A 63 -12.02 -33.56 8.32
N ASN A 64 -13.09 -33.26 7.59
CA ASN A 64 -12.91 -32.86 6.20
C ASN A 64 -12.58 -31.39 6.10
N CYS A 65 -12.86 -30.62 7.13
CA CYS A 65 -12.58 -29.19 7.04
C CYS A 65 -11.18 -28.90 7.53
N VAL A 66 -10.62 -29.80 8.31
CA VAL A 66 -9.21 -29.68 8.65
C VAL A 66 -8.34 -30.19 7.51
N ALA A 67 -8.85 -31.07 6.67
CA ALA A 67 -8.05 -31.52 5.55
C ALA A 67 -8.05 -30.49 4.42
N LEU A 68 -9.05 -29.64 4.37
CA LEU A 68 -9.02 -28.57 3.38
C LEU A 68 -8.17 -27.42 3.90
N ALA A 69 -8.07 -27.32 5.21
CA ALA A 69 -7.29 -26.25 5.81
C ALA A 69 -5.82 -26.52 5.70
N VAL A 70 -5.39 -27.75 5.93
CA VAL A 70 -3.97 -28.03 5.96
C VAL A 70 -3.39 -28.22 4.59
N TYR A 71 -4.21 -28.20 3.55
CA TYR A 71 -3.73 -28.21 2.19
C TYR A 71 -2.90 -26.98 1.97
N LEU A 72 -1.83 -27.12 1.21
CA LEU A 72 -0.93 -26.01 0.98
C LEU A 72 -0.78 -25.81 -0.51
N PRO A 73 -1.25 -24.70 -1.07
CA PRO A 73 -1.27 -24.53 -2.52
C PRO A 73 0.07 -24.04 -3.03
N MET A 74 0.59 -24.71 -4.04
CA MET A 74 1.94 -24.45 -4.53
C MET A 74 1.87 -24.11 -6.00
N PRO A 75 2.75 -23.27 -6.49
CA PRO A 75 2.61 -22.81 -7.87
C PRO A 75 3.00 -23.85 -8.88
N GLU A 76 2.44 -23.74 -10.08
CA GLU A 76 2.82 -24.61 -11.19
C GLU A 76 2.79 -26.13 -11.00
N ASP A 77 1.75 -26.66 -10.38
CA ASP A 77 1.66 -28.09 -10.20
C ASP A 77 2.79 -28.70 -9.38
N ASP A 78 3.26 -27.98 -8.36
CA ASP A 78 4.32 -28.51 -7.52
C ASP A 78 3.73 -28.91 -6.18
N ASN A 79 4.03 -30.12 -5.73
CA ASN A 79 3.50 -30.62 -4.48
C ASN A 79 4.47 -31.25 -3.50
N ASN A 80 4.28 -30.97 -2.21
CA ASN A 80 5.06 -31.59 -1.18
C ASN A 80 4.37 -32.89 -0.88
N SER A 81 4.86 -33.59 0.14
CA SER A 81 4.42 -34.95 0.31
C SER A 81 3.19 -35.04 1.20
N LEU A 82 2.82 -33.96 1.88
CA LEU A 82 1.56 -34.00 2.62
C LEU A 82 0.39 -33.67 1.72
N ASN A 83 0.59 -32.94 0.63
CA ASN A 83 -0.52 -32.77 -0.29
C ASN A 83 -0.81 -34.06 -1.03
N LEU A 84 0.14 -34.98 -1.10
CA LEU A 84 -0.16 -36.21 -1.80
C LEU A 84 -0.95 -37.16 -0.90
N GLY A 85 -0.68 -37.13 0.39
CA GLY A 85 -1.43 -37.95 1.30
C GLY A 85 -2.75 -37.34 1.69
N LEU A 86 -3.02 -36.14 1.20
CA LEU A 86 -4.27 -35.49 1.50
C LEU A 86 -5.25 -35.64 0.36
N GLU A 87 -4.79 -36.10 -0.79
CA GLU A 87 -5.70 -36.43 -1.88
C GLU A 87 -6.02 -37.90 -1.87
N LYS A 88 -5.47 -38.60 -0.89
CA LYS A 88 -5.74 -40.01 -0.69
C LYS A 88 -6.74 -40.06 0.44
N LEU A 89 -6.92 -38.92 1.11
CA LEU A 89 -7.88 -38.80 2.20
C LEU A 89 -9.20 -38.38 1.59
N GLU A 90 -9.13 -37.63 0.49
CA GLU A 90 -10.32 -37.15 -0.19
C GLU A 90 -11.18 -38.31 -0.68
N TYR A 91 -10.55 -39.38 -1.17
CA TYR A 91 -11.28 -40.55 -1.62
C TYR A 91 -12.02 -41.19 -0.46
N PHE A 92 -11.40 -41.23 0.72
CA PHE A 92 -12.06 -41.80 1.89
C PHE A 92 -13.17 -40.92 2.42
N PHE A 93 -13.08 -39.62 2.17
CA PHE A 93 -14.13 -38.70 2.59
C PHE A 93 -15.20 -38.60 1.54
N LEU A 94 -14.93 -39.14 0.36
CA LEU A 94 -15.87 -39.09 -0.75
C LEU A 94 -16.80 -40.28 -0.69
N THR A 95 -16.40 -41.37 -0.04
CA THR A 95 -17.33 -42.49 0.03
C THR A 95 -18.17 -42.48 1.30
N VAL A 96 -17.61 -42.01 2.41
CA VAL A 96 -18.40 -41.90 3.63
C VAL A 96 -19.57 -40.97 3.42
N PHE A 97 -19.34 -39.88 2.73
CA PHE A 97 -20.46 -39.00 2.39
C PHE A 97 -21.28 -39.60 1.27
N SER A 98 -20.75 -40.59 0.56
CA SER A 98 -21.46 -41.16 -0.59
C SER A 98 -22.28 -42.38 -0.22
N ILE A 99 -21.96 -43.06 0.87
CA ILE A 99 -22.80 -44.21 1.21
C ILE A 99 -24.04 -43.74 1.95
N GLU A 100 -23.91 -42.76 2.83
CA GLU A 100 -25.05 -42.18 3.52
C GLU A 100 -26.04 -41.52 2.56
N ALA A 101 -25.53 -41.01 1.44
CA ALA A 101 -26.41 -40.48 0.40
C ALA A 101 -27.09 -41.58 -0.37
N ALA A 102 -26.68 -42.84 -0.17
CA ALA A 102 -27.48 -43.97 -0.64
C ALA A 102 -28.31 -44.55 0.49
N MET A 103 -27.86 -44.42 1.74
CA MET A 103 -28.61 -45.00 2.85
C MET A 103 -29.74 -44.09 3.29
N LYS A 104 -29.94 -42.98 2.59
CA LYS A 104 -31.15 -42.19 2.82
C LYS A 104 -32.11 -42.30 1.64
N ILE A 105 -31.63 -42.80 0.50
CA ILE A 105 -32.59 -43.12 -0.56
C ILE A 105 -33.00 -44.60 -0.47
N ILE A 106 -32.73 -45.26 0.66
CA ILE A 106 -33.35 -46.56 0.93
C ILE A 106 -34.03 -46.56 2.28
N ALA A 107 -33.60 -45.69 3.20
CA ALA A 107 -34.23 -45.65 4.51
C ALA A 107 -35.59 -44.97 4.39
N TYR A 108 -35.73 -44.16 3.33
CA TYR A 108 -36.95 -43.40 3.02
C TYR A 108 -38.06 -44.01 2.16
N GLY A 109 -37.73 -44.55 0.99
CA GLY A 109 -38.73 -45.10 0.10
C GLY A 109 -38.44 -44.84 -1.36
N PHE A 110 -39.36 -45.28 -2.21
CA PHE A 110 -39.25 -45.11 -3.66
C PHE A 110 -39.46 -43.69 -4.22
N LEU A 111 -38.68 -43.40 -5.25
CA LEU A 111 -38.72 -42.15 -6.02
C LEU A 111 -39.76 -41.05 -5.80
N PHE A 112 -41.00 -41.36 -5.42
CA PHE A 112 -41.91 -40.25 -5.15
C PHE A 112 -41.30 -39.50 -3.95
N HIS A 113 -40.78 -40.31 -3.05
CA HIS A 113 -40.14 -39.86 -1.83
C HIS A 113 -38.95 -39.00 -2.19
N GLN A 114 -38.27 -39.36 -3.27
CA GLN A 114 -37.12 -38.59 -3.73
C GLN A 114 -37.54 -37.17 -4.09
N ASP A 115 -38.68 -37.03 -4.77
CA ASP A 115 -39.19 -35.72 -5.16
C ASP A 115 -39.54 -34.92 -3.89
N ALA A 116 -40.11 -35.62 -2.92
CA ALA A 116 -40.46 -34.97 -1.67
C ALA A 116 -39.20 -34.43 -0.98
N TYR A 117 -38.13 -35.23 -1.00
CA TYR A 117 -36.84 -34.89 -0.40
C TYR A 117 -36.28 -33.67 -1.12
N LEU A 118 -36.52 -33.62 -2.43
CA LEU A 118 -36.04 -32.55 -3.27
C LEU A 118 -36.58 -31.24 -2.71
N ARG A 119 -37.81 -31.29 -2.21
CA ARG A 119 -38.43 -30.11 -1.64
C ARG A 119 -37.58 -29.67 -0.45
N SER A 120 -37.09 -30.63 0.34
CA SER A 120 -36.27 -30.29 1.49
C SER A 120 -34.93 -29.69 1.06
N GLY A 121 -34.56 -28.58 1.69
CA GLY A 121 -33.31 -27.89 1.39
C GLY A 121 -32.01 -28.60 1.71
N TRP A 122 -31.94 -29.24 2.87
CA TRP A 122 -30.71 -29.92 3.27
C TRP A 122 -30.28 -31.09 2.38
N ASN A 123 -31.24 -31.91 1.96
CA ASN A 123 -30.92 -33.06 1.12
C ASN A 123 -30.26 -32.71 -0.21
N VAL A 124 -30.74 -31.63 -0.83
CA VAL A 124 -30.24 -31.18 -2.11
C VAL A 124 -28.81 -30.68 -1.97
N LEU A 125 -28.54 -29.93 -0.90
CA LEU A 125 -27.21 -29.41 -0.64
C LEU A 125 -26.24 -30.57 -0.38
N ASP A 126 -26.72 -31.54 0.39
CA ASP A 126 -25.91 -32.72 0.73
C ASP A 126 -25.82 -33.69 -0.42
N PHE A 127 -26.74 -33.59 -1.39
CA PHE A 127 -26.64 -34.47 -2.54
C PHE A 127 -25.86 -33.81 -3.66
N ILE A 128 -25.87 -32.48 -3.75
CA ILE A 128 -25.05 -31.85 -4.76
C ILE A 128 -23.58 -32.09 -4.47
N ILE A 129 -23.14 -31.78 -3.25
CA ILE A 129 -21.75 -31.83 -2.82
C ILE A 129 -21.14 -33.21 -3.04
N VAL A 130 -21.91 -34.27 -2.82
CA VAL A 130 -21.33 -35.59 -2.96
C VAL A 130 -21.68 -36.22 -4.31
N PHE A 131 -22.57 -35.60 -5.09
CA PHE A 131 -22.60 -35.99 -6.50
C PHE A 131 -21.62 -35.16 -7.30
N LEU A 132 -21.44 -33.90 -6.94
CA LEU A 132 -20.40 -33.10 -7.58
C LEU A 132 -19.00 -33.47 -7.09
N GLY A 133 -18.90 -34.29 -6.05
CA GLY A 133 -17.62 -34.85 -5.65
C GLY A 133 -17.21 -36.09 -6.40
N VAL A 134 -18.16 -36.99 -6.71
CA VAL A 134 -17.80 -38.15 -7.52
C VAL A 134 -17.69 -37.78 -8.98
N PHE A 135 -18.21 -36.63 -9.38
CA PHE A 135 -18.10 -36.25 -10.78
C PHE A 135 -16.69 -35.84 -11.12
N THR A 136 -15.99 -35.22 -10.17
CA THR A 136 -14.65 -34.73 -10.46
C THR A 136 -13.57 -35.74 -10.13
N ALA A 137 -13.87 -36.72 -9.28
CA ALA A 137 -12.91 -37.78 -9.01
C ALA A 137 -12.77 -38.72 -10.19
N ILE A 138 -13.77 -38.75 -11.08
CA ILE A 138 -13.74 -39.72 -12.16
C ILE A 138 -13.18 -39.11 -13.43
N LEU A 139 -13.49 -37.85 -13.71
CA LEU A 139 -12.80 -37.15 -14.79
C LEU A 139 -11.31 -36.98 -14.49
N GLU A 140 -10.95 -36.86 -13.21
CA GLU A 140 -9.55 -36.91 -12.80
C GLU A 140 -8.92 -38.28 -12.98
N GLN A 141 -9.60 -39.33 -12.53
CA GLN A 141 -8.99 -40.66 -12.55
C GLN A 141 -8.95 -41.23 -13.96
N VAL A 142 -9.86 -40.80 -14.83
CA VAL A 142 -9.74 -41.09 -16.26
C VAL A 142 -8.50 -40.41 -16.84
N ASN A 143 -8.22 -39.18 -16.40
CA ASN A 143 -7.40 -38.24 -17.17
C ASN A 143 -5.94 -38.68 -17.22
N VAL A 144 -5.51 -39.48 -16.26
CA VAL A 144 -4.13 -39.93 -16.23
C VAL A 144 -3.85 -40.99 -17.30
N VAL A 161 -9.32 -29.72 -14.55
CA VAL A 161 -9.93 -30.38 -13.40
C VAL A 161 -9.53 -29.59 -12.16
N LYS A 162 -8.42 -28.87 -12.24
CA LYS A 162 -7.97 -28.02 -11.16
C LYS A 162 -8.85 -26.78 -10.97
N ALA A 163 -9.88 -26.59 -11.79
CA ALA A 163 -10.97 -25.70 -11.45
C ALA A 163 -12.20 -26.43 -10.99
N LEU A 164 -12.25 -27.74 -11.14
CA LEU A 164 -13.35 -28.50 -10.57
C LEU A 164 -13.04 -28.96 -9.16
N ARG A 165 -11.81 -28.71 -8.73
CA ARG A 165 -11.37 -29.02 -7.37
C ARG A 165 -11.98 -28.00 -6.42
N ALA A 166 -12.39 -26.88 -6.98
CA ALA A 166 -12.96 -25.73 -6.24
C ALA A 166 -14.27 -26.00 -5.50
N PHE A 167 -15.13 -26.82 -6.08
CA PHE A 167 -16.42 -27.13 -5.47
C PHE A 167 -16.30 -27.83 -4.12
N ARG A 168 -15.15 -28.43 -3.86
CA ARG A 168 -14.88 -29.12 -2.60
C ARG A 168 -14.98 -28.19 -1.40
N VAL A 169 -14.67 -26.92 -1.61
CA VAL A 169 -14.69 -25.91 -0.54
C VAL A 169 -16.08 -25.74 0.03
N LEU A 170 -17.07 -26.16 -0.74
CA LEU A 170 -18.47 -26.06 -0.37
C LEU A 170 -18.83 -26.97 0.80
N ARG A 171 -17.89 -27.83 1.20
CA ARG A 171 -18.14 -28.81 2.27
C ARG A 171 -18.51 -28.23 3.62
N PRO A 172 -17.82 -27.19 4.09
CA PRO A 172 -18.25 -26.62 5.37
C PRO A 172 -19.71 -26.21 5.45
N LEU A 173 -20.44 -26.04 4.33
CA LEU A 173 -21.86 -25.69 4.46
C LEU A 173 -22.67 -26.88 4.88
N ARG A 174 -22.16 -28.07 4.62
CA ARG A 174 -22.79 -29.31 5.00
C ARG A 174 -22.82 -29.47 6.51
N LEU A 175 -22.07 -28.64 7.24
CA LEU A 175 -21.98 -28.61 8.69
C LEU A 175 -23.04 -27.72 9.33
N VAL A 176 -23.69 -26.86 8.56
CA VAL A 176 -24.75 -25.99 9.09
C VAL A 176 -26.04 -26.73 8.87
N SER A 177 -25.99 -27.80 8.09
CA SER A 177 -27.07 -28.75 7.97
C SER A 177 -27.24 -29.62 9.21
N GLY A 178 -26.14 -29.98 9.86
CA GLY A 178 -26.21 -30.91 10.96
C GLY A 178 -26.36 -30.23 12.31
N VAL A 179 -26.59 -28.93 12.31
CA VAL A 179 -26.89 -28.22 13.54
C VAL A 179 -28.19 -27.44 13.31
N PRO A 180 -29.32 -27.80 13.93
CA PRO A 180 -30.53 -26.99 13.74
C PRO A 180 -30.50 -25.66 14.48
N SER A 181 -29.71 -25.53 15.54
CA SER A 181 -29.51 -24.26 16.22
C SER A 181 -28.82 -23.23 15.35
N LEU A 182 -28.16 -23.66 14.28
CA LEU A 182 -27.64 -22.75 13.28
C LEU A 182 -28.53 -22.64 12.05
N GLN A 183 -29.47 -23.58 11.86
CA GLN A 183 -30.37 -23.46 10.71
C GLN A 183 -31.39 -22.35 10.90
N VAL A 184 -31.68 -21.98 12.14
CA VAL A 184 -32.64 -20.91 12.37
C VAL A 184 -31.95 -19.56 12.34
N VAL A 185 -30.64 -19.53 12.55
CA VAL A 185 -29.89 -18.29 12.44
C VAL A 185 -29.81 -17.84 10.99
N LEU A 186 -29.68 -18.77 10.05
CA LEU A 186 -29.67 -18.41 8.64
C LEU A 186 -31.00 -17.87 8.15
N ASN A 187 -32.11 -18.33 8.72
CA ASN A 187 -33.39 -17.88 8.17
C ASN A 187 -33.68 -16.47 8.63
N SER A 188 -33.26 -16.11 9.84
CA SER A 188 -33.41 -14.74 10.26
C SER A 188 -32.42 -13.81 9.55
N ILE A 189 -31.38 -14.36 8.95
CA ILE A 189 -30.60 -13.59 7.99
C ILE A 189 -31.43 -13.33 6.74
N PHE A 190 -31.96 -14.40 6.15
CA PHE A 190 -32.58 -14.30 4.83
C PHE A 190 -33.95 -13.63 4.88
N LYS A 191 -34.59 -13.63 6.04
CA LYS A 191 -35.92 -13.04 6.14
C LYS A 191 -35.85 -11.53 6.09
N ALA A 192 -34.79 -10.97 6.64
CA ALA A 192 -34.58 -9.52 6.69
C ALA A 192 -34.33 -8.92 5.31
N MET A 193 -33.96 -9.78 4.37
CA MET A 193 -33.63 -9.38 3.01
C MET A 193 -34.72 -8.72 2.16
N LEU A 194 -35.97 -9.14 2.30
CA LEU A 194 -37.05 -8.58 1.48
C LEU A 194 -37.25 -7.07 1.66
N PRO A 195 -37.16 -6.58 2.96
CA PRO A 195 -37.35 -5.13 3.08
C PRO A 195 -36.30 -4.34 2.32
N LEU A 196 -35.06 -4.84 2.29
CA LEU A 196 -33.93 -4.20 1.62
C LEU A 196 -33.97 -4.20 0.10
N PHE A 197 -34.91 -4.92 -0.50
CA PHE A 197 -34.97 -4.99 -1.96
C PHE A 197 -35.14 -3.64 -2.68
N HIS A 198 -35.96 -2.75 -2.15
CA HIS A 198 -36.15 -1.45 -2.78
C HIS A 198 -34.89 -0.60 -2.69
N ILE A 199 -34.02 -0.87 -1.72
CA ILE A 199 -32.74 -0.19 -1.65
C ILE A 199 -31.77 -0.76 -2.66
N ALA A 200 -31.65 -2.08 -2.74
CA ALA A 200 -30.64 -2.66 -3.60
C ALA A 200 -30.99 -2.51 -5.06
N LEU A 201 -32.23 -2.21 -5.36
CA LEU A 201 -32.61 -1.84 -6.70
C LEU A 201 -32.27 -0.38 -6.96
N LEU A 202 -32.19 0.43 -5.91
CA LEU A 202 -31.84 1.83 -6.05
C LEU A 202 -30.35 2.03 -6.16
N VAL A 203 -29.56 1.17 -5.52
CA VAL A 203 -28.11 1.24 -5.65
C VAL A 203 -27.69 0.81 -7.03
N LEU A 204 -28.40 -0.13 -7.63
CA LEU A 204 -28.05 -0.57 -8.95
C LEU A 204 -28.37 0.50 -9.98
N PHE A 205 -29.49 1.19 -9.82
CA PHE A 205 -29.77 2.26 -10.77
C PHE A 205 -28.98 3.52 -10.44
N MET A 206 -28.14 3.49 -9.44
CA MET A 206 -27.31 4.65 -9.18
C MET A 206 -25.90 4.41 -9.68
N VAL A 207 -25.47 3.16 -9.73
CA VAL A 207 -24.21 2.81 -10.35
C VAL A 207 -24.33 2.88 -11.86
N ILE A 208 -25.51 2.63 -12.40
CA ILE A 208 -25.68 2.65 -13.84
C ILE A 208 -25.76 4.07 -14.38
N ILE A 209 -26.19 5.02 -13.56
CA ILE A 209 -26.14 6.41 -14.01
C ILE A 209 -24.71 6.88 -14.04
N TYR A 210 -23.96 6.68 -12.95
CA TYR A 210 -22.62 7.20 -12.90
C TYR A 210 -21.64 6.39 -13.70
N ALA A 211 -21.98 5.15 -14.07
CA ALA A 211 -21.12 4.44 -14.99
C ALA A 211 -21.26 5.01 -16.37
N ILE A 212 -22.48 5.39 -16.75
CA ILE A 212 -22.72 5.99 -18.05
C ILE A 212 -22.19 7.43 -18.13
N ILE A 213 -22.52 8.22 -17.11
CA ILE A 213 -22.09 9.62 -17.06
C ILE A 213 -20.59 9.72 -16.96
N GLY A 214 -20.02 8.89 -16.10
CA GLY A 214 -18.59 8.92 -15.89
C GLY A 214 -17.92 8.53 -17.18
N LEU A 215 -18.46 7.52 -17.84
CA LEU A 215 -17.85 7.07 -19.07
C LEU A 215 -17.84 8.22 -20.06
N GLU A 216 -18.99 8.86 -20.23
CA GLU A 216 -19.05 9.94 -21.21
C GLU A 216 -18.07 11.05 -20.88
N LEU A 217 -18.00 11.43 -19.62
CA LEU A 217 -17.10 12.49 -19.22
C LEU A 217 -15.60 12.20 -19.30
N PHE A 218 -15.20 10.99 -18.93
CA PHE A 218 -13.78 10.67 -18.85
C PHE A 218 -13.27 9.55 -19.72
N LYS A 219 -13.97 9.26 -20.80
CA LYS A 219 -13.59 8.13 -21.64
C LYS A 219 -12.32 8.36 -22.41
N GLY A 220 -11.40 7.44 -22.31
CA GLY A 220 -10.20 7.50 -23.09
C GLY A 220 -9.22 8.57 -22.70
N LYS A 221 -9.39 9.19 -21.54
CA LYS A 221 -8.57 10.35 -21.24
C LYS A 221 -7.28 9.96 -20.58
N MET A 222 -7.24 8.85 -19.89
CA MET A 222 -6.11 8.60 -19.01
C MET A 222 -5.14 7.61 -19.63
N HIS A 223 -4.52 8.01 -20.74
CA HIS A 223 -3.56 7.17 -21.46
C HIS A 223 -2.28 7.87 -21.83
N LYS A 224 -1.90 8.89 -21.06
CA LYS A 224 -0.70 9.68 -21.32
C LYS A 224 0.19 9.93 -20.10
N THR A 225 0.91 8.94 -19.62
CA THR A 225 1.78 9.14 -18.46
C THR A 225 3.15 9.69 -18.85
N CYS A 226 3.88 10.22 -17.88
CA CYS A 226 5.22 10.74 -18.11
C CYS A 226 6.18 9.61 -18.47
N TYR A 227 7.05 9.86 -19.44
CA TYR A 227 8.02 8.86 -19.87
C TYR A 227 9.36 9.54 -20.06
N TYR A 228 10.44 8.79 -19.86
CA TYR A 228 11.77 9.34 -20.10
C TYR A 228 11.89 9.47 -21.61
N ILE A 229 12.62 10.47 -22.09
CA ILE A 229 12.75 10.66 -23.53
C ILE A 229 13.42 9.45 -24.19
N GLY A 230 12.88 9.03 -25.34
CA GLY A 230 13.44 7.89 -26.04
C GLY A 230 13.55 6.60 -25.24
N THR A 231 12.56 6.33 -24.39
CA THR A 231 12.58 5.11 -23.58
C THR A 231 11.17 4.71 -23.17
N ASP A 232 11.00 3.47 -22.73
CA ASP A 232 9.69 3.01 -22.30
C ASP A 232 9.61 2.90 -20.79
N ILE A 233 10.53 3.55 -20.08
CA ILE A 233 10.44 3.53 -18.64
C ILE A 233 9.58 4.69 -18.19
N VAL A 234 8.56 4.39 -17.39
CA VAL A 234 7.73 5.43 -16.83
C VAL A 234 8.51 6.15 -15.74
N ALA A 235 8.42 7.46 -15.72
CA ALA A 235 9.29 8.28 -14.90
C ALA A 235 8.54 8.82 -13.71
N THR A 236 8.67 8.17 -12.56
CA THR A 236 7.98 8.67 -11.37
C THR A 236 9.00 9.00 -10.30
N VAL A 237 8.52 9.71 -9.30
CA VAL A 237 9.30 10.04 -8.11
C VAL A 237 9.17 8.89 -7.12
N GLU A 238 9.88 8.99 -5.99
CA GLU A 238 10.22 7.82 -5.19
C GLU A 238 9.03 7.18 -4.52
N ASN A 239 8.10 7.97 -4.03
CA ASN A 239 6.98 7.33 -3.35
C ASN A 239 5.68 7.56 -4.08
N GLU A 240 5.76 8.04 -5.31
CA GLU A 240 4.66 8.36 -6.18
C GLU A 240 4.30 7.14 -7.02
N LYS A 241 3.01 6.95 -7.22
CA LYS A 241 2.55 5.94 -8.13
C LYS A 241 2.33 6.54 -9.51
N PRO A 242 2.32 5.77 -10.59
CA PRO A 242 2.23 6.38 -11.91
C PRO A 242 0.84 6.95 -12.17
N SER A 243 0.81 8.24 -12.44
CA SER A 243 -0.39 9.03 -12.65
C SER A 243 -0.29 9.77 -13.97
N PRO A 244 -1.42 10.14 -14.60
CA PRO A 244 -1.40 10.70 -15.95
C PRO A 244 -0.73 12.04 -16.18
N CYS A 245 -0.47 12.41 -17.42
CA CYS A 245 0.09 13.73 -17.73
C CYS A 245 -0.86 14.40 -18.70
N ALA A 246 -0.45 15.56 -19.18
CA ALA A 246 -1.10 16.23 -20.28
C ALA A 246 -0.11 17.18 -20.93
N ARG A 247 0.18 16.96 -22.21
CA ARG A 247 0.68 18.02 -23.09
C ARG A 247 -0.40 19.03 -23.40
N THR A 248 -0.20 20.28 -22.98
CA THR A 248 -1.00 21.44 -23.40
C THR A 248 -2.50 21.25 -23.17
N GLY A 249 -2.86 21.25 -21.90
CA GLY A 249 -4.26 21.20 -21.55
C GLY A 249 -4.46 21.90 -20.22
N SER A 250 -5.16 21.23 -19.33
CA SER A 250 -5.21 21.65 -17.95
C SER A 250 -4.51 20.69 -17.01
N GLY A 251 -3.93 19.60 -17.51
CA GLY A 251 -3.51 18.53 -16.63
C GLY A 251 -2.18 18.79 -15.97
N ARG A 252 -1.57 17.75 -15.42
CA ARG A 252 -0.29 18.00 -14.78
C ARG A 252 0.83 17.75 -15.77
N PRO A 253 1.52 18.89 -16.15
CA PRO A 253 2.60 18.64 -17.12
C PRO A 253 3.79 18.02 -16.43
N CYS A 254 4.65 17.35 -17.18
CA CYS A 254 5.83 16.76 -16.56
C CYS A 254 6.70 17.88 -16.02
N THR A 255 7.21 17.68 -14.82
CA THR A 255 8.08 18.64 -14.17
C THR A 255 9.24 17.83 -13.62
N ILE A 256 9.63 16.82 -14.37
CA ILE A 256 10.76 15.97 -14.00
C ILE A 256 11.89 16.41 -14.92
N ASN A 257 13.14 16.19 -14.53
CA ASN A 257 14.25 16.66 -15.35
C ASN A 257 14.36 16.11 -16.77
N GLY A 258 14.17 14.80 -16.96
CA GLY A 258 14.28 14.26 -18.30
C GLY A 258 13.15 13.34 -18.69
N SER A 259 11.96 13.90 -18.84
CA SER A 259 10.81 13.10 -19.22
C SER A 259 9.94 13.81 -20.24
N GLU A 260 9.32 13.04 -21.11
CA GLU A 260 8.43 13.56 -22.13
C GLU A 260 7.09 12.87 -21.96
N CYS A 261 6.01 13.62 -22.09
CA CYS A 261 4.69 13.03 -21.94
C CYS A 261 4.18 12.48 -23.27
N ARG A 262 4.03 11.17 -23.33
CA ARG A 262 3.55 10.51 -24.54
C ARG A 262 2.45 9.51 -24.24
N GLY A 263 1.63 9.24 -25.25
CA GLY A 263 0.49 8.34 -25.09
C GLY A 263 0.87 6.88 -25.21
N GLY A 264 -0.13 6.01 -25.17
CA GLY A 264 0.08 4.58 -25.27
C GLY A 264 0.21 3.87 -23.93
N TRP A 265 0.09 4.63 -22.86
CA TRP A 265 0.16 4.09 -21.50
C TRP A 265 -1.15 3.33 -21.31
N PRO A 266 -1.11 2.12 -20.77
CA PRO A 266 -2.36 1.39 -20.59
C PRO A 266 -3.35 2.03 -19.63
N GLY A 267 -2.89 2.59 -18.52
CA GLY A 267 -3.77 3.27 -17.61
C GLY A 267 -3.28 3.17 -16.19
N PRO A 268 -4.09 3.63 -15.22
CA PRO A 268 -3.54 3.95 -13.90
C PRO A 268 -3.22 2.83 -12.94
N ASN A 269 -3.96 1.75 -12.80
CA ASN A 269 -3.47 0.70 -11.90
C ASN A 269 -3.19 -0.54 -12.71
N HIS A 270 -2.27 -0.48 -13.66
CA HIS A 270 -2.01 -1.62 -14.50
C HIS A 270 -3.16 -1.73 -15.50
N GLY A 271 -3.89 -0.64 -15.66
CA GLY A 271 -5.02 -0.56 -16.57
C GLY A 271 -6.35 -0.99 -15.99
N ILE A 272 -6.33 -1.42 -14.74
CA ILE A 272 -7.56 -1.86 -14.07
C ILE A 272 -8.58 -0.75 -13.86
N THR A 273 -8.12 0.44 -13.48
CA THR A 273 -9.02 1.54 -13.20
C THR A 273 -8.99 2.66 -14.24
N HIS A 274 -10.17 2.95 -14.77
CA HIS A 274 -10.37 4.00 -15.76
C HIS A 274 -11.82 3.89 -16.16
N PHE A 275 -12.27 4.70 -17.11
CA PHE A 275 -13.65 4.61 -17.55
C PHE A 275 -13.69 4.54 -19.08
N ASP A 276 -13.24 3.46 -19.70
CA ASP A 276 -13.37 3.58 -21.15
C ASP A 276 -14.09 2.41 -21.83
N ASN A 277 -14.75 1.54 -21.08
CA ASN A 277 -15.91 0.84 -21.62
C ASN A 277 -16.93 0.71 -20.51
N PHE A 278 -17.88 -0.20 -20.63
CA PHE A 278 -18.93 -0.18 -19.62
C PHE A 278 -18.56 -1.04 -18.43
N GLY A 279 -17.76 -2.05 -18.60
CA GLY A 279 -17.43 -2.89 -17.47
C GLY A 279 -16.36 -2.26 -16.61
N PHE A 280 -15.44 -1.52 -17.22
CA PHE A 280 -14.43 -0.89 -16.41
C PHE A 280 -14.92 0.40 -15.83
N SER A 281 -15.89 1.04 -16.45
CA SER A 281 -16.46 2.22 -15.85
C SER A 281 -17.24 1.87 -14.60
N MET A 282 -17.82 0.69 -14.58
CA MET A 282 -18.75 0.34 -13.53
C MET A 282 -18.04 -0.41 -12.41
N LEU A 283 -16.91 -1.02 -12.71
CA LEU A 283 -16.05 -1.56 -11.66
C LEU A 283 -15.42 -0.46 -10.87
N THR A 284 -15.19 0.68 -11.50
CA THR A 284 -14.53 1.78 -10.83
C THR A 284 -15.49 2.81 -10.30
N VAL A 285 -16.78 2.63 -10.50
CA VAL A 285 -17.73 3.44 -9.77
C VAL A 285 -18.19 2.72 -8.54
N TYR A 286 -18.26 1.41 -8.63
CA TYR A 286 -18.55 0.60 -7.47
C TYR A 286 -17.46 0.71 -6.42
N GLN A 287 -16.21 0.77 -6.82
CA GLN A 287 -15.11 0.94 -5.87
C GLN A 287 -15.17 2.27 -5.16
N CYS A 288 -15.54 3.33 -5.86
CA CYS A 288 -15.61 4.62 -5.22
C CYS A 288 -16.78 4.71 -4.24
N ILE A 289 -17.83 3.93 -4.46
CA ILE A 289 -18.99 3.94 -3.58
C ILE A 289 -18.66 3.39 -2.22
N THR A 290 -17.78 2.41 -2.16
CA THR A 290 -17.40 1.82 -0.89
C THR A 290 -16.40 2.63 -0.14
N MET A 291 -16.08 3.83 -0.63
CA MET A 291 -15.23 4.83 0.00
C MET A 291 -13.84 4.31 0.23
N GLU A 292 -13.39 3.40 -0.59
CA GLU A 292 -12.05 2.88 -0.46
C GLU A 292 -11.29 3.12 -1.73
N GLY A 293 -10.46 4.14 -1.76
CA GLY A 293 -9.76 4.47 -2.97
C GLY A 293 -10.52 5.37 -3.92
N TRP A 294 -11.38 6.23 -3.41
CA TRP A 294 -12.15 7.10 -4.27
C TRP A 294 -11.43 8.40 -4.54
N THR A 295 -10.33 8.67 -3.84
CA THR A 295 -9.63 9.92 -4.09
C THR A 295 -8.56 9.73 -5.11
N ASP A 296 -7.97 8.55 -5.19
CA ASP A 296 -7.01 8.29 -6.24
C ASP A 296 -7.64 8.31 -7.60
N VAL A 297 -8.90 7.94 -7.73
CA VAL A 297 -9.58 8.08 -8.98
C VAL A 297 -9.80 9.55 -9.29
N LEU A 298 -10.21 10.32 -8.29
CA LEU A 298 -10.45 11.74 -8.46
C LEU A 298 -9.18 12.49 -8.81
N TYR A 299 -8.10 12.15 -8.13
CA TYR A 299 -6.81 12.78 -8.38
C TYR A 299 -6.33 12.44 -9.77
N TRP A 300 -6.52 11.20 -10.19
CA TRP A 300 -6.11 10.79 -11.51
C TRP A 300 -6.88 11.55 -12.58
N VAL A 301 -8.18 11.68 -12.36
CA VAL A 301 -9.04 12.36 -13.30
C VAL A 301 -8.66 13.82 -13.45
N ASN A 302 -8.33 14.49 -12.36
CA ASN A 302 -7.94 15.87 -12.45
C ASN A 302 -6.70 16.00 -13.31
N ASP A 303 -5.74 15.15 -12.99
CA ASP A 303 -4.43 15.18 -13.61
C ASP A 303 -4.54 15.11 -15.10
N ALA A 304 -5.44 14.27 -15.60
CA ALA A 304 -5.59 14.21 -17.04
C ALA A 304 -6.53 15.27 -17.59
N ILE A 305 -7.77 15.28 -17.12
CA ILE A 305 -8.76 16.24 -17.65
C ILE A 305 -8.61 17.68 -17.21
N GLY A 306 -8.31 17.83 -15.93
CA GLY A 306 -8.17 19.15 -15.34
C GLY A 306 -8.77 19.27 -13.94
N ASN A 307 -8.47 20.38 -13.29
CA ASN A 307 -8.65 20.49 -11.84
C ASN A 307 -10.02 21.02 -11.44
N GLU A 308 -10.70 21.73 -12.31
CA GLU A 308 -11.76 22.61 -11.82
C GLU A 308 -13.13 21.95 -11.79
N TRP A 309 -13.45 21.10 -12.75
CA TRP A 309 -14.74 20.41 -12.70
C TRP A 309 -14.86 19.05 -12.01
N PRO A 310 -13.96 18.06 -12.17
CA PRO A 310 -14.32 16.70 -11.76
C PRO A 310 -14.46 16.43 -10.29
N TRP A 311 -14.33 17.46 -9.46
CA TRP A 311 -14.56 17.29 -8.04
C TRP A 311 -16.04 16.99 -7.82
N ILE A 312 -16.89 17.64 -8.61
CA ILE A 312 -18.35 17.50 -8.50
C ILE A 312 -18.89 16.09 -8.75
N TYR A 313 -18.42 15.41 -9.77
CA TYR A 313 -18.92 14.08 -10.02
C TYR A 313 -18.60 13.17 -8.83
N PHE A 314 -17.35 13.23 -8.37
CA PHE A 314 -16.95 12.42 -7.23
C PHE A 314 -17.54 12.78 -5.88
N VAL A 315 -17.55 14.06 -5.54
CA VAL A 315 -18.10 14.47 -4.25
C VAL A 315 -19.57 14.13 -4.21
N THR A 316 -20.28 14.45 -5.29
CA THR A 316 -21.69 14.17 -5.33
C THR A 316 -21.93 12.68 -5.23
N LEU A 317 -21.13 11.88 -5.94
CA LEU A 317 -21.34 10.45 -5.87
C LEU A 317 -21.15 9.95 -4.46
N ILE A 318 -20.10 10.39 -3.81
CA ILE A 318 -19.81 9.93 -2.47
C ILE A 318 -20.94 10.32 -1.54
N LEU A 319 -21.40 11.57 -1.64
CA LEU A 319 -22.46 12.02 -0.77
C LEU A 319 -23.78 11.33 -1.04
N LEU A 320 -24.20 11.29 -2.30
CA LEU A 320 -25.45 10.61 -2.66
C LEU A 320 -25.35 9.09 -2.60
N GLY A 321 -24.27 8.59 -3.17
CA GLY A 321 -24.03 7.16 -3.24
C GLY A 321 -23.81 6.37 -1.98
N SER A 322 -22.99 6.91 -1.07
CA SER A 322 -22.71 6.17 0.15
C SER A 322 -23.43 6.67 1.39
N PHE A 323 -23.29 7.95 1.70
CA PHE A 323 -23.93 8.45 2.91
C PHE A 323 -25.46 8.38 2.88
N PHE A 324 -26.08 8.80 1.78
CA PHE A 324 -27.53 8.75 1.71
C PHE A 324 -28.07 7.33 1.72
N ILE A 325 -27.44 6.46 0.93
CA ILE A 325 -27.83 5.06 0.84
C ILE A 325 -27.59 4.33 2.15
N LEU A 326 -26.47 4.65 2.79
CA LEU A 326 -26.11 4.02 4.04
C LEU A 326 -27.19 4.33 5.06
N ASN A 327 -27.66 5.57 5.05
CA ASN A 327 -28.71 5.99 5.96
C ASN A 327 -30.01 5.24 5.69
N LEU A 328 -30.35 5.09 4.41
CA LEU A 328 -31.57 4.38 4.05
C LEU A 328 -31.53 2.92 4.45
N VAL A 329 -30.39 2.27 4.19
CA VAL A 329 -30.22 0.86 4.53
C VAL A 329 -30.28 0.67 6.03
N LEU A 330 -29.61 1.55 6.76
CA LEU A 330 -29.57 1.48 8.21
C LEU A 330 -30.96 1.68 8.80
N GLY A 331 -31.70 2.65 8.29
CA GLY A 331 -33.03 2.94 8.78
C GLY A 331 -34.02 1.81 8.55
N VAL A 332 -33.98 1.22 7.37
CA VAL A 332 -34.89 0.13 7.04
C VAL A 332 -34.65 -1.09 7.91
N LEU A 333 -33.38 -1.41 8.12
CA LEU A 333 -33.01 -2.56 8.94
C LEU A 333 -33.46 -2.37 10.38
N SER A 334 -33.28 -1.17 10.91
CA SER A 334 -33.66 -0.86 12.27
C SER A 334 -35.16 -1.03 12.43
N GLY A 335 -35.90 -0.59 11.43
CA GLY A 335 -37.35 -0.70 11.45
C GLY A 335 -37.74 -2.15 11.51
N GLU A 336 -37.01 -2.99 10.76
CA GLU A 336 -37.28 -4.41 10.72
C GLU A 336 -37.06 -5.02 12.11
N PHE A 337 -36.00 -4.59 12.77
CA PHE A 337 -35.70 -5.10 14.11
C PHE A 337 -36.78 -4.70 15.11
N THR A 338 -37.28 -3.47 15.00
CA THR A 338 -38.31 -3.03 15.93
C THR A 338 -39.56 -3.88 15.73
N LYS A 339 -39.91 -4.13 14.47
CA LYS A 339 -41.08 -4.93 14.17
C LYS A 339 -40.89 -6.34 14.72
N GLU A 340 -39.68 -6.87 14.58
CA GLU A 340 -39.39 -8.21 15.08
C GLU A 340 -39.49 -8.28 16.60
N ARG A 341 -39.01 -7.23 17.25
CA ARG A 341 -39.02 -7.13 18.71
C ARG A 341 -40.47 -7.14 19.14
N GLU A 342 -41.29 -6.45 18.35
CA GLU A 342 -42.71 -6.35 18.61
C GLU A 342 -43.41 -7.70 18.56
N LYS A 343 -43.02 -8.56 17.63
CA LYS A 343 -43.71 -9.84 17.53
C LYS A 343 -43.37 -10.73 18.71
N ALA A 344 -42.15 -10.57 19.24
CA ALA A 344 -41.73 -11.39 20.37
C ALA A 344 -42.34 -10.88 21.67
N LYS A 345 -42.12 -9.60 21.98
CA LYS A 345 -42.48 -9.02 23.28
C LYS A 345 -43.97 -9.06 23.54
N SER A 346 -44.79 -8.83 22.53
CA SER A 346 -46.22 -8.95 22.73
C SER A 346 -46.68 -10.40 22.78
N ARG A 347 -45.88 -11.34 22.27
CA ARG A 347 -46.31 -12.73 22.34
C ARG A 347 -46.06 -13.32 23.73
N GLY A 348 -44.80 -13.52 24.11
CA GLY A 348 -44.55 -13.94 25.47
C GLY A 348 -43.19 -13.65 26.04
N THR A 349 -42.33 -12.96 25.31
CA THR A 349 -40.92 -12.96 25.65
C THR A 349 -40.54 -11.92 26.70
N PHE A 350 -41.48 -11.08 27.14
CA PHE A 350 -41.12 -10.13 28.18
C PHE A 350 -41.03 -10.82 29.54
N GLN A 351 -41.91 -11.78 29.79
CA GLN A 351 -41.95 -12.39 31.11
C GLN A 351 -40.88 -13.45 31.28
N LYS A 352 -40.20 -13.82 30.20
CA LYS A 352 -39.09 -14.76 30.35
C LYS A 352 -37.87 -14.08 30.93
N LEU A 353 -37.68 -12.80 30.63
CA LEU A 353 -36.49 -12.10 31.11
C LEU A 353 -36.77 -11.27 32.36
N ARG A 354 -38.04 -11.06 32.69
CA ARG A 354 -38.35 -10.30 33.90
C ARG A 354 -38.39 -11.21 35.13
N GLU A 355 -39.05 -12.36 34.99
CA GLU A 355 -39.15 -13.34 36.10
C GLU A 355 -37.77 -13.82 36.52
N LYS A 356 -36.97 -14.28 35.56
CA LYS A 356 -35.69 -14.91 35.88
C LYS A 356 -34.66 -13.90 36.33
N GLN A 357 -34.87 -12.61 36.02
CA GLN A 357 -34.04 -11.58 36.62
C GLN A 357 -34.55 -11.22 38.02
N GLN A 358 -35.85 -11.36 38.23
CA GLN A 358 -36.40 -11.19 39.59
C GLN A 358 -36.22 -12.45 40.42
N LEU A 359 -36.31 -13.64 39.81
CA LEU A 359 -36.13 -14.88 40.56
C LEU A 359 -34.65 -15.12 40.88
N GLU A 360 -33.75 -14.41 40.20
CA GLU A 360 -32.35 -14.46 40.61
C GLU A 360 -32.06 -13.48 41.74
N GLU A 361 -32.62 -12.26 41.65
CA GLU A 361 -32.37 -11.27 42.70
C GLU A 361 -33.15 -11.59 43.96
N ASP A 362 -34.17 -12.43 43.85
CA ASP A 362 -34.85 -12.95 45.04
C ASP A 362 -34.12 -14.18 45.56
N LEU A 363 -33.35 -14.85 44.69
CA LEU A 363 -32.56 -16.00 45.13
C LEU A 363 -31.39 -15.54 45.97
N ARG A 364 -30.67 -14.51 45.50
CA ARG A 364 -29.53 -13.98 46.24
C ARG A 364 -29.96 -13.33 47.54
N GLY A 365 -31.18 -12.79 47.59
CA GLY A 365 -31.71 -12.30 48.86
C GLY A 365 -32.09 -13.44 49.79
N TYR A 366 -32.62 -14.53 49.24
CA TYR A 366 -32.86 -15.74 50.02
C TYR A 366 -31.56 -16.35 50.51
N MET A 367 -30.51 -16.32 49.68
CA MET A 367 -29.25 -16.94 50.06
C MET A 367 -28.41 -16.01 50.93
N SER A 368 -28.76 -14.71 50.97
CA SER A 368 -28.11 -13.82 51.93
C SER A 368 -28.73 -13.97 53.31
N TRP A 369 -30.00 -14.39 53.36
CA TRP A 369 -30.63 -14.65 54.65
C TRP A 369 -30.11 -15.96 55.24
N ILE A 370 -29.56 -16.83 54.40
CA ILE A 370 -28.93 -18.05 54.89
C ILE A 370 -27.49 -17.79 55.33
N THR A 371 -26.72 -17.08 54.49
CA THR A 371 -25.26 -17.07 54.66
C THR A 371 -24.84 -16.16 55.82
N GLN A 372 -25.74 -15.31 56.30
CA GLN A 372 -25.50 -14.59 57.55
C GLN A 372 -26.00 -15.39 58.74
N GLY A 373 -26.99 -16.24 58.49
CA GLY A 373 -27.58 -17.07 59.52
C GLY A 373 -26.62 -18.16 59.96
N GLU A 374 -26.25 -19.01 59.01
CA GLU A 374 -25.34 -20.10 59.30
C GLU A 374 -23.99 -19.52 59.73
N VAL A 375 -23.57 -18.47 59.04
CA VAL A 375 -22.32 -17.79 59.35
C VAL A 375 -22.37 -17.17 60.73
N MET A 376 -23.53 -16.60 61.05
CA MET A 376 -23.75 -15.96 62.35
C MET A 376 -25.21 -16.11 62.78
N ASN A 418 -14.42 -15.39 65.98
CA ASN A 418 -15.54 -15.53 66.89
C ASN A 418 -15.57 -14.27 67.75
N ARG A 419 -14.46 -13.54 67.69
CA ARG A 419 -14.27 -12.28 68.41
C ARG A 419 -15.05 -11.05 67.89
N VAL A 420 -15.45 -10.22 68.85
CA VAL A 420 -16.20 -9.00 68.58
C VAL A 420 -15.37 -8.03 67.74
N PHE A 421 -14.06 -8.03 67.93
CA PHE A 421 -13.19 -7.12 67.17
C PHE A 421 -13.32 -7.38 65.67
N ARG A 422 -13.41 -8.64 65.28
CA ARG A 422 -13.54 -8.98 63.87
C ARG A 422 -14.82 -8.41 63.28
N TRP A 423 -15.90 -8.46 64.06
CA TRP A 423 -17.18 -7.91 63.61
C TRP A 423 -17.04 -6.42 63.39
N LYS A 424 -16.34 -5.76 64.30
CA LYS A 424 -16.12 -4.32 64.21
C LYS A 424 -15.34 -3.99 62.94
N CYS A 425 -14.33 -4.82 62.65
CA CYS A 425 -13.52 -4.60 61.46
C CYS A 425 -14.39 -4.75 60.21
N HIS A 426 -15.27 -5.74 60.24
CA HIS A 426 -16.17 -5.97 59.10
C HIS A 426 -17.09 -4.76 58.90
N ASP A 427 -17.57 -4.21 60.02
CA ASP A 427 -18.44 -3.04 59.97
C ASP A 427 -17.68 -1.86 59.37
N LEU A 428 -16.42 -1.72 59.76
CA LEU A 428 -15.59 -0.64 59.26
C LEU A 428 -15.40 -0.80 57.76
N VAL A 429 -15.23 -2.05 57.33
CA VAL A 429 -15.05 -2.37 55.92
C VAL A 429 -16.28 -1.99 55.12
N LYS A 430 -17.46 -2.24 55.69
CA LYS A 430 -18.70 -1.88 54.98
C LYS A 430 -18.73 -0.37 54.81
N SER A 431 -18.19 0.31 55.83
CA SER A 431 -18.15 1.77 55.92
C SER A 431 -17.50 2.41 54.71
N ARG A 432 -18.06 3.54 54.30
CA ARG A 432 -17.63 4.21 53.07
C ARG A 432 -16.14 4.52 52.98
N VAL A 433 -15.54 5.01 54.07
CA VAL A 433 -14.11 5.31 54.00
C VAL A 433 -13.33 4.25 53.24
N PHE A 434 -13.66 2.97 53.42
CA PHE A 434 -12.96 1.93 52.69
C PHE A 434 -13.20 2.03 51.19
N TYR A 435 -14.25 2.74 50.77
CA TYR A 435 -14.53 2.83 49.34
C TYR A 435 -13.80 4.01 48.70
N TRP A 436 -13.21 4.89 49.51
CA TRP A 436 -12.32 5.86 48.91
C TRP A 436 -10.86 5.49 49.11
N LEU A 437 -10.61 4.30 49.67
CA LEU A 437 -9.23 3.83 49.85
C LEU A 437 -9.03 2.42 49.29
N VAL A 438 -9.99 1.93 48.51
CA VAL A 438 -9.65 0.95 47.48
C VAL A 438 -9.26 1.68 46.21
N ILE A 439 -9.82 2.86 46.00
CA ILE A 439 -9.49 3.67 44.81
C ILE A 439 -8.12 4.31 44.99
N LEU A 440 -7.53 4.20 46.17
CA LEU A 440 -6.21 4.77 46.35
C LEU A 440 -5.14 3.81 45.84
N ILE A 441 -5.26 2.52 46.14
CA ILE A 441 -4.17 1.61 45.78
C ILE A 441 -4.41 1.02 44.39
N VAL A 442 -5.63 1.13 43.88
CA VAL A 442 -5.86 0.81 42.48
C VAL A 442 -5.27 1.91 41.59
N ALA A 443 -5.25 3.14 42.08
CA ALA A 443 -4.69 4.22 41.30
C ALA A 443 -3.16 4.23 41.34
N LEU A 444 -2.59 3.46 42.26
CA LEU A 444 -1.15 3.32 42.33
C LEU A 444 -0.72 2.45 41.15
N ASN A 445 -1.51 1.40 40.95
CA ASN A 445 -1.30 0.40 39.91
C ASN A 445 -1.40 0.91 38.49
N THR A 446 -2.38 1.76 38.22
CA THR A 446 -2.53 2.28 36.88
C THR A 446 -1.27 3.08 36.53
N LEU A 447 -0.83 3.89 37.49
CA LEU A 447 0.35 4.70 37.29
C LEU A 447 1.56 3.81 37.06
N SER A 448 1.64 2.72 37.83
CA SER A 448 2.75 1.79 37.65
C SER A 448 2.76 1.14 36.27
N ILE A 449 1.59 0.74 35.79
CA ILE A 449 1.47 0.09 34.47
C ILE A 449 1.84 1.02 33.33
N ALA A 450 1.38 2.26 33.44
CA ALA A 450 1.61 3.30 32.44
C ALA A 450 3.06 3.78 32.43
N SER A 451 3.82 3.48 33.45
CA SER A 451 5.18 3.98 33.48
C SER A 451 6.18 3.06 32.79
N GLU A 452 5.79 1.88 32.35
CA GLU A 452 6.64 1.13 31.44
C GLU A 452 6.80 1.83 30.13
N HIS A 453 8.05 2.10 29.76
CA HIS A 453 8.37 2.58 28.43
C HIS A 453 9.71 2.02 28.01
N HIS A 454 10.09 2.30 26.79
CA HIS A 454 11.31 1.73 26.22
C HIS A 454 12.50 2.60 26.53
N ASN A 455 13.60 1.93 26.86
CA ASN A 455 14.91 2.54 27.13
C ASN A 455 14.79 3.48 28.33
N GLN A 456 14.06 3.02 29.34
CA GLN A 456 13.71 3.82 30.50
C GLN A 456 14.91 3.94 31.44
N PRO A 457 14.88 4.82 32.44
CA PRO A 457 15.98 4.86 33.41
C PRO A 457 16.01 3.67 34.34
N LEU A 458 17.05 3.63 35.19
CA LEU A 458 17.27 2.47 36.05
C LEU A 458 16.60 2.62 37.39
N TRP A 459 16.35 3.85 37.83
CA TRP A 459 15.55 4.04 39.03
C TRP A 459 14.09 3.75 38.75
N LEU A 460 13.64 4.02 37.52
CA LEU A 460 12.24 3.85 37.18
C LEU A 460 11.91 2.38 37.08
N THR A 461 12.89 1.56 36.71
CA THR A 461 12.63 0.12 36.65
C THR A 461 12.47 -0.46 38.04
N HIS A 462 13.34 -0.06 38.96
CA HIS A 462 13.38 -0.71 40.25
C HIS A 462 12.27 -0.20 41.16
N LEU A 463 11.75 1.00 40.88
CA LEU A 463 10.62 1.49 41.64
C LEU A 463 9.36 0.71 41.31
N GLN A 464 9.27 0.19 40.09
CA GLN A 464 8.12 -0.62 39.73
C GLN A 464 8.19 -1.99 40.36
N ASP A 465 9.40 -2.45 40.68
CA ASP A 465 9.54 -3.73 41.36
C ASP A 465 9.28 -3.59 42.85
N ILE A 466 9.60 -2.41 43.40
CA ILE A 466 9.25 -2.11 44.78
C ILE A 466 7.74 -1.98 44.92
N ALA A 467 7.12 -1.16 44.07
CA ALA A 467 5.68 -0.90 44.20
C ALA A 467 4.86 -2.14 43.88
N ASN A 468 5.39 -3.05 43.08
CA ASN A 468 4.68 -4.29 42.82
C ASN A 468 4.60 -5.16 44.07
N ARG A 469 5.73 -5.36 44.73
CA ARG A 469 5.80 -6.30 45.83
C ARG A 469 5.09 -5.73 47.06
N VAL A 470 5.05 -4.40 47.17
CA VAL A 470 4.20 -3.76 48.17
C VAL A 470 2.73 -4.04 47.89
N LEU A 471 2.27 -3.71 46.69
CA LEU A 471 0.84 -3.77 46.39
C LEU A 471 0.36 -5.19 46.17
N LEU A 472 1.27 -6.17 46.07
CA LEU A 472 0.81 -7.56 46.12
C LEU A 472 0.37 -7.94 47.52
N SER A 473 1.14 -7.52 48.52
CA SER A 473 0.77 -7.83 49.90
C SER A 473 -0.38 -6.96 50.37
N LEU A 474 -0.50 -5.75 49.84
CA LEU A 474 -1.69 -4.95 50.12
C LEU A 474 -2.92 -5.59 49.50
N PHE A 475 -2.78 -6.16 48.29
CA PHE A 475 -3.85 -6.98 47.71
C PHE A 475 -4.04 -8.28 48.44
N THR A 476 -2.99 -8.77 49.11
CA THR A 476 -3.13 -9.99 49.91
C THR A 476 -4.02 -9.75 51.12
N ILE A 477 -3.74 -8.65 51.80
CA ILE A 477 -4.43 -8.27 53.03
C ILE A 477 -5.93 -8.03 52.89
N GLU A 478 -6.32 -7.34 51.82
CA GLU A 478 -7.73 -7.05 51.59
C GLU A 478 -8.50 -8.34 51.35
N MET A 479 -7.94 -9.24 50.55
CA MET A 479 -8.61 -10.51 50.26
C MET A 479 -8.73 -11.36 51.51
N LEU A 480 -7.65 -11.44 52.29
CA LEU A 480 -7.66 -12.23 53.51
C LEU A 480 -8.64 -11.62 54.50
N LEU A 481 -8.58 -10.29 54.61
CA LEU A 481 -9.46 -9.54 55.50
C LEU A 481 -10.91 -9.63 55.07
N LYS A 482 -11.14 -9.57 53.77
CA LYS A 482 -12.50 -9.63 53.23
C LYS A 482 -13.09 -11.01 53.37
N MET A 483 -12.32 -12.04 52.99
CA MET A 483 -12.88 -13.39 53.03
C MET A 483 -13.02 -13.89 54.46
N TYR A 484 -12.28 -13.29 55.39
CA TYR A 484 -12.33 -13.72 56.79
C TYR A 484 -13.15 -12.75 57.64
N GLY A 485 -13.60 -11.66 57.05
CA GLY A 485 -14.26 -10.62 57.83
C GLY A 485 -15.76 -10.64 57.70
N LEU A 486 -16.28 -11.08 56.55
CA LEU A 486 -17.72 -11.12 56.32
C LEU A 486 -18.20 -12.51 55.91
N GLY A 487 -17.37 -13.53 56.08
CA GLY A 487 -17.77 -14.87 55.70
C GLY A 487 -17.05 -15.48 54.51
N LEU A 488 -16.73 -16.76 54.63
CA LEU A 488 -16.01 -17.45 53.56
C LEU A 488 -16.93 -17.84 52.42
N ARG A 489 -18.23 -18.04 52.70
CA ARG A 489 -19.16 -18.51 51.68
C ARG A 489 -19.57 -17.39 50.72
N GLN A 490 -20.04 -16.27 51.24
CA GLN A 490 -20.63 -15.23 50.41
C GLN A 490 -19.55 -14.32 49.80
N TYR A 491 -18.29 -14.52 50.17
CA TYR A 491 -17.19 -14.05 49.31
C TYR A 491 -17.24 -14.75 47.96
N PHE A 492 -17.59 -16.03 47.94
CA PHE A 492 -17.65 -16.78 46.68
C PHE A 492 -18.65 -16.26 45.63
N MET A 493 -19.80 -15.78 46.08
CA MET A 493 -20.88 -15.30 45.20
C MET A 493 -20.66 -14.11 44.24
N SER A 494 -19.93 -13.08 44.67
CA SER A 494 -19.73 -11.89 43.83
C SER A 494 -19.01 -12.10 42.49
N ILE A 495 -19.46 -11.38 41.46
CA ILE A 495 -18.88 -11.48 40.13
C ILE A 495 -17.51 -10.82 40.07
N PHE A 496 -17.13 -10.06 41.10
CA PHE A 496 -15.84 -9.38 41.22
C PHE A 496 -14.97 -9.96 42.33
N ASN A 497 -15.57 -10.57 43.35
CA ASN A 497 -14.78 -11.18 44.42
C ASN A 497 -14.14 -12.47 43.97
N ARG A 498 -14.68 -13.07 42.91
CA ARG A 498 -14.02 -14.24 42.33
C ARG A 498 -12.70 -13.85 41.69
N PHE A 499 -12.63 -12.65 41.14
CA PHE A 499 -11.43 -12.20 40.44
C PHE A 499 -10.35 -11.75 41.42
N ASP A 500 -10.77 -11.21 42.56
CA ASP A 500 -9.84 -10.80 43.62
C ASP A 500 -9.10 -12.00 44.18
N CYS A 501 -9.74 -13.17 44.15
CA CYS A 501 -9.04 -14.42 44.39
C CYS A 501 -7.97 -14.68 43.34
N PHE A 502 -8.25 -14.34 42.09
CA PHE A 502 -7.36 -14.74 41.01
C PHE A 502 -6.11 -13.86 40.94
N VAL A 503 -6.22 -12.61 41.42
CA VAL A 503 -5.12 -11.66 41.34
C VAL A 503 -3.95 -12.11 42.21
N VAL A 504 -4.21 -12.28 43.50
CA VAL A 504 -3.12 -12.48 44.46
C VAL A 504 -2.52 -13.87 44.30
N CYS A 505 -3.34 -14.83 43.90
CA CYS A 505 -2.84 -16.17 43.65
C CYS A 505 -1.88 -16.19 42.47
N SER A 506 -2.26 -15.58 41.35
CA SER A 506 -1.32 -15.49 40.24
C SER A 506 -0.43 -14.26 40.37
N GLY A 507 -0.66 -13.42 41.38
CA GLY A 507 0.37 -12.48 41.77
C GLY A 507 1.51 -13.14 42.52
N ILE A 508 1.19 -14.00 43.48
CA ILE A 508 2.24 -14.72 44.20
C ILE A 508 2.82 -15.83 43.33
N LEU A 509 2.10 -16.25 42.30
CA LEU A 509 2.58 -17.33 41.46
C LEU A 509 3.75 -16.89 40.60
N GLU A 510 3.77 -15.61 40.23
CA GLU A 510 4.93 -15.07 39.51
C GLU A 510 6.09 -14.83 40.47
N LEU A 511 5.81 -14.27 41.65
CA LEU A 511 6.84 -14.04 42.66
C LEU A 511 7.38 -15.32 43.28
N LEU A 512 6.74 -16.46 43.04
CA LEU A 512 7.35 -17.73 43.37
C LEU A 512 8.06 -18.37 42.18
N LEU A 513 7.69 -17.98 40.96
CA LEU A 513 8.27 -18.58 39.76
C LEU A 513 9.63 -17.99 39.41
N VAL A 514 9.77 -16.66 39.41
CA VAL A 514 11.06 -16.06 39.12
C VAL A 514 12.04 -16.34 40.24
N GLU A 515 11.55 -16.29 41.49
CA GLU A 515 12.44 -16.37 42.67
C GLU A 515 12.61 -17.84 43.07
N SER A 516 12.85 -18.67 42.06
CA SER A 516 13.25 -20.06 42.20
C SER A 516 14.34 -20.33 41.17
N GLY A 517 14.62 -19.33 40.34
CA GLY A 517 15.50 -19.48 39.20
C GLY A 517 14.82 -19.89 37.92
N ALA A 518 13.50 -19.82 37.87
CA ALA A 518 12.70 -20.40 36.80
C ALA A 518 11.96 -19.34 36.01
N MET A 519 12.68 -18.29 35.58
CA MET A 519 12.09 -17.24 34.74
C MET A 519 11.54 -17.78 33.41
N THR A 520 12.21 -18.81 32.81
CA THR A 520 11.83 -19.49 31.57
C THR A 520 11.65 -18.50 30.42
N PRO A 521 12.74 -18.11 29.71
CA PRO A 521 12.83 -16.81 28.98
C PRO A 521 11.65 -16.26 28.18
N LEU A 522 10.69 -17.10 27.79
CA LEU A 522 9.41 -16.55 27.35
C LEU A 522 8.45 -16.32 28.53
N GLY A 523 8.51 -17.15 29.56
CA GLY A 523 7.65 -17.01 30.73
C GLY A 523 7.95 -15.79 31.58
N ILE A 524 9.19 -15.29 31.57
CA ILE A 524 9.49 -13.98 32.16
C ILE A 524 8.81 -12.86 31.36
N SER A 525 8.44 -13.10 30.11
CA SER A 525 7.44 -12.26 29.48
C SER A 525 6.03 -12.78 29.69
N VAL A 526 5.82 -14.10 29.62
CA VAL A 526 4.45 -14.64 29.69
C VAL A 526 3.87 -14.49 31.10
N LEU A 527 4.70 -14.57 32.14
CA LEU A 527 4.13 -14.33 33.47
C LEU A 527 3.98 -12.86 33.82
N ARG A 528 4.76 -11.96 33.23
CA ARG A 528 4.50 -10.53 33.41
C ARG A 528 3.22 -10.08 32.75
N CYS A 529 2.74 -10.82 31.75
CA CYS A 529 1.54 -10.46 31.03
C CYS A 529 0.30 -10.45 31.93
N ILE A 530 0.33 -11.15 33.05
CA ILE A 530 -0.86 -11.36 33.87
C ILE A 530 -1.02 -10.30 34.94
N ARG A 531 0.05 -9.63 35.38
CA ARG A 531 -0.14 -8.44 36.19
C ARG A 531 -0.63 -7.25 35.38
N LEU A 532 -0.92 -7.41 34.08
CA LEU A 532 -1.81 -6.53 33.36
C LEU A 532 -3.27 -6.77 33.71
N LEU A 533 -3.59 -7.75 34.56
CA LEU A 533 -4.99 -7.95 34.94
C LEU A 533 -5.40 -7.02 36.05
N ARG A 534 -4.44 -6.46 36.78
CA ARG A 534 -4.78 -5.68 37.96
C ARG A 534 -5.46 -4.37 37.60
N LEU A 535 -5.30 -3.91 36.37
CA LEU A 535 -6.00 -2.74 35.88
C LEU A 535 -7.42 -3.04 35.45
N PHE A 536 -7.84 -4.31 35.51
CA PHE A 536 -9.23 -4.70 35.31
C PHE A 536 -10.02 -4.64 36.62
N LYS A 537 -9.37 -4.30 37.73
CA LYS A 537 -10.08 -4.21 38.98
C LYS A 537 -11.03 -3.04 39.05
N ILE A 538 -10.80 -2.03 38.23
CA ILE A 538 -11.65 -0.84 38.23
C ILE A 538 -12.97 -1.08 37.50
N THR A 539 -13.13 -2.27 36.93
CA THR A 539 -14.37 -2.63 36.22
C THR A 539 -15.56 -2.68 37.17
N LYS A 540 -15.31 -2.99 38.45
CA LYS A 540 -16.41 -3.00 39.41
C LYS A 540 -16.87 -1.59 39.78
N TYR A 541 -16.02 -0.59 39.56
CA TYR A 541 -16.30 0.76 40.01
C TYR A 541 -17.39 1.48 39.24
N TRP A 542 -17.93 0.87 38.20
CA TRP A 542 -18.85 1.61 37.35
C TRP A 542 -20.20 1.79 38.00
N THR A 543 -20.90 0.66 38.26
CA THR A 543 -22.25 0.58 38.85
C THR A 543 -23.26 1.26 37.90
N SER A 544 -22.82 1.56 36.67
CA SER A 544 -23.59 2.39 35.77
C SER A 544 -24.08 1.57 34.60
N LEU A 545 -23.16 0.89 33.91
CA LEU A 545 -23.50 -0.15 32.95
C LEU A 545 -23.58 -1.51 33.61
N SER A 546 -23.75 -1.51 34.93
CA SER A 546 -23.98 -2.72 35.68
C SER A 546 -25.31 -3.36 35.30
N ASN A 547 -26.22 -2.61 34.68
CA ASN A 547 -27.47 -3.16 34.20
C ASN A 547 -27.31 -3.82 32.84
N LEU A 548 -26.50 -3.20 31.97
CA LEU A 548 -26.36 -3.66 30.58
C LEU A 548 -25.35 -4.79 30.43
N VAL A 549 -24.29 -4.75 31.24
CA VAL A 549 -23.28 -5.78 31.19
C VAL A 549 -23.95 -7.09 31.60
N ALA A 550 -24.81 -7.01 32.61
CA ALA A 550 -25.53 -8.16 33.12
C ALA A 550 -26.47 -8.72 32.05
N SER A 551 -27.14 -7.82 31.33
CA SER A 551 -28.06 -8.21 30.27
C SER A 551 -27.27 -8.92 29.18
N LEU A 552 -26.08 -8.38 28.91
CA LEU A 552 -25.19 -8.93 27.90
C LEU A 552 -24.75 -10.34 28.29
N LEU A 553 -24.50 -10.54 29.57
CA LEU A 553 -24.07 -11.84 30.08
C LEU A 553 -25.10 -12.94 29.87
N ASN A 554 -26.37 -12.61 30.08
CA ASN A 554 -27.43 -13.61 29.88
C ASN A 554 -27.34 -14.09 28.44
N SER A 555 -26.93 -13.20 27.54
CA SER A 555 -27.17 -13.24 26.11
C SER A 555 -25.98 -13.87 25.42
N ILE A 556 -25.08 -14.46 26.20
CA ILE A 556 -23.89 -15.06 25.61
C ILE A 556 -24.22 -16.45 25.06
N ARG A 557 -25.46 -16.89 25.28
CA ARG A 557 -26.07 -17.90 24.43
C ARG A 557 -26.43 -17.31 23.05
N SER A 558 -26.93 -16.07 23.02
CA SER A 558 -27.42 -15.46 21.79
C SER A 558 -26.34 -14.65 21.09
N ILE A 559 -25.40 -14.12 21.89
CA ILE A 559 -24.22 -13.45 21.35
C ILE A 559 -23.48 -14.36 20.39
N ALA A 560 -23.34 -15.64 20.77
CA ALA A 560 -22.32 -16.47 20.17
C ALA A 560 -22.80 -17.14 18.89
N SER A 561 -24.10 -17.29 18.69
CA SER A 561 -24.52 -18.16 17.59
C SER A 561 -24.43 -17.45 16.25
N LEU A 562 -24.67 -16.15 16.21
CA LEU A 562 -24.44 -15.41 14.98
C LEU A 562 -22.96 -15.21 14.72
N LEU A 563 -22.16 -15.01 15.77
CA LEU A 563 -20.73 -14.93 15.55
C LEU A 563 -20.17 -16.25 15.06
N LEU A 564 -20.85 -17.34 15.38
CA LEU A 564 -20.45 -18.64 14.85
C LEU A 564 -20.69 -18.72 13.36
N LEU A 565 -21.72 -18.07 12.86
CA LEU A 565 -22.04 -18.25 11.45
C LEU A 565 -21.45 -17.12 10.62
N LEU A 566 -20.88 -16.12 11.28
CA LEU A 566 -19.96 -15.24 10.58
C LEU A 566 -18.59 -15.89 10.47
N PHE A 567 -18.17 -16.62 11.50
CA PHE A 567 -16.89 -17.32 11.47
C PHE A 567 -16.85 -18.48 10.50
N LEU A 568 -17.97 -19.11 10.22
CA LEU A 568 -18.09 -20.16 9.23
C LEU A 568 -18.18 -19.58 7.82
N PHE A 569 -18.31 -18.27 7.72
CA PHE A 569 -18.38 -17.60 6.45
C PHE A 569 -17.02 -17.07 6.06
N ILE A 570 -16.18 -16.81 7.04
CA ILE A 570 -14.82 -16.37 6.79
C ILE A 570 -13.95 -17.56 6.48
N ILE A 571 -14.37 -18.76 6.88
CA ILE A 571 -13.63 -19.96 6.55
C ILE A 571 -13.86 -20.37 5.12
N ILE A 572 -15.13 -20.37 4.70
CA ILE A 572 -15.46 -20.80 3.35
C ILE A 572 -14.81 -19.88 2.34
N PHE A 573 -14.87 -18.59 2.61
CA PHE A 573 -14.25 -17.63 1.73
C PHE A 573 -12.74 -17.76 1.73
N ALA A 574 -12.14 -18.05 2.87
CA ALA A 574 -10.70 -18.22 2.92
C ALA A 574 -10.30 -19.39 2.04
N LEU A 575 -11.04 -20.48 2.13
CA LEU A 575 -10.76 -21.67 1.32
C LEU A 575 -10.93 -21.37 -0.16
N LEU A 576 -11.97 -20.60 -0.47
CA LEU A 576 -12.23 -20.23 -1.86
C LEU A 576 -11.10 -19.38 -2.39
N GLY A 577 -10.59 -18.49 -1.55
CA GLY A 577 -9.50 -17.61 -1.89
C GLY A 577 -8.28 -18.43 -2.17
N MET A 578 -8.08 -19.46 -1.36
CA MET A 578 -6.94 -20.35 -1.56
C MET A 578 -7.04 -21.07 -2.91
N GLN A 579 -8.24 -21.50 -3.30
CA GLN A 579 -8.40 -22.17 -4.59
C GLN A 579 -8.12 -21.28 -5.83
N LEU A 580 -8.63 -20.05 -5.84
CA LEU A 580 -8.46 -19.08 -6.89
C LEU A 580 -7.11 -18.41 -6.91
N PHE A 581 -6.63 -18.01 -5.73
CA PHE A 581 -5.36 -17.30 -5.61
C PHE A 581 -4.20 -17.96 -4.89
N GLY A 582 -4.30 -19.24 -4.56
CA GLY A 582 -3.20 -19.89 -3.86
C GLY A 582 -2.08 -20.23 -4.83
N GLY A 583 -0.89 -19.72 -4.53
CA GLY A 583 0.27 -19.96 -5.37
C GLY A 583 0.25 -19.22 -6.69
N ARG A 584 -0.64 -18.23 -6.80
CA ARG A 584 -0.75 -17.47 -8.05
C ARG A 584 -0.14 -16.07 -8.02
N TYR A 585 0.60 -15.75 -6.98
CA TYR A 585 1.22 -14.44 -6.84
C TYR A 585 2.66 -14.43 -7.34
N ASP A 586 3.05 -15.50 -8.03
CA ASP A 586 4.39 -15.62 -8.56
C ASP A 586 4.72 -14.49 -9.53
N PHE A 587 4.71 -13.26 -9.06
CA PHE A 587 5.14 -12.18 -9.91
C PHE A 587 6.63 -12.04 -9.81
N GLU A 588 7.28 -11.65 -10.91
CA GLU A 588 8.72 -11.48 -10.87
C GLU A 588 9.16 -10.10 -10.47
N ASP A 589 8.34 -9.34 -9.80
CA ASP A 589 8.78 -8.07 -9.27
C ASP A 589 9.52 -8.33 -8.00
N THR A 590 10.27 -7.35 -7.54
CA THR A 590 10.90 -7.48 -6.25
C THR A 590 10.09 -6.85 -5.15
N GLU A 591 8.82 -6.55 -5.38
CA GLU A 591 8.04 -5.93 -4.34
C GLU A 591 7.20 -6.92 -3.55
N VAL A 592 6.79 -6.49 -2.39
CA VAL A 592 6.14 -7.32 -1.38
C VAL A 592 4.63 -7.19 -1.50
N ARG A 593 3.98 -8.32 -1.72
CA ARG A 593 2.53 -8.41 -1.79
C ARG A 593 2.18 -9.28 -0.63
N ARG A 594 2.04 -8.66 0.53
CA ARG A 594 2.00 -9.41 1.74
C ARG A 594 0.64 -9.84 2.18
N SER A 595 -0.41 -9.23 1.68
CA SER A 595 -1.75 -9.76 1.94
C SER A 595 -2.11 -10.69 0.80
N ASN A 596 -1.64 -11.93 0.88
CA ASN A 596 -1.86 -12.92 -0.13
C ASN A 596 -2.71 -14.03 0.43
N PHE A 597 -2.74 -15.15 -0.25
CA PHE A 597 -3.67 -16.23 0.03
C PHE A 597 -3.00 -17.59 0.03
N ASP A 598 -1.85 -17.73 0.67
CA ASP A 598 -0.98 -18.87 0.49
C ASP A 598 -1.10 -19.92 1.56
N ASN A 599 -1.25 -19.54 2.81
CA ASN A 599 -1.51 -20.51 3.84
C ASN A 599 -2.99 -20.49 4.07
N PHE A 600 -3.46 -21.17 5.06
CA PHE A 600 -4.76 -20.89 5.63
C PHE A 600 -4.69 -19.76 6.64
N PRO A 601 -3.70 -19.62 7.50
CA PRO A 601 -3.77 -18.49 8.41
C PRO A 601 -3.74 -17.17 7.66
N GLN A 602 -2.87 -17.08 6.66
CA GLN A 602 -2.76 -15.89 5.85
C GLN A 602 -4.02 -15.62 5.06
N ALA A 603 -4.63 -16.67 4.53
CA ALA A 603 -5.85 -16.49 3.74
C ALA A 603 -6.94 -15.91 4.62
N LEU A 604 -7.03 -16.41 5.85
CA LEU A 604 -8.03 -15.97 6.81
C LEU A 604 -7.80 -14.49 7.10
N ILE A 605 -6.54 -14.13 7.31
CA ILE A 605 -6.23 -12.73 7.58
C ILE A 605 -6.61 -11.84 6.40
N SER A 606 -6.33 -12.29 5.19
CA SER A 606 -6.65 -11.51 4.01
C SER A 606 -8.14 -11.32 3.90
N VAL A 607 -8.88 -12.38 4.19
CA VAL A 607 -10.33 -12.32 4.12
C VAL A 607 -10.87 -11.33 5.15
N PHE A 608 -10.30 -11.31 6.34
CA PHE A 608 -10.75 -10.37 7.36
C PHE A 608 -10.52 -8.92 6.92
N GLN A 609 -9.39 -8.66 6.30
CA GLN A 609 -9.02 -7.33 5.81
C GLN A 609 -9.96 -6.84 4.71
N VAL A 610 -10.50 -7.73 3.90
CA VAL A 610 -11.51 -7.31 2.93
C VAL A 610 -12.85 -7.03 3.59
N LEU A 611 -13.21 -7.68 4.71
CA LEU A 611 -14.46 -7.31 5.36
C LEU A 611 -14.39 -5.99 6.10
N THR A 612 -13.25 -5.67 6.70
CA THR A 612 -13.15 -4.37 7.36
C THR A 612 -13.07 -3.23 6.35
N GLY A 613 -12.96 -3.57 5.08
CA GLY A 613 -12.96 -2.64 4.03
C GLY A 613 -11.59 -2.12 3.67
N GLU A 614 -10.66 -2.20 4.62
CA GLU A 614 -9.32 -1.65 4.46
C GLU A 614 -8.40 -2.10 3.32
N ASP A 615 -8.21 -1.23 2.33
CA ASP A 615 -7.26 -1.47 1.26
C ASP A 615 -7.69 -2.68 0.48
N TRP A 616 -9.00 -2.93 0.46
CA TRP A 616 -9.49 -4.17 -0.09
C TRP A 616 -9.26 -4.23 -1.56
N ASN A 617 -9.23 -3.09 -2.23
CA ASN A 617 -9.04 -3.13 -3.66
C ASN A 617 -7.62 -3.34 -4.08
N SER A 618 -6.64 -3.05 -3.24
CA SER A 618 -5.29 -3.40 -3.62
C SER A 618 -5.00 -4.86 -3.48
N VAL A 619 -5.77 -5.58 -2.67
CA VAL A 619 -5.86 -7.04 -2.66
C VAL A 619 -6.55 -7.58 -3.89
N MET A 620 -7.40 -6.82 -4.54
CA MET A 620 -8.06 -7.28 -5.75
C MET A 620 -7.20 -7.14 -6.99
N TYR A 621 -6.39 -6.10 -7.06
CA TYR A 621 -5.53 -5.89 -8.21
C TYR A 621 -4.45 -6.93 -8.29
N ASN A 622 -4.03 -7.48 -7.17
CA ASN A 622 -3.09 -8.58 -7.22
C ASN A 622 -3.77 -9.82 -7.73
N GLY A 623 -5.09 -9.91 -7.59
CA GLY A 623 -5.78 -11.09 -8.08
C GLY A 623 -6.23 -10.97 -9.51
N ILE A 624 -6.34 -9.78 -10.02
CA ILE A 624 -6.53 -9.62 -11.47
C ILE A 624 -5.21 -9.81 -12.16
N MET A 625 -4.12 -9.37 -11.56
CA MET A 625 -2.85 -9.58 -12.23
C MET A 625 -2.33 -11.00 -12.09
N ALA A 626 -2.84 -11.79 -11.15
CA ALA A 626 -2.42 -13.17 -11.01
C ALA A 626 -3.05 -14.02 -12.10
N TYR A 627 -4.18 -13.59 -12.62
CA TYR A 627 -4.73 -14.17 -13.82
C TYR A 627 -4.12 -13.34 -14.92
N GLY A 628 -4.68 -13.29 -16.10
CA GLY A 628 -3.99 -12.54 -17.12
C GLY A 628 -3.73 -11.08 -16.88
N GLY A 629 -4.77 -10.29 -16.79
CA GLY A 629 -4.62 -8.89 -16.62
C GLY A 629 -5.99 -8.30 -16.74
N PRO A 630 -6.11 -7.10 -17.22
CA PRO A 630 -7.42 -6.50 -17.40
C PRO A 630 -8.15 -6.99 -18.65
N SER A 631 -8.24 -8.31 -18.81
CA SER A 631 -8.67 -9.01 -20.02
C SER A 631 -9.98 -9.70 -19.78
N TYR A 632 -10.44 -10.57 -20.68
CA TYR A 632 -11.80 -11.09 -20.49
C TYR A 632 -11.95 -12.17 -19.42
N PRO A 633 -11.09 -13.17 -19.27
CA PRO A 633 -11.23 -14.01 -18.08
C PRO A 633 -10.47 -13.50 -16.87
N GLY A 634 -9.57 -12.55 -17.04
CA GLY A 634 -8.79 -12.07 -15.94
C GLY A 634 -9.68 -11.29 -15.02
N VAL A 635 -10.56 -10.46 -15.54
CA VAL A 635 -11.33 -9.63 -14.63
C VAL A 635 -12.58 -10.29 -14.10
N LEU A 636 -12.91 -11.50 -14.49
CA LEU A 636 -14.04 -12.09 -13.82
C LEU A 636 -13.68 -12.60 -12.44
N VAL A 637 -12.46 -12.43 -11.96
CA VAL A 637 -12.13 -12.73 -10.55
C VAL A 637 -12.76 -11.67 -9.58
N CYS A 638 -12.93 -10.48 -10.13
CA CYS A 638 -13.45 -9.33 -9.41
C CYS A 638 -14.84 -9.59 -8.86
N ILE A 639 -15.63 -10.41 -9.51
CA ILE A 639 -16.96 -10.71 -8.99
C ILE A 639 -16.81 -11.42 -7.64
N TYR A 640 -15.83 -12.32 -7.55
CA TYR A 640 -15.61 -13.03 -6.29
C TYR A 640 -15.26 -11.98 -5.27
N PHE A 641 -14.38 -11.06 -5.66
CA PHE A 641 -14.01 -10.03 -4.67
C PHE A 641 -15.21 -9.21 -4.19
N ILE A 642 -16.11 -8.88 -5.12
CA ILE A 642 -17.32 -8.12 -4.80
C ILE A 642 -18.28 -8.86 -3.88
N ILE A 643 -18.45 -10.17 -4.06
CA ILE A 643 -19.38 -10.91 -3.20
C ILE A 643 -18.99 -10.90 -1.72
N LEU A 644 -17.70 -11.06 -1.43
CA LEU A 644 -17.19 -11.06 -0.07
C LEU A 644 -17.41 -9.73 0.60
N PHE A 645 -17.37 -8.63 -0.13
CA PHE A 645 -17.59 -7.33 0.50
C PHE A 645 -19.05 -7.10 0.74
N VAL A 646 -19.90 -7.46 -0.21
CA VAL A 646 -21.31 -7.17 -0.10
C VAL A 646 -21.99 -8.16 0.83
N CYS A 647 -21.99 -9.44 0.49
CA CYS A 647 -22.68 -10.43 1.29
C CYS A 647 -22.02 -10.71 2.61
N GLY A 648 -20.84 -10.20 2.87
CA GLY A 648 -20.17 -10.45 4.11
C GLY A 648 -20.39 -9.32 5.08
N ASN A 649 -20.59 -8.12 4.57
CA ASN A 649 -21.06 -6.98 5.35
C ASN A 649 -22.56 -6.90 5.41
N TYR A 650 -23.27 -7.90 4.94
CA TYR A 650 -24.65 -8.03 5.30
C TYR A 650 -24.79 -8.80 6.58
N ILE A 651 -23.91 -9.77 6.84
CA ILE A 651 -23.90 -10.45 8.12
C ILE A 651 -23.52 -9.49 9.23
N LEU A 652 -22.58 -8.58 8.97
CA LEU A 652 -22.14 -7.68 10.03
C LEU A 652 -23.18 -6.64 10.38
N LEU A 653 -24.20 -6.49 9.56
CA LEU A 653 -25.33 -5.68 10.03
C LEU A 653 -26.23 -6.49 10.91
N ASN A 654 -26.52 -7.72 10.53
CA ASN A 654 -27.44 -8.51 11.34
C ASN A 654 -26.80 -8.95 12.64
N VAL A 655 -25.49 -9.10 12.68
CA VAL A 655 -24.87 -9.49 13.93
C VAL A 655 -24.82 -8.30 14.86
N PHE A 656 -23.84 -7.45 14.65
CA PHE A 656 -23.66 -6.30 15.50
C PHE A 656 -24.88 -5.41 15.68
N LEU A 657 -25.53 -4.96 14.62
CA LEU A 657 -26.69 -4.11 14.81
C LEU A 657 -27.84 -4.83 15.50
N ALA A 658 -28.02 -6.11 15.24
CA ALA A 658 -29.08 -6.87 15.90
C ALA A 658 -28.83 -6.83 17.39
N ILE A 659 -27.59 -7.13 17.77
CA ILE A 659 -27.20 -7.07 19.17
C ILE A 659 -27.53 -5.70 19.73
N ALA A 660 -27.07 -4.66 19.04
CA ALA A 660 -27.29 -3.27 19.47
C ALA A 660 -28.70 -2.66 19.31
N VAL A 661 -29.66 -3.45 18.87
CA VAL A 661 -31.03 -2.98 18.74
C VAL A 661 -31.95 -3.89 19.55
N ASP A 662 -31.43 -5.01 20.06
CA ASP A 662 -32.29 -5.90 20.85
C ASP A 662 -31.96 -5.93 22.34
N ASN A 663 -30.68 -6.10 22.62
CA ASN A 663 -30.11 -6.19 23.96
C ASN A 663 -29.76 -4.82 24.53
N LEU A 664 -29.98 -3.77 23.74
CA LEU A 664 -29.98 -2.45 24.34
C LEU A 664 -31.40 -1.90 24.37
N ALA A 665 -32.38 -2.74 23.99
CA ALA A 665 -33.78 -2.42 24.22
C ALA A 665 -34.35 -3.14 25.44
N GLU A 666 -33.80 -4.30 25.79
CA GLU A 666 -34.18 -4.93 27.05
C GLU A 666 -33.52 -4.23 28.22
N ALA A 667 -32.26 -3.83 28.07
CA ALA A 667 -31.53 -3.18 29.15
C ALA A 667 -31.99 -1.74 29.36
N GLU A 668 -32.78 -1.22 28.43
CA GLU A 668 -33.41 0.09 28.63
C GLU A 668 -34.79 -0.06 29.25
N SER A 669 -35.56 -1.03 28.76
CA SER A 669 -36.90 -1.26 29.28
C SER A 669 -36.78 -1.66 30.74
N LEU A 670 -35.78 -2.49 31.03
CA LEU A 670 -35.53 -2.89 32.41
C LEU A 670 -35.02 -1.74 33.25
N THR A 671 -34.32 -0.78 32.63
CA THR A 671 -33.94 0.42 33.35
C THR A 671 -35.17 1.23 33.74
N SER A 672 -36.15 1.28 32.83
CA SER A 672 -37.44 1.88 33.17
C SER A 672 -38.19 1.01 34.16
N ALA A 673 -38.03 -0.31 34.06
CA ALA A 673 -38.68 -1.21 35.01
C ALA A 673 -38.05 -1.11 36.39
N GLN A 674 -36.72 -0.95 36.46
CA GLN A 674 -36.10 -0.69 37.75
C GLN A 674 -36.35 0.74 38.21
N LYS A 675 -36.79 1.61 37.30
CA LYS A 675 -37.20 2.95 37.70
C LYS A 675 -38.62 2.94 38.27
N ALA A 676 -39.53 2.17 37.68
CA ALA A 676 -40.83 1.98 38.31
C ALA A 676 -40.70 1.13 39.56
N LYS A 677 -39.64 0.33 39.65
CA LYS A 677 -39.27 -0.33 40.89
C LYS A 677 -38.67 0.66 41.89
N ALA A 678 -38.09 1.76 41.38
CA ALA A 678 -37.27 2.62 42.23
C ALA A 678 -38.13 3.46 43.16
N GLU A 679 -38.85 4.44 42.61
CA GLU A 679 -39.43 5.47 43.46
C GLU A 679 -40.75 5.01 44.08
N GLU A 680 -41.23 3.84 43.69
CA GLU A 680 -42.36 3.26 44.40
C GLU A 680 -41.94 2.70 45.75
N ARG A 681 -40.65 2.39 45.91
CA ARG A 681 -40.13 2.03 47.23
C ARG A 681 -39.91 3.27 48.08
N LYS A 682 -39.41 4.35 47.49
CA LYS A 682 -39.05 5.53 48.29
C LYS A 682 -40.28 6.35 48.68
N ARG A 683 -41.42 6.12 48.02
CA ARG A 683 -42.67 6.70 48.48
C ARG A 683 -43.21 5.96 49.71
N ARG A 684 -42.65 4.79 50.04
CA ARG A 684 -43.20 4.00 51.14
C ARG A 684 -42.70 4.47 52.50
N LYS A 685 -41.40 4.75 52.63
CA LYS A 685 -40.91 5.26 53.91
C LYS A 685 -41.33 6.70 54.12
N MET A 686 -41.55 7.44 53.03
CA MET A 686 -42.14 8.77 53.10
C MET A 686 -43.61 8.71 53.48
N SER A 687 -44.31 7.65 53.10
CA SER A 687 -45.73 7.49 53.49
C SER A 687 -45.95 6.22 54.31
N VAL A 788 -31.71 58.06 24.11
CA VAL A 788 -32.87 57.76 24.94
C VAL A 788 -33.20 56.27 24.76
N ARG A 789 -33.55 55.61 25.88
CA ARG A 789 -33.45 54.15 26.00
C ARG A 789 -34.44 53.40 25.11
N VAL A 790 -35.41 54.10 24.53
CA VAL A 790 -36.54 53.41 23.91
C VAL A 790 -36.31 53.18 22.42
N LEU A 791 -35.84 54.22 21.73
CA LEU A 791 -35.60 54.21 20.29
C LEU A 791 -34.53 53.24 19.77
N CYS A 792 -33.41 53.16 20.48
CA CYS A 792 -32.31 52.30 20.10
C CYS A 792 -32.73 50.84 20.21
N HIS A 793 -33.45 50.52 21.27
CA HIS A 793 -33.92 49.16 21.48
C HIS A 793 -34.82 48.77 20.33
N ARG A 794 -35.71 49.68 19.93
CA ARG A 794 -36.61 49.36 18.83
C ARG A 794 -35.83 49.09 17.56
N ILE A 795 -34.86 49.92 17.26
CA ILE A 795 -34.09 49.74 16.04
C ILE A 795 -33.37 48.40 16.06
N VAL A 796 -32.82 48.07 17.22
CA VAL A 796 -32.10 46.83 17.38
C VAL A 796 -32.94 45.56 17.29
N ASN A 797 -34.15 45.64 17.86
CA ASN A 797 -35.09 44.53 17.88
C ASN A 797 -35.88 44.50 16.58
N ALA A 798 -35.64 45.49 15.72
CA ALA A 798 -36.27 45.49 14.41
C ALA A 798 -35.82 44.31 13.53
N THR A 799 -36.82 43.68 12.90
CA THR A 799 -36.61 42.54 12.03
C THR A 799 -35.75 42.95 10.85
N TRP A 800 -36.00 44.15 10.35
CA TRP A 800 -35.23 44.68 9.24
C TRP A 800 -33.78 44.78 9.70
N PHE A 801 -33.61 45.18 10.95
CA PHE A 801 -32.28 45.32 11.55
C PHE A 801 -31.51 44.00 11.61
N THR A 802 -32.19 42.90 11.95
CA THR A 802 -31.49 41.61 12.03
C THR A 802 -30.86 41.09 10.71
N ASN A 803 -31.60 41.24 9.62
CA ASN A 803 -31.27 40.85 8.26
C ASN A 803 -30.23 41.79 7.65
N PHE A 804 -29.93 42.87 8.37
CA PHE A 804 -28.81 43.72 8.00
C PHE A 804 -27.54 43.27 8.69
N ILE A 805 -27.66 42.54 9.80
CA ILE A 805 -26.47 42.06 10.49
C ILE A 805 -26.09 40.67 10.02
N LEU A 806 -27.06 39.79 9.83
CA LEU A 806 -26.72 38.42 9.42
C LEU A 806 -26.28 38.34 7.96
N LEU A 807 -26.22 39.46 7.26
CA LEU A 807 -25.42 39.48 6.04
C LEU A 807 -24.21 40.37 6.19
N PHE A 808 -23.81 40.68 7.43
CA PHE A 808 -22.43 41.07 7.66
C PHE A 808 -21.62 39.94 8.27
N ILE A 809 -22.30 38.96 8.85
CA ILE A 809 -21.61 37.71 9.17
C ILE A 809 -21.40 36.90 7.90
N LEU A 810 -22.29 37.05 6.92
CA LEU A 810 -22.08 36.40 5.63
C LEU A 810 -20.97 37.05 4.82
N LEU A 811 -20.61 38.29 5.14
CA LEU A 811 -19.48 38.87 4.42
C LEU A 811 -18.18 38.68 5.20
N SER A 812 -18.26 38.65 6.52
CA SER A 812 -17.02 38.54 7.28
C SER A 812 -16.52 37.12 7.32
N SER A 813 -17.40 36.17 7.06
CA SER A 813 -16.98 34.78 6.97
C SER A 813 -16.52 34.44 5.58
N ALA A 814 -16.81 35.29 4.61
CA ALA A 814 -16.19 35.11 3.31
C ALA A 814 -14.83 35.79 3.27
N ALA A 815 -14.57 36.71 4.19
CA ALA A 815 -13.28 37.37 4.25
C ALA A 815 -12.26 36.53 5.02
N LEU A 816 -12.71 35.68 5.94
CA LEU A 816 -11.78 34.75 6.56
C LEU A 816 -11.38 33.67 5.59
N ALA A 817 -12.24 33.35 4.64
CA ALA A 817 -11.99 32.21 3.80
C ALA A 817 -11.30 32.61 2.52
N ALA A 818 -11.11 33.89 2.30
CA ALA A 818 -10.50 34.34 1.05
C ALA A 818 -9.06 34.71 1.28
N GLU A 819 -8.57 34.45 2.47
CA GLU A 819 -7.23 34.87 2.84
C GLU A 819 -6.22 33.95 2.18
N ASP A 820 -5.07 34.47 1.91
CA ASP A 820 -3.99 33.74 1.27
C ASP A 820 -3.01 33.29 2.31
N PRO A 821 -2.70 32.00 2.42
CA PRO A 821 -1.86 31.55 3.54
C PRO A 821 -0.39 31.82 3.37
N ILE A 822 0.17 31.64 2.17
CA ILE A 822 1.62 31.60 2.01
C ILE A 822 2.20 33.00 1.92
N ARG A 823 1.56 33.90 1.19
CA ARG A 823 2.13 35.21 0.89
C ARG A 823 1.40 36.26 1.70
N ALA A 824 2.06 36.85 2.69
CA ALA A 824 1.38 37.87 3.47
C ALA A 824 1.54 39.25 2.84
N GLU A 825 2.38 39.34 1.82
CA GLU A 825 2.67 40.58 1.13
C GLU A 825 1.86 40.74 -0.14
N SER A 826 0.80 39.96 -0.29
CA SER A 826 0.01 40.03 -1.50
C SER A 826 -0.87 41.26 -1.46
N VAL A 827 -1.27 41.71 -2.64
CA VAL A 827 -2.28 42.76 -2.72
C VAL A 827 -3.63 42.21 -2.29
N ARG A 828 -3.85 40.90 -2.47
CA ARG A 828 -5.09 40.29 -2.01
C ARG A 828 -5.15 40.31 -0.50
N ASN A 829 -4.06 39.96 0.16
CA ASN A 829 -4.06 39.86 1.60
C ASN A 829 -4.08 41.24 2.24
N GLN A 830 -3.63 42.27 1.51
CA GLN A 830 -3.76 43.65 1.98
C GLN A 830 -5.19 44.13 1.84
N ILE A 831 -5.81 43.87 0.69
CA ILE A 831 -7.09 44.49 0.37
C ILE A 831 -8.22 43.72 1.01
N LEU A 832 -7.94 42.54 1.56
CA LEU A 832 -8.88 41.87 2.44
C LEU A 832 -8.72 42.38 3.86
N GLY A 833 -7.58 42.99 4.16
CA GLY A 833 -7.36 43.54 5.49
C GLY A 833 -8.12 44.83 5.73
N TYR A 834 -8.51 45.50 4.64
CA TYR A 834 -9.36 46.68 4.81
C TYR A 834 -10.80 46.26 5.01
N PHE A 835 -11.18 45.10 4.48
CA PHE A 835 -12.47 44.51 4.77
C PHE A 835 -12.54 43.98 6.19
N ASP A 836 -11.39 43.72 6.80
CA ASP A 836 -11.36 43.46 8.23
C ASP A 836 -11.76 44.70 9.00
N ILE A 837 -11.24 45.86 8.61
CA ILE A 837 -11.43 47.03 9.45
C ILE A 837 -12.79 47.66 9.16
N ALA A 838 -13.44 47.21 8.08
CA ALA A 838 -14.80 47.67 7.82
C ALA A 838 -15.78 47.06 8.81
N PHE A 839 -15.81 45.73 8.91
CA PHE A 839 -16.92 45.09 9.60
C PHE A 839 -16.75 45.14 11.11
N THR A 840 -15.53 44.99 11.61
CA THR A 840 -15.37 44.96 13.06
C THR A 840 -15.42 46.35 13.69
N SER A 841 -15.72 47.37 12.89
CA SER A 841 -16.32 48.60 13.40
C SER A 841 -17.82 48.43 13.62
N VAL A 842 -18.48 47.65 12.76
CA VAL A 842 -19.94 47.59 12.76
C VAL A 842 -20.43 46.66 13.86
N PHE A 843 -19.69 45.60 14.14
CA PHE A 843 -20.10 44.73 15.24
C PHE A 843 -19.79 45.38 16.58
N THR A 844 -18.82 46.30 16.61
CA THR A 844 -18.66 47.18 17.76
C THR A 844 -19.90 48.03 18.00
N VAL A 845 -20.40 48.64 16.92
CA VAL A 845 -21.63 49.45 16.96
C VAL A 845 -22.80 48.61 17.47
N GLU A 846 -22.85 47.35 17.07
CA GLU A 846 -23.81 46.40 17.62
C GLU A 846 -23.58 46.14 19.10
N ILE A 847 -22.30 46.12 19.55
CA ILE A 847 -21.99 45.84 20.94
C ILE A 847 -22.37 46.99 21.87
N VAL A 848 -21.96 48.23 21.55
CA VAL A 848 -22.17 49.34 22.48
C VAL A 848 -23.65 49.70 22.56
N LEU A 849 -24.35 49.59 21.44
CA LEU A 849 -25.78 49.84 21.40
C LEU A 849 -26.54 48.81 22.23
N LYS A 850 -26.01 47.59 22.31
CA LYS A 850 -26.61 46.52 23.10
C LYS A 850 -26.49 46.76 24.60
N MET A 851 -25.41 47.39 25.05
CA MET A 851 -25.28 47.79 26.44
C MET A 851 -25.79 49.20 26.71
N THR A 852 -26.50 49.80 25.74
CA THR A 852 -27.35 50.94 26.06
C THR A 852 -28.70 50.50 26.62
N THR A 853 -29.33 49.48 26.04
CA THR A 853 -30.56 49.00 26.68
C THR A 853 -30.26 48.10 27.87
N TYR A 854 -29.70 46.93 27.63
CA TYR A 854 -29.55 45.96 28.69
C TYR A 854 -28.35 46.34 29.56
N GLY A 855 -28.26 45.71 30.73
CA GLY A 855 -27.22 46.01 31.68
C GLY A 855 -25.87 45.40 31.34
N TYR A 867 -25.14 33.53 28.79
CA TYR A 867 -23.70 33.34 28.67
C TYR A 867 -23.21 33.73 27.28
N PHE A 868 -24.13 33.69 26.32
CA PHE A 868 -23.75 33.75 24.91
C PHE A 868 -23.30 35.14 24.47
N ASN A 869 -23.36 36.13 25.36
CA ASN A 869 -22.95 37.49 25.05
C ASN A 869 -21.57 37.83 25.57
N ILE A 870 -20.92 36.89 26.26
CA ILE A 870 -19.50 37.02 26.51
C ILE A 870 -18.72 36.60 25.26
N LEU A 871 -19.39 35.89 24.35
CA LEU A 871 -18.82 35.58 23.04
C LEU A 871 -18.97 36.76 22.08
N ASP A 872 -19.96 37.61 22.28
CA ASP A 872 -20.10 38.75 21.38
C ASP A 872 -19.11 39.85 21.76
N LEU A 873 -18.68 39.88 23.02
CA LEU A 873 -17.66 40.83 23.42
C LEU A 873 -16.29 40.41 22.88
N LEU A 874 -16.03 39.12 22.80
CA LEU A 874 -14.66 38.66 22.62
C LEU A 874 -14.19 38.84 21.19
N VAL A 875 -15.04 38.48 20.22
CA VAL A 875 -14.78 38.54 18.78
C VAL A 875 -14.36 39.93 18.35
N VAL A 876 -15.08 40.94 18.84
CA VAL A 876 -14.87 42.33 18.44
C VAL A 876 -13.52 42.85 18.95
N ALA A 877 -13.14 42.46 20.17
CA ALA A 877 -11.86 42.90 20.73
C ALA A 877 -10.69 42.30 19.97
N VAL A 878 -10.82 41.03 19.56
CA VAL A 878 -9.75 40.28 18.88
C VAL A 878 -9.29 40.92 17.58
N SER A 879 -10.21 41.46 16.78
CA SER A 879 -9.84 42.10 15.52
C SER A 879 -9.07 43.38 15.74
N LEU A 880 -9.60 44.26 16.60
CA LEU A 880 -8.96 45.54 16.92
C LEU A 880 -7.59 45.33 17.56
N ILE A 881 -7.45 44.31 18.40
CA ILE A 881 -6.13 43.89 18.85
C ILE A 881 -5.27 43.38 17.71
N SER A 882 -5.82 42.56 16.81
CA SER A 882 -5.00 41.97 15.76
C SER A 882 -4.70 42.92 14.61
N MET A 883 -5.25 44.14 14.64
CA MET A 883 -4.91 45.14 13.62
C MET A 883 -3.88 46.13 14.15
N VAL A 892 1.04 37.23 21.73
CA VAL A 892 1.23 36.47 20.49
C VAL A 892 0.10 36.72 19.50
N VAL A 893 0.41 37.46 18.45
CA VAL A 893 -0.57 37.79 17.42
C VAL A 893 -1.06 36.54 16.68
N LYS A 894 -0.14 35.63 16.40
CA LYS A 894 -0.45 34.39 15.68
C LYS A 894 -1.56 33.58 16.30
N ILE A 895 -1.49 33.41 17.62
CA ILE A 895 -2.49 32.62 18.34
C ILE A 895 -3.87 33.25 18.23
N LEU A 896 -3.92 34.58 18.28
CA LEU A 896 -5.17 35.32 18.22
C LEU A 896 -5.90 35.11 16.90
N ARG A 897 -5.14 35.02 15.82
CA ARG A 897 -5.73 34.96 14.49
C ARG A 897 -6.63 33.73 14.33
N VAL A 898 -6.20 32.60 14.88
CA VAL A 898 -7.03 31.40 14.84
C VAL A 898 -8.31 31.69 15.61
N LEU A 899 -8.18 32.42 16.71
CA LEU A 899 -9.34 32.78 17.54
C LEU A 899 -10.14 33.90 16.90
N ARG A 900 -9.99 34.06 15.59
CA ARG A 900 -10.70 35.10 14.85
C ARG A 900 -11.71 34.50 13.89
N VAL A 901 -11.69 33.18 13.79
CA VAL A 901 -12.58 32.40 12.92
C VAL A 901 -13.86 31.96 13.61
N LEU A 902 -14.01 32.33 14.89
CA LEU A 902 -15.18 31.93 15.68
C LEU A 902 -16.30 32.96 15.56
N ARG A 903 -16.14 33.90 14.64
CA ARG A 903 -17.14 34.93 14.38
C ARG A 903 -18.41 34.24 13.86
N PRO A 904 -18.23 33.26 12.99
CA PRO A 904 -19.35 32.52 12.38
C PRO A 904 -20.21 31.81 13.41
N LEU A 905 -19.57 31.29 14.45
CA LEU A 905 -20.26 30.57 15.52
C LEU A 905 -21.29 31.45 16.23
N ARG A 906 -20.95 32.73 16.39
CA ARG A 906 -21.84 33.68 17.06
C ARG A 906 -23.16 33.83 16.30
N ALA A 907 -23.13 33.53 15.00
CA ALA A 907 -24.30 33.62 14.14
C ALA A 907 -25.40 32.68 14.62
N ILE A 908 -25.02 31.65 15.35
CA ILE A 908 -25.99 30.67 15.86
C ILE A 908 -27.06 31.26 16.78
N ASN A 909 -26.66 32.19 17.66
CA ASN A 909 -27.63 32.81 18.57
C ASN A 909 -28.66 33.56 17.72
N ARG A 910 -28.16 34.23 16.70
CA ARG A 910 -28.96 34.96 15.73
C ARG A 910 -30.15 34.13 15.28
N ALA A 911 -29.92 32.84 15.08
CA ALA A 911 -31.01 31.98 14.65
C ALA A 911 -31.46 31.11 15.82
N LYS A 912 -32.73 31.24 16.16
CA LYS A 912 -33.33 30.47 17.25
C LYS A 912 -33.36 28.98 16.97
N GLY A 913 -33.41 28.58 15.69
CA GLY A 913 -33.10 27.21 15.35
C GLY A 913 -31.70 26.81 15.72
N LEU A 914 -30.71 27.63 15.36
CA LEU A 914 -29.33 27.31 15.68
C LEU A 914 -29.04 27.41 17.18
N LYS A 915 -29.84 28.18 17.92
CA LYS A 915 -29.78 28.11 19.38
C LYS A 915 -30.22 26.75 19.88
N HIS A 916 -31.29 26.20 19.33
CA HIS A 916 -31.93 25.03 19.92
C HIS A 916 -31.19 23.74 19.62
N VAL A 917 -30.34 23.74 18.59
CA VAL A 917 -29.69 22.51 18.12
C VAL A 917 -28.33 22.31 18.79
N VAL A 918 -27.62 23.40 19.10
CA VAL A 918 -26.44 23.30 19.94
C VAL A 918 -26.83 22.86 21.36
N GLN A 919 -28.08 23.11 21.74
CA GLN A 919 -28.54 22.66 23.04
C GLN A 919 -28.69 21.12 23.00
N CYS A 920 -29.27 20.62 21.91
CA CYS A 920 -29.51 19.19 21.71
C CYS A 920 -28.21 18.40 21.59
N VAL A 921 -27.22 18.98 20.93
CA VAL A 921 -25.92 18.33 20.76
C VAL A 921 -25.22 18.23 22.11
N PHE A 922 -25.39 19.26 22.95
CA PHE A 922 -24.82 19.28 24.30
C PHE A 922 -25.53 18.24 25.16
N VAL A 923 -26.83 18.04 24.91
CA VAL A 923 -27.58 17.02 25.63
C VAL A 923 -27.09 15.63 25.23
N ALA A 924 -26.71 15.45 23.97
CA ALA A 924 -26.24 14.14 23.50
C ALA A 924 -24.89 13.69 24.09
N ILE A 925 -24.33 14.55 24.93
CA ILE A 925 -23.06 14.37 25.60
C ILE A 925 -23.34 14.02 27.08
N ARG A 926 -24.57 14.23 27.53
CA ARG A 926 -24.91 13.85 28.92
C ARG A 926 -24.97 12.32 29.31
N THR A 927 -25.84 11.57 28.63
CA THR A 927 -26.17 10.17 28.76
C THR A 927 -25.06 9.31 28.20
N ILE A 928 -24.28 9.85 27.27
CA ILE A 928 -23.28 9.09 26.54
C ILE A 928 -22.05 8.81 27.38
N GLY A 929 -21.59 9.79 28.17
CA GLY A 929 -20.22 9.76 28.65
C GLY A 929 -19.90 8.68 29.69
N ASN A 930 -20.69 7.60 29.71
CA ASN A 930 -20.25 6.35 30.31
C ASN A 930 -19.78 5.37 29.26
N ILE A 931 -20.33 5.45 28.05
CA ILE A 931 -19.80 4.63 26.96
C ILE A 931 -18.45 5.16 26.55
N VAL A 932 -18.31 6.48 26.55
CA VAL A 932 -17.06 7.12 26.17
C VAL A 932 -15.99 6.86 27.23
N LEU A 933 -16.41 6.61 28.45
CA LEU A 933 -15.50 6.34 29.55
C LEU A 933 -15.08 4.87 29.57
N VAL A 934 -16.03 3.99 29.31
CA VAL A 934 -15.77 2.55 29.29
C VAL A 934 -14.81 2.19 28.17
N THR A 935 -14.97 2.85 27.02
CA THR A 935 -14.12 2.59 25.86
C THR A 935 -12.72 3.13 26.09
N THR A 936 -12.62 4.23 26.83
CA THR A 936 -11.33 4.84 27.12
C THR A 936 -10.52 3.97 28.08
N LEU A 937 -11.22 3.28 28.97
CA LEU A 937 -10.56 2.41 29.94
C LEU A 937 -10.09 1.12 29.28
N LEU A 938 -10.76 0.74 28.20
CA LEU A 938 -10.41 -0.48 27.46
C LEU A 938 -9.33 -0.19 26.43
N GLN A 939 -9.30 1.04 25.94
CA GLN A 939 -8.32 1.43 24.94
C GLN A 939 -7.01 1.48 25.73
N PHE A 940 -7.11 1.60 27.06
CA PHE A 940 -5.94 1.63 27.92
C PHE A 940 -5.50 0.22 28.28
N MET A 941 -6.39 -0.75 28.20
CA MET A 941 -5.97 -2.10 28.50
C MET A 941 -5.28 -2.73 27.30
N PHE A 942 -5.77 -2.46 26.09
CA PHE A 942 -5.12 -3.00 24.91
C PHE A 942 -3.83 -2.27 24.60
N ALA A 943 -3.73 -1.00 24.96
CA ALA A 943 -2.51 -0.26 24.76
C ALA A 943 -1.45 -0.65 25.76
N CYS A 944 -1.83 -1.27 26.86
CA CYS A 944 -0.84 -1.73 27.82
C CYS A 944 -0.46 -3.18 27.57
N ILE A 945 -1.29 -3.92 26.85
CA ILE A 945 -0.85 -5.21 26.36
C ILE A 945 0.05 -5.02 25.17
N GLY A 946 -0.25 -4.04 24.34
CA GLY A 946 0.53 -3.83 23.15
C GLY A 946 1.88 -3.23 23.45
N VAL A 947 2.01 -2.56 24.58
CA VAL A 947 3.34 -2.10 24.97
C VAL A 947 4.16 -3.28 25.43
N GLN A 948 3.54 -4.24 26.10
CA GLN A 948 4.33 -5.33 26.63
C GLN A 948 4.69 -6.35 25.56
N LEU A 949 4.17 -6.17 24.35
CA LEU A 949 4.41 -7.10 23.28
C LEU A 949 5.30 -6.51 22.21
N PHE A 950 5.26 -5.20 21.98
CA PHE A 950 5.86 -4.62 20.80
C PHE A 950 6.74 -3.47 21.14
N LYS A 951 7.29 -3.44 22.33
CA LYS A 951 8.13 -2.33 22.76
C LYS A 951 9.57 -2.56 22.33
N GLY A 952 10.16 -1.56 21.71
CA GLY A 952 11.48 -1.67 21.20
C GLY A 952 11.57 -2.28 19.84
N LYS A 953 10.49 -2.83 19.36
CA LYS A 953 10.56 -3.73 18.23
C LYS A 953 10.13 -3.12 16.90
N PHE A 954 9.79 -1.85 16.79
CA PHE A 954 9.40 -1.35 15.49
C PHE A 954 10.51 -0.60 14.79
N PHE A 955 11.75 -0.95 15.06
CA PHE A 955 12.84 -0.31 14.37
C PHE A 955 13.19 -1.13 13.14
N SER A 956 13.69 -0.48 12.11
CA SER A 956 14.10 -1.20 10.93
C SER A 956 15.31 -0.49 10.37
N CYS A 957 16.05 -1.17 9.53
CA CYS A 957 17.08 -0.46 8.80
C CYS A 957 16.51 -0.08 7.46
N ASN A 958 17.28 0.69 6.78
CA ASN A 958 16.91 1.15 5.46
C ASN A 958 16.99 -0.02 4.50
N ASP A 959 18.12 -0.71 4.47
CA ASP A 959 18.12 -2.02 3.85
C ASP A 959 17.93 -3.11 4.87
N LEU A 960 17.17 -4.09 4.50
CA LEU A 960 16.71 -5.06 5.45
C LEU A 960 17.71 -6.17 5.66
N SER A 961 18.97 -5.97 5.27
CA SER A 961 19.99 -6.95 5.62
C SER A 961 20.68 -6.60 6.91
N LYS A 962 20.76 -5.32 7.22
CA LYS A 962 21.56 -4.89 8.36
C LYS A 962 20.63 -4.87 9.56
N MET A 963 20.85 -5.77 10.51
CA MET A 963 19.81 -6.06 11.48
C MET A 963 19.81 -5.20 12.71
N THR A 964 20.77 -4.34 12.90
CA THR A 964 20.70 -3.45 14.03
C THR A 964 21.33 -2.11 13.71
N GLU A 965 21.40 -1.23 14.71
CA GLU A 965 21.76 0.14 14.44
C GLU A 965 23.25 0.28 14.23
N GLU A 966 24.02 -0.59 14.84
CA GLU A 966 25.46 -0.48 14.73
C GLU A 966 25.92 -0.88 13.36
N GLU A 967 25.16 -1.75 12.72
CA GLU A 967 25.41 -2.15 11.34
C GLU A 967 24.85 -1.17 10.35
N CYS A 968 23.65 -0.66 10.60
CA CYS A 968 22.96 0.19 9.64
C CYS A 968 23.58 1.59 9.63
N ARG A 969 24.80 1.66 9.09
CA ARG A 969 25.56 2.88 8.85
C ARG A 969 26.30 2.77 7.52
N GLY A 970 26.41 3.84 6.77
CA GLY A 970 27.03 3.75 5.45
C GLY A 970 26.11 4.04 4.28
N TYR A 971 26.43 3.45 3.12
CA TYR A 971 25.61 3.52 1.91
C TYR A 971 25.24 2.12 1.46
N TYR A 972 24.16 1.99 0.73
CA TYR A 972 23.75 0.71 0.20
C TYR A 972 23.20 0.97 -1.19
N TYR A 973 23.07 -0.06 -2.02
CA TYR A 973 22.57 0.18 -3.37
C TYR A 973 21.11 -0.18 -3.48
N VAL A 974 20.32 0.71 -4.02
CA VAL A 974 18.95 0.38 -4.37
C VAL A 974 18.97 0.01 -5.83
N TYR A 975 17.96 -0.69 -6.28
CA TYR A 975 17.88 -1.24 -7.62
C TYR A 975 16.51 -0.88 -8.15
N LYS A 976 16.46 -0.33 -9.35
CA LYS A 976 15.23 0.27 -9.83
C LYS A 976 14.48 -0.64 -10.76
N ASP A 977 13.22 -0.91 -10.42
CA ASP A 977 12.33 -1.87 -11.07
C ASP A 977 12.92 -3.26 -11.07
N GLY A 978 13.68 -3.62 -10.04
CA GLY A 978 14.22 -4.96 -9.93
C GLY A 978 15.25 -5.32 -10.97
N ASP A 979 15.91 -4.35 -11.53
CA ASP A 979 16.88 -4.59 -12.55
C ASP A 979 18.25 -4.53 -11.95
N PRO A 980 19.02 -5.61 -11.95
CA PRO A 980 20.28 -5.59 -11.23
C PRO A 980 21.39 -4.83 -11.93
N THR A 981 21.14 -4.28 -13.11
CA THR A 981 22.19 -3.58 -13.82
C THR A 981 22.07 -2.08 -13.62
N GLN A 982 21.02 -1.63 -12.93
CA GLN A 982 20.70 -0.23 -12.82
C GLN A 982 20.50 0.13 -11.36
N MET A 983 21.52 0.70 -10.73
CA MET A 983 21.49 0.93 -9.30
C MET A 983 21.87 2.35 -8.93
N GLU A 984 21.42 2.75 -7.74
CA GLU A 984 21.77 4.04 -7.18
C GLU A 984 22.16 3.88 -5.73
N LEU A 985 23.20 4.60 -5.30
CA LEU A 985 23.54 4.67 -3.89
C LEU A 985 22.58 5.54 -3.13
N ARG A 986 22.24 5.08 -1.92
CA ARG A 986 21.39 5.80 -0.99
C ARG A 986 21.98 5.60 0.40
N PRO A 987 21.97 6.71 1.24
CA PRO A 987 22.53 6.44 2.58
C PRO A 987 21.58 5.58 3.40
N ARG A 988 22.09 4.76 4.31
CA ARG A 988 21.20 3.93 5.11
C ARG A 988 21.07 4.43 6.54
N GLN A 989 19.83 4.52 6.99
CA GLN A 989 19.51 5.02 8.32
C GLN A 989 18.59 4.09 9.08
N TRP A 990 18.69 4.15 10.41
CA TRP A 990 17.89 3.34 11.32
C TRP A 990 16.56 4.03 11.55
N ILE A 991 15.61 3.81 10.64
CA ILE A 991 14.29 4.41 10.73
C ILE A 991 13.43 3.81 11.83
N HIS A 992 12.52 4.61 12.35
CA HIS A 992 11.63 4.19 13.42
C HIS A 992 10.25 4.47 12.96
N ASN A 993 9.34 3.55 13.23
CA ASN A 993 8.04 3.59 12.64
C ASN A 993 7.28 4.78 13.17
N ASP A 994 6.30 5.24 12.41
CA ASP A 994 5.63 6.46 12.80
C ASP A 994 4.56 6.19 13.82
N PHE A 995 4.10 4.94 13.89
CA PHE A 995 3.14 4.52 14.89
C PHE A 995 3.67 3.27 15.55
N HIS A 996 3.92 3.37 16.84
CA HIS A 996 4.71 2.38 17.53
C HIS A 996 4.14 2.21 18.92
N PHE A 997 4.69 1.27 19.65
CA PHE A 997 4.17 0.91 20.96
C PHE A 997 5.30 1.04 21.93
N ASP A 998 5.61 2.24 22.33
CA ASP A 998 6.94 2.41 22.87
C ASP A 998 6.81 3.02 24.24
N ASN A 999 5.80 3.86 24.44
CA ASN A 999 5.24 4.15 25.76
C ASN A 999 3.76 4.00 25.59
N VAL A 1000 2.97 4.05 26.66
CA VAL A 1000 1.53 3.80 26.62
C VAL A 1000 0.81 4.86 25.80
N LEU A 1001 1.22 6.11 25.90
CA LEU A 1001 0.52 7.15 25.14
C LEU A 1001 0.68 6.85 23.66
N SER A 1002 1.88 6.42 23.29
CA SER A 1002 2.18 6.07 21.91
C SER A 1002 1.34 4.88 21.44
N ALA A 1003 1.18 3.88 22.30
CA ALA A 1003 0.41 2.68 21.98
C ALA A 1003 -1.05 2.98 21.68
N MET A 1004 -1.59 3.90 22.48
CA MET A 1004 -2.97 4.36 22.35
C MET A 1004 -3.25 5.07 21.04
N MET A 1005 -2.31 5.87 20.57
CA MET A 1005 -2.50 6.57 19.32
C MET A 1005 -2.63 5.54 18.19
N SER A 1006 -1.79 4.52 18.25
CA SER A 1006 -1.80 3.47 17.26
C SER A 1006 -3.13 2.73 17.30
N LEU A 1007 -3.62 2.47 18.49
CA LEU A 1007 -4.89 1.77 18.63
C LEU A 1007 -6.01 2.63 18.05
N PHE A 1008 -5.95 3.94 18.29
CA PHE A 1008 -6.97 4.82 17.78
C PHE A 1008 -6.95 4.78 16.26
N THR A 1009 -5.77 4.80 15.66
CA THR A 1009 -5.69 4.77 14.21
C THR A 1009 -6.29 3.46 13.71
N VAL A 1010 -6.01 2.37 14.41
CA VAL A 1010 -6.55 1.06 14.03
C VAL A 1010 -8.08 1.00 14.10
N SER A 1011 -8.70 1.65 15.09
CA SER A 1011 -10.16 1.62 15.20
C SER A 1011 -10.83 2.24 13.96
N THR A 1012 -10.24 3.31 13.44
CA THR A 1012 -10.68 4.00 12.26
C THR A 1012 -10.48 3.19 11.00
N PHE A 1013 -9.83 2.04 11.12
CA PHE A 1013 -9.48 1.10 10.05
C PHE A 1013 -8.54 1.63 9.02
N GLU A 1014 -7.81 2.68 9.27
CA GLU A 1014 -6.93 3.21 8.26
C GLU A 1014 -5.53 2.86 8.66
N GLY A 1015 -4.86 2.07 7.84
CA GLY A 1015 -3.49 1.66 8.10
C GLY A 1015 -3.32 0.52 9.06
N TRP A 1016 -4.43 -0.09 9.48
CA TRP A 1016 -4.36 -1.22 10.41
C TRP A 1016 -3.60 -2.37 9.75
N PRO A 1017 -3.75 -2.57 8.45
CA PRO A 1017 -3.04 -3.67 7.80
C PRO A 1017 -1.52 -3.50 7.92
N GLN A 1018 -1.03 -2.28 7.73
CA GLN A 1018 0.39 -2.01 7.83
C GLN A 1018 0.90 -2.30 9.24
N LEU A 1019 0.15 -1.85 10.23
CA LEU A 1019 0.53 -2.08 11.61
C LEU A 1019 0.55 -3.56 11.91
N LEU A 1020 -0.43 -4.29 11.38
CA LEU A 1020 -0.50 -5.71 11.62
C LEU A 1020 0.72 -6.39 11.05
N TYR A 1021 1.11 -6.02 9.83
CA TYR A 1021 2.29 -6.65 9.24
C TYR A 1021 3.56 -6.30 9.99
N ARG A 1022 3.64 -5.07 10.46
CA ARG A 1022 4.79 -4.62 11.21
C ARG A 1022 4.90 -5.45 12.49
N ALA A 1023 3.75 -5.74 13.11
CA ALA A 1023 3.69 -6.53 14.33
C ALA A 1023 4.13 -7.98 14.14
N ILE A 1024 3.75 -8.57 13.02
CA ILE A 1024 4.09 -9.95 12.71
C ILE A 1024 5.59 -10.15 12.50
N ASP A 1025 6.22 -9.21 11.82
CA ASP A 1025 7.64 -9.25 11.56
C ASP A 1025 8.51 -8.87 12.73
N SER A 1026 7.99 -8.62 13.91
CA SER A 1026 8.80 -8.00 14.92
C SER A 1026 9.67 -9.02 15.60
N ASN A 1027 10.93 -8.68 15.76
CA ASN A 1027 11.94 -9.65 16.14
C ASN A 1027 12.25 -9.67 17.61
N GLU A 1028 12.99 -8.67 18.06
CA GLU A 1028 13.57 -8.67 19.40
C GLU A 1028 13.64 -7.25 19.86
N GLU A 1029 14.19 -7.06 21.04
CA GLU A 1029 14.02 -5.83 21.79
C GLU A 1029 14.62 -4.65 21.07
N ASP A 1030 15.80 -4.80 20.51
CA ASP A 1030 16.23 -3.71 19.67
C ASP A 1030 16.96 -4.23 18.44
N MET A 1031 16.20 -4.78 17.50
CA MET A 1031 16.76 -5.37 16.32
C MET A 1031 15.82 -5.04 15.18
N GLY A 1032 16.15 -5.51 14.01
CA GLY A 1032 15.36 -5.27 12.84
C GLY A 1032 14.46 -6.45 12.56
N PRO A 1033 13.56 -6.31 11.61
CA PRO A 1033 12.49 -7.29 11.44
C PRO A 1033 12.87 -8.58 10.73
N VAL A 1034 12.08 -9.62 10.96
CA VAL A 1034 12.24 -10.95 10.37
C VAL A 1034 10.95 -11.24 9.66
N TYR A 1035 11.01 -11.72 8.44
CA TYR A 1035 9.80 -11.94 7.67
C TYR A 1035 9.01 -13.12 8.22
N ASN A 1036 7.78 -12.84 8.63
CA ASN A 1036 6.86 -13.81 9.24
C ASN A 1036 7.42 -14.45 10.48
N ASN A 1037 7.95 -13.64 11.38
CA ASN A 1037 8.50 -14.16 12.62
C ASN A 1037 7.44 -14.70 13.59
N ARG A 1038 6.37 -13.92 13.78
CA ARG A 1038 5.28 -14.27 14.69
C ARG A 1038 3.92 -13.97 14.07
N VAL A 1039 3.47 -14.84 13.19
CA VAL A 1039 2.20 -14.64 12.50
C VAL A 1039 1.03 -14.66 13.47
N GLU A 1040 1.24 -15.22 14.64
CA GLU A 1040 0.17 -15.34 15.62
C GLU A 1040 -0.05 -14.11 16.45
N MET A 1041 0.57 -13.00 16.10
CA MET A 1041 0.22 -11.72 16.67
C MET A 1041 -0.77 -10.99 15.84
N ALA A 1042 -1.49 -11.70 14.99
CA ALA A 1042 -2.67 -11.17 14.39
C ALA A 1042 -3.84 -11.26 15.33
N ILE A 1043 -3.75 -12.15 16.30
CA ILE A 1043 -4.84 -12.37 17.23
C ILE A 1043 -5.14 -11.14 18.06
N PHE A 1044 -4.10 -10.44 18.49
CA PHE A 1044 -4.32 -9.26 19.29
C PHE A 1044 -5.08 -8.20 18.48
N PHE A 1045 -4.62 -7.93 17.26
CA PHE A 1045 -5.25 -6.93 16.43
C PHE A 1045 -6.69 -7.26 16.09
N ILE A 1046 -6.90 -8.50 15.70
CA ILE A 1046 -8.24 -8.94 15.34
C ILE A 1046 -9.17 -8.87 16.54
N ILE A 1047 -8.67 -9.30 17.70
CA ILE A 1047 -9.52 -9.25 18.87
C ILE A 1047 -9.88 -7.81 19.19
N TYR A 1048 -8.91 -6.92 19.08
CA TYR A 1048 -9.18 -5.53 19.39
C TYR A 1048 -10.23 -5.01 18.44
N ILE A 1049 -10.10 -5.34 17.16
CA ILE A 1049 -11.08 -4.85 16.19
C ILE A 1049 -12.47 -5.37 16.50
N ILE A 1050 -12.60 -6.64 16.86
CA ILE A 1050 -13.93 -7.15 17.16
C ILE A 1050 -14.48 -6.46 18.41
N LEU A 1051 -13.63 -6.31 19.42
CA LEU A 1051 -14.00 -5.65 20.67
C LEU A 1051 -14.29 -4.17 20.58
N ILE A 1052 -13.47 -3.40 19.87
CA ILE A 1052 -13.76 -1.98 19.80
C ILE A 1052 -14.57 -1.66 18.57
N ALA A 1053 -13.99 -1.87 17.40
CA ALA A 1053 -14.56 -1.29 16.19
C ALA A 1053 -15.84 -1.98 15.76
N PHE A 1054 -16.05 -3.20 16.18
CA PHE A 1054 -17.29 -3.83 15.82
C PHE A 1054 -18.25 -3.72 16.98
N PHE A 1055 -17.86 -4.17 18.16
CA PHE A 1055 -18.84 -4.42 19.20
C PHE A 1055 -19.13 -3.23 20.07
N MET A 1056 -18.15 -2.40 20.39
CA MET A 1056 -18.36 -1.34 21.35
C MET A 1056 -18.78 -0.04 20.70
N MET A 1057 -18.47 0.14 19.43
CA MET A 1057 -19.01 1.26 18.70
C MET A 1057 -20.41 1.02 18.25
N ASN A 1058 -20.92 -0.20 18.42
CA ASN A 1058 -22.21 -0.50 17.86
C ASN A 1058 -23.25 -0.56 18.94
N ILE A 1059 -22.83 -0.64 20.19
CA ILE A 1059 -23.67 -0.24 21.31
C ILE A 1059 -23.56 1.24 21.59
N PHE A 1060 -22.94 1.99 20.70
CA PHE A 1060 -22.91 3.43 20.81
C PHE A 1060 -23.84 4.08 19.82
N VAL A 1061 -23.99 3.49 18.64
CA VAL A 1061 -25.06 3.86 17.72
C VAL A 1061 -26.36 3.30 18.21
N GLY A 1062 -26.30 2.11 18.81
CA GLY A 1062 -27.50 1.50 19.34
C GLY A 1062 -27.94 2.13 20.64
N PHE A 1063 -27.14 3.06 21.16
CA PHE A 1063 -27.49 3.75 22.38
C PHE A 1063 -28.16 5.07 22.11
N VAL A 1064 -27.61 5.83 21.15
CA VAL A 1064 -28.17 7.11 20.76
C VAL A 1064 -29.57 6.91 20.19
N ILE A 1065 -29.78 5.78 19.52
CA ILE A 1065 -31.11 5.43 19.03
C ILE A 1065 -32.10 5.28 20.17
N VAL A 1066 -31.75 4.44 21.16
CA VAL A 1066 -32.75 4.04 22.14
C VAL A 1066 -32.99 5.16 23.13
N THR A 1067 -32.02 6.05 23.30
CA THR A 1067 -32.32 7.25 24.07
C THR A 1067 -32.94 8.34 23.20
N PHE A 1068 -33.15 8.08 21.91
CA PHE A 1068 -33.98 8.99 21.11
C PHE A 1068 -35.33 8.38 20.77
N GLN A 1069 -35.47 7.05 20.90
CA GLN A 1069 -36.82 6.49 20.82
C GLN A 1069 -37.64 6.99 21.99
N GLU A 1070 -37.02 7.13 23.13
CA GLU A 1070 -37.75 7.56 24.30
C GLU A 1070 -37.94 9.07 24.33
N GLN A 1071 -37.09 9.83 23.66
CA GLN A 1071 -37.39 11.23 23.37
C GLN A 1071 -38.71 11.40 22.59
N GLY A 1072 -39.07 10.41 21.77
CA GLY A 1072 -40.40 10.28 21.22
C GLY A 1072 -41.27 9.24 21.89
N GLU A 1073 -40.99 8.88 23.15
CA GLU A 1073 -41.82 8.01 23.97
C GLU A 1073 -42.00 8.46 25.40
N THR A 1074 -41.17 9.39 25.90
CA THR A 1074 -41.38 9.91 27.26
C THR A 1074 -42.57 10.87 27.27
N GLU A 1075 -42.93 11.39 26.11
CA GLU A 1075 -44.23 12.02 25.86
C GLU A 1075 -45.30 10.93 25.71
N TYR A 1076 -46.22 10.84 26.67
CA TYR A 1076 -47.09 9.68 26.85
C TYR A 1076 -48.52 10.06 26.49
N LYS A 1077 -49.09 9.38 25.49
CA LYS A 1077 -50.34 9.77 24.83
C LYS A 1077 -51.55 8.91 25.21
N ASN A 1078 -51.78 8.57 26.49
CA ASN A 1078 -52.80 7.59 26.83
C ASN A 1078 -54.24 8.10 26.68
N CYS A 1079 -54.65 8.36 25.45
CA CYS A 1079 -56.03 8.67 25.12
C CYS A 1079 -56.68 7.45 24.46
N GLU A 1080 -57.94 7.61 24.05
CA GLU A 1080 -58.73 6.47 23.60
C GLU A 1080 -58.29 5.95 22.24
N LEU A 1081 -57.44 6.70 21.55
CA LEU A 1081 -57.01 6.37 20.20
C LEU A 1081 -55.50 6.15 20.18
N ASP A 1082 -55.07 5.05 19.56
CA ASP A 1082 -53.67 4.65 19.65
C ASP A 1082 -52.87 5.20 18.46
N LYS A 1083 -51.70 4.59 18.22
CA LYS A 1083 -50.76 5.00 17.17
C LYS A 1083 -51.39 4.99 15.80
N ASN A 1084 -51.92 3.84 15.36
CA ASN A 1084 -52.55 3.66 14.06
C ASN A 1084 -53.77 4.55 13.83
N GLN A 1085 -54.35 5.13 14.89
CA GLN A 1085 -55.47 6.06 14.74
C GLN A 1085 -55.02 7.48 14.43
N ARG A 1086 -53.95 7.93 15.05
CA ARG A 1086 -53.46 9.27 14.79
C ARG A 1086 -52.94 9.40 13.37
N GLN A 1087 -52.39 8.34 12.81
CA GLN A 1087 -51.82 8.44 11.48
C GLN A 1087 -52.82 8.07 10.40
N CYS A 1088 -54.09 7.93 10.76
CA CYS A 1088 -55.12 7.61 9.79
C CYS A 1088 -56.33 8.53 9.93
N VAL A 1089 -56.65 8.97 11.14
CA VAL A 1089 -57.77 9.88 11.32
C VAL A 1089 -57.36 11.32 11.03
N GLN A 1090 -56.20 11.74 11.54
CA GLN A 1090 -55.67 13.07 11.22
C GLN A 1090 -55.43 13.24 9.73
N TYR A 1091 -55.07 12.14 9.04
CA TYR A 1091 -55.03 12.15 7.59
C TYR A 1091 -56.41 12.29 7.00
N ALA A 1092 -57.42 11.71 7.65
CA ALA A 1092 -58.78 11.81 7.14
C ALA A 1092 -59.37 13.19 7.37
N LEU A 1093 -58.93 13.90 8.40
CA LEU A 1093 -59.30 15.30 8.54
C LEU A 1093 -58.66 16.18 7.49
N LYS A 1094 -57.38 16.00 7.21
CA LYS A 1094 -56.61 16.96 6.44
C LYS A 1094 -56.44 16.57 4.99
N ALA A 1095 -57.10 15.51 4.53
CA ALA A 1095 -57.00 15.03 3.15
C ALA A 1095 -57.50 16.06 2.15
N ARG A 1096 -57.07 15.95 0.90
CA ARG A 1096 -57.47 16.90 -0.11
C ARG A 1096 -57.43 16.20 -1.46
N PRO A 1097 -58.42 16.38 -2.33
CA PRO A 1097 -58.49 15.53 -3.53
C PRO A 1097 -57.48 15.93 -4.60
N LEU A 1098 -57.20 14.96 -5.48
CA LEU A 1098 -56.26 15.13 -6.58
C LEU A 1098 -56.95 15.83 -7.74
N ARG A 1099 -56.30 15.79 -8.89
CA ARG A 1099 -56.89 16.22 -10.16
C ARG A 1099 -56.61 15.14 -11.20
N CYS A 1100 -57.44 15.08 -12.23
CA CYS A 1100 -57.20 14.15 -13.32
C CYS A 1100 -57.29 14.76 -14.71
N TYR A 1101 -58.13 15.78 -14.93
CA TYR A 1101 -58.31 16.50 -16.19
C TYR A 1101 -58.75 15.57 -17.32
N ILE A 1102 -59.88 14.89 -17.14
CA ILE A 1102 -60.47 14.24 -18.31
C ILE A 1102 -61.11 15.31 -19.18
N PRO A 1103 -60.64 15.52 -20.40
CA PRO A 1103 -61.15 16.64 -21.16
C PRO A 1103 -62.35 16.24 -21.98
N LYS A 1104 -62.84 17.17 -22.79
CA LYS A 1104 -63.96 16.94 -23.69
C LYS A 1104 -63.43 17.24 -25.08
N ASN A 1105 -64.36 17.49 -26.03
CA ASN A 1105 -64.07 17.72 -27.45
C ASN A 1105 -63.38 16.47 -27.99
N PRO A 1106 -64.16 15.38 -28.24
CA PRO A 1106 -63.62 14.01 -28.34
C PRO A 1106 -62.47 13.74 -29.31
N TYR A 1107 -62.13 14.71 -30.16
CA TYR A 1107 -60.85 14.67 -30.86
C TYR A 1107 -59.71 14.63 -29.84
N GLN A 1108 -59.82 15.44 -28.80
CA GLN A 1108 -58.81 15.46 -27.76
C GLN A 1108 -58.93 14.25 -26.83
N TYR A 1109 -60.16 13.75 -26.61
CA TYR A 1109 -60.37 12.50 -25.89
C TYR A 1109 -59.78 11.31 -26.63
N GLN A 1110 -59.73 11.38 -27.96
CA GLN A 1110 -59.06 10.36 -28.75
C GLN A 1110 -57.58 10.30 -28.41
N VAL A 1111 -56.94 11.47 -28.37
CA VAL A 1111 -55.52 11.52 -28.02
C VAL A 1111 -55.31 11.25 -26.54
N TRP A 1112 -56.31 11.59 -25.70
CA TRP A 1112 -56.17 11.47 -24.26
C TRP A 1112 -56.05 10.02 -23.81
N TYR A 1113 -56.85 9.13 -24.39
CA TYR A 1113 -56.86 7.76 -23.89
C TYR A 1113 -55.71 6.95 -24.47
N VAL A 1114 -55.24 7.31 -25.67
CA VAL A 1114 -54.06 6.66 -26.22
C VAL A 1114 -52.85 6.89 -25.35
N VAL A 1115 -52.74 8.10 -24.80
CA VAL A 1115 -51.56 8.47 -24.04
C VAL A 1115 -51.61 7.84 -22.64
N THR A 1116 -52.76 7.89 -21.99
CA THR A 1116 -52.82 7.36 -20.63
C THR A 1116 -52.96 5.84 -20.55
N SER A 1117 -52.77 5.12 -21.65
CA SER A 1117 -53.01 3.69 -21.64
C SER A 1117 -51.91 2.95 -20.88
N SER A 1118 -52.10 1.66 -20.68
CA SER A 1118 -51.03 0.82 -20.18
C SER A 1118 -50.03 0.46 -21.26
N TYR A 1119 -50.46 0.29 -22.51
CA TYR A 1119 -49.53 -0.06 -23.55
C TYR A 1119 -48.81 1.14 -24.15
N PHE A 1120 -49.01 2.33 -23.60
CA PHE A 1120 -48.15 3.45 -23.92
C PHE A 1120 -47.04 3.62 -22.88
N GLU A 1121 -47.37 3.50 -21.59
CA GLU A 1121 -46.39 3.33 -20.52
C GLU A 1121 -45.53 2.09 -20.69
N TYR A 1122 -46.01 1.06 -21.39
CA TYR A 1122 -45.18 -0.08 -21.70
C TYR A 1122 -44.32 0.18 -22.93
N LEU A 1123 -44.77 1.03 -23.83
CA LEU A 1123 -43.96 1.34 -25.00
C LEU A 1123 -42.83 2.30 -24.66
N MET A 1124 -43.10 3.29 -23.81
CA MET A 1124 -42.11 4.34 -23.59
C MET A 1124 -41.22 4.07 -22.38
N PHE A 1125 -41.62 3.19 -21.48
CA PHE A 1125 -40.64 2.66 -20.53
C PHE A 1125 -39.99 1.39 -21.03
N ALA A 1126 -40.11 1.12 -22.33
CA ALA A 1126 -39.24 0.18 -23.01
C ALA A 1126 -38.39 0.84 -24.07
N LEU A 1127 -38.54 2.14 -24.28
CA LEU A 1127 -37.61 2.85 -25.13
C LEU A 1127 -36.52 3.55 -24.33
N ILE A 1128 -36.76 3.83 -23.05
CA ILE A 1128 -35.71 4.34 -22.18
C ILE A 1128 -34.75 3.19 -21.94
N MET A 1129 -35.27 1.97 -21.91
CA MET A 1129 -34.41 0.80 -21.74
C MET A 1129 -33.59 0.52 -22.99
N LEU A 1130 -34.04 0.97 -24.14
CA LEU A 1130 -33.20 0.88 -25.32
C LEU A 1130 -32.24 2.04 -25.44
N ASN A 1131 -32.56 3.18 -24.85
CA ASN A 1131 -31.63 4.28 -24.89
C ASN A 1131 -30.50 4.10 -23.89
N THR A 1132 -30.74 3.32 -22.84
CA THR A 1132 -29.63 2.97 -21.97
C THR A 1132 -28.62 2.13 -22.70
N ILE A 1133 -29.07 1.07 -23.37
CA ILE A 1133 -28.15 0.12 -23.99
C ILE A 1133 -27.38 0.78 -25.12
N CYS A 1134 -27.96 1.77 -25.80
CA CYS A 1134 -27.22 2.47 -26.83
C CYS A 1134 -26.15 3.35 -26.24
N LEU A 1135 -26.33 3.80 -25.00
CA LEU A 1135 -25.32 4.60 -24.31
C LEU A 1135 -24.31 3.76 -23.57
N GLY A 1136 -24.61 2.51 -23.29
CA GLY A 1136 -23.63 1.64 -22.69
C GLY A 1136 -22.71 1.02 -23.72
N MET A 1137 -23.16 0.94 -24.97
CA MET A 1137 -22.37 0.37 -26.04
C MET A 1137 -21.14 1.19 -26.41
N GLN A 1138 -21.05 2.44 -25.95
CA GLN A 1138 -19.94 3.32 -26.28
C GLN A 1138 -18.66 2.79 -25.66
N HIS A 1139 -17.56 2.88 -26.40
CA HIS A 1139 -16.28 2.46 -25.86
C HIS A 1139 -15.19 3.25 -26.56
N TYR A 1140 -13.96 2.91 -26.23
CA TYR A 1140 -12.79 3.64 -26.66
C TYR A 1140 -12.05 2.86 -27.71
N HIS A 1141 -11.64 3.55 -28.76
CA HIS A 1141 -11.24 2.97 -30.03
C HIS A 1141 -12.33 2.04 -30.55
N GLN A 1142 -13.54 2.59 -30.69
CA GLN A 1142 -14.56 1.94 -31.48
C GLN A 1142 -14.39 2.28 -32.95
N SER A 1143 -15.18 1.62 -33.80
CA SER A 1143 -14.99 1.81 -35.23
C SER A 1143 -15.69 3.08 -35.73
N GLU A 1144 -15.42 3.43 -36.99
CA GLU A 1144 -16.03 4.63 -37.56
C GLU A 1144 -17.45 4.35 -38.04
N GLU A 1145 -17.79 3.08 -38.30
CA GLU A 1145 -19.20 2.75 -38.52
C GLU A 1145 -19.95 2.71 -37.21
N MET A 1146 -19.26 2.41 -36.10
CA MET A 1146 -19.86 2.54 -34.77
C MET A 1146 -19.97 4.01 -34.39
N ASN A 1147 -19.15 4.85 -35.00
CA ASN A 1147 -19.07 6.26 -34.64
C ASN A 1147 -20.24 7.06 -35.20
N HIS A 1148 -20.81 6.64 -36.33
CA HIS A 1148 -21.84 7.46 -36.94
C HIS A 1148 -23.24 6.95 -36.63
N ILE A 1149 -23.38 5.65 -36.40
CA ILE A 1149 -24.69 5.14 -35.99
C ILE A 1149 -25.02 5.49 -34.57
N SER A 1150 -24.05 5.88 -33.77
CA SER A 1150 -24.33 6.49 -32.48
C SER A 1150 -24.87 7.89 -32.64
N ASP A 1151 -24.60 8.54 -33.76
CA ASP A 1151 -25.26 9.81 -34.01
C ASP A 1151 -26.51 9.62 -34.84
N ILE A 1152 -26.60 8.53 -35.58
CA ILE A 1152 -27.87 8.18 -36.17
C ILE A 1152 -28.88 7.81 -35.08
N LEU A 1153 -28.45 7.08 -34.07
CA LEU A 1153 -29.39 6.63 -33.05
C LEU A 1153 -29.78 7.73 -32.08
N ASN A 1154 -28.82 8.56 -31.67
CA ASN A 1154 -29.14 9.58 -30.67
C ASN A 1154 -30.00 10.69 -31.26
N VAL A 1155 -30.03 10.81 -32.58
CA VAL A 1155 -30.97 11.73 -33.21
C VAL A 1155 -32.30 11.02 -33.45
N ALA A 1156 -32.27 9.70 -33.55
CA ALA A 1156 -33.49 8.94 -33.74
C ALA A 1156 -34.24 8.71 -32.43
N PHE A 1157 -33.56 8.82 -31.29
CA PHE A 1157 -34.28 8.78 -30.02
C PHE A 1157 -34.88 10.14 -29.68
N THR A 1158 -34.23 11.22 -30.09
CA THR A 1158 -34.71 12.54 -29.71
C THR A 1158 -35.97 12.90 -30.49
N ILE A 1159 -36.12 12.38 -31.70
CA ILE A 1159 -37.33 12.65 -32.47
C ILE A 1159 -38.51 11.88 -31.88
N ILE A 1160 -38.24 10.72 -31.30
CA ILE A 1160 -39.31 9.98 -30.64
C ILE A 1160 -39.78 10.71 -29.39
N PHE A 1161 -38.86 11.04 -28.49
CA PHE A 1161 -39.24 11.69 -27.24
C PHE A 1161 -39.72 13.12 -27.43
N THR A 1162 -39.45 13.74 -28.57
CA THR A 1162 -40.11 15.01 -28.84
C THR A 1162 -41.56 14.78 -29.19
N LEU A 1163 -41.86 13.62 -29.74
CA LEU A 1163 -43.20 13.29 -30.15
C LEU A 1163 -44.03 12.59 -29.08
N GLU A 1164 -43.45 12.17 -27.96
CA GLU A 1164 -44.34 11.91 -26.85
C GLU A 1164 -44.64 13.18 -26.08
N MET A 1165 -43.92 14.26 -26.36
CA MET A 1165 -44.18 15.47 -25.63
C MET A 1165 -45.22 16.31 -26.32
N ILE A 1166 -45.36 16.21 -27.64
CA ILE A 1166 -46.46 16.89 -28.28
C ILE A 1166 -47.77 16.19 -27.97
N LEU A 1167 -47.77 14.86 -27.90
CA LEU A 1167 -49.00 14.12 -27.61
C LEU A 1167 -49.47 14.35 -26.19
N LYS A 1168 -48.58 14.71 -25.30
CA LYS A 1168 -49.04 15.05 -23.97
C LYS A 1168 -49.36 16.53 -23.82
N LEU A 1169 -48.97 17.38 -24.77
CA LEU A 1169 -49.42 18.76 -24.75
C LEU A 1169 -50.82 18.94 -25.27
N LEU A 1170 -51.16 18.29 -26.38
CA LEU A 1170 -52.43 18.51 -27.02
C LEU A 1170 -53.57 17.83 -26.29
N ALA A 1171 -53.27 16.70 -25.66
CA ALA A 1171 -54.30 15.99 -24.92
C ALA A 1171 -54.54 16.65 -23.59
N PHE A 1172 -53.48 16.93 -22.84
CA PHE A 1172 -53.68 17.37 -21.47
C PHE A 1172 -54.02 18.86 -21.40
N LYS A 1173 -53.95 19.57 -22.53
CA LYS A 1173 -54.36 20.97 -22.65
C LYS A 1173 -53.51 21.83 -21.72
N ALA A 1174 -52.31 22.19 -22.15
CA ALA A 1174 -51.09 22.47 -21.40
C ALA A 1174 -51.16 23.04 -19.98
N ARG A 1175 -52.33 23.48 -19.56
CA ARG A 1175 -52.51 23.91 -18.20
C ARG A 1175 -52.35 22.65 -17.33
N GLY A 1176 -52.89 21.53 -17.82
CA GLY A 1176 -52.83 20.27 -17.11
C GLY A 1176 -51.56 19.50 -17.37
N TYR A 1177 -50.70 20.04 -18.22
CA TYR A 1177 -49.43 19.40 -18.50
C TYR A 1177 -48.35 19.78 -17.52
N PHE A 1178 -48.17 21.05 -17.18
CA PHE A 1178 -47.16 21.42 -16.20
C PHE A 1178 -47.70 21.37 -14.78
N GLY A 1179 -48.74 20.57 -14.55
CA GLY A 1179 -49.23 20.39 -13.21
C GLY A 1179 -48.51 19.25 -12.51
N ASP A 1180 -48.12 18.24 -13.27
CA ASP A 1180 -47.36 17.13 -12.72
C ASP A 1180 -45.89 17.54 -12.67
N PRO A 1181 -45.17 17.29 -11.58
CA PRO A 1181 -43.74 17.58 -11.59
C PRO A 1181 -42.93 16.70 -12.50
N TRP A 1182 -43.47 15.59 -12.97
CA TRP A 1182 -42.70 14.72 -13.83
C TRP A 1182 -42.81 15.12 -15.28
N ASN A 1183 -43.71 16.03 -15.58
CA ASN A 1183 -43.77 16.57 -16.92
C ASN A 1183 -42.97 17.84 -17.04
N VAL A 1184 -42.67 18.48 -15.91
CA VAL A 1184 -41.74 19.58 -15.92
C VAL A 1184 -40.34 19.07 -16.19
N PHE A 1185 -39.92 18.04 -15.46
CA PHE A 1185 -38.61 17.43 -15.65
C PHE A 1185 -38.45 16.80 -17.00
N ASP A 1186 -39.50 16.20 -17.52
CA ASP A 1186 -39.42 15.57 -18.82
C ASP A 1186 -39.39 16.61 -19.93
N PHE A 1187 -39.96 17.79 -19.68
CA PHE A 1187 -39.82 18.90 -20.61
C PHE A 1187 -38.41 19.40 -20.69
N LEU A 1188 -37.65 19.27 -19.60
CA LEU A 1188 -36.30 19.79 -19.52
C LEU A 1188 -35.29 18.88 -20.19
N ILE A 1189 -35.50 17.57 -20.10
CA ILE A 1189 -34.61 16.59 -20.72
C ILE A 1189 -34.90 16.48 -22.20
N VAL A 1190 -36.10 16.85 -22.62
CA VAL A 1190 -36.38 16.87 -24.05
C VAL A 1190 -35.68 18.04 -24.71
N ILE A 1191 -35.86 19.24 -24.16
CA ILE A 1191 -35.30 20.44 -24.79
C ILE A 1191 -33.78 20.46 -24.67
N GLY A 1192 -33.25 19.88 -23.61
CA GLY A 1192 -31.82 19.80 -23.41
C GLY A 1192 -31.13 18.89 -24.38
N SER A 1193 -31.86 17.94 -24.93
CA SER A 1193 -31.27 17.03 -25.89
C SER A 1193 -31.58 17.41 -27.32
N ILE A 1194 -32.49 18.35 -27.56
CA ILE A 1194 -32.63 18.87 -28.91
C ILE A 1194 -31.49 19.83 -29.21
N ILE A 1195 -31.10 20.66 -28.25
CA ILE A 1195 -29.97 21.58 -28.43
C ILE A 1195 -28.68 20.81 -28.63
N ASP A 1196 -28.53 19.70 -27.93
CA ASP A 1196 -27.35 18.86 -28.13
C ASP A 1196 -27.32 18.19 -29.50
N VAL A 1197 -28.48 17.86 -30.06
CA VAL A 1197 -28.53 17.36 -31.43
C VAL A 1197 -28.10 18.46 -32.39
N ILE A 1198 -28.51 19.70 -32.11
CA ILE A 1198 -28.06 20.84 -32.92
C ILE A 1198 -26.58 21.06 -32.76
N LEU A 1199 -26.10 21.04 -31.54
CA LEU A 1199 -24.75 21.51 -31.25
C LEU A 1199 -23.73 20.44 -31.59
N SER A 1200 -24.16 19.20 -31.69
CA SER A 1200 -23.30 18.17 -32.27
C SER A 1200 -23.21 18.31 -33.78
N GLU A 1201 -24.21 18.89 -34.42
CA GLU A 1201 -24.28 18.89 -35.87
C GLU A 1201 -23.81 20.19 -36.49
N ILE A 1202 -23.93 21.32 -35.79
CA ILE A 1202 -23.25 22.54 -36.21
C ILE A 1202 -21.74 22.44 -36.00
N ASP A 1203 -21.28 21.48 -35.21
CA ASP A 1203 -19.87 21.13 -35.11
C ASP A 1203 -19.27 20.66 -36.41
N THR A 1204 -19.86 19.64 -37.02
CA THR A 1204 -19.36 19.11 -38.27
C THR A 1204 -19.86 19.87 -39.49
N PHE A 1205 -20.86 20.74 -39.30
CA PHE A 1205 -21.35 21.56 -40.41
C PHE A 1205 -20.31 22.57 -40.85
N LEU A 1206 -19.46 23.00 -39.94
CA LEU A 1206 -18.46 24.01 -40.19
C LEU A 1206 -17.11 23.58 -39.64
N SER A 1232 -18.87 20.23 -26.17
CA SER A 1232 -19.79 20.48 -25.07
C SER A 1232 -20.26 19.21 -24.41
N ALA A 1233 -19.46 18.64 -23.52
CA ALA A 1233 -19.84 17.40 -22.89
C ALA A 1233 -20.94 17.57 -21.86
N PHE A 1234 -21.18 18.79 -21.40
CA PHE A 1234 -22.31 19.05 -20.51
C PHE A 1234 -23.66 18.78 -21.16
N PHE A 1235 -23.85 18.99 -22.46
CA PHE A 1235 -25.16 18.66 -23.00
C PHE A 1235 -25.33 17.19 -23.34
N ARG A 1236 -24.27 16.41 -23.33
CA ARG A 1236 -24.47 14.98 -23.57
C ARG A 1236 -25.01 14.27 -22.35
N LEU A 1237 -25.06 14.93 -21.20
CA LEU A 1237 -25.73 14.40 -20.01
C LEU A 1237 -27.23 14.63 -20.02
N PHE A 1238 -27.75 15.30 -21.03
CA PHE A 1238 -29.19 15.38 -21.20
C PHE A 1238 -29.73 14.16 -21.87
N ARG A 1239 -28.85 13.28 -22.33
CA ARG A 1239 -29.25 12.02 -22.92
C ARG A 1239 -29.40 10.96 -21.85
N VAL A 1240 -28.62 11.06 -20.78
CA VAL A 1240 -28.57 10.00 -19.78
C VAL A 1240 -29.51 10.29 -18.63
N MET A 1241 -29.84 11.56 -18.40
CA MET A 1241 -30.73 11.85 -17.29
C MET A 1241 -32.17 11.56 -17.60
N ARG A 1242 -32.51 11.05 -18.77
CA ARG A 1242 -33.86 10.59 -18.99
C ARG A 1242 -34.12 9.25 -18.37
N LEU A 1243 -33.12 8.65 -17.74
CA LEU A 1243 -33.28 7.37 -17.11
C LEU A 1243 -33.88 7.54 -15.74
N ILE A 1244 -33.82 8.74 -15.17
CA ILE A 1244 -34.46 9.04 -13.89
C ILE A 1244 -35.98 8.94 -14.03
N LYS A 1245 -36.51 9.04 -15.26
CA LYS A 1245 -37.92 8.86 -15.55
C LYS A 1245 -38.46 7.50 -15.16
N LEU A 1246 -37.57 6.53 -15.03
CA LEU A 1246 -37.93 5.21 -14.54
C LEU A 1246 -38.30 5.19 -13.07
N LEU A 1247 -38.13 6.28 -12.33
CA LEU A 1247 -38.66 6.33 -10.99
C LEU A 1247 -40.14 6.67 -10.95
N SER A 1248 -40.67 7.15 -12.07
CA SER A 1248 -42.06 7.58 -12.08
C SER A 1248 -42.99 6.38 -12.04
N ARG A 1249 -42.52 5.21 -12.48
CA ARG A 1249 -43.35 4.03 -12.44
C ARG A 1249 -43.18 3.23 -11.15
N ALA A 1250 -41.96 3.02 -10.69
CA ALA A 1250 -41.74 2.25 -9.48
C ALA A 1250 -42.29 2.99 -8.27
N GLU A 1251 -43.37 2.49 -7.70
CA GLU A 1251 -44.00 3.15 -6.57
C GLU A 1251 -43.17 3.03 -5.30
N GLY A 1252 -42.57 1.87 -5.07
CA GLY A 1252 -41.95 1.59 -3.79
C GLY A 1252 -40.60 2.23 -3.62
N VAL A 1253 -39.94 2.51 -4.73
CA VAL A 1253 -38.67 3.23 -4.67
C VAL A 1253 -38.91 4.69 -4.37
N ARG A 1254 -39.96 5.26 -4.93
CA ARG A 1254 -40.15 6.70 -4.84
C ARG A 1254 -40.71 7.09 -3.50
N THR A 1255 -41.50 6.22 -2.87
CA THR A 1255 -41.95 6.48 -1.51
C THR A 1255 -40.78 6.36 -0.53
N LEU A 1256 -39.80 5.52 -0.84
CA LEU A 1256 -38.59 5.47 -0.04
C LEU A 1256 -37.74 6.73 -0.23
N LEU A 1257 -37.57 7.18 -1.47
CA LEU A 1257 -36.78 8.39 -1.69
C LEU A 1257 -37.48 9.61 -1.14
N TRP A 1258 -38.80 9.70 -1.27
CA TRP A 1258 -39.49 10.89 -0.79
C TRP A 1258 -39.40 11.02 0.71
N THR A 1259 -39.45 9.90 1.43
CA THR A 1259 -39.50 9.93 2.89
C THR A 1259 -38.25 10.53 3.50
N PHE A 1260 -37.08 10.16 3.00
CA PHE A 1260 -35.86 10.72 3.53
C PHE A 1260 -35.56 12.11 2.99
N ILE A 1261 -35.85 12.38 1.72
CA ILE A 1261 -35.65 13.72 1.15
C ILE A 1261 -36.56 14.73 1.82
N LYS A 1262 -37.76 14.32 2.22
CA LYS A 1262 -38.59 15.13 3.07
C LYS A 1262 -37.92 15.44 4.40
N SER A 1263 -37.22 14.46 4.97
CA SER A 1263 -36.76 14.61 6.34
C SER A 1263 -35.48 15.42 6.41
N PHE A 1264 -34.53 15.17 5.49
CA PHE A 1264 -33.36 16.01 5.32
C PHE A 1264 -33.69 17.45 5.08
N GLN A 1265 -34.74 17.70 4.28
CA GLN A 1265 -35.15 19.07 3.98
C GLN A 1265 -35.87 19.70 5.16
N ALA A 1266 -36.41 18.86 6.04
CA ALA A 1266 -37.13 19.34 7.22
C ALA A 1266 -36.20 19.46 8.42
N LEU A 1267 -34.94 19.08 8.23
CA LEU A 1267 -33.96 19.16 9.30
C LEU A 1267 -32.62 19.66 8.79
N PRO A 1268 -32.59 20.90 8.29
CA PRO A 1268 -31.36 21.51 7.75
C PRO A 1268 -30.41 21.93 8.86
N TYR A 1269 -30.96 22.15 10.06
CA TYR A 1269 -30.15 22.57 11.20
C TYR A 1269 -29.17 21.48 11.61
N VAL A 1270 -29.62 20.23 11.57
CA VAL A 1270 -28.78 19.10 11.92
C VAL A 1270 -27.53 19.04 11.04
N ALA A 1271 -27.72 19.24 9.74
CA ALA A 1271 -26.63 19.21 8.79
C ALA A 1271 -25.81 20.50 8.86
N LEU A 1272 -26.45 21.57 9.32
CA LEU A 1272 -25.78 22.87 9.43
C LEU A 1272 -24.58 22.78 10.37
N LEU A 1273 -24.75 22.09 11.48
CA LEU A 1273 -23.68 21.96 12.44
C LEU A 1273 -22.49 21.32 11.77
N ILE A 1274 -22.73 20.33 10.92
CA ILE A 1274 -21.63 19.68 10.23
C ILE A 1274 -20.94 20.70 9.32
N VAL A 1275 -21.74 21.49 8.62
CA VAL A 1275 -21.21 22.50 7.72
C VAL A 1275 -20.41 23.55 8.49
N MET A 1276 -20.94 23.95 9.64
CA MET A 1276 -20.28 24.94 10.47
C MET A 1276 -18.94 24.38 10.93
N LEU A 1277 -18.94 23.11 11.30
CA LEU A 1277 -17.73 22.46 11.77
C LEU A 1277 -16.69 22.44 10.67
N PHE A 1278 -17.11 22.12 9.46
CA PHE A 1278 -16.16 22.08 8.36
C PHE A 1278 -15.60 23.47 8.14
N PHE A 1279 -16.46 24.47 8.19
CA PHE A 1279 -16.00 25.83 7.97
C PHE A 1279 -14.99 26.23 9.01
N ILE A 1280 -15.24 25.90 10.27
CA ILE A 1280 -14.30 26.27 11.31
C ILE A 1280 -12.96 25.57 11.13
N TYR A 1281 -12.99 24.29 10.80
CA TYR A 1281 -11.73 23.56 10.62
C TYR A 1281 -10.88 23.99 9.43
N ALA A 1282 -11.55 24.32 8.32
CA ALA A 1282 -10.91 24.76 7.11
C ALA A 1282 -10.21 26.07 7.35
N VAL A 1283 -10.85 26.96 8.09
CA VAL A 1283 -10.25 28.25 8.38
C VAL A 1283 -8.97 28.08 9.18
N ILE A 1284 -9.01 27.20 10.18
CA ILE A 1284 -7.82 26.95 11.00
C ILE A 1284 -6.65 26.29 10.23
N GLY A 1285 -7.01 25.37 9.35
CA GLY A 1285 -6.14 24.55 8.55
C GLY A 1285 -5.33 25.34 7.56
N MET A 1286 -5.93 26.33 6.92
CA MET A 1286 -5.17 27.21 6.04
C MET A 1286 -4.18 28.05 6.85
N GLN A 1287 -4.46 28.26 8.13
CA GLN A 1287 -3.67 29.16 8.94
C GLN A 1287 -2.45 28.48 9.56
N MET A 1288 -2.53 27.21 9.91
CA MET A 1288 -1.39 26.49 10.45
C MET A 1288 -0.60 25.75 9.39
N PHE A 1289 -1.31 25.03 8.55
CA PHE A 1289 -0.72 24.10 7.60
C PHE A 1289 -0.61 24.72 6.24
N GLY A 1290 -0.71 26.02 6.17
CA GLY A 1290 -0.81 26.65 4.88
C GLY A 1290 0.49 26.79 4.15
N LYS A 1291 1.62 26.68 4.84
CA LYS A 1291 2.85 27.00 4.15
C LYS A 1291 3.74 25.80 3.87
N ILE A 1292 3.26 24.57 4.01
CA ILE A 1292 4.01 23.40 3.60
C ILE A 1292 4.14 23.44 2.10
N ALA A 1293 5.19 22.85 1.55
CA ALA A 1293 5.40 22.84 0.12
C ALA A 1293 4.72 21.68 -0.55
N LEU A 1294 4.29 21.90 -1.77
CA LEU A 1294 3.57 20.92 -2.56
C LEU A 1294 4.53 20.02 -3.30
N VAL A 1295 5.41 19.35 -2.60
CA VAL A 1295 6.30 18.42 -3.25
C VAL A 1295 5.59 17.10 -3.39
N ASP A 1296 5.83 16.42 -4.50
CA ASP A 1296 5.05 15.24 -4.84
C ASP A 1296 5.80 13.96 -4.54
N GLY A 1297 5.18 13.12 -3.72
CA GLY A 1297 5.82 12.01 -3.06
C GLY A 1297 5.38 12.06 -1.63
N THR A 1298 4.81 13.19 -1.25
CA THR A 1298 4.24 13.39 0.07
C THR A 1298 2.75 13.49 -0.03
N GLN A 1299 2.09 13.64 1.13
CA GLN A 1299 0.64 13.68 1.13
C GLN A 1299 0.12 15.10 1.12
N ILE A 1300 0.98 16.10 1.18
CA ILE A 1300 0.57 17.44 0.84
C ILE A 1300 1.17 17.72 -0.53
N ASN A 1301 0.37 17.54 -1.58
CA ASN A 1301 0.80 17.65 -2.96
C ASN A 1301 -0.15 18.52 -3.74
N ARG A 1302 -0.17 18.50 -5.07
CA ARG A 1302 -1.02 19.48 -5.75
C ARG A 1302 -2.48 19.11 -5.78
N ASN A 1303 -2.88 18.02 -5.15
CA ASN A 1303 -4.27 17.59 -5.07
C ASN A 1303 -4.81 17.71 -3.68
N ASN A 1304 -3.94 17.72 -2.69
CA ASN A 1304 -4.26 17.48 -1.30
C ASN A 1304 -3.55 18.49 -0.41
N ASN A 1305 -3.82 19.77 -0.56
CA ASN A 1305 -3.11 20.71 0.26
C ASN A 1305 -4.07 21.55 1.09
N PHE A 1306 -3.54 22.51 1.82
CA PHE A 1306 -4.30 23.46 2.62
C PHE A 1306 -4.09 24.88 2.15
N GLN A 1307 -3.73 25.08 0.90
CA GLN A 1307 -3.48 26.43 0.38
C GLN A 1307 -4.66 27.37 0.24
N THR A 1308 -5.81 26.83 -0.17
CA THR A 1308 -7.01 27.63 -0.37
C THR A 1308 -8.17 27.04 0.41
N PHE A 1309 -9.20 27.84 0.67
CA PHE A 1309 -10.34 27.35 1.44
C PHE A 1309 -11.03 26.18 0.74
N PRO A 1310 -11.22 26.30 -0.63
CA PRO A 1310 -11.87 25.13 -1.24
C PRO A 1310 -11.03 23.88 -1.08
N GLN A 1311 -9.71 24.01 -1.22
CA GLN A 1311 -8.81 22.87 -1.07
C GLN A 1311 -8.83 22.28 0.33
N ALA A 1312 -8.85 23.14 1.34
CA ALA A 1312 -8.86 22.67 2.72
C ALA A 1312 -10.11 21.87 3.04
N VAL A 1313 -11.26 22.35 2.57
CA VAL A 1313 -12.53 21.69 2.79
C VAL A 1313 -12.53 20.32 2.12
N LEU A 1314 -11.98 20.25 0.93
CA LEU A 1314 -11.91 19.00 0.20
C LEU A 1314 -11.04 18.02 0.98
N LEU A 1315 -9.96 18.53 1.55
CA LEU A 1315 -9.05 17.71 2.34
C LEU A 1315 -9.78 17.17 3.56
N LEU A 1316 -10.59 18.01 4.19
CA LEU A 1316 -11.36 17.60 5.35
C LEU A 1316 -12.36 16.52 4.99
N PHE A 1317 -12.97 16.65 3.82
CA PHE A 1317 -13.96 15.68 3.35
C PHE A 1317 -13.31 14.31 3.19
N ARG A 1318 -12.07 14.31 2.70
CA ARG A 1318 -11.31 13.10 2.50
C ARG A 1318 -11.21 12.43 3.87
N CYS A 1319 -10.99 13.23 4.89
CA CYS A 1319 -10.89 12.76 6.28
C CYS A 1319 -12.19 12.17 6.86
N ALA A 1320 -13.34 12.73 6.51
CA ALA A 1320 -14.60 12.19 7.04
C ALA A 1320 -14.71 10.74 6.60
N THR A 1321 -14.33 10.50 5.35
CA THR A 1321 -14.23 9.20 4.76
C THR A 1321 -13.13 8.35 5.36
N GLY A 1322 -12.05 8.95 5.84
CA GLY A 1322 -10.97 8.16 6.35
C GLY A 1322 -10.21 7.61 5.22
N GLU A 1323 -9.43 8.41 4.53
CA GLU A 1323 -8.78 7.88 3.36
C GLU A 1323 -7.31 7.59 3.60
N ALA A 1324 -6.52 8.56 3.95
CA ALA A 1324 -5.25 8.17 4.50
C ALA A 1324 -5.05 9.18 5.58
N TRP A 1325 -6.06 9.34 6.43
CA TRP A 1325 -6.14 10.53 7.25
C TRP A 1325 -4.99 10.64 8.22
N GLN A 1326 -4.45 9.50 8.64
CA GLN A 1326 -3.31 9.46 9.55
C GLN A 1326 -2.08 9.94 8.82
N GLU A 1327 -2.00 9.59 7.54
CA GLU A 1327 -0.90 9.95 6.68
C GLU A 1327 -0.81 11.46 6.54
N ILE A 1328 -1.96 12.11 6.37
CA ILE A 1328 -2.02 13.55 6.25
C ILE A 1328 -1.53 14.15 7.55
N LEU A 1329 -1.92 13.54 8.66
CA LEU A 1329 -1.52 14.01 9.98
C LEU A 1329 0.00 13.94 10.12
N LEU A 1330 0.60 12.86 9.65
CA LEU A 1330 2.05 12.73 9.70
C LEU A 1330 2.74 13.76 8.82
N ALA A 1331 2.17 14.02 7.66
CA ALA A 1331 2.73 14.94 6.69
C ALA A 1331 2.94 16.38 7.15
N CYS A 1332 2.07 16.84 8.04
CA CYS A 1332 2.07 18.20 8.53
C CYS A 1332 2.39 18.30 10.02
N SER A 1333 3.54 17.80 10.44
CA SER A 1333 3.94 17.88 11.83
C SER A 1333 5.36 18.42 12.08
N TYR A 1334 5.53 19.72 11.89
CA TYR A 1334 6.81 20.41 12.13
C TYR A 1334 8.00 20.25 11.17
N GLY A 1335 8.42 19.02 10.91
CA GLY A 1335 9.56 18.76 10.06
C GLY A 1335 9.46 19.22 8.62
N LYS A 1336 8.24 19.38 8.12
CA LYS A 1336 7.98 19.76 6.74
C LYS A 1336 8.55 21.11 6.30
N LEU A 1337 9.01 21.15 5.06
CA LEU A 1337 9.62 22.33 4.43
C LEU A 1337 8.64 23.26 3.68
N CYS A 1338 8.82 24.56 3.89
CA CYS A 1338 7.99 25.60 3.27
C CYS A 1338 8.29 25.86 1.79
N ASP A 1339 7.27 26.24 1.04
CA ASP A 1339 7.44 26.53 -0.38
C ASP A 1339 8.22 27.83 -0.56
N PRO A 1340 8.91 27.96 -1.68
CA PRO A 1340 9.73 29.15 -1.95
C PRO A 1340 8.95 30.44 -2.10
N GLU A 1341 7.67 30.37 -2.43
CA GLU A 1341 6.88 31.60 -2.55
C GLU A 1341 6.45 32.14 -1.21
N SER A 1342 6.76 31.45 -0.12
CA SER A 1342 6.60 31.98 1.21
C SER A 1342 7.86 32.72 1.60
N ASP A 1343 7.80 33.40 2.73
CA ASP A 1343 8.95 34.14 3.22
C ASP A 1343 9.41 33.60 4.57
N TYR A 1344 10.73 33.54 4.73
CA TYR A 1344 11.44 32.96 5.85
C TYR A 1344 12.90 33.33 5.71
N ALA A 1345 13.60 33.41 6.84
CA ALA A 1345 15.02 33.70 6.80
C ALA A 1345 15.79 32.50 6.29
N PRO A 1346 16.83 32.70 5.49
CA PRO A 1346 17.51 31.56 4.86
C PRO A 1346 18.24 30.69 5.88
N GLY A 1347 18.47 29.44 5.50
CA GLY A 1347 18.89 28.41 6.42
C GLY A 1347 17.76 27.75 7.17
N GLU A 1348 16.60 28.40 7.24
CA GLU A 1348 15.43 27.92 7.93
C GLU A 1348 14.37 27.37 6.99
N GLU A 1349 14.75 26.64 5.94
CA GLU A 1349 13.78 26.17 4.97
C GLU A 1349 12.90 25.06 5.52
N TYR A 1350 13.39 24.38 6.55
CA TYR A 1350 12.77 23.17 7.09
C TYR A 1350 12.05 23.40 8.38
N THR A 1351 11.30 24.47 8.51
CA THR A 1351 10.79 24.80 9.82
C THR A 1351 9.27 24.95 9.88
N CYS A 1352 8.54 24.67 8.81
CA CYS A 1352 7.09 24.75 8.84
C CYS A 1352 6.49 23.40 9.13
N GLY A 1353 5.18 23.34 9.25
CA GLY A 1353 4.52 22.23 9.91
C GLY A 1353 4.29 22.58 11.36
N THR A 1354 3.53 21.77 12.08
CA THR A 1354 3.28 22.02 13.50
C THR A 1354 2.89 20.72 14.20
N ASN A 1355 3.07 20.67 15.51
CA ASN A 1355 2.72 19.47 16.27
C ASN A 1355 1.28 19.50 16.75
N PHE A 1356 0.60 20.61 16.45
CA PHE A 1356 -0.79 20.80 16.79
C PHE A 1356 -1.64 19.88 15.92
N ALA A 1357 -1.01 19.31 14.89
CA ALA A 1357 -1.68 18.44 13.94
C ALA A 1357 -2.27 17.25 14.68
N TYR A 1358 -1.59 16.74 15.69
CA TYR A 1358 -2.16 15.58 16.38
C TYR A 1358 -3.49 15.91 17.03
N TYR A 1359 -3.55 17.01 17.75
CA TYR A 1359 -4.78 17.38 18.40
C TYR A 1359 -5.84 17.71 17.37
N TYR A 1360 -5.48 18.51 16.39
CA TYR A 1360 -6.43 18.94 15.39
C TYR A 1360 -7.00 17.79 14.62
N PHE A 1361 -6.13 16.91 14.13
CA PHE A 1361 -6.62 15.77 13.39
C PHE A 1361 -7.44 14.82 14.24
N ILE A 1362 -7.02 14.59 15.48
CA ILE A 1362 -7.79 13.68 16.32
C ILE A 1362 -9.17 14.27 16.63
N SER A 1363 -9.19 15.57 16.85
CA SER A 1363 -10.41 16.30 17.17
C SER A 1363 -11.41 16.30 16.05
N PHE A 1364 -10.94 16.47 14.82
CA PHE A 1364 -11.86 16.49 13.69
C PHE A 1364 -12.42 15.12 13.45
N TYR A 1365 -11.64 14.07 13.64
CA TYR A 1365 -12.14 12.75 13.36
C TYR A 1365 -13.15 12.34 14.40
N MET A 1366 -13.09 12.94 15.57
CA MET A 1366 -14.03 12.59 16.63
C MET A 1366 -15.25 13.48 16.63
N LEU A 1367 -15.11 14.75 16.29
CA LEU A 1367 -16.30 15.59 16.23
C LEU A 1367 -17.09 15.31 14.98
N CYS A 1368 -16.43 14.96 13.89
CA CYS A 1368 -17.16 14.68 12.67
C CYS A 1368 -17.82 13.32 12.72
N ALA A 1369 -17.29 12.39 13.51
CA ALA A 1369 -17.91 11.08 13.59
C ALA A 1369 -19.04 11.07 14.60
N PHE A 1370 -19.08 12.05 15.49
CA PHE A 1370 -20.21 12.16 16.41
C PHE A 1370 -21.35 12.96 15.79
N LEU A 1371 -21.04 13.93 14.95
CA LEU A 1371 -22.11 14.65 14.28
C LEU A 1371 -22.69 13.83 13.14
N ILE A 1372 -22.00 12.80 12.69
CA ILE A 1372 -22.58 11.95 11.65
C ILE A 1372 -23.47 10.88 12.26
N ILE A 1373 -23.16 10.37 13.45
CA ILE A 1373 -24.16 9.51 14.09
C ILE A 1373 -25.26 10.34 14.70
N ASN A 1374 -25.05 11.64 14.83
CA ASN A 1374 -26.18 12.44 15.25
C ASN A 1374 -27.08 12.77 14.09
N LEU A 1375 -26.54 12.87 12.89
CA LEU A 1375 -27.38 13.20 11.74
C LEU A 1375 -28.12 11.99 11.24
N PHE A 1376 -27.51 10.83 11.29
CA PHE A 1376 -28.17 9.63 10.81
C PHE A 1376 -29.31 9.24 11.72
N VAL A 1377 -29.07 9.27 13.01
CA VAL A 1377 -30.11 8.88 13.97
C VAL A 1377 -31.22 9.90 14.02
N ALA A 1378 -30.92 11.16 13.74
CA ALA A 1378 -31.97 12.15 13.71
C ALA A 1378 -32.88 11.99 12.51
N VAL A 1379 -32.37 11.44 11.41
CA VAL A 1379 -33.19 11.25 10.22
C VAL A 1379 -33.93 9.92 10.27
N ILE A 1380 -33.33 8.90 10.88
CA ILE A 1380 -34.04 7.65 11.13
C ILE A 1380 -35.22 7.87 12.06
N MET A 1381 -35.14 8.84 12.95
CA MET A 1381 -36.21 8.99 13.92
C MET A 1381 -37.24 10.05 13.52
N ASP A 1382 -37.20 10.55 12.29
CA ASP A 1382 -38.31 11.39 11.84
C ASP A 1382 -39.18 10.64 10.87
N ASN A 1383 -38.78 9.43 10.56
CA ASN A 1383 -39.44 8.63 9.57
C ASN A 1383 -39.66 7.32 10.26
N PHE A 1384 -39.93 7.36 11.56
CA PHE A 1384 -40.01 6.10 12.29
C PHE A 1384 -41.35 5.43 12.04
N ASP A 1385 -42.29 6.18 11.47
CA ASP A 1385 -43.61 5.65 11.14
C ASP A 1385 -43.56 4.87 9.84
N TYR A 1386 -42.77 5.33 8.88
CA TYR A 1386 -42.60 4.57 7.65
C TYR A 1386 -41.88 3.26 7.94
N LEU A 1387 -40.95 3.28 8.87
CA LEU A 1387 -39.95 2.22 8.98
C LEU A 1387 -40.43 1.12 9.89
N THR A 1388 -41.30 1.43 10.84
CA THR A 1388 -41.97 0.44 11.67
C THR A 1388 -43.45 0.33 11.34
N ARG A 1389 -43.81 0.31 10.07
CA ARG A 1389 -45.21 0.43 9.69
C ARG A 1389 -45.95 -0.88 9.75
N ASP A 1390 -45.28 -1.97 9.33
CA ASP A 1390 -45.87 -3.30 9.21
C ASP A 1390 -47.03 -3.28 8.22
N TRP A 1391 -46.68 -3.29 6.92
CA TRP A 1391 -47.58 -3.01 5.79
C TRP A 1391 -48.80 -3.92 5.69
N SER A 1392 -48.92 -4.93 6.55
CA SER A 1392 -50.03 -5.87 6.48
C SER A 1392 -51.37 -5.21 6.76
N ILE A 1393 -51.50 -4.59 7.93
CA ILE A 1393 -52.81 -4.16 8.44
C ILE A 1393 -53.31 -2.94 7.68
N LEU A 1394 -52.59 -1.83 7.76
CA LEU A 1394 -53.08 -0.58 7.23
C LEU A 1394 -51.92 0.41 7.09
N GLY A 1395 -52.05 1.36 6.18
CA GLY A 1395 -51.21 2.52 6.15
C GLY A 1395 -51.94 3.58 5.37
N PRO A 1396 -51.24 4.65 4.97
CA PRO A 1396 -51.84 5.51 3.95
C PRO A 1396 -51.68 4.96 2.54
N HIS A 1397 -51.08 3.79 2.38
CA HIS A 1397 -50.98 3.21 1.05
C HIS A 1397 -52.33 2.71 0.55
N HIS A 1398 -53.25 2.45 1.48
CA HIS A 1398 -54.63 2.24 1.10
C HIS A 1398 -55.34 3.57 0.92
N LEU A 1399 -54.97 4.55 1.73
CA LEU A 1399 -55.61 5.86 1.70
C LEU A 1399 -55.23 6.64 0.46
N ASP A 1400 -54.11 6.29 -0.18
CA ASP A 1400 -53.75 6.88 -1.45
C ASP A 1400 -54.62 6.35 -2.58
N GLU A 1401 -54.83 5.04 -2.62
CA GLU A 1401 -55.48 4.42 -3.78
C GLU A 1401 -56.98 4.68 -3.78
N PHE A 1402 -57.53 4.99 -2.61
CA PHE A 1402 -58.90 5.51 -2.50
C PHE A 1402 -59.11 6.74 -3.38
N LYS A 1403 -58.21 7.72 -3.24
CA LYS A 1403 -58.34 8.97 -3.97
C LYS A 1403 -58.01 8.78 -5.45
N ALA A 1404 -57.16 7.81 -5.76
CA ALA A 1404 -56.80 7.57 -7.15
C ALA A 1404 -57.90 6.82 -7.89
N ILE A 1405 -58.83 6.22 -7.14
CA ILE A 1405 -60.09 5.77 -7.73
C ILE A 1405 -61.12 6.89 -7.68
N TRP A 1406 -61.08 7.70 -6.62
CA TRP A 1406 -61.93 8.89 -6.53
C TRP A 1406 -61.58 9.93 -7.58
N ALA A 1407 -60.35 9.88 -8.11
CA ALA A 1407 -59.95 10.76 -9.20
C ALA A 1407 -60.66 10.41 -10.50
N GLU A 1408 -61.18 9.20 -10.60
CA GLU A 1408 -61.94 8.82 -11.79
C GLU A 1408 -63.39 9.27 -11.67
N TYR A 1409 -63.78 9.77 -10.50
CA TYR A 1409 -65.14 10.24 -10.31
C TYR A 1409 -65.17 11.76 -10.11
N ASP A 1410 -63.99 12.37 -9.92
CA ASP A 1410 -63.79 13.81 -9.87
C ASP A 1410 -62.81 14.25 -10.94
N PRO A 1411 -63.23 15.04 -11.93
CA PRO A 1411 -62.22 15.73 -12.75
C PRO A 1411 -61.41 16.73 -11.96
N GLU A 1412 -62.07 17.75 -11.40
CA GLU A 1412 -61.53 18.52 -10.30
C GLU A 1412 -62.43 18.27 -9.11
N ALA A 1413 -61.97 18.70 -7.94
CA ALA A 1413 -62.38 18.14 -6.67
C ALA A 1413 -63.87 18.29 -6.35
N LYS A 1414 -64.31 19.54 -6.16
CA LYS A 1414 -65.68 19.97 -5.89
C LYS A 1414 -66.26 19.45 -4.59
N GLY A 1415 -65.50 18.67 -3.81
CA GLY A 1415 -66.09 18.08 -2.64
C GLY A 1415 -66.72 16.74 -2.95
N ARG A 1416 -67.99 16.79 -3.29
CA ARG A 1416 -68.90 15.65 -3.34
C ARG A 1416 -69.01 15.09 -4.77
N ILE A 1417 -69.54 13.87 -4.86
CA ILE A 1417 -69.88 13.24 -6.13
C ILE A 1417 -71.30 12.67 -6.04
N LYS A 1418 -71.76 12.03 -7.12
CA LYS A 1418 -73.09 11.46 -7.15
C LYS A 1418 -73.13 10.21 -6.28
N HIS A 1419 -74.35 9.81 -5.90
CA HIS A 1419 -74.51 8.60 -5.09
C HIS A 1419 -74.61 7.36 -5.98
N LEU A 1420 -74.86 7.56 -7.28
CA LEU A 1420 -74.90 6.45 -8.22
C LEU A 1420 -73.53 5.84 -8.42
N ASP A 1421 -72.47 6.63 -8.23
CA ASP A 1421 -71.10 6.15 -8.35
C ASP A 1421 -70.51 5.72 -7.02
N VAL A 1422 -71.26 5.84 -5.92
CA VAL A 1422 -70.72 5.47 -4.62
C VAL A 1422 -70.59 3.95 -4.51
N VAL A 1423 -71.59 3.22 -4.98
CA VAL A 1423 -71.55 1.76 -4.92
C VAL A 1423 -70.50 1.23 -5.88
N THR A 1424 -70.23 1.95 -6.97
CA THR A 1424 -69.17 1.54 -7.89
C THR A 1424 -67.79 1.97 -7.40
N LEU A 1425 -67.73 2.79 -6.35
CA LEU A 1425 -66.46 3.08 -5.70
C LEU A 1425 -66.02 1.91 -4.82
N LEU A 1426 -66.97 1.28 -4.14
CA LEU A 1426 -66.65 0.22 -3.19
C LEU A 1426 -66.27 -1.08 -3.89
N ARG A 1427 -66.63 -1.22 -5.18
CA ARG A 1427 -66.19 -2.38 -5.94
C ARG A 1427 -64.70 -2.28 -6.29
N ARG A 1428 -64.14 -1.07 -6.30
CA ARG A 1428 -62.75 -0.89 -6.73
C ARG A 1428 -61.75 -1.07 -5.58
N ILE A 1429 -62.23 -1.21 -4.35
CA ILE A 1429 -61.36 -1.06 -3.19
C ILE A 1429 -60.78 -2.43 -2.80
N GLN A 1430 -59.54 -2.40 -2.32
CA GLN A 1430 -58.93 -3.53 -1.65
C GLN A 1430 -59.75 -3.90 -0.41
N PRO A 1431 -59.92 -5.20 -0.13
CA PRO A 1431 -60.81 -5.64 0.98
C PRO A 1431 -60.33 -5.30 2.39
N PRO A 1432 -59.02 -5.12 2.68
CA PRO A 1432 -58.69 -4.54 3.99
C PRO A 1432 -59.11 -3.09 4.18
N LEU A 1433 -59.48 -2.39 3.12
CA LEU A 1433 -60.07 -1.08 3.26
C LEU A 1433 -61.56 -1.06 2.98
N GLY A 1434 -62.03 -1.84 2.01
CA GLY A 1434 -63.43 -1.82 1.65
C GLY A 1434 -64.16 -3.14 1.83
N PHE A 1435 -64.34 -3.87 0.72
CA PHE A 1435 -65.14 -5.10 0.70
C PHE A 1435 -64.43 -6.17 -0.11
N GLY A 1436 -64.86 -7.41 0.08
CA GLY A 1436 -64.04 -8.58 -0.15
C GLY A 1436 -63.83 -8.98 -1.60
N LYS A 1437 -63.29 -10.20 -1.73
CA LYS A 1437 -63.35 -11.01 -2.94
C LYS A 1437 -64.68 -11.74 -3.07
N PHE A 1438 -65.63 -11.47 -2.19
CA PHE A 1438 -66.99 -11.95 -2.37
C PHE A 1438 -67.79 -10.99 -3.27
N CYS A 1439 -69.04 -11.38 -3.50
CA CYS A 1439 -70.00 -10.57 -4.25
C CYS A 1439 -70.62 -9.53 -3.32
N PRO A 1440 -70.80 -8.27 -3.78
CA PRO A 1440 -71.19 -7.21 -2.85
C PRO A 1440 -72.66 -7.18 -2.44
N HIS A 1441 -73.44 -8.24 -2.71
CA HIS A 1441 -74.89 -8.18 -2.62
C HIS A 1441 -75.40 -8.17 -1.19
N ARG A 1442 -74.65 -8.78 -0.27
CA ARG A 1442 -75.14 -8.94 1.10
C ARG A 1442 -74.39 -8.03 2.08
N VAL A 1443 -73.07 -8.13 2.10
CA VAL A 1443 -72.30 -7.39 3.11
C VAL A 1443 -72.17 -5.93 2.68
N ALA A 1444 -71.82 -5.70 1.42
CA ALA A 1444 -71.54 -4.37 0.93
C ALA A 1444 -72.82 -3.59 0.64
N CYS A 1445 -73.94 -4.27 0.42
CA CYS A 1445 -75.20 -3.55 0.35
C CYS A 1445 -75.72 -3.10 1.71
N LYS A 1446 -75.65 -3.98 2.71
CA LYS A 1446 -76.28 -3.73 4.00
C LYS A 1446 -75.48 -2.76 4.86
N ARG A 1447 -74.15 -2.88 4.82
CA ARG A 1447 -73.29 -2.11 5.70
C ARG A 1447 -73.24 -0.63 5.31
N LEU A 1448 -73.33 -0.32 4.00
CA LEU A 1448 -73.19 1.05 3.53
C LEU A 1448 -74.34 1.94 3.97
N VAL A 1449 -75.50 1.36 4.29
CA VAL A 1449 -76.63 2.14 4.77
C VAL A 1449 -76.59 2.14 6.29
N GLY A 1450 -76.22 0.99 6.88
CA GLY A 1450 -76.25 0.85 8.33
C GLY A 1450 -75.14 1.57 9.07
N MET A 1451 -73.91 1.48 8.58
CA MET A 1451 -72.84 2.34 9.04
C MET A 1451 -73.13 3.77 8.62
N ASN A 1452 -72.71 4.72 9.45
CA ASN A 1452 -73.16 6.09 9.33
C ASN A 1452 -72.53 6.76 8.10
N MET A 1453 -73.21 7.78 7.59
CA MET A 1453 -72.73 8.65 6.52
C MET A 1453 -73.58 9.91 6.55
N PRO A 1454 -73.02 11.07 6.14
CA PRO A 1454 -73.83 12.29 6.07
C PRO A 1454 -74.77 12.29 4.88
N LEU A 1455 -75.99 12.78 5.05
CA LEU A 1455 -77.00 12.78 4.00
C LEU A 1455 -77.29 14.22 3.56
N ASN A 1456 -76.60 14.65 2.52
CA ASN A 1456 -76.95 15.87 1.79
C ASN A 1456 -77.85 15.47 0.62
N SER A 1457 -78.06 16.36 -0.35
CA SER A 1457 -78.92 16.10 -1.51
C SER A 1457 -78.42 14.92 -2.33
N ASP A 1458 -79.30 14.43 -3.23
CA ASP A 1458 -79.35 13.07 -3.81
C ASP A 1458 -77.97 12.64 -4.30
N GLY A 1459 -77.39 13.29 -5.30
CA GLY A 1459 -76.04 12.99 -5.69
C GLY A 1459 -74.98 13.88 -5.08
N THR A 1460 -75.04 14.10 -3.76
CA THR A 1460 -74.02 14.89 -3.05
C THR A 1460 -73.69 14.21 -1.71
N VAL A 1461 -72.66 13.36 -1.71
CA VAL A 1461 -72.00 12.94 -0.49
C VAL A 1461 -70.51 13.24 -0.66
N THR A 1462 -69.91 13.86 0.36
CA THR A 1462 -68.63 14.53 0.19
C THR A 1462 -67.44 13.58 0.19
N PHE A 1463 -66.33 14.03 -0.39
CA PHE A 1463 -65.03 13.40 -0.20
C PHE A 1463 -64.61 13.37 1.24
N ASN A 1464 -64.73 14.49 1.93
CA ASN A 1464 -64.10 14.71 3.21
C ASN A 1464 -64.64 13.83 4.34
N ALA A 1465 -65.81 13.23 4.17
CA ALA A 1465 -66.43 12.45 5.24
C ALA A 1465 -66.88 11.07 4.82
N THR A 1466 -66.90 10.76 3.52
CA THR A 1466 -67.15 9.38 3.12
C THR A 1466 -65.96 8.50 3.49
N LEU A 1467 -64.77 9.04 3.30
CA LEU A 1467 -63.53 8.38 3.67
C LEU A 1467 -63.40 8.19 5.17
N PHE A 1468 -64.14 8.97 5.97
CA PHE A 1468 -64.07 8.77 7.42
C PHE A 1468 -64.72 7.47 7.84
N ALA A 1469 -66.02 7.32 7.61
CA ALA A 1469 -66.75 6.14 8.08
C ALA A 1469 -66.33 4.88 7.34
N LEU A 1470 -65.76 5.04 6.16
CA LEU A 1470 -65.12 3.93 5.46
C LEU A 1470 -63.85 3.47 6.16
N VAL A 1471 -63.16 4.36 6.89
CA VAL A 1471 -62.02 3.92 7.69
C VAL A 1471 -62.36 3.82 9.17
N ARG A 1472 -63.43 4.47 9.63
CA ARG A 1472 -63.95 4.22 10.96
C ARG A 1472 -64.53 2.80 11.08
N THR A 1473 -65.02 2.25 9.96
CA THR A 1473 -65.49 0.87 9.97
C THR A 1473 -64.34 -0.11 10.08
N ALA A 1474 -63.30 0.04 9.24
CA ALA A 1474 -62.21 -0.92 9.13
C ALA A 1474 -61.42 -1.08 10.42
N LEU A 1475 -61.31 -0.02 11.21
CA LEU A 1475 -60.84 -0.07 12.60
C LEU A 1475 -61.33 1.20 13.30
N LYS A 1476 -61.29 1.13 14.64
CA LYS A 1476 -61.95 2.07 15.57
C LYS A 1476 -63.46 2.08 15.30
N ILE A 1477 -64.06 0.92 15.53
CA ILE A 1477 -65.45 0.70 15.14
C ILE A 1477 -66.35 0.69 16.39
N LYS A 1478 -67.45 1.45 16.34
CA LYS A 1478 -68.17 1.89 17.52
C LYS A 1478 -69.66 1.60 17.41
N THR A 1479 -70.31 1.63 18.57
CA THR A 1479 -71.76 1.45 18.67
C THR A 1479 -72.47 2.79 18.52
N GLU A 1480 -73.79 2.71 18.34
CA GLU A 1480 -74.60 3.89 18.07
C GLU A 1480 -74.87 4.69 19.35
N GLY A 1481 -75.24 5.96 19.16
CA GLY A 1481 -75.44 6.90 20.25
C GLY A 1481 -74.17 7.67 20.55
N ASN A 1482 -73.02 7.00 20.41
CA ASN A 1482 -71.70 7.60 20.57
C ASN A 1482 -71.05 7.93 19.23
N PHE A 1483 -71.85 8.34 18.24
CA PHE A 1483 -71.30 8.96 17.04
C PHE A 1483 -70.79 10.37 17.31
N GLU A 1484 -71.21 10.97 18.43
CA GLU A 1484 -70.60 12.20 18.93
C GLU A 1484 -69.32 11.94 19.69
N GLN A 1485 -69.11 10.71 20.16
CA GLN A 1485 -67.92 10.41 20.97
C GLN A 1485 -66.68 10.21 20.11
N ALA A 1486 -66.84 9.79 18.85
CA ALA A 1486 -65.72 9.83 17.91
C ALA A 1486 -65.38 11.27 17.55
N ASN A 1487 -66.42 12.10 17.37
CA ASN A 1487 -66.22 13.53 17.17
C ASN A 1487 -65.81 14.23 18.46
N GLU A 1488 -66.05 13.63 19.62
CA GLU A 1488 -65.53 14.20 20.86
C GLU A 1488 -64.02 14.04 20.95
N GLU A 1489 -63.52 12.87 20.59
CA GLU A 1489 -62.09 12.57 20.59
C GLU A 1489 -61.33 13.32 19.51
N LEU A 1490 -61.99 13.68 18.41
CA LEU A 1490 -61.34 14.30 17.27
C LEU A 1490 -61.11 15.79 17.46
N ARG A 1491 -61.18 16.30 18.68
CA ARG A 1491 -60.93 17.69 19.00
C ARG A 1491 -59.89 17.85 20.10
N ALA A 1492 -59.71 16.84 20.94
CA ALA A 1492 -58.77 16.96 22.05
C ALA A 1492 -57.34 16.57 21.66
N ILE A 1493 -57.15 15.29 21.31
CA ILE A 1493 -55.82 14.79 20.97
C ILE A 1493 -55.40 15.13 19.55
N ILE A 1494 -56.38 15.37 18.70
CA ILE A 1494 -56.15 15.67 17.30
C ILE A 1494 -55.66 17.09 17.04
N LYS A 1495 -55.03 17.27 15.88
CA LYS A 1495 -54.55 18.58 15.49
C LYS A 1495 -55.86 19.32 15.27
N LYS A 1496 -55.83 20.65 15.34
CA LYS A 1496 -57.08 21.37 15.19
C LYS A 1496 -57.75 20.98 13.88
N ILE A 1497 -59.04 20.70 13.96
CA ILE A 1497 -59.86 20.31 12.83
C ILE A 1497 -59.93 21.40 11.77
N TRP A 1498 -59.98 22.66 12.21
CA TRP A 1498 -60.07 23.81 11.31
C TRP A 1498 -61.51 24.07 10.87
N LYS A 1499 -62.45 23.43 11.56
CA LYS A 1499 -63.87 23.57 11.28
C LYS A 1499 -64.38 22.66 10.17
N ARG A 1500 -63.52 21.80 9.65
CA ARG A 1500 -63.93 20.87 8.61
C ARG A 1500 -64.63 19.62 9.14
N THR A 1501 -64.56 19.35 10.45
CA THR A 1501 -65.17 18.15 10.98
C THR A 1501 -66.67 18.28 11.20
N SER A 1502 -67.27 19.44 10.89
CA SER A 1502 -68.69 19.61 11.13
C SER A 1502 -69.53 18.80 10.13
N MET A 1503 -68.94 18.39 9.01
CA MET A 1503 -69.53 17.32 8.21
C MET A 1503 -68.90 15.97 8.53
N LYS A 1504 -67.72 15.94 9.14
CA LYS A 1504 -67.12 14.69 9.58
C LYS A 1504 -67.56 14.27 10.98
N LEU A 1505 -68.26 15.15 11.71
CA LEU A 1505 -68.92 14.73 12.93
C LEU A 1505 -70.23 14.04 12.61
N LEU A 1506 -71.08 14.72 11.85
CA LEU A 1506 -72.33 14.15 11.36
C LEU A 1506 -72.08 13.16 10.25
N MET B 1 -52.45 32.78 -7.05
CA MET B 1 -51.86 33.97 -6.46
C MET B 1 -50.73 33.54 -5.53
N SER B 2 -50.80 32.30 -5.06
CA SER B 2 -49.77 31.81 -4.15
C SER B 2 -48.42 31.44 -4.78
N PRO B 3 -48.30 30.96 -6.05
CA PRO B 3 -46.93 30.82 -6.57
C PRO B 3 -46.52 31.95 -7.49
N THR B 4 -47.44 32.86 -7.81
CA THR B 4 -47.15 33.91 -8.77
C THR B 4 -47.12 35.30 -8.15
N GLU B 5 -47.70 35.49 -6.96
CA GLU B 5 -47.70 36.79 -6.31
C GLU B 5 -47.02 36.75 -4.96
N ALA B 6 -46.40 35.63 -4.61
CA ALA B 6 -45.49 35.60 -3.48
C ALA B 6 -44.28 36.48 -3.79
N PRO B 7 -43.71 37.12 -2.78
CA PRO B 7 -42.52 37.95 -3.04
C PRO B 7 -41.29 37.11 -3.36
N LYS B 8 -41.20 35.90 -2.83
CA LYS B 8 -40.01 35.07 -3.04
C LYS B 8 -39.87 34.61 -4.48
N VAL B 9 -40.96 34.67 -5.26
CA VAL B 9 -40.91 34.34 -6.68
C VAL B 9 -40.74 35.60 -7.53
N ARG B 10 -40.90 36.78 -6.94
CA ARG B 10 -40.74 38.02 -7.69
C ARG B 10 -39.39 38.67 -7.44
N VAL B 11 -38.79 38.46 -6.26
CA VAL B 11 -37.38 38.75 -6.05
C VAL B 11 -36.52 37.99 -7.04
N THR B 12 -36.85 36.72 -7.27
CA THR B 12 -36.11 35.92 -8.23
C THR B 12 -36.39 36.37 -9.66
N LEU B 13 -37.64 36.71 -9.96
CA LEU B 13 -37.98 37.06 -11.32
C LEU B 13 -37.44 38.45 -11.68
N PHE B 14 -37.28 39.32 -10.69
CA PHE B 14 -36.59 40.58 -10.93
C PHE B 14 -35.09 40.39 -11.02
N CYS B 15 -34.56 39.37 -10.34
CA CYS B 15 -33.14 39.07 -10.48
C CYS B 15 -32.81 38.61 -11.89
N ILE B 16 -33.66 37.79 -12.51
CA ILE B 16 -33.52 37.41 -13.92
C ILE B 16 -33.58 38.63 -14.83
N LEU B 17 -34.31 39.67 -14.43
CA LEU B 17 -34.34 40.90 -15.20
C LEU B 17 -32.99 41.61 -15.18
N VAL B 18 -32.14 41.35 -14.19
CA VAL B 18 -30.76 41.83 -14.22
C VAL B 18 -29.91 40.98 -15.14
N GLY B 19 -30.00 39.66 -15.01
CA GLY B 19 -29.24 38.76 -15.87
C GLY B 19 -29.72 38.68 -17.29
N ILE B 20 -30.92 39.18 -17.59
CA ILE B 20 -31.34 39.20 -18.99
C ILE B 20 -30.58 40.28 -19.73
N VAL B 21 -30.10 41.31 -19.03
CA VAL B 21 -29.41 42.43 -19.67
C VAL B 21 -27.89 42.30 -19.52
N LEU B 22 -27.40 41.70 -18.43
CA LEU B 22 -25.96 41.49 -18.32
C LEU B 22 -25.48 40.44 -19.32
N ALA B 23 -26.29 39.42 -19.63
CA ALA B 23 -25.94 38.53 -20.72
C ALA B 23 -26.12 39.22 -22.05
N MET B 24 -26.95 40.26 -22.12
CA MET B 24 -26.98 41.11 -23.29
C MET B 24 -25.86 42.14 -23.31
N THR B 25 -25.31 42.52 -22.16
CA THR B 25 -24.12 43.36 -22.13
C THR B 25 -22.93 42.62 -22.72
N ALA B 26 -22.79 41.33 -22.39
CA ALA B 26 -21.71 40.53 -22.93
C ALA B 26 -21.85 40.27 -24.41
N VAL B 27 -23.06 39.99 -24.89
CA VAL B 27 -23.23 39.49 -26.24
C VAL B 27 -23.10 40.59 -27.28
N VAL B 28 -22.95 41.85 -26.87
CA VAL B 28 -22.60 42.91 -27.79
C VAL B 28 -21.21 43.48 -27.53
N SER B 29 -20.72 43.48 -26.30
CA SER B 29 -19.42 44.06 -26.02
C SER B 29 -18.34 43.03 -26.28
N ASP B 30 -17.31 43.43 -27.00
CA ASP B 30 -16.19 42.55 -27.33
C ASP B 30 -14.95 43.02 -26.56
N HIS B 31 -14.89 42.63 -25.30
CA HIS B 31 -13.85 43.11 -24.39
C HIS B 31 -13.34 42.01 -23.46
N TRP B 32 -13.67 40.74 -23.71
CA TRP B 32 -13.31 39.70 -22.75
C TRP B 32 -12.00 39.03 -23.04
N ALA B 33 -11.11 39.66 -23.79
CA ALA B 33 -9.75 39.16 -23.93
C ALA B 33 -8.85 40.31 -24.30
N VAL B 34 -7.57 40.14 -23.97
CA VAL B 34 -6.52 41.11 -24.32
C VAL B 34 -5.39 40.33 -24.97
N LEU B 35 -5.20 40.53 -26.28
CA LEU B 35 -3.93 40.19 -26.90
C LEU B 35 -2.88 41.20 -26.48
N SER B 36 -1.71 40.70 -26.06
CA SER B 36 -0.67 41.57 -25.51
C SER B 36 0.71 41.14 -25.99
N PRO B 37 1.03 41.35 -27.29
CA PRO B 37 2.38 40.99 -27.78
C PRO B 37 3.47 41.92 -27.27
N HIS B 38 3.30 43.22 -27.56
CA HIS B 38 4.31 44.28 -27.38
C HIS B 38 5.70 43.92 -27.93
N CYS B 46 1.92 48.92 -31.89
CA CYS B 46 1.30 48.00 -30.94
C CYS B 46 0.22 47.16 -31.60
N GLU B 47 0.11 45.90 -31.19
CA GLU B 47 -0.87 44.98 -31.75
C GLU B 47 -1.84 44.45 -30.71
N ALA B 48 -2.33 45.31 -29.81
CA ALA B 48 -3.17 44.86 -28.71
C ALA B 48 -4.61 44.71 -29.20
N ALA B 49 -5.11 43.47 -29.19
CA ALA B 49 -6.42 43.14 -29.74
C ALA B 49 -7.35 42.65 -28.64
N HIS B 50 -8.64 42.99 -28.81
CA HIS B 50 -9.69 42.71 -27.84
C HIS B 50 -10.74 41.82 -28.48
N PHE B 51 -10.85 40.59 -28.00
CA PHE B 51 -11.68 39.63 -28.69
C PHE B 51 -13.13 39.69 -28.19
N GLY B 52 -14.00 38.99 -28.88
CA GLY B 52 -15.41 38.95 -28.58
C GLY B 52 -16.05 37.83 -29.34
N LEU B 53 -17.32 38.02 -29.71
CA LEU B 53 -17.96 37.06 -30.59
C LEU B 53 -18.00 37.54 -32.02
N TRP B 54 -18.32 38.82 -32.22
CA TRP B 54 -18.71 39.32 -33.52
C TRP B 54 -17.66 40.21 -34.16
N ARG B 55 -16.93 40.95 -33.35
CA ARG B 55 -15.90 41.86 -33.86
C ARG B 55 -14.55 41.68 -33.16
N ILE B 56 -13.49 41.80 -33.94
CA ILE B 56 -12.12 41.66 -33.44
C ILE B 56 -11.40 42.97 -33.76
N CYS B 57 -10.98 43.69 -32.73
CA CYS B 57 -10.50 45.04 -32.90
C CYS B 57 -9.11 45.16 -32.28
N THR B 58 -8.16 45.66 -33.07
CA THR B 58 -6.76 45.82 -32.66
C THR B 58 -6.47 47.30 -32.49
N LYS B 59 -6.08 47.69 -31.28
CA LYS B 59 -5.90 49.08 -30.90
C LYS B 59 -4.43 49.31 -30.56
N ARG B 60 -3.91 50.47 -30.94
CA ARG B 60 -2.48 50.77 -30.75
C ARG B 60 -2.23 51.11 -29.29
N GLY B 76 -7.25 58.14 -33.82
CA GLY B 76 -6.83 56.86 -33.28
C GLY B 76 -7.01 55.76 -34.30
N GLU B 77 -6.21 54.70 -34.18
CA GLU B 77 -6.28 53.59 -35.12
C GLU B 77 -7.11 52.46 -34.51
N LYS B 78 -8.42 52.70 -34.51
CA LYS B 78 -9.44 51.75 -34.06
C LYS B 78 -9.95 50.97 -35.27
N ASN B 79 -9.40 49.77 -35.49
CA ASN B 79 -9.73 48.92 -36.63
C ASN B 79 -10.53 47.72 -36.13
N CYS B 80 -11.84 47.81 -36.18
CA CYS B 80 -12.69 46.72 -35.72
C CYS B 80 -13.25 45.95 -36.92
N SER B 81 -13.10 44.63 -36.90
CA SER B 81 -13.54 43.79 -38.02
C SER B 81 -13.81 42.38 -37.49
N TYR B 82 -14.22 41.49 -38.40
CA TYR B 82 -14.52 40.10 -38.04
C TYR B 82 -13.38 39.20 -38.51
N PHE B 83 -13.52 37.89 -38.32
CA PHE B 83 -12.47 36.98 -38.75
C PHE B 83 -12.92 36.17 -39.96
N SER B 104 -14.20 31.43 -32.79
CA SER B 104 -15.09 32.57 -32.63
C SER B 104 -16.47 32.27 -33.19
N ILE B 105 -16.52 31.46 -34.24
CA ILE B 105 -17.77 31.09 -34.87
C ILE B 105 -18.61 30.20 -33.96
N SER B 106 -17.96 29.28 -33.27
CA SER B 106 -18.64 28.36 -32.37
C SER B 106 -19.39 29.13 -31.28
N ALA B 107 -18.69 30.04 -30.61
CA ALA B 107 -19.28 30.84 -29.55
C ALA B 107 -20.44 31.68 -30.08
N ALA B 108 -20.23 32.30 -31.24
CA ALA B 108 -21.26 33.12 -31.85
C ALA B 108 -22.52 32.31 -32.16
N ALA B 109 -22.33 31.14 -32.74
CA ALA B 109 -23.45 30.27 -33.09
C ALA B 109 -24.12 29.75 -31.82
N ILE B 110 -23.32 29.47 -30.80
CA ILE B 110 -23.85 28.96 -29.54
C ILE B 110 -24.65 30.04 -28.80
N SER B 111 -24.21 31.29 -28.94
CA SER B 111 -24.87 32.40 -28.29
C SER B 111 -26.00 33.00 -29.12
N VAL B 112 -26.36 32.41 -30.25
CA VAL B 112 -27.69 32.66 -30.78
C VAL B 112 -28.72 31.92 -29.94
N PHE B 113 -28.37 30.72 -29.49
CA PHE B 113 -29.30 29.95 -28.67
C PHE B 113 -29.41 30.50 -27.26
N SER B 114 -28.32 31.00 -26.70
CA SER B 114 -28.42 31.60 -25.37
C SER B 114 -29.29 32.84 -25.39
N LEU B 115 -29.22 33.66 -26.43
CA LEU B 115 -30.08 34.84 -26.51
C LEU B 115 -31.56 34.50 -26.82
N GLY B 116 -31.72 33.63 -27.81
CA GLY B 116 -33.02 33.19 -28.29
C GLY B 116 -33.83 32.43 -27.28
N PHE B 117 -33.17 31.54 -26.56
CA PHE B 117 -33.84 30.75 -25.54
C PHE B 117 -34.37 31.69 -24.47
N LEU B 118 -33.58 32.69 -24.11
CA LEU B 118 -33.99 33.65 -23.10
C LEU B 118 -35.23 34.40 -23.59
N ILE B 119 -35.20 34.79 -24.86
CA ILE B 119 -36.34 35.51 -25.40
C ILE B 119 -37.60 34.64 -25.33
N MET B 120 -37.46 33.37 -25.69
CA MET B 120 -38.61 32.45 -25.66
C MET B 120 -39.12 32.24 -24.24
N GLY B 121 -38.19 32.16 -23.31
CA GLY B 121 -38.50 31.95 -21.91
C GLY B 121 -39.31 33.10 -21.38
N THR B 122 -38.99 34.31 -21.84
CA THR B 122 -39.74 35.48 -21.38
C THR B 122 -41.23 35.40 -21.75
N ILE B 123 -41.50 34.87 -22.93
CA ILE B 123 -42.85 34.76 -23.48
C ILE B 123 -43.69 33.79 -22.68
N CYS B 124 -43.07 32.76 -22.12
CA CYS B 124 -43.74 31.94 -21.13
C CYS B 124 -43.86 32.67 -19.80
N ALA B 125 -42.86 33.46 -19.42
CA ALA B 125 -42.91 34.12 -18.12
C ALA B 125 -43.77 35.37 -18.12
N LEU B 126 -43.79 36.12 -19.22
CA LEU B 126 -44.63 37.32 -19.25
C LEU B 126 -46.10 36.95 -19.36
N MET B 127 -46.40 35.79 -19.91
CA MET B 127 -47.80 35.41 -20.05
C MET B 127 -48.32 34.63 -18.85
N ALA B 128 -47.42 34.19 -17.98
CA ALA B 128 -47.81 33.45 -16.80
C ALA B 128 -48.13 34.34 -15.60
N PHE B 129 -48.04 35.65 -15.71
CA PHE B 129 -48.52 36.49 -14.62
C PHE B 129 -49.94 36.96 -14.83
N ARG B 130 -50.57 36.51 -15.90
CA ARG B 130 -51.94 36.93 -16.16
C ARG B 130 -52.86 35.77 -16.51
N LYS B 131 -54.15 35.93 -16.25
CA LYS B 131 -55.12 34.88 -16.58
C LYS B 131 -55.13 33.70 -15.62
N LYS B 132 -54.51 33.89 -14.46
CA LYS B 132 -54.44 32.89 -13.40
C LYS B 132 -53.80 31.55 -13.74
N ARG B 133 -52.76 31.56 -14.55
CA ARG B 133 -52.05 30.34 -14.90
C ARG B 133 -50.65 30.43 -14.34
N ASP B 134 -50.22 29.39 -13.66
CA ASP B 134 -48.95 29.40 -12.95
C ASP B 134 -48.10 28.19 -13.29
N TYR B 135 -48.75 27.26 -13.97
CA TYR B 135 -48.21 26.03 -14.52
C TYR B 135 -47.24 26.42 -15.61
N LEU B 136 -47.63 27.46 -16.34
CA LEU B 136 -46.90 27.99 -17.47
C LEU B 136 -45.49 28.44 -17.08
N LEU B 137 -45.37 28.94 -15.87
CA LEU B 137 -44.10 29.41 -15.41
C LEU B 137 -43.08 28.28 -15.40
N ARG B 138 -43.53 27.06 -15.17
CA ARG B 138 -42.60 25.94 -15.05
C ARG B 138 -41.64 25.85 -16.24
N PRO B 139 -42.12 26.02 -17.46
CA PRO B 139 -41.23 26.06 -18.62
C PRO B 139 -40.41 27.32 -18.69
N ALA B 140 -40.87 28.44 -18.14
CA ALA B 140 -40.07 29.66 -18.15
C ALA B 140 -38.82 29.50 -17.32
N SER B 141 -38.88 28.73 -16.26
CA SER B 141 -37.68 28.43 -15.51
C SER B 141 -36.79 27.43 -16.20
N MET B 142 -37.31 26.70 -17.18
CA MET B 142 -36.45 25.78 -17.91
C MET B 142 -35.53 26.53 -18.84
N PHE B 143 -36.08 27.50 -19.55
CA PHE B 143 -35.31 28.18 -20.56
C PHE B 143 -34.30 29.12 -19.96
N TYR B 144 -34.45 29.49 -18.71
CA TYR B 144 -33.43 30.29 -18.08
C TYR B 144 -32.28 29.47 -17.55
N VAL B 145 -32.50 28.19 -17.25
CA VAL B 145 -31.34 27.33 -17.03
C VAL B 145 -30.65 27.08 -18.35
N PHE B 146 -31.40 26.85 -19.40
CA PHE B 146 -30.73 26.61 -20.65
C PHE B 146 -30.02 27.87 -21.11
N ALA B 147 -30.69 29.01 -21.04
CA ALA B 147 -29.97 30.21 -21.43
C ALA B 147 -28.80 30.46 -20.52
N GLY B 148 -28.77 29.85 -19.36
CA GLY B 148 -27.65 29.97 -18.47
C GLY B 148 -26.52 29.12 -19.00
N LEU B 149 -26.84 27.89 -19.32
CA LEU B 149 -25.85 26.91 -19.77
C LEU B 149 -25.43 27.08 -21.20
N CYS B 150 -26.15 27.86 -22.01
CA CYS B 150 -25.66 28.16 -23.34
C CYS B 150 -24.81 29.41 -23.39
N LEU B 151 -24.57 30.08 -22.27
CA LEU B 151 -23.43 30.97 -22.18
C LEU B 151 -22.20 30.26 -21.70
N PHE B 152 -22.36 29.26 -20.84
CA PHE B 152 -21.25 28.51 -20.29
C PHE B 152 -20.55 27.66 -21.33
N VAL B 153 -21.25 27.24 -22.37
CA VAL B 153 -20.53 26.71 -23.53
C VAL B 153 -19.79 27.84 -24.23
N SER B 154 -20.48 28.96 -24.38
CA SER B 154 -19.89 30.14 -25.03
C SER B 154 -18.62 30.57 -24.31
N LEU B 155 -18.67 30.57 -22.98
CA LEU B 155 -17.53 30.96 -22.17
C LEU B 155 -16.36 30.01 -22.42
N GLU B 156 -16.65 28.72 -22.50
CA GLU B 156 -15.62 27.72 -22.74
C GLU B 156 -15.12 27.81 -24.18
N VAL B 157 -16.00 28.19 -25.08
CA VAL B 157 -15.65 28.30 -26.50
C VAL B 157 -14.74 29.50 -26.76
N MET B 158 -14.92 30.56 -25.98
CA MET B 158 -14.11 31.77 -26.14
C MET B 158 -12.73 31.61 -25.51
N ARG B 159 -12.64 30.74 -24.50
CA ARG B 159 -11.39 30.51 -23.81
C ARG B 159 -10.39 29.78 -24.71
N GLN B 160 -10.89 28.88 -25.56
CA GLN B 160 -10.03 28.13 -26.46
C GLN B 160 -9.39 29.03 -27.51
N SER B 161 -10.13 30.04 -27.95
CA SER B 161 -9.63 30.98 -28.95
C SER B 161 -8.44 31.78 -28.42
N VAL B 162 -8.51 32.18 -27.16
CA VAL B 162 -7.44 32.95 -26.53
C VAL B 162 -6.29 32.04 -26.10
N LYS B 163 -6.59 30.76 -25.92
CA LYS B 163 -5.58 29.80 -25.51
C LYS B 163 -4.73 29.32 -26.70
N ARG B 164 -5.34 29.30 -27.88
CA ARG B 164 -4.64 28.87 -29.09
C ARG B 164 -3.85 30.02 -29.72
N MET B 165 -4.18 31.24 -29.31
CA MET B 165 -3.50 32.43 -29.83
C MET B 165 -2.70 33.12 -28.74
N ILE B 174 2.56 37.98 -26.05
CA ILE B 174 1.21 37.51 -26.32
C ILE B 174 0.66 36.85 -25.06
N GLU B 175 -0.31 37.52 -24.42
CA GLU B 175 -0.88 37.08 -23.15
C GLU B 175 -2.41 37.06 -23.17
N TYR B 176 -3.03 36.92 -22.00
CA TYR B 176 -4.49 36.98 -21.93
C TYR B 176 -4.93 37.63 -20.64
N TYR B 177 -6.02 38.40 -20.76
CA TYR B 177 -6.60 39.13 -19.64
C TYR B 177 -8.02 39.51 -20.02
N TYR B 178 -8.96 39.27 -19.11
CA TYR B 178 -10.36 39.62 -19.35
C TYR B 178 -10.83 40.57 -18.25
N SER B 179 -11.53 41.62 -18.66
CA SER B 179 -11.85 42.66 -17.69
C SER B 179 -13.32 43.06 -17.65
N TRP B 180 -13.96 43.15 -18.81
CA TRP B 180 -15.20 43.89 -18.97
C TRP B 180 -16.39 43.04 -19.35
N SER B 181 -16.17 41.89 -19.98
CA SER B 181 -17.26 41.09 -20.53
C SER B 181 -17.08 39.60 -20.43
N PHE B 182 -16.05 39.10 -19.76
CA PHE B 182 -16.06 37.71 -19.34
C PHE B 182 -16.67 37.61 -17.96
N ALA B 183 -16.21 38.47 -17.06
CA ALA B 183 -16.78 38.56 -15.73
C ALA B 183 -18.16 39.21 -15.74
N CYS B 184 -18.55 39.84 -16.84
CA CYS B 184 -19.96 40.16 -17.02
C CYS B 184 -20.76 38.91 -17.28
N ALA B 185 -20.38 38.13 -18.30
CA ALA B 185 -21.11 36.93 -18.62
C ALA B 185 -20.91 35.83 -17.58
N CYS B 186 -19.80 35.84 -16.86
CA CYS B 186 -19.70 34.91 -15.73
C CYS B 186 -20.44 35.42 -14.51
N ALA B 187 -21.07 36.59 -14.60
CA ALA B 187 -22.06 37.00 -13.61
C ALA B 187 -23.48 36.92 -14.16
N ALA B 188 -23.63 36.66 -15.45
CA ALA B 188 -24.92 36.39 -16.04
C ALA B 188 -25.16 34.91 -16.28
N PHE B 189 -24.09 34.14 -16.44
CA PHE B 189 -24.20 32.70 -16.26
C PHE B 189 -24.72 32.37 -14.88
N VAL B 190 -23.97 32.77 -13.84
CA VAL B 190 -24.31 32.40 -12.46
C VAL B 190 -25.63 33.02 -12.02
N LEU B 191 -26.03 34.11 -12.64
CA LEU B 191 -27.36 34.62 -12.38
C LEU B 191 -28.41 33.74 -13.05
N LEU B 192 -28.33 33.53 -14.36
CA LEU B 192 -29.37 32.81 -15.07
C LEU B 192 -29.36 31.33 -14.75
N PHE B 193 -28.20 30.75 -14.49
CA PHE B 193 -28.19 29.36 -14.12
C PHE B 193 -28.77 29.12 -12.74
N LEU B 194 -28.64 30.09 -11.83
CA LEU B 194 -29.11 29.85 -10.47
C LEU B 194 -30.36 30.63 -10.15
N GLY B 195 -30.66 31.67 -10.90
CA GLY B 195 -32.01 32.18 -10.84
C GLY B 195 -33.02 31.38 -11.65
N GLY B 196 -32.57 30.33 -12.32
CA GLY B 196 -33.48 29.45 -13.01
C GLY B 196 -33.80 28.25 -12.16
N ILE B 197 -32.80 27.68 -11.50
CA ILE B 197 -33.05 26.50 -10.68
C ILE B 197 -33.82 26.88 -9.43
N SER B 198 -33.58 28.08 -8.91
CA SER B 198 -34.31 28.51 -7.73
C SER B 198 -35.74 28.89 -8.07
N LEU B 199 -35.97 29.53 -9.22
CA LEU B 199 -37.34 29.76 -9.69
C LEU B 199 -38.08 28.46 -9.92
N LEU B 200 -37.36 27.43 -10.34
CA LEU B 200 -37.97 26.12 -10.51
C LEU B 200 -38.45 25.56 -9.18
N LEU B 201 -37.59 25.57 -8.17
CA LEU B 201 -38.01 25.05 -6.88
C LEU B 201 -38.93 26.02 -6.16
N PHE B 202 -38.99 27.28 -6.56
CA PHE B 202 -39.98 28.21 -6.00
C PHE B 202 -41.26 28.20 -6.80
N SER B 203 -41.41 27.26 -7.72
CA SER B 203 -42.65 27.07 -8.46
C SER B 203 -43.13 25.63 -8.50
N LEU B 204 -42.24 24.65 -8.42
CA LEU B 204 -42.66 23.30 -8.12
C LEU B 204 -43.25 23.28 -6.71
N PRO B 205 -44.30 22.45 -6.43
CA PRO B 205 -45.14 22.67 -5.25
C PRO B 205 -44.43 22.68 -3.89
N ARG B 206 -43.86 21.56 -3.47
CA ARG B 206 -43.04 21.37 -2.27
C ARG B 206 -42.69 19.89 -2.23
N MET B 207 -41.68 19.55 -1.45
CA MET B 207 -41.60 18.17 -1.03
C MET B 207 -42.75 17.91 -0.08
N PRO B 208 -43.41 16.76 -0.19
CA PRO B 208 -44.75 16.60 0.40
C PRO B 208 -44.85 16.67 1.92
N GLN B 209 -43.81 16.31 2.67
CA GLN B 209 -43.65 16.55 4.11
C GLN B 209 -44.66 15.85 5.02
N ASN B 210 -45.63 15.15 4.50
CA ASN B 210 -46.66 14.50 5.31
C ASN B 210 -47.06 13.26 4.56
N PRO B 211 -47.57 12.23 5.22
CA PRO B 211 -47.93 11.03 4.47
C PRO B 211 -49.18 11.23 3.63
N TRP B 212 -50.08 12.11 4.04
CA TRP B 212 -51.31 12.37 3.29
C TRP B 212 -51.14 13.13 1.96
N GLU B 213 -50.28 14.14 1.97
CA GLU B 213 -50.04 15.02 0.81
C GLU B 213 -49.35 14.42 -0.42
N SER B 214 -49.73 14.92 -1.59
CA SER B 214 -49.16 14.49 -2.86
C SER B 214 -48.91 15.66 -3.81
N CYS B 215 -47.88 15.55 -4.63
CA CYS B 215 -47.53 16.61 -5.58
C CYS B 215 -48.66 16.76 -6.58
N MET B 216 -48.90 17.97 -7.05
CA MET B 216 -50.00 18.21 -7.96
C MET B 216 -51.29 18.06 -7.16
N ASP B 217 -51.17 18.26 -5.84
CA ASP B 217 -52.28 18.15 -4.91
C ASP B 217 -53.28 19.26 -5.27
N ALA B 218 -54.56 18.98 -5.08
CA ALA B 218 -55.56 19.96 -5.45
C ALA B 218 -55.21 21.35 -4.91
N GLU B 219 -55.70 22.37 -5.64
CA GLU B 219 -55.46 23.81 -5.46
C GLU B 219 -54.02 24.21 -5.08
N PHE C 29 36.59 -10.74 -79.91
CA PHE C 29 37.42 -10.92 -78.73
C PHE C 29 38.83 -11.33 -79.15
N PRO C 30 39.83 -10.60 -78.67
CA PRO C 30 41.20 -10.86 -79.15
C PRO C 30 41.72 -12.19 -78.65
N SER C 31 42.65 -12.75 -79.42
CA SER C 31 43.18 -14.07 -79.13
C SER C 31 44.10 -14.03 -77.93
N ALA C 32 44.43 -15.22 -77.43
CA ALA C 32 45.23 -15.34 -76.22
C ALA C 32 46.66 -14.87 -76.42
N VAL C 33 47.16 -14.88 -77.66
CA VAL C 33 48.49 -14.36 -77.92
C VAL C 33 48.48 -12.83 -78.02
N THR C 34 47.37 -12.23 -78.42
CA THR C 34 47.30 -10.78 -78.48
C THR C 34 47.26 -10.17 -77.08
N ILE C 35 46.49 -10.77 -76.16
CA ILE C 35 46.54 -10.34 -74.77
C ILE C 35 47.91 -10.65 -74.16
N LYS C 36 48.53 -11.76 -74.56
CA LYS C 36 49.87 -12.09 -74.09
C LYS C 36 50.90 -11.05 -74.50
N SER C 37 50.86 -10.63 -75.76
CA SER C 37 51.82 -9.65 -76.24
C SER C 37 51.53 -8.25 -75.76
N TRP C 38 50.30 -7.96 -75.36
CA TRP C 38 49.93 -6.61 -74.97
C TRP C 38 50.07 -6.39 -73.48
N VAL C 39 50.00 -7.45 -72.69
CA VAL C 39 50.40 -7.36 -71.29
C VAL C 39 51.90 -7.15 -71.19
N ASP C 40 52.67 -7.87 -72.00
CA ASP C 40 54.12 -7.79 -71.90
C ASP C 40 54.67 -6.44 -72.33
N LYS C 41 53.89 -5.57 -72.94
CA LYS C 41 54.36 -4.21 -73.16
C LYS C 41 53.79 -3.24 -72.16
N MET C 42 52.97 -3.68 -71.21
CA MET C 42 52.59 -2.79 -70.14
C MET C 42 52.80 -3.39 -68.76
N GLN C 43 53.48 -4.52 -68.66
CA GLN C 43 54.22 -4.82 -67.44
C GLN C 43 55.67 -4.46 -67.59
N GLU C 44 56.18 -4.42 -68.80
CA GLU C 44 57.52 -3.90 -69.05
C GLU C 44 57.54 -2.40 -68.88
N ASP C 45 56.39 -1.75 -68.96
CA ASP C 45 56.33 -0.30 -68.90
C ASP C 45 56.25 0.17 -67.46
N LEU C 46 55.43 -0.50 -66.64
CA LEU C 46 55.35 -0.16 -65.22
C LEU C 46 56.64 -0.48 -64.49
N VAL C 47 57.29 -1.58 -64.83
CA VAL C 47 58.45 -2.00 -64.06
C VAL C 47 59.66 -1.16 -64.41
N THR C 48 59.82 -0.82 -65.69
CA THR C 48 60.88 0.11 -66.08
C THR C 48 60.66 1.48 -65.46
N LEU C 49 59.42 1.90 -65.36
CA LEU C 49 59.12 3.15 -64.67
C LEU C 49 59.46 3.05 -63.20
N ALA C 50 59.31 1.88 -62.60
CA ALA C 50 59.59 1.75 -61.17
C ALA C 50 61.02 1.35 -60.88
N LYS C 51 61.66 0.59 -61.77
CA LYS C 51 63.05 0.28 -61.54
C LYS C 51 63.93 1.50 -61.71
N THR C 52 63.53 2.40 -62.60
CA THR C 52 64.35 3.56 -62.90
C THR C 52 64.08 4.72 -61.95
N ALA C 53 62.83 5.08 -61.75
CA ALA C 53 62.56 6.28 -60.98
C ALA C 53 62.83 6.10 -59.49
N SER C 54 62.56 4.94 -58.93
CA SER C 54 62.76 4.74 -57.50
C SER C 54 64.24 4.61 -57.15
N GLY C 55 65.00 3.85 -57.91
CA GLY C 55 66.40 3.70 -57.61
C GLY C 55 66.71 2.48 -56.79
N VAL C 56 66.22 1.33 -57.24
CA VAL C 56 66.50 0.10 -56.52
C VAL C 56 67.96 -0.25 -56.65
N HIS C 57 68.47 -0.31 -57.87
CA HIS C 57 69.87 -0.66 -58.07
C HIS C 57 70.85 0.38 -57.60
N GLN C 58 70.42 1.62 -57.41
CA GLN C 58 71.33 2.63 -56.87
C GLN C 58 71.48 2.49 -55.37
N LEU C 59 70.39 2.23 -54.66
CA LEU C 59 70.49 2.07 -53.21
C LEU C 59 71.15 0.76 -52.85
N VAL C 60 71.01 -0.26 -53.68
CA VAL C 60 71.81 -1.47 -53.55
C VAL C 60 73.27 -1.13 -53.72
N ASP C 61 73.58 -0.20 -54.60
CA ASP C 61 74.95 0.09 -54.95
C ASP C 61 75.67 0.83 -53.84
N ILE C 62 74.96 1.68 -53.08
CA ILE C 62 75.67 2.50 -52.11
C ILE C 62 75.76 1.80 -50.74
N TYR C 63 74.83 0.93 -50.38
CA TYR C 63 75.06 -0.02 -49.30
C TYR C 63 76.26 -0.90 -49.58
N GLU C 64 76.51 -1.23 -50.83
CA GLU C 64 77.66 -2.06 -51.10
C GLU C 64 78.92 -1.27 -51.38
N LYS C 65 78.80 0.01 -51.67
CA LYS C 65 79.96 0.83 -51.99
C LYS C 65 80.79 1.12 -50.77
N TYR C 66 80.18 1.06 -49.59
CA TYR C 66 80.82 1.51 -48.36
C TYR C 66 81.42 0.38 -47.54
N GLN C 67 80.63 -0.64 -47.19
CA GLN C 67 81.09 -1.91 -46.62
C GLN C 67 81.71 -1.80 -45.23
N ASP C 68 82.00 -0.59 -44.77
CA ASP C 68 82.94 -0.35 -43.70
C ASP C 68 82.48 0.71 -42.74
N LEU C 69 81.47 1.47 -43.11
CA LEU C 69 80.69 2.19 -42.13
C LEU C 69 79.87 1.26 -41.26
N TYR C 70 79.69 0.01 -41.67
CA TYR C 70 78.92 -0.94 -40.89
C TYR C 70 79.58 -2.31 -40.94
N THR C 71 79.16 -3.16 -40.03
CA THR C 71 79.48 -4.57 -40.08
C THR C 71 78.19 -5.39 -40.05
N VAL C 72 78.30 -6.65 -40.44
CA VAL C 72 77.15 -7.52 -40.61
C VAL C 72 77.24 -8.62 -39.58
N GLU C 73 76.40 -8.57 -38.56
CA GLU C 73 76.40 -9.53 -37.48
C GLU C 73 75.22 -10.49 -37.61
N PRO C 74 75.30 -11.67 -37.01
CA PRO C 74 74.16 -12.58 -37.07
C PRO C 74 73.17 -12.50 -35.92
N ASN C 75 71.91 -12.76 -36.23
CA ASN C 75 70.89 -13.04 -35.22
C ASN C 75 70.96 -14.52 -34.92
N ASN C 76 71.57 -14.88 -33.81
CA ASN C 76 71.58 -16.27 -33.41
C ASN C 76 70.28 -16.49 -32.65
N ALA C 77 69.25 -16.94 -33.35
CA ALA C 77 67.94 -17.10 -32.74
C ALA C 77 67.86 -18.29 -31.85
N ARG C 78 68.91 -19.05 -31.66
CA ARG C 78 68.93 -19.93 -30.50
C ARG C 78 69.29 -19.11 -29.29
N GLN C 79 70.34 -18.33 -29.46
CA GLN C 79 70.92 -17.49 -28.43
C GLN C 79 70.05 -16.34 -27.97
N LEU C 80 69.39 -15.68 -28.92
CA LEU C 80 68.53 -14.55 -28.57
C LEU C 80 67.39 -15.00 -27.68
N VAL C 81 66.78 -16.13 -28.03
CA VAL C 81 65.67 -16.64 -27.26
C VAL C 81 66.13 -16.99 -25.85
N GLU C 82 67.28 -17.63 -25.76
CA GLU C 82 67.80 -18.00 -24.45
C GLU C 82 68.06 -16.77 -23.61
N ILE C 83 68.62 -15.73 -24.22
CA ILE C 83 68.88 -14.52 -23.47
C ILE C 83 67.58 -13.88 -22.99
N ALA C 84 66.56 -13.85 -23.85
CA ALA C 84 65.28 -13.25 -23.47
C ALA C 84 64.56 -14.04 -22.37
N ALA C 85 64.56 -15.36 -22.51
CA ALA C 85 63.93 -16.27 -21.57
C ALA C 85 64.44 -16.05 -20.18
N ARG C 86 65.61 -15.45 -20.05
CA ARG C 86 66.25 -15.24 -18.76
CA ARG C 86 66.25 -15.23 -18.77
C ARG C 86 66.01 -13.85 -18.20
N ASP C 87 65.75 -12.86 -19.03
CA ASP C 87 65.35 -11.60 -18.44
C ASP C 87 63.93 -11.65 -17.96
N ILE C 88 63.08 -12.46 -18.57
CA ILE C 88 61.75 -12.62 -18.02
C ILE C 88 61.79 -13.57 -16.83
N GLU C 89 62.77 -14.46 -16.77
CA GLU C 89 62.93 -15.23 -15.55
C GLU C 89 63.35 -14.34 -14.40
N LYS C 90 64.34 -13.49 -14.63
CA LYS C 90 64.85 -12.67 -13.56
C LYS C 90 63.89 -11.57 -13.17
N LEU C 91 63.14 -11.03 -14.14
CA LEU C 91 62.12 -10.04 -13.83
C LEU C 91 61.06 -10.62 -12.95
N LEU C 92 60.59 -11.79 -13.29
CA LEU C 92 59.50 -12.42 -12.57
C LEU C 92 59.99 -13.19 -11.37
N SER C 93 61.30 -13.32 -11.16
CA SER C 93 61.81 -13.77 -9.87
C SER C 93 62.07 -12.62 -8.94
N ASN C 94 62.56 -11.50 -9.47
CA ASN C 94 62.67 -10.29 -8.68
C ASN C 94 61.33 -9.81 -8.16
N ARG C 95 60.26 -10.02 -8.90
CA ARG C 95 58.94 -9.59 -8.44
C ARG C 95 58.52 -10.48 -7.27
N SER C 96 58.85 -11.75 -7.44
CA SER C 96 58.54 -12.81 -6.49
C SER C 96 59.19 -12.65 -5.12
N LYS C 97 60.44 -12.20 -5.09
CA LYS C 97 61.11 -12.01 -3.82
C LYS C 97 60.39 -10.94 -3.01
N ALA C 98 59.99 -9.88 -3.70
CA ALA C 98 59.28 -8.79 -3.07
C ALA C 98 57.98 -9.33 -2.51
N LEU C 99 57.31 -10.15 -3.31
CA LEU C 99 56.05 -10.71 -2.84
C LEU C 99 56.24 -11.54 -1.58
N VAL C 100 57.29 -12.35 -1.53
CA VAL C 100 57.50 -13.20 -0.35
C VAL C 100 57.72 -12.42 0.95
N ARG C 101 58.53 -11.37 0.91
CA ARG C 101 58.77 -10.58 2.11
C ARG C 101 57.51 -9.88 2.64
N LEU C 102 56.72 -9.35 1.72
CA LEU C 102 55.49 -8.68 2.12
C LEU C 102 54.61 -9.68 2.83
N ALA C 103 54.51 -10.88 2.28
CA ALA C 103 53.68 -11.91 2.88
C ALA C 103 54.18 -12.26 4.26
N LEU C 104 55.49 -12.39 4.41
CA LEU C 104 56.01 -12.73 5.73
C LEU C 104 55.67 -11.66 6.73
N GLU C 105 55.83 -10.41 6.34
CA GLU C 105 55.53 -9.33 7.27
C GLU C 105 54.07 -9.34 7.64
N ALA C 106 53.21 -9.53 6.66
CA ALA C 106 51.79 -9.52 6.95
C ALA C 106 51.44 -10.62 7.92
N GLU C 107 51.99 -11.81 7.72
CA GLU C 107 51.68 -12.91 8.62
C GLU C 107 52.16 -12.65 10.03
N LYS C 108 53.38 -12.15 10.14
CA LYS C 108 53.98 -11.87 11.44
C LYS C 108 53.32 -10.72 12.21
N VAL C 109 52.91 -9.73 11.44
CA VAL C 109 52.39 -8.45 11.90
C VAL C 109 51.00 -8.60 12.50
N GLN C 110 50.15 -9.37 11.81
CA GLN C 110 48.80 -9.59 12.27
C GLN C 110 48.74 -10.62 13.38
N ALA C 111 49.73 -11.50 13.50
CA ALA C 111 49.80 -12.35 14.67
C ALA C 111 50.08 -11.57 15.94
N ALA C 112 50.61 -10.36 15.82
CA ALA C 112 50.77 -9.49 16.95
C ALA C 112 49.78 -8.33 16.94
N HIS C 113 48.52 -8.58 16.64
CA HIS C 113 47.53 -7.54 16.69
C HIS C 113 46.50 -7.88 17.76
N GLN C 114 46.02 -6.85 18.44
CA GLN C 114 45.37 -7.00 19.72
C GLN C 114 43.86 -6.96 19.70
N TRP C 115 43.24 -6.62 18.58
CA TRP C 115 41.79 -6.51 18.41
C TRP C 115 41.19 -5.48 19.36
N ARG C 116 41.53 -4.23 19.11
CA ARG C 116 40.92 -3.21 19.94
C ARG C 116 39.58 -2.79 19.36
N GLU C 117 38.75 -2.21 20.22
CA GLU C 117 37.45 -1.68 19.84
C GLU C 117 37.24 -0.23 20.28
N ASP C 118 38.23 0.37 20.89
CA ASP C 118 38.21 1.79 21.17
C ASP C 118 38.92 2.54 20.05
N PHE C 119 38.19 2.95 19.03
CA PHE C 119 38.86 3.65 17.97
C PHE C 119 38.57 5.13 17.90
N ALA C 120 37.53 5.62 18.55
CA ALA C 120 37.39 7.06 18.69
C ALA C 120 38.42 7.61 19.67
N SER C 121 38.97 6.75 20.52
CA SER C 121 40.01 7.17 21.46
C SER C 121 41.36 7.27 20.77
N ASN C 122 41.72 6.26 19.97
CA ASN C 122 42.97 6.25 19.21
C ASN C 122 42.60 6.13 17.73
N GLU C 123 42.78 7.24 17.04
CA GLU C 123 42.42 7.31 15.65
C GLU C 123 43.32 6.45 14.81
N VAL C 124 42.76 5.96 13.71
CA VAL C 124 43.50 5.16 12.77
C VAL C 124 43.71 6.20 11.70
N VAL C 125 44.97 6.46 11.36
CA VAL C 125 45.24 7.45 10.35
C VAL C 125 45.64 6.76 9.06
N TYR C 126 44.89 7.04 8.01
CA TYR C 126 45.15 6.44 6.72
C TYR C 126 44.59 7.33 5.63
N TYR C 127 45.09 7.16 4.41
CA TYR C 127 44.59 7.95 3.30
C TYR C 127 43.58 7.08 2.59
N ASN C 128 42.38 7.61 2.40
CA ASN C 128 41.32 6.85 1.77
C ASN C 128 41.10 7.29 0.34
N ALA C 129 41.25 6.34 -0.58
CA ALA C 129 41.06 6.63 -1.99
C ALA C 129 39.58 6.85 -2.19
N LYS C 130 39.23 7.43 -3.32
CA LYS C 130 37.84 7.73 -3.63
C LYS C 130 37.14 8.62 -2.62
N ASP C 131 37.84 9.65 -2.16
CA ASP C 131 37.29 10.64 -1.25
C ASP C 131 37.73 12.00 -1.76
N ASP C 132 36.96 13.04 -1.49
CA ASP C 132 37.35 14.37 -1.95
C ASP C 132 38.62 14.77 -1.23
N LEU C 133 39.60 15.26 -1.97
CA LEU C 133 40.89 15.67 -1.42
C LEU C 133 40.93 17.15 -1.07
N ASP C 134 39.82 17.83 -1.31
CA ASP C 134 39.70 19.26 -1.07
C ASP C 134 39.91 19.45 0.42
N PRO C 135 40.84 20.43 0.76
CA PRO C 135 41.07 20.58 2.20
C PRO C 135 39.87 21.02 3.02
N GLU C 136 39.04 21.88 2.44
CA GLU C 136 37.95 22.47 3.20
C GLU C 136 36.80 21.49 3.51
N LYS C 137 36.90 20.22 3.13
CA LYS C 137 35.78 19.30 3.36
C LYS C 137 35.66 18.92 4.83
N ASN C 138 36.65 18.20 5.37
CA ASN C 138 36.76 17.80 6.78
C ASN C 138 35.53 17.00 7.25
N ASP C 139 35.34 15.79 6.73
CA ASP C 139 34.21 14.98 7.18
C ASP C 139 34.49 14.35 8.54
N SER C 140 35.64 13.69 8.67
CA SER C 140 36.17 13.18 9.94
C SER C 140 35.22 12.17 10.60
N GLU C 141 35.08 11.02 9.95
CA GLU C 141 34.26 9.95 10.49
C GLU C 141 34.88 9.42 11.80
N PRO C 142 34.07 8.87 12.71
CA PRO C 142 34.63 8.39 13.98
C PRO C 142 35.46 7.14 13.79
N GLY C 143 36.55 7.06 14.54
CA GLY C 143 37.52 6.01 14.40
C GLY C 143 38.64 6.34 13.44
N SER C 144 38.38 7.11 12.41
CA SER C 144 39.33 7.29 11.32
C SER C 144 39.72 8.75 11.18
N GLN C 145 40.88 8.96 10.57
CA GLN C 145 41.45 10.26 10.31
C GLN C 145 42.09 10.19 8.93
N ARG C 146 41.79 11.13 8.06
CA ARG C 146 42.36 10.98 6.74
C ARG C 146 43.71 11.65 6.60
N ILE C 147 44.24 11.55 5.40
CA ILE C 147 45.50 12.14 4.98
C ILE C 147 45.19 12.96 3.73
N LYS C 148 45.74 14.16 3.66
CA LYS C 148 45.85 14.86 2.41
C LYS C 148 47.26 14.65 1.89
N PRO C 149 47.45 13.90 0.82
CA PRO C 149 48.79 13.69 0.30
C PRO C 149 49.12 14.68 -0.78
N VAL C 150 50.32 14.64 -1.35
CA VAL C 150 50.82 15.76 -2.14
C VAL C 150 50.87 15.50 -3.64
N PHE C 151 50.97 14.23 -4.09
CA PHE C 151 50.64 13.83 -5.46
C PHE C 151 51.53 14.46 -6.54
N ILE C 152 52.76 13.99 -6.61
CA ILE C 152 53.58 14.29 -7.78
C ILE C 152 53.02 13.58 -8.99
N ASP C 153 53.34 14.07 -10.18
CA ASP C 153 52.94 13.37 -11.38
C ASP C 153 54.08 12.46 -11.77
N ASP C 154 53.81 11.42 -12.55
CA ASP C 154 54.80 10.37 -12.66
C ASP C 154 54.82 9.78 -14.06
N ALA C 155 55.93 9.12 -14.37
CA ALA C 155 55.98 8.15 -15.44
C ALA C 155 56.28 6.78 -14.85
N ASN C 156 55.86 5.74 -15.58
CA ASN C 156 55.60 4.34 -15.24
C ASN C 156 54.25 4.18 -14.55
N PHE C 157 53.66 5.27 -14.13
CA PHE C 157 52.28 5.35 -13.75
C PHE C 157 51.84 6.50 -14.60
N ARG C 158 50.75 6.38 -15.34
CA ARG C 158 50.35 7.57 -16.07
C ARG C 158 49.28 8.31 -15.28
N ARG C 159 49.57 8.51 -14.00
CA ARG C 159 48.70 9.26 -13.09
C ARG C 159 49.50 9.88 -11.95
N GLN C 160 48.93 10.88 -11.28
CA GLN C 160 49.60 11.51 -10.16
C GLN C 160 49.68 10.52 -9.01
N VAL C 161 50.82 10.46 -8.34
CA VAL C 161 51.00 9.50 -7.26
C VAL C 161 51.83 9.99 -6.09
N SER C 162 51.63 9.38 -4.92
CA SER C 162 52.37 9.72 -3.71
C SER C 162 53.17 8.51 -3.26
N TYR C 163 54.46 8.69 -3.01
CA TYR C 163 55.35 7.61 -2.61
C TYR C 163 55.58 7.53 -1.12
N GLN C 164 54.81 8.29 -0.34
CA GLN C 164 55.01 8.32 1.10
C GLN C 164 54.11 7.39 1.86
N HIS C 165 53.03 6.92 1.25
CA HIS C 165 52.15 5.97 1.91
C HIS C 165 51.31 5.26 0.88
N ALA C 166 50.52 4.32 1.37
CA ALA C 166 49.65 3.49 0.58
C ALA C 166 48.23 3.97 0.74
N ALA C 167 47.48 3.91 -0.34
CA ALA C 167 46.09 4.27 -0.35
C ALA C 167 45.31 3.11 0.14
N VAL C 168 44.03 3.30 0.39
CA VAL C 168 43.20 2.21 0.85
C VAL C 168 41.93 2.27 0.04
N HIS C 169 41.52 1.16 -0.56
CA HIS C 169 40.24 1.06 -1.25
C HIS C 169 39.27 0.32 -0.37
N ILE C 170 38.18 0.96 0.03
CA ILE C 170 37.09 0.27 0.69
C ILE C 170 35.99 0.14 -0.36
N PRO C 171 35.36 -1.03 -0.54
CA PRO C 171 34.25 -1.07 -1.48
C PRO C 171 33.05 -0.30 -0.95
N THR C 172 32.09 -0.08 -1.82
CA THR C 172 31.15 1.00 -1.58
C THR C 172 30.09 0.60 -0.57
N ASP C 173 29.54 -0.60 -0.72
CA ASP C 173 28.50 -1.04 0.20
C ASP C 173 29.08 -1.48 1.53
N ILE C 174 30.40 -1.62 1.61
CA ILE C 174 31.06 -1.83 2.88
C ILE C 174 31.29 -0.52 3.59
N TYR C 175 30.83 -0.44 4.83
CA TYR C 175 31.02 0.72 5.68
C TYR C 175 32.42 0.68 6.25
N GLU C 176 33.08 1.82 6.27
CA GLU C 176 34.37 1.88 6.93
C GLU C 176 34.21 2.59 8.26
N GLY C 177 34.90 2.11 9.26
CA GLY C 177 34.50 2.44 10.59
C GLY C 177 33.83 1.32 11.33
N SER C 178 33.48 0.26 10.64
CA SER C 178 33.10 -0.97 11.27
C SER C 178 34.30 -1.54 11.96
N THR C 179 34.09 -2.13 13.13
CA THR C 179 35.17 -2.72 13.90
C THR C 179 35.96 -3.74 13.08
N ILE C 180 35.26 -4.44 12.19
CA ILE C 180 35.89 -5.43 11.33
C ILE C 180 36.79 -4.78 10.30
N VAL C 181 36.42 -3.58 9.86
CA VAL C 181 37.19 -2.83 8.88
C VAL C 181 38.22 -1.93 9.55
N LEU C 182 37.83 -1.34 10.69
CA LEU C 182 38.71 -0.46 11.43
C LEU C 182 39.94 -1.18 11.92
N ASN C 183 39.78 -2.47 12.23
CA ASN C 183 40.88 -3.29 12.72
C ASN C 183 41.79 -3.78 11.62
N GLU C 184 41.37 -3.78 10.36
CA GLU C 184 42.33 -4.00 9.29
C GLU C 184 43.22 -2.80 9.10
N LEU C 185 42.64 -1.60 9.06
CA LEU C 185 43.42 -0.40 8.82
C LEU C 185 44.39 -0.11 9.92
N ASN C 186 44.16 -0.69 11.08
CA ASN C 186 45.16 -0.71 12.12
C ASN C 186 46.28 -1.68 11.76
N TRP C 187 45.99 -2.98 11.63
CA TRP C 187 47.15 -3.85 11.53
C TRP C 187 47.80 -3.79 10.18
N THR C 188 47.08 -3.38 9.15
CA THR C 188 47.63 -3.44 7.81
C THR C 188 48.53 -2.27 7.57
N SER C 189 48.58 -1.33 8.50
CA SER C 189 49.35 -0.11 8.38
C SER C 189 50.84 -0.34 8.51
N ALA C 190 51.27 -1.52 8.89
CA ALA C 190 52.67 -1.85 8.94
C ALA C 190 53.18 -2.32 7.60
N LEU C 191 52.34 -2.39 6.59
CA LEU C 191 52.84 -2.74 5.29
C LEU C 191 53.49 -1.59 4.59
N ASP C 192 53.20 -0.33 4.97
CA ASP C 192 53.76 0.80 4.25
C ASP C 192 55.26 0.89 4.39
N ASP C 193 55.84 0.25 5.38
CA ASP C 193 57.28 0.21 5.49
C ASP C 193 57.87 -0.85 4.60
N VAL C 194 57.12 -1.89 4.28
CA VAL C 194 57.65 -2.95 3.44
C VAL C 194 57.38 -2.65 1.99
N PHE C 195 56.20 -2.08 1.71
CA PHE C 195 55.93 -1.41 0.46
C PHE C 195 57.07 -0.50 0.06
N LYS C 196 57.54 0.34 0.96
CA LYS C 196 58.59 1.29 0.61
C LYS C 196 59.93 0.64 0.35
N LYS C 197 60.17 -0.48 1.01
CA LYS C 197 61.42 -1.19 0.88
C LYS C 197 61.56 -1.99 -0.41
N ASN C 198 60.45 -2.14 -1.12
CA ASN C 198 60.42 -2.85 -2.38
C ASN C 198 60.74 -1.92 -3.55
N ARG C 199 60.25 -0.68 -3.46
CA ARG C 199 60.46 0.30 -4.48
C ARG C 199 61.79 0.98 -4.30
N GLU C 200 62.32 1.02 -3.09
CA GLU C 200 63.62 1.62 -2.90
C GLU C 200 64.62 0.73 -3.63
N GLU C 201 64.48 -0.57 -3.39
CA GLU C 201 65.34 -1.57 -4.01
C GLU C 201 65.14 -1.64 -5.53
N ASP C 202 63.89 -1.58 -5.97
CA ASP C 202 63.60 -1.62 -7.40
C ASP C 202 62.73 -0.43 -7.80
N PRO C 203 63.37 0.55 -8.56
CA PRO C 203 62.52 1.69 -8.94
C PRO C 203 61.36 1.36 -9.88
N SER C 204 61.59 0.43 -10.79
CA SER C 204 60.63 0.04 -11.83
C SER C 204 59.33 -0.64 -11.36
N LEU C 205 59.28 -1.09 -10.12
CA LEU C 205 58.10 -1.79 -9.62
C LEU C 205 56.79 -1.01 -9.73
N LEU C 206 55.74 -1.71 -10.15
CA LEU C 206 54.39 -1.17 -10.32
C LEU C 206 53.52 -1.35 -9.08
N TRP C 207 52.20 -1.25 -9.20
CA TRP C 207 51.38 -1.37 -8.01
C TRP C 207 51.72 -2.55 -7.12
N GLN C 208 51.69 -2.30 -5.82
CA GLN C 208 51.92 -3.31 -4.80
C GLN C 208 50.64 -3.24 -4.03
N VAL C 209 49.94 -4.34 -3.84
CA VAL C 209 48.69 -4.29 -3.12
C VAL C 209 48.39 -5.51 -2.26
N PHE C 210 47.69 -5.29 -1.17
CA PHE C 210 47.27 -6.37 -0.30
C PHE C 210 45.76 -6.32 -0.41
N GLY C 211 45.15 -7.42 -0.85
CA GLY C 211 43.71 -7.49 -0.92
C GLY C 211 43.29 -8.23 0.33
N SER C 212 42.53 -7.56 1.19
CA SER C 212 42.07 -8.13 2.45
C SER C 212 40.92 -9.12 2.35
N ALA C 213 40.84 -10.05 3.30
CA ALA C 213 39.75 -11.01 3.37
C ALA C 213 38.48 -10.21 3.67
N THR C 214 38.67 -9.13 4.43
CA THR C 214 37.64 -8.21 4.86
C THR C 214 37.06 -7.37 3.73
N GLY C 215 37.73 -7.37 2.57
CA GLY C 215 37.28 -6.60 1.44
C GLY C 215 37.92 -5.23 1.32
N LEU C 216 38.91 -4.99 2.17
CA LEU C 216 39.64 -3.73 2.17
C LEU C 216 40.98 -3.96 1.48
N ALA C 217 41.33 -3.11 0.50
CA ALA C 217 42.60 -3.24 -0.24
C ALA C 217 43.49 -1.99 -0.05
N ARG C 218 44.79 -2.22 0.17
CA ARG C 218 45.80 -1.18 0.31
C ARG C 218 46.89 -1.36 -0.75
N TYR C 219 47.18 -0.30 -1.48
CA TYR C 219 48.19 -0.36 -2.52
C TYR C 219 49.15 0.79 -2.40
N TYR C 220 50.34 0.61 -2.94
CA TYR C 220 51.37 1.61 -2.92
C TYR C 220 51.91 1.68 -4.34
N PRO C 221 52.25 2.91 -4.91
CA PRO C 221 52.06 4.12 -4.09
C PRO C 221 50.63 4.67 -4.18
N ALA C 222 50.27 5.54 -3.25
CA ALA C 222 48.93 6.13 -3.22
C ALA C 222 48.58 7.07 -4.38
N SER C 223 47.35 6.97 -4.87
CA SER C 223 46.84 7.81 -5.94
C SER C 223 45.33 7.83 -5.78
N PRO C 224 44.62 8.84 -6.29
CA PRO C 224 43.17 8.76 -6.12
C PRO C 224 42.60 7.70 -7.07
N TRP C 225 41.60 6.98 -6.60
CA TRP C 225 40.91 5.93 -7.34
C TRP C 225 40.25 6.56 -8.54
N VAL C 226 39.94 5.75 -9.56
CA VAL C 226 39.49 6.35 -10.81
C VAL C 226 38.02 6.76 -10.77
N ASP C 227 37.20 6.03 -10.04
CA ASP C 227 35.81 6.39 -9.81
C ASP C 227 35.69 6.79 -8.35
N ASN C 228 35.42 8.06 -8.10
CA ASN C 228 34.99 8.38 -6.76
C ASN C 228 33.55 7.90 -6.59
N SER C 229 33.12 7.79 -5.34
CA SER C 229 31.81 7.20 -5.06
C SER C 229 30.69 8.11 -5.55
N ARG C 230 30.59 9.30 -4.98
CA ARG C 230 29.49 10.21 -5.34
C ARG C 230 29.88 11.58 -5.90
N THR C 231 31.17 11.83 -6.12
CA THR C 231 31.56 13.13 -6.64
C THR C 231 31.30 13.18 -8.16
N PRO C 232 31.57 12.12 -8.97
CA PRO C 232 30.84 12.00 -10.24
C PRO C 232 29.52 11.28 -10.07
N ASN C 233 28.87 10.93 -11.19
CA ASN C 233 27.63 10.19 -11.16
C ASN C 233 27.81 8.73 -11.59
N LYS C 234 29.03 8.34 -11.98
CA LYS C 234 29.33 6.92 -12.09
C LYS C 234 29.90 6.43 -10.77
N ILE C 235 29.42 5.28 -10.32
CA ILE C 235 29.84 4.77 -9.02
C ILE C 235 30.49 3.42 -9.14
N ASP C 236 31.68 3.29 -8.57
CA ASP C 236 32.40 2.04 -8.63
C ASP C 236 31.79 0.96 -7.74
N LEU C 237 31.77 -0.25 -8.27
CA LEU C 237 31.29 -1.40 -7.54
C LEU C 237 32.40 -2.40 -7.76
N TYR C 238 33.54 -2.08 -7.16
CA TYR C 238 34.74 -2.88 -7.26
C TYR C 238 35.01 -3.53 -5.91
N ASP C 239 35.19 -4.85 -5.93
CA ASP C 239 35.46 -5.59 -4.72
C ASP C 239 36.74 -6.37 -4.92
N VAL C 240 37.64 -6.30 -3.95
CA VAL C 240 38.92 -7.00 -4.05
C VAL C 240 38.76 -8.52 -4.13
N ARG C 241 37.82 -9.05 -3.36
CA ARG C 241 37.58 -10.50 -3.32
C ARG C 241 37.14 -11.02 -4.67
N ARG C 242 36.36 -10.23 -5.37
CA ARG C 242 35.84 -10.54 -6.68
C ARG C 242 36.93 -10.67 -7.74
N ARG C 243 37.99 -9.89 -7.58
CA ARG C 243 39.06 -9.82 -8.57
C ARG C 243 39.73 -11.13 -8.97
N PRO C 244 40.04 -11.24 -10.31
CA PRO C 244 40.67 -12.51 -10.70
C PRO C 244 42.02 -12.79 -10.04
N TRP C 245 42.87 -11.78 -9.86
CA TRP C 245 44.17 -12.02 -9.24
C TRP C 245 43.96 -12.52 -7.81
N TYR C 246 42.99 -11.94 -7.13
CA TYR C 246 42.71 -12.34 -5.76
C TYR C 246 42.25 -13.78 -5.70
N ILE C 247 41.38 -14.15 -6.63
CA ILE C 247 40.84 -15.50 -6.71
C ILE C 247 41.81 -16.62 -7.02
N GLN C 248 42.80 -16.40 -7.90
CA GLN C 248 43.68 -17.50 -8.22
C GLN C 248 44.61 -17.86 -7.09
N GLY C 249 44.71 -17.04 -6.06
CA GLY C 249 45.73 -17.24 -5.06
C GLY C 249 44.99 -17.43 -3.78
N ALA C 250 43.69 -17.26 -3.88
CA ALA C 250 42.78 -17.60 -2.81
C ALA C 250 42.69 -19.10 -2.60
N ALA C 251 42.86 -19.89 -3.64
CA ALA C 251 42.32 -21.24 -3.71
C ALA C 251 42.87 -21.88 -4.96
N SER C 252 42.59 -23.13 -5.11
CA SER C 252 43.07 -24.02 -6.14
C SER C 252 42.02 -24.14 -7.24
N PRO C 253 42.37 -24.57 -8.47
CA PRO C 253 41.39 -24.55 -9.57
C PRO C 253 40.24 -25.51 -9.32
N LYS C 254 39.11 -25.35 -9.97
CA LYS C 254 38.05 -26.27 -9.58
C LYS C 254 36.99 -26.65 -10.60
N ASP C 255 36.59 -27.92 -10.59
CA ASP C 255 35.55 -28.40 -11.48
C ASP C 255 34.23 -28.26 -10.79
N MET C 256 33.52 -27.17 -11.02
CA MET C 256 32.25 -27.03 -10.37
C MET C 256 31.11 -27.48 -11.24
N LEU C 257 29.89 -27.39 -10.77
CA LEU C 257 28.77 -27.90 -11.52
C LEU C 257 27.59 -27.26 -10.86
N ILE C 258 26.92 -26.33 -11.51
CA ILE C 258 25.87 -25.56 -10.86
C ILE C 258 24.58 -26.34 -11.06
N LEU C 259 23.89 -26.68 -9.99
CA LEU C 259 22.55 -27.20 -10.17
C LEU C 259 21.55 -26.10 -10.01
N VAL C 260 20.53 -26.10 -10.80
CA VAL C 260 19.51 -25.10 -10.68
C VAL C 260 18.21 -25.80 -10.39
N ASP C 261 17.48 -25.37 -9.37
CA ASP C 261 16.19 -25.99 -9.08
C ASP C 261 15.15 -25.27 -9.92
N VAL C 262 14.48 -26.00 -10.81
CA VAL C 262 13.46 -25.44 -11.70
C VAL C 262 12.04 -25.88 -11.46
N SER C 263 11.75 -26.32 -10.24
CA SER C 263 10.40 -26.77 -9.89
C SER C 263 9.47 -25.57 -9.86
N GLY C 264 8.17 -25.82 -9.86
CA GLY C 264 7.17 -24.78 -9.89
C GLY C 264 7.20 -23.76 -8.77
N SER C 265 7.53 -24.20 -7.57
CA SER C 265 7.56 -23.29 -6.42
C SER C 265 8.54 -22.13 -6.60
N VAL C 266 9.64 -22.37 -7.29
CA VAL C 266 10.65 -21.35 -7.54
C VAL C 266 10.15 -20.20 -8.41
N SER C 267 9.24 -20.47 -9.33
CA SER C 267 8.76 -19.42 -10.21
C SER C 267 8.21 -18.30 -9.36
N GLY C 268 8.62 -17.07 -9.70
CA GLY C 268 8.20 -15.91 -8.95
C GLY C 268 9.44 -15.06 -8.76
N LEU C 269 9.49 -14.36 -7.62
CA LEU C 269 10.63 -13.53 -7.29
C LEU C 269 11.89 -14.37 -7.15
N THR C 270 11.75 -15.56 -6.58
CA THR C 270 12.88 -16.46 -6.37
C THR C 270 13.54 -16.95 -7.67
N LEU C 271 12.75 -17.25 -8.69
CA LEU C 271 13.30 -17.70 -9.96
C LEU C 271 14.13 -16.58 -10.57
N LYS C 272 13.65 -15.36 -10.41
CA LYS C 272 14.33 -14.18 -10.93
C LYS C 272 15.70 -14.03 -10.31
N LEU C 273 15.79 -14.28 -9.01
CA LEU C 273 17.04 -14.20 -8.26
C LEU C 273 18.11 -15.22 -8.67
N ILE C 274 17.68 -16.44 -8.96
CA ILE C 274 18.60 -17.53 -9.35
C ILE C 274 19.40 -17.28 -10.64
N ARG C 275 18.75 -16.74 -11.65
CA ARG C 275 19.36 -16.43 -12.93
C ARG C 275 20.46 -15.40 -12.80
N THR C 276 20.47 -14.62 -11.74
CA THR C 276 21.41 -13.55 -11.50
C THR C 276 22.50 -13.98 -10.57
N SER C 277 22.22 -14.95 -9.73
CA SER C 277 23.24 -15.60 -8.93
C SER C 277 24.16 -16.46 -9.78
N VAL C 278 23.61 -17.28 -10.67
CA VAL C 278 24.44 -18.18 -11.49
C VAL C 278 25.34 -17.39 -12.43
N SER C 279 24.80 -16.31 -12.99
CA SER C 279 25.61 -15.45 -13.82
C SER C 279 26.70 -14.88 -12.93
N GLU C 280 26.33 -14.49 -11.71
CA GLU C 280 27.27 -13.95 -10.73
C GLU C 280 28.31 -14.96 -10.26
N MET C 281 27.86 -16.20 -10.06
CA MET C 281 28.72 -17.28 -9.62
C MET C 281 29.81 -17.55 -10.65
N LEU C 282 29.46 -17.47 -11.92
CA LEU C 282 30.38 -17.70 -13.02
C LEU C 282 31.52 -16.66 -13.11
N GLU C 283 31.21 -15.41 -12.83
CA GLU C 283 32.16 -14.31 -12.89
C GLU C 283 33.39 -14.78 -12.13
N THR C 284 33.12 -15.50 -11.06
CA THR C 284 34.10 -16.08 -10.16
C THR C 284 35.01 -17.10 -10.84
N LEU C 285 34.46 -17.85 -11.77
CA LEU C 285 35.23 -18.88 -12.49
C LEU C 285 36.33 -18.36 -13.40
N SER C 286 37.34 -19.19 -13.60
CA SER C 286 38.53 -18.86 -14.40
C SER C 286 38.78 -19.93 -15.45
N ASP C 287 39.73 -19.66 -16.36
CA ASP C 287 40.06 -20.58 -17.43
C ASP C 287 40.54 -21.94 -16.93
N ASP C 288 41.29 -21.94 -15.83
CA ASP C 288 41.78 -23.18 -15.24
C ASP C 288 40.65 -23.95 -14.57
N ASP C 289 39.51 -23.30 -14.38
CA ASP C 289 38.39 -23.88 -13.70
C ASP C 289 37.45 -24.44 -14.73
N PHE C 290 36.94 -25.65 -14.53
CA PHE C 290 35.99 -26.20 -15.49
C PHE C 290 34.61 -26.10 -14.90
N VAL C 291 33.58 -25.99 -15.71
CA VAL C 291 32.26 -25.81 -15.19
C VAL C 291 31.18 -26.10 -16.17
N ASN C 292 30.13 -26.76 -15.70
CA ASN C 292 28.96 -27.02 -16.51
C ASN C 292 27.74 -26.56 -15.72
N VAL C 293 26.56 -26.54 -16.32
CA VAL C 293 25.42 -26.06 -15.54
C VAL C 293 24.24 -26.97 -15.85
N ALA C 294 23.67 -27.61 -14.83
CA ALA C 294 22.55 -28.51 -14.99
C ALA C 294 21.33 -27.86 -14.36
N SER C 295 20.18 -28.52 -14.47
CA SER C 295 18.94 -27.98 -13.95
C SER C 295 17.97 -29.13 -13.81
N PHE C 296 17.22 -29.20 -12.71
CA PHE C 296 16.31 -30.32 -12.46
C PHE C 296 14.90 -29.88 -12.11
N ASN C 297 13.91 -30.60 -12.63
CA ASN C 297 12.52 -30.63 -12.16
C ASN C 297 11.93 -32.00 -12.52
N SER C 298 12.08 -32.96 -11.60
CA SER C 298 11.70 -34.37 -11.78
C SER C 298 12.44 -35.10 -12.91
N ASN C 299 13.29 -34.41 -13.66
CA ASN C 299 14.33 -34.94 -14.52
C ASN C 299 15.41 -33.90 -14.53
N ALA C 300 16.64 -34.32 -14.62
CA ALA C 300 17.73 -33.39 -14.78
C ALA C 300 18.18 -33.38 -16.23
N GLN C 301 17.87 -32.31 -16.91
CA GLN C 301 18.45 -31.89 -18.15
C GLN C 301 19.67 -31.06 -17.84
N ASP C 302 20.43 -30.71 -18.88
CA ASP C 302 21.58 -29.82 -18.73
C ASP C 302 21.22 -28.57 -19.51
N VAL C 303 21.39 -27.42 -18.88
CA VAL C 303 21.00 -26.13 -19.43
C VAL C 303 21.37 -25.74 -20.86
N SER C 304 22.44 -26.26 -21.43
CA SER C 304 22.82 -25.82 -22.76
C SER C 304 23.16 -26.93 -23.73
N CYS C 305 24.17 -26.68 -24.55
CA CYS C 305 24.59 -27.69 -25.51
C CYS C 305 25.76 -28.56 -25.06
N PHE C 306 26.19 -28.53 -23.80
CA PHE C 306 27.57 -28.96 -23.55
C PHE C 306 27.68 -30.41 -23.15
N GLN C 307 27.05 -30.80 -22.04
CA GLN C 307 26.93 -32.13 -21.45
C GLN C 307 28.17 -32.61 -20.73
N HIS C 308 29.28 -31.92 -20.79
CA HIS C 308 30.38 -32.24 -19.92
C HIS C 308 30.94 -30.94 -19.36
N LEU C 309 31.89 -31.06 -18.47
CA LEU C 309 32.47 -29.88 -17.87
C LEU C 309 33.40 -29.24 -18.90
N VAL C 310 33.20 -27.96 -19.18
CA VAL C 310 33.92 -27.28 -20.23
C VAL C 310 34.77 -26.20 -19.58
N GLN C 311 35.66 -25.59 -20.36
CA GLN C 311 36.80 -24.88 -19.79
C GLN C 311 36.44 -23.58 -19.09
N ALA C 312 35.24 -23.06 -19.23
CA ALA C 312 34.81 -21.85 -18.52
C ALA C 312 35.70 -20.67 -18.84
N ASN C 313 36.12 -20.61 -20.09
CA ASN C 313 36.78 -19.47 -20.67
C ASN C 313 35.74 -18.42 -20.99
N VAL C 314 36.11 -17.33 -21.65
CA VAL C 314 35.20 -16.22 -21.88
C VAL C 314 34.01 -16.64 -22.73
N ARG C 315 34.28 -17.51 -23.69
CA ARG C 315 33.24 -17.98 -24.59
C ARG C 315 32.33 -18.99 -23.94
N ASN C 316 32.88 -20.07 -23.43
CA ASN C 316 32.02 -21.07 -22.86
C ASN C 316 31.10 -20.46 -21.82
N LYS C 317 31.63 -19.62 -20.94
CA LYS C 317 30.82 -18.98 -19.91
C LYS C 317 29.72 -18.13 -20.47
N LYS C 318 29.96 -17.61 -21.67
CA LYS C 318 29.01 -16.77 -22.38
C LYS C 318 27.84 -17.57 -22.90
N VAL C 319 28.08 -18.83 -23.19
CA VAL C 319 27.03 -19.73 -23.63
C VAL C 319 26.15 -20.11 -22.46
N LEU C 320 26.77 -20.46 -21.35
CA LEU C 320 26.09 -20.85 -20.12
C LEU C 320 25.33 -19.67 -19.53
N LYS C 321 25.90 -18.47 -19.56
CA LYS C 321 25.16 -17.30 -19.09
C LYS C 321 24.06 -16.87 -20.00
N ASP C 322 23.95 -17.45 -21.17
CA ASP C 322 22.90 -17.15 -22.10
C ASP C 322 21.83 -18.22 -22.12
N ALA C 323 22.12 -19.40 -21.58
CA ALA C 323 21.13 -20.43 -21.37
C ALA C 323 20.57 -20.43 -19.97
N VAL C 324 21.28 -19.87 -19.00
CA VAL C 324 20.70 -19.77 -17.66
C VAL C 324 19.48 -18.85 -17.69
N ASN C 325 19.56 -17.79 -18.48
CA ASN C 325 18.53 -16.75 -18.61
C ASN C 325 17.12 -17.12 -19.13
N ASN C 326 17.05 -18.07 -20.04
CA ASN C 326 15.78 -18.47 -20.66
C ASN C 326 14.96 -19.51 -19.92
N ILE C 327 15.43 -19.90 -18.75
CA ILE C 327 14.76 -20.95 -17.97
C ILE C 327 13.36 -20.56 -17.47
N THR C 328 12.46 -21.55 -17.50
CA THR C 328 11.08 -21.47 -17.08
C THR C 328 10.85 -22.54 -16.03
N ALA C 329 10.19 -22.16 -14.94
CA ALA C 329 9.93 -23.05 -13.84
C ALA C 329 8.64 -23.80 -14.07
N LYS C 330 8.71 -25.12 -13.98
CA LYS C 330 7.53 -25.96 -14.02
C LYS C 330 7.93 -27.33 -13.52
N GLY C 331 7.19 -27.88 -12.57
CA GLY C 331 7.19 -29.30 -12.34
C GLY C 331 7.61 -29.66 -10.94
N ILE C 332 7.58 -30.97 -10.65
CA ILE C 332 7.87 -31.48 -9.33
C ILE C 332 9.36 -31.38 -9.05
N THR C 333 9.73 -31.07 -7.81
CA THR C 333 11.12 -31.05 -7.40
C THR C 333 11.60 -32.46 -7.13
N ASP C 334 12.77 -32.83 -7.66
CA ASP C 334 13.32 -34.14 -7.32
C ASP C 334 14.80 -33.98 -7.02
N TYR C 335 15.18 -34.02 -5.74
CA TYR C 335 16.59 -33.95 -5.42
C TYR C 335 17.30 -35.25 -5.63
N LYS C 336 16.62 -36.31 -5.99
CA LYS C 336 17.37 -37.52 -6.22
C LYS C 336 17.86 -37.62 -7.65
N LYS C 337 17.06 -37.20 -8.62
CA LYS C 337 17.55 -37.18 -9.99
C LYS C 337 18.42 -35.99 -10.26
N GLY C 338 18.36 -34.97 -9.39
CA GLY C 338 19.24 -33.83 -9.52
C GLY C 338 20.64 -34.08 -9.03
N PHE C 339 20.80 -34.91 -8.02
CA PHE C 339 22.13 -35.28 -7.59
C PHE C 339 22.63 -36.54 -8.21
N SER C 340 21.80 -37.29 -8.91
CA SER C 340 22.40 -38.36 -9.66
C SER C 340 23.04 -37.81 -10.90
N PHE C 341 22.33 -36.90 -11.56
CA PHE C 341 22.82 -36.28 -12.76
C PHE C 341 24.08 -35.50 -12.41
N ALA C 342 24.12 -34.85 -11.26
CA ALA C 342 25.34 -34.12 -10.91
C ALA C 342 26.61 -34.97 -10.74
N PHE C 343 26.50 -36.09 -10.02
CA PHE C 343 27.64 -36.98 -9.77
C PHE C 343 28.19 -37.64 -11.03
N GLU C 344 27.28 -38.02 -11.92
CA GLU C 344 27.64 -38.62 -13.19
C GLU C 344 28.44 -37.61 -14.00
N GLN C 345 28.02 -36.35 -13.95
CA GLN C 345 28.70 -35.27 -14.65
C GLN C 345 30.09 -35.12 -14.09
N LEU C 346 30.19 -35.23 -12.78
CA LEU C 346 31.45 -35.14 -12.06
C LEU C 346 32.45 -36.28 -12.37
N LEU C 347 31.94 -37.43 -12.80
CA LEU C 347 32.81 -38.58 -13.12
C LEU C 347 33.22 -38.90 -14.59
N ASN C 348 33.11 -37.94 -15.51
CA ASN C 348 33.36 -38.17 -16.94
C ASN C 348 34.79 -38.64 -17.28
N TYR C 349 35.82 -38.05 -16.67
CA TYR C 349 37.19 -38.52 -16.87
C TYR C 349 37.63 -38.84 -18.29
N ASN C 350 36.73 -38.77 -19.26
CA ASN C 350 37.16 -38.80 -20.64
C ASN C 350 37.53 -37.43 -21.15
N VAL C 351 36.77 -36.44 -20.72
CA VAL C 351 36.99 -35.09 -21.15
C VAL C 351 38.24 -34.53 -20.51
N SER C 352 38.64 -33.35 -20.96
CA SER C 352 39.76 -32.64 -20.35
C SER C 352 39.17 -32.11 -19.04
N ARG C 353 39.89 -32.20 -17.92
CA ARG C 353 39.33 -31.72 -16.66
C ARG C 353 40.35 -31.07 -15.73
N ALA C 354 39.84 -30.27 -14.81
CA ALA C 354 40.65 -29.63 -13.79
C ALA C 354 41.14 -30.70 -12.81
N ASN C 355 40.24 -31.62 -12.46
CA ASN C 355 40.54 -32.69 -11.53
C ASN C 355 40.99 -32.24 -10.13
N CYS C 356 40.60 -31.05 -9.71
CA CYS C 356 41.03 -30.58 -8.41
C CYS C 356 39.87 -30.59 -7.43
N ASN C 357 39.42 -29.41 -7.00
CA ASN C 357 38.32 -29.37 -6.07
C ASN C 357 37.12 -29.79 -6.85
N LYS C 358 36.39 -30.79 -6.38
CA LYS C 358 35.18 -31.20 -7.07
C LYS C 358 34.06 -30.73 -6.17
N ILE C 359 33.22 -29.84 -6.67
CA ILE C 359 32.14 -29.32 -5.86
C ILE C 359 30.86 -29.11 -6.65
N ILE C 360 29.72 -29.30 -6.00
CA ILE C 360 28.44 -29.09 -6.65
C ILE C 360 27.61 -28.14 -5.82
N MET C 361 27.08 -27.10 -6.43
CA MET C 361 26.28 -26.12 -5.69
C MET C 361 24.88 -26.03 -6.22
N LEU C 362 23.90 -26.18 -5.34
CA LEU C 362 22.52 -26.11 -5.78
C LEU C 362 21.79 -24.87 -5.33
N PHE C 363 21.11 -24.20 -6.26
CA PHE C 363 20.31 -23.04 -5.94
C PHE C 363 18.87 -23.52 -5.83
N THR C 364 18.25 -23.32 -4.68
CA THR C 364 16.89 -23.79 -4.44
C THR C 364 16.23 -23.03 -3.30
N ASP C 365 14.92 -23.11 -3.15
CA ASP C 365 14.31 -22.35 -2.06
C ASP C 365 14.04 -23.13 -0.78
N GLY C 366 13.35 -24.25 -0.89
CA GLY C 366 13.07 -25.05 0.29
C GLY C 366 13.02 -26.52 -0.05
N GLY C 367 13.51 -27.36 0.84
CA GLY C 367 13.51 -28.78 0.60
C GLY C 367 12.90 -29.63 1.70
N GLU C 368 12.00 -30.53 1.33
CA GLU C 368 11.37 -31.41 2.29
C GLU C 368 12.10 -32.76 2.37
N GLU C 369 12.98 -33.02 1.41
CA GLU C 369 13.73 -34.27 1.36
C GLU C 369 15.23 -34.04 1.40
N ARG C 370 15.92 -34.76 2.28
CA ARG C 370 17.36 -34.61 2.39
C ARG C 370 18.18 -35.49 1.43
N ALA C 371 17.52 -36.40 0.74
CA ALA C 371 18.23 -37.25 -0.23
C ALA C 371 19.42 -37.96 0.39
N GLN C 372 19.23 -38.57 1.55
CA GLN C 372 20.31 -39.26 2.26
C GLN C 372 20.95 -40.37 1.46
N GLU C 373 20.15 -41.11 0.70
CA GLU C 373 20.67 -42.22 -0.09
C GLU C 373 21.66 -41.88 -1.22
N ILE C 374 21.46 -40.77 -1.93
CA ILE C 374 22.33 -40.42 -3.04
C ILE C 374 23.73 -40.10 -2.54
N PHE C 375 23.82 -39.42 -1.41
CA PHE C 375 25.12 -39.07 -0.87
C PHE C 375 25.84 -40.24 -0.25
N ALA C 376 25.15 -41.30 0.13
CA ALA C 376 25.91 -42.37 0.76
C ALA C 376 26.92 -43.00 -0.17
N LYS C 377 26.46 -43.35 -1.36
CA LYS C 377 27.35 -43.99 -2.31
C LYS C 377 28.17 -43.06 -3.20
N TYR C 378 27.49 -42.12 -3.83
CA TYR C 378 28.16 -41.24 -4.78
C TYR C 378 29.30 -40.57 -4.08
N ASN C 379 29.07 -40.13 -2.85
CA ASN C 379 30.18 -39.59 -2.10
C ASN C 379 30.22 -40.14 -0.69
N LYS C 380 30.50 -41.43 -0.57
CA LYS C 380 30.63 -42.02 0.76
C LYS C 380 31.79 -41.43 1.60
N ASP C 381 32.92 -41.12 0.96
CA ASP C 381 34.10 -40.59 1.61
C ASP C 381 34.17 -39.07 1.55
N LYS C 382 33.10 -38.45 1.07
CA LYS C 382 33.03 -37.00 0.97
C LYS C 382 34.04 -36.33 0.03
N LYS C 383 34.37 -36.97 -1.08
CA LYS C 383 35.30 -36.35 -2.01
C LYS C 383 34.72 -35.05 -2.55
N VAL C 384 33.44 -35.08 -2.87
CA VAL C 384 32.73 -33.91 -3.40
C VAL C 384 32.27 -32.97 -2.27
N ARG C 385 32.14 -31.68 -2.58
CA ARG C 385 31.71 -30.70 -1.59
C ARG C 385 30.38 -30.17 -2.05
N VAL C 386 29.41 -30.08 -1.16
CA VAL C 386 28.11 -29.57 -1.56
C VAL C 386 27.76 -28.24 -0.89
N PHE C 387 27.39 -27.26 -1.71
CA PHE C 387 26.99 -25.96 -1.22
C PHE C 387 25.54 -25.78 -1.62
N THR C 388 24.69 -25.43 -0.66
CA THR C 388 23.25 -25.28 -0.92
C THR C 388 22.93 -23.80 -0.76
N PHE C 389 22.18 -23.22 -1.68
CA PHE C 389 21.81 -21.83 -1.58
C PHE C 389 20.30 -21.72 -1.48
N SER C 390 19.81 -20.99 -0.50
CA SER C 390 18.38 -20.80 -0.35
C SER C 390 18.17 -19.38 -0.81
N VAL C 391 17.30 -19.18 -1.80
CA VAL C 391 17.09 -17.85 -2.34
C VAL C 391 15.66 -17.33 -2.32
N GLY C 392 15.56 -16.01 -2.19
CA GLY C 392 14.28 -15.31 -2.17
C GLY C 392 13.64 -15.28 -0.80
N GLN C 393 12.50 -14.62 -0.71
CA GLN C 393 11.78 -14.54 0.54
C GLN C 393 10.70 -15.58 0.38
N HIS C 394 10.76 -16.61 1.21
CA HIS C 394 9.81 -17.68 1.10
C HIS C 394 9.67 -18.42 2.42
N ASN C 395 8.66 -19.27 2.47
CA ASN C 395 8.40 -20.06 3.65
C ASN C 395 8.81 -21.53 3.49
N TYR C 396 9.59 -21.91 2.48
CA TYR C 396 9.83 -23.33 2.43
C TYR C 396 10.92 -23.69 3.42
N ASP C 397 10.85 -24.94 3.90
CA ASP C 397 11.76 -25.43 4.93
C ASP C 397 13.21 -25.47 4.49
N ARG C 398 14.08 -24.91 5.32
CA ARG C 398 15.50 -24.88 5.01
C ARG C 398 16.31 -25.88 5.80
N GLY C 399 15.70 -26.64 6.70
CA GLY C 399 16.49 -27.59 7.47
C GLY C 399 17.16 -28.68 6.65
N PRO C 400 16.38 -29.25 5.65
CA PRO C 400 17.06 -30.31 4.88
C PRO C 400 18.29 -29.83 4.08
N ILE C 401 18.18 -28.65 3.48
CA ILE C 401 19.26 -28.08 2.69
C ILE C 401 20.49 -27.80 3.54
N GLN C 402 20.26 -27.28 4.74
CA GLN C 402 21.34 -26.99 5.67
C GLN C 402 21.99 -28.31 6.03
N TRP C 403 21.18 -29.34 6.23
CA TRP C 403 21.73 -30.63 6.57
C TRP C 403 22.61 -31.15 5.45
N MET C 404 22.19 -30.99 4.21
CA MET C 404 23.01 -31.47 3.10
C MET C 404 24.33 -30.75 3.13
N ALA C 405 24.29 -29.43 3.32
CA ALA C 405 25.55 -28.69 3.32
C ALA C 405 26.47 -29.15 4.44
N CYS C 406 25.92 -29.36 5.62
CA CYS C 406 26.71 -29.81 6.76
C CYS C 406 27.31 -31.19 6.57
N GLU C 407 26.54 -32.09 5.98
CA GLU C 407 26.98 -33.45 5.77
C GLU C 407 28.18 -33.57 4.83
N ASN C 408 28.17 -32.74 3.80
CA ASN C 408 29.19 -32.73 2.76
C ASN C 408 30.37 -31.78 2.90
N LYS C 409 30.51 -31.10 4.04
CA LYS C 409 31.67 -30.20 4.20
C LYS C 409 31.69 -29.04 3.21
N GLY C 410 30.52 -28.50 2.97
CA GLY C 410 30.25 -27.40 2.08
C GLY C 410 29.90 -26.21 2.93
N TYR C 411 28.91 -25.43 2.53
CA TYR C 411 28.52 -24.31 3.34
C TYR C 411 27.09 -23.95 2.96
N TYR C 412 26.47 -23.12 3.74
CA TYR C 412 25.13 -22.67 3.40
C TYR C 412 25.09 -21.17 3.24
N TYR C 413 24.36 -20.70 2.24
CA TYR C 413 24.25 -19.28 1.94
C TYR C 413 22.84 -18.94 1.57
N GLU C 414 22.27 -17.96 2.24
CA GLU C 414 21.00 -17.42 1.81
C GLU C 414 21.22 -16.24 0.90
N ILE C 415 20.28 -16.02 0.00
CA ILE C 415 20.26 -14.83 -0.83
C ILE C 415 18.82 -14.36 -0.88
N PRO C 416 18.41 -13.32 -0.16
CA PRO C 416 17.06 -12.81 -0.37
C PRO C 416 16.89 -11.72 -1.40
N SER C 417 17.94 -11.11 -1.89
CA SER C 417 17.86 -9.79 -2.46
C SER C 417 18.91 -9.68 -3.54
N ILE C 418 18.85 -8.62 -4.33
CA ILE C 418 19.85 -8.52 -5.40
C ILE C 418 21.15 -8.03 -4.81
N GLY C 419 21.11 -7.17 -3.82
CA GLY C 419 22.32 -6.71 -3.19
C GLY C 419 23.01 -7.71 -2.32
N ALA C 420 22.40 -8.86 -2.11
CA ALA C 420 22.98 -9.95 -1.36
C ALA C 420 23.65 -10.96 -2.24
N ILE C 421 23.53 -10.83 -3.56
CA ILE C 421 24.07 -11.80 -4.50
C ILE C 421 25.57 -11.68 -4.56
N ARG C 422 26.06 -10.45 -4.60
CA ARG C 422 27.47 -10.18 -4.79
C ARG C 422 28.49 -10.62 -3.76
N ILE C 423 28.07 -10.89 -2.54
CA ILE C 423 28.99 -11.30 -1.47
C ILE C 423 28.78 -12.71 -1.04
N ASN C 424 27.85 -13.41 -1.62
CA ASN C 424 27.59 -14.78 -1.27
C ASN C 424 27.96 -15.71 -2.40
N THR C 425 28.01 -15.21 -3.60
CA THR C 425 28.49 -15.95 -4.73
C THR C 425 29.96 -15.72 -4.95
N GLN C 426 30.63 -15.06 -4.03
CA GLN C 426 32.06 -15.02 -4.06
C GLN C 426 32.68 -15.63 -2.85
N GLU C 427 31.89 -15.94 -1.85
CA GLU C 427 32.28 -16.27 -0.50
C GLU C 427 32.65 -17.73 -0.35
N TYR C 428 32.40 -18.56 -1.35
CA TYR C 428 32.71 -19.97 -1.23
C TYR C 428 34.20 -20.24 -1.29
N LEU C 429 35.01 -19.28 -1.71
CA LEU C 429 36.45 -19.43 -1.75
C LEU C 429 37.06 -19.33 -0.38
N ASP C 430 36.31 -18.91 0.62
CA ASP C 430 36.79 -19.08 1.98
C ASP C 430 36.76 -20.52 2.41
N VAL C 431 35.87 -21.33 1.84
CA VAL C 431 35.82 -22.74 2.20
C VAL C 431 36.88 -23.50 1.45
N LEU C 432 37.01 -23.25 0.14
CA LEU C 432 37.96 -23.91 -0.72
C LEU C 432 39.39 -23.55 -0.46
N GLY C 433 39.63 -22.52 0.29
CA GLY C 433 40.97 -22.18 0.61
C GLY C 433 41.49 -22.88 1.80
N ARG C 434 40.61 -23.55 2.55
CA ARG C 434 41.00 -24.18 3.80
C ARG C 434 42.09 -25.22 3.65
N PRO C 435 42.09 -26.15 2.69
CA PRO C 435 43.14 -27.15 2.74
C PRO C 435 44.43 -26.68 2.11
N MET C 436 44.42 -25.44 1.66
CA MET C 436 45.62 -24.74 1.27
C MET C 436 46.28 -24.12 2.48
N VAL C 437 45.50 -23.56 3.41
CA VAL C 437 46.11 -22.94 4.57
C VAL C 437 46.56 -23.98 5.57
N LEU C 438 46.17 -25.23 5.39
CA LEU C 438 46.72 -26.32 6.17
C LEU C 438 47.90 -26.98 5.49
N ALA C 439 48.23 -26.56 4.28
CA ALA C 439 49.38 -27.10 3.62
C ALA C 439 50.65 -26.39 4.05
N GLY C 440 50.54 -25.25 4.68
CA GLY C 440 51.72 -24.62 5.23
C GLY C 440 52.50 -23.82 4.21
N ASP C 441 53.82 -23.95 4.26
CA ASP C 441 54.68 -23.23 3.34
C ASP C 441 54.58 -23.77 1.92
N LYS C 442 54.22 -25.05 1.80
CA LYS C 442 54.11 -25.64 0.48
C LYS C 442 53.07 -24.92 -0.37
N ALA C 443 52.12 -24.26 0.26
CA ALA C 443 51.08 -23.54 -0.45
C ALA C 443 51.47 -22.14 -0.84
N LYS C 444 52.66 -21.68 -0.48
CA LYS C 444 53.05 -20.33 -0.78
C LYS C 444 53.91 -20.39 -2.04
N GLN C 445 53.22 -20.41 -3.15
CA GLN C 445 53.81 -20.40 -4.47
C GLN C 445 53.26 -19.22 -5.20
N VAL C 446 54.13 -18.48 -5.85
CA VAL C 446 53.71 -17.39 -6.71
C VAL C 446 53.03 -17.95 -7.94
N GLN C 447 51.92 -17.36 -8.33
CA GLN C 447 51.23 -17.69 -9.56
C GLN C 447 51.02 -16.40 -10.32
N TRP C 448 51.10 -16.43 -11.64
CA TRP C 448 50.98 -15.23 -12.45
C TRP C 448 49.67 -15.33 -13.24
N THR C 449 48.93 -14.23 -13.25
CA THR C 449 47.62 -14.14 -13.91
C THR C 449 47.62 -13.96 -15.41
N ASN C 450 46.46 -14.15 -16.03
CA ASN C 450 46.29 -13.95 -17.46
C ASN C 450 46.37 -12.45 -17.65
N VAL C 451 46.77 -12.00 -18.84
CA VAL C 451 46.86 -10.57 -19.07
C VAL C 451 45.46 -9.98 -18.97
N TYR C 452 45.36 -8.81 -18.36
CA TYR C 452 44.09 -8.14 -18.19
C TYR C 452 44.33 -6.65 -18.05
N LEU C 453 43.31 -5.85 -18.30
CA LEU C 453 43.45 -4.41 -18.15
C LEU C 453 43.48 -4.05 -16.66
N ASP C 454 44.42 -3.21 -16.27
CA ASP C 454 44.58 -2.78 -14.89
C ASP C 454 43.41 -1.94 -14.37
N ALA C 455 43.09 -2.09 -13.10
CA ALA C 455 41.99 -1.34 -12.50
C ALA C 455 42.23 0.16 -12.60
N LEU C 456 43.50 0.54 -12.46
CA LEU C 456 43.91 1.94 -12.48
C LEU C 456 44.29 2.54 -13.84
N GLU C 457 44.00 1.81 -14.92
CA GLU C 457 44.26 2.31 -16.27
C GLU C 457 45.71 2.25 -16.76
N LEU C 458 46.50 1.40 -16.12
CA LEU C 458 47.91 1.24 -16.47
C LEU C 458 48.11 0.68 -17.88
N GLY C 459 47.28 -0.29 -18.26
CA GLY C 459 47.37 -0.92 -19.56
C GLY C 459 47.30 -2.41 -19.33
N LEU C 460 47.71 -3.21 -20.32
CA LEU C 460 47.69 -4.65 -20.14
C LEU C 460 48.71 -5.02 -19.09
N VAL C 461 48.35 -5.93 -18.19
CA VAL C 461 49.26 -6.34 -17.11
C VAL C 461 48.94 -7.72 -16.57
N ILE C 462 49.90 -8.30 -15.86
CA ILE C 462 49.75 -9.59 -15.22
C ILE C 462 50.18 -9.37 -13.78
N THR C 463 49.56 -10.07 -12.85
CA THR C 463 49.84 -9.91 -11.42
C THR C 463 50.34 -11.21 -10.83
N GLY C 464 51.34 -11.16 -9.95
CA GLY C 464 51.83 -12.37 -9.34
C GLY C 464 51.27 -12.37 -7.95
N THR C 465 50.58 -13.43 -7.56
CA THR C 465 49.95 -13.48 -6.26
C THR C 465 50.51 -14.50 -5.29
N LEU C 466 50.30 -14.23 -4.01
CA LEU C 466 50.72 -15.07 -2.93
C LEU C 466 49.66 -14.93 -1.87
N PRO C 467 49.30 -15.97 -1.18
CA PRO C 467 48.30 -15.81 -0.13
C PRO C 467 48.94 -15.64 1.23
N VAL C 468 48.33 -14.82 2.04
CA VAL C 468 48.79 -14.59 3.40
C VAL C 468 47.90 -15.41 4.31
N PHE C 469 48.47 -16.06 5.31
CA PHE C 469 47.65 -16.87 6.20
C PHE C 469 47.58 -16.25 7.57
N ASN C 470 46.51 -16.58 8.28
CA ASN C 470 46.26 -16.01 9.59
C ASN C 470 46.91 -16.89 10.60
N ILE C 471 48.09 -16.52 11.08
CA ILE C 471 48.72 -17.33 12.10
C ILE C 471 48.76 -16.57 13.38
N THR C 472 47.99 -17.00 14.37
CA THR C 472 47.99 -16.36 15.66
C THR C 472 48.27 -17.44 16.66
N GLY C 473 49.22 -17.19 17.55
CA GLY C 473 49.58 -18.17 18.55
C GLY C 473 50.11 -19.48 17.98
N GLN C 474 50.87 -19.39 16.91
CA GLN C 474 51.44 -20.58 16.31
C GLN C 474 52.41 -21.20 17.31
N PHE C 475 53.25 -20.38 17.92
CA PHE C 475 54.22 -20.89 18.89
C PHE C 475 53.61 -22.08 19.61
N GLU C 476 52.47 -21.86 20.25
CA GLU C 476 51.80 -22.88 21.07
C GLU C 476 50.56 -23.64 20.57
N ASN C 477 50.13 -23.35 19.34
CA ASN C 477 48.95 -24.00 18.78
C ASN C 477 47.69 -23.76 19.62
N LYS C 478 47.55 -22.56 20.15
CA LYS C 478 46.43 -22.18 21.02
C LYS C 478 44.97 -22.14 20.49
N THR C 479 44.73 -21.64 19.29
CA THR C 479 43.33 -21.55 18.82
C THR C 479 42.90 -22.38 17.59
N ASN C 480 43.03 -21.79 16.41
CA ASN C 480 42.66 -22.44 15.15
C ASN C 480 41.16 -22.39 14.79
N LEU C 481 40.38 -21.57 15.50
CA LEU C 481 38.95 -21.47 15.24
C LEU C 481 38.72 -20.74 13.93
N LYS C 482 39.47 -19.66 13.71
CA LYS C 482 39.37 -18.87 12.48
C LYS C 482 40.72 -18.84 11.80
N ASN C 483 41.66 -19.63 12.30
CA ASN C 483 42.95 -19.83 11.69
C ASN C 483 42.92 -20.72 10.49
N GLN C 484 41.77 -21.11 9.96
CA GLN C 484 41.74 -21.78 8.68
C GLN C 484 41.27 -20.92 7.54
N LEU C 485 41.44 -19.62 7.62
CA LEU C 485 41.15 -18.76 6.50
C LEU C 485 42.39 -17.95 6.17
N ILE C 486 42.46 -17.48 4.95
CA ILE C 486 43.53 -16.61 4.56
C ILE C 486 43.24 -15.19 5.03
N LEU C 487 44.29 -14.46 5.35
CA LEU C 487 44.12 -13.10 5.77
C LEU C 487 43.67 -12.33 4.54
N GLY C 488 44.27 -12.69 3.42
CA GLY C 488 44.00 -12.08 2.14
C GLY C 488 45.05 -12.54 1.16
N VAL C 489 45.14 -11.86 0.02
CA VAL C 489 46.11 -12.19 -1.01
C VAL C 489 46.94 -10.97 -1.35
N MET C 490 48.21 -11.17 -1.68
CA MET C 490 49.10 -10.06 -2.04
C MET C 490 49.56 -10.16 -3.49
N GLY C 491 49.46 -9.05 -4.21
CA GLY C 491 49.83 -9.00 -5.62
C GLY C 491 50.74 -7.86 -6.01
N VAL C 492 51.41 -8.00 -7.14
CA VAL C 492 52.30 -6.99 -7.66
C VAL C 492 52.21 -7.06 -9.18
N ASP C 493 52.00 -5.93 -9.83
CA ASP C 493 51.81 -6.01 -11.26
C ASP C 493 53.14 -6.06 -11.98
N VAL C 494 53.16 -6.80 -13.07
CA VAL C 494 54.09 -6.52 -14.16
C VAL C 494 53.27 -6.00 -15.32
N SER C 495 53.64 -4.84 -15.84
CA SER C 495 53.05 -4.32 -17.05
C SER C 495 53.69 -4.98 -18.26
N LEU C 496 52.90 -5.22 -19.31
CA LEU C 496 53.43 -5.91 -20.47
C LEU C 496 54.41 -5.07 -21.25
N GLU C 497 54.36 -3.76 -21.09
CA GLU C 497 55.39 -2.86 -21.58
C GLU C 497 56.71 -3.02 -20.83
N ASP C 498 56.73 -3.69 -19.68
CA ASP C 498 57.99 -3.97 -19.03
C ASP C 498 58.65 -5.22 -19.58
N ILE C 499 57.85 -6.16 -20.05
CA ILE C 499 58.36 -7.41 -20.60
C ILE C 499 58.81 -7.20 -22.02
N LYS C 500 58.17 -6.28 -22.74
CA LYS C 500 58.57 -5.93 -24.07
C LYS C 500 59.87 -5.15 -24.15
N ARG C 501 60.48 -4.88 -23.00
CA ARG C 501 61.76 -4.19 -22.95
C ARG C 501 62.87 -5.19 -22.72
N LEU C 502 62.49 -6.45 -22.58
CA LEU C 502 63.40 -7.55 -22.38
C LEU C 502 63.46 -8.38 -23.63
N THR C 503 62.61 -8.03 -24.60
CA THR C 503 62.51 -8.71 -25.89
C THR C 503 62.69 -7.62 -26.94
N PRO C 504 63.95 -7.26 -27.24
CA PRO C 504 64.21 -6.19 -28.22
C PRO C 504 64.15 -6.64 -29.67
N ARG C 505 63.33 -5.98 -30.49
CA ARG C 505 63.17 -6.35 -31.89
C ARG C 505 63.86 -5.50 -32.96
N PHE C 506 64.62 -4.48 -32.56
CA PHE C 506 65.28 -3.64 -33.55
C PHE C 506 66.35 -4.26 -34.45
N THR C 507 67.18 -5.15 -33.91
CA THR C 507 68.19 -5.78 -34.74
C THR C 507 67.50 -6.60 -35.82
N LEU C 508 66.44 -7.30 -35.43
CA LEU C 508 65.66 -8.10 -36.37
C LEU C 508 64.80 -7.21 -37.25
N CYS C 509 64.42 -7.71 -38.42
CA CYS C 509 63.64 -6.92 -39.37
C CYS C 509 62.19 -6.77 -38.97
N PRO C 510 61.43 -5.95 -39.79
CA PRO C 510 60.03 -5.79 -39.37
C PRO C 510 59.31 -7.14 -39.26
N ASN C 511 59.66 -8.08 -40.12
CA ASN C 511 59.03 -9.40 -40.09
C ASN C 511 59.22 -10.22 -38.80
N GLY C 512 60.41 -10.18 -38.21
CA GLY C 512 60.70 -10.92 -36.98
C GLY C 512 60.03 -10.42 -35.72
N TYR C 513 59.66 -11.33 -34.81
CA TYR C 513 58.99 -10.99 -33.53
C TYR C 513 59.13 -12.10 -32.45
N TYR C 514 58.78 -11.83 -31.19
CA TYR C 514 58.83 -12.79 -30.05
C TYR C 514 57.38 -13.07 -29.60
N PHE C 515 56.95 -14.33 -29.41
CA PHE C 515 55.57 -14.60 -28.91
C PHE C 515 55.74 -15.37 -27.55
N ALA C 516 54.96 -14.99 -26.52
CA ALA C 516 54.99 -15.60 -25.16
C ALA C 516 53.67 -16.41 -25.00
N ILE C 517 53.66 -17.49 -24.20
CA ILE C 517 52.53 -18.41 -24.16
C ILE C 517 52.40 -19.05 -22.81
N ASP C 518 51.15 -19.16 -22.31
CA ASP C 518 50.76 -19.85 -21.06
C ASP C 518 50.94 -21.34 -21.17
N PRO C 519 50.67 -22.15 -20.17
CA PRO C 519 50.35 -23.54 -20.49
C PRO C 519 48.87 -23.72 -20.72
N ASN C 520 48.29 -22.82 -21.43
CA ASN C 520 46.86 -22.81 -21.65
C ASN C 520 46.62 -22.39 -23.08
N GLY C 521 47.71 -22.06 -23.76
CA GLY C 521 47.71 -21.65 -25.15
C GLY C 521 47.52 -20.16 -25.37
N TYR C 522 47.21 -19.43 -24.31
CA TYR C 522 47.02 -17.98 -24.43
C TYR C 522 48.36 -17.31 -24.65
N VAL C 523 48.36 -16.22 -25.39
CA VAL C 523 49.62 -15.54 -25.68
C VAL C 523 49.90 -14.37 -24.75
N LEU C 524 50.94 -14.52 -23.94
CA LEU C 524 51.37 -13.50 -23.00
C LEU C 524 51.90 -12.27 -23.72
N LEU C 525 52.70 -12.50 -24.76
CA LEU C 525 53.30 -11.44 -25.54
C LEU C 525 53.12 -11.69 -27.02
N HIS C 526 52.49 -10.76 -27.75
CA HIS C 526 52.33 -10.94 -29.19
C HIS C 526 52.16 -9.63 -29.94
N PRO C 527 52.63 -9.59 -31.25
CA PRO C 527 52.41 -8.31 -31.93
C PRO C 527 50.92 -8.02 -32.07
N ASN C 528 50.17 -9.07 -32.40
CA ASN C 528 48.73 -9.00 -32.59
C ASN C 528 47.88 -8.65 -31.36
N LEU C 529 48.33 -9.01 -30.18
CA LEU C 529 47.58 -8.75 -28.96
C LEU C 529 47.34 -7.24 -28.79
N GLN C 530 46.13 -6.88 -28.38
CA GLN C 530 45.75 -5.48 -28.21
C GLN C 530 45.09 -5.13 -26.88
N PRO C 531 45.14 -3.79 -26.54
CA PRO C 531 44.50 -3.43 -25.26
C PRO C 531 42.99 -3.70 -25.12
N LYS C 532 42.21 -3.52 -26.18
CA LYS C 532 40.77 -3.72 -26.13
C LYS C 532 40.42 -5.14 -25.67
N PRO C 533 39.37 -5.30 -24.86
CA PRO C 533 39.05 -6.66 -24.37
C PRO C 533 38.60 -7.62 -25.47
N ILE C 534 38.83 -8.93 -25.30
CA ILE C 534 38.41 -9.84 -26.35
C ILE C 534 36.91 -10.01 -26.25
N GLY C 535 36.25 -9.95 -27.40
CA GLY C 535 34.81 -9.83 -27.46
C GLY C 535 34.16 -11.12 -27.87
N VAL C 536 32.95 -11.30 -27.42
CA VAL C 536 32.16 -12.49 -27.68
C VAL C 536 30.82 -12.06 -28.22
N GLY C 537 30.35 -12.74 -29.25
CA GLY C 537 29.04 -12.48 -29.80
C GLY C 537 28.92 -11.16 -30.53
N ILE C 538 27.74 -10.94 -31.08
CA ILE C 538 27.37 -9.68 -31.71
C ILE C 538 26.69 -8.84 -30.64
N PRO C 539 27.16 -7.63 -30.36
CA PRO C 539 26.62 -6.87 -29.23
C PRO C 539 25.22 -6.34 -29.54
N THR C 540 24.29 -6.60 -28.65
CA THR C 540 22.92 -6.12 -28.77
C THR C 540 22.54 -5.45 -27.48
N ILE C 541 22.33 -4.14 -27.51
CA ILE C 541 21.82 -3.41 -26.37
C ILE C 541 20.49 -2.79 -26.77
N ASN C 542 19.55 -2.77 -25.84
CA ASN C 542 18.21 -2.25 -26.10
C ASN C 542 18.18 -0.81 -25.62
N LEU C 543 18.03 0.13 -26.56
CA LEU C 543 17.96 1.53 -26.20
C LEU C 543 16.66 1.89 -25.52
N ARG C 544 15.62 1.08 -25.70
CA ARG C 544 14.33 1.37 -25.11
C ARG C 544 14.26 1.00 -23.65
N LYS C 545 15.32 0.48 -23.06
CA LYS C 545 15.26 0.05 -21.66
C LYS C 545 16.52 0.43 -20.87
N ARG C 546 17.26 1.44 -21.31
CA ARG C 546 18.35 2.01 -20.54
C ARG C 546 17.90 3.36 -20.03
N ARG C 547 17.52 3.43 -18.77
CA ARG C 547 17.25 4.72 -18.17
C ARG C 547 18.58 5.48 -18.01
N PRO C 548 18.57 6.81 -18.17
CA PRO C 548 19.79 7.50 -18.66
C PRO C 548 20.93 7.61 -17.66
N ASN C 549 20.72 7.43 -16.36
CA ASN C 549 21.69 7.86 -15.37
C ASN C 549 21.87 6.86 -14.22
N VAL C 550 22.17 5.60 -14.53
CA VAL C 550 22.29 4.57 -13.50
C VAL C 550 23.64 3.85 -13.47
N GLN C 551 24.40 3.81 -14.57
CA GLN C 551 25.77 3.28 -14.64
C GLN C 551 25.89 1.81 -14.22
N ASN C 552 25.49 0.93 -15.13
CA ASN C 552 25.81 -0.49 -15.24
C ASN C 552 27.30 -0.85 -15.17
N PRO C 553 27.65 -2.11 -14.88
CA PRO C 553 29.06 -2.52 -14.94
C PRO C 553 29.67 -2.46 -16.34
N LYS C 554 30.94 -2.06 -16.39
CA LYS C 554 31.66 -1.89 -17.65
C LYS C 554 32.25 -3.19 -18.20
N SER C 555 33.24 -3.74 -17.49
CA SER C 555 33.95 -4.96 -17.91
C SER C 555 34.88 -5.44 -16.79
N GLN C 556 35.13 -6.75 -16.76
CA GLN C 556 36.17 -7.30 -15.90
C GLN C 556 36.90 -8.48 -16.50
N GLU C 557 36.61 -8.86 -17.73
CA GLU C 557 37.12 -10.11 -18.26
C GLU C 557 38.60 -9.99 -18.58
N PRO C 558 39.34 -11.08 -18.54
CA PRO C 558 40.73 -11.04 -18.95
C PRO C 558 40.85 -11.10 -20.46
N VAL C 559 41.99 -10.65 -20.95
CA VAL C 559 42.21 -10.53 -22.36
C VAL C 559 42.90 -11.81 -22.78
N THR C 560 42.12 -12.86 -23.01
CA THR C 560 42.65 -14.17 -23.35
C THR C 560 42.51 -14.45 -24.83
N LEU C 561 43.44 -13.92 -25.58
CA LEU C 561 43.61 -14.30 -26.97
C LEU C 561 44.54 -15.51 -27.00
N ASP C 562 44.29 -16.43 -27.92
CA ASP C 562 45.06 -17.66 -28.02
C ASP C 562 46.05 -17.56 -29.15
N PHE C 563 47.08 -18.40 -29.11
CA PHE C 563 48.09 -18.34 -30.17
C PHE C 563 47.52 -18.75 -31.50
N LEU C 564 46.62 -19.69 -31.52
CA LEU C 564 46.01 -20.05 -32.77
C LEU C 564 44.92 -19.09 -33.17
N ASP C 565 44.69 -18.03 -32.39
CA ASP C 565 43.80 -16.95 -32.79
C ASP C 565 44.51 -15.62 -32.99
N ALA C 566 45.76 -15.50 -32.58
CA ALA C 566 46.52 -14.29 -32.89
C ALA C 566 47.14 -14.37 -34.25
N GLU C 567 47.27 -15.57 -34.79
CA GLU C 567 47.92 -15.81 -36.10
C GLU C 567 47.10 -16.77 -36.93
N LEU C 568 47.37 -16.83 -38.23
CA LEU C 568 46.60 -17.72 -39.06
C LEU C 568 46.99 -19.15 -38.71
N GLU C 569 45.98 -19.99 -38.53
CA GLU C 569 46.18 -21.33 -38.02
C GLU C 569 46.66 -22.26 -39.13
N ASN C 570 47.60 -23.11 -38.80
CA ASN C 570 48.02 -24.18 -39.67
C ASN C 570 47.78 -25.48 -38.95
N ASP C 571 48.28 -26.55 -39.53
CA ASP C 571 48.49 -27.78 -38.78
C ASP C 571 49.91 -27.91 -38.32
N ILE C 572 50.83 -27.18 -38.94
CA ILE C 572 52.24 -27.21 -38.59
C ILE C 572 52.54 -26.13 -37.57
N LYS C 573 51.53 -25.36 -37.18
CA LYS C 573 51.56 -24.48 -36.01
C LYS C 573 50.86 -25.03 -34.80
N VAL C 574 49.87 -25.90 -34.95
CA VAL C 574 49.33 -26.57 -33.78
C VAL C 574 50.33 -27.58 -33.26
N GLU C 575 51.22 -28.06 -34.13
CA GLU C 575 52.33 -28.87 -33.65
C GLU C 575 53.30 -28.04 -32.85
N ILE C 576 53.65 -26.86 -33.33
CA ILE C 576 54.56 -25.95 -32.61
C ILE C 576 53.92 -25.47 -31.33
N ARG C 577 52.63 -25.19 -31.35
CA ARG C 577 51.96 -24.68 -30.17
C ARG C 577 51.82 -25.73 -29.09
N ASN C 578 51.52 -26.97 -29.44
CA ASN C 578 51.44 -27.98 -28.40
C ASN C 578 52.81 -28.32 -27.87
N LYS C 579 53.81 -28.24 -28.72
CA LYS C 579 55.14 -28.68 -28.35
C LYS C 579 55.81 -27.73 -27.38
N MET C 580 55.36 -26.48 -27.31
CA MET C 580 55.84 -25.52 -26.34
C MET C 580 54.82 -25.14 -25.29
N ILE C 581 53.68 -25.83 -25.23
CA ILE C 581 52.95 -25.87 -23.98
C ILE C 581 53.54 -26.90 -23.04
N ASP C 582 53.94 -28.04 -23.54
CA ASP C 582 54.59 -28.99 -22.64
C ASP C 582 56.10 -28.78 -22.58
N GLY C 583 56.51 -27.53 -22.41
CA GLY C 583 57.83 -27.15 -21.92
C GLY C 583 59.03 -27.74 -22.63
N GLU C 584 59.00 -27.76 -23.96
CA GLU C 584 60.11 -28.32 -24.71
C GLU C 584 60.82 -27.18 -25.43
N SER C 585 61.98 -27.51 -25.97
CA SER C 585 62.78 -26.57 -26.73
C SER C 585 62.89 -27.08 -28.16
N GLY C 586 63.13 -26.18 -29.08
CA GLY C 586 63.22 -26.61 -30.46
C GLY C 586 63.26 -25.46 -31.42
N GLU C 587 63.37 -25.84 -32.69
CA GLU C 587 63.30 -24.95 -33.83
C GLU C 587 62.43 -25.60 -34.87
N LYS C 588 61.99 -24.82 -35.84
CA LYS C 588 61.13 -25.32 -36.90
C LYS C 588 61.19 -24.30 -38.02
N THR C 589 61.24 -24.80 -39.25
CA THR C 589 61.29 -23.99 -40.47
C THR C 589 60.26 -24.54 -41.44
N PHE C 590 59.41 -23.67 -41.98
CA PHE C 590 58.38 -24.12 -42.89
C PHE C 590 57.84 -22.96 -43.71
N ARG C 591 57.01 -23.27 -44.70
CA ARG C 591 56.42 -22.24 -45.51
C ARG C 591 54.98 -22.07 -45.07
N THR C 592 54.66 -20.84 -44.66
CA THR C 592 53.31 -20.52 -44.20
C THR C 592 52.96 -19.14 -44.70
N LEU C 593 51.68 -18.81 -44.67
CA LEU C 593 51.27 -17.49 -45.14
C LEU C 593 50.92 -16.51 -44.02
N VAL C 594 51.64 -15.39 -44.02
CA VAL C 594 51.48 -14.28 -43.11
C VAL C 594 50.32 -13.39 -43.53
N LYS C 595 49.47 -13.04 -42.58
CA LYS C 595 48.42 -12.08 -42.84
C LYS C 595 49.14 -10.74 -42.82
N SER C 596 48.67 -9.78 -43.61
CA SER C 596 49.32 -8.50 -43.72
C SER C 596 48.94 -7.62 -42.54
N GLN C 597 49.64 -6.48 -42.41
CA GLN C 597 49.40 -5.56 -41.31
C GLN C 597 48.02 -4.96 -41.37
N ASP C 598 47.72 -4.25 -42.45
CA ASP C 598 46.33 -4.02 -42.78
C ASP C 598 45.70 -5.33 -43.25
N GLU C 599 44.39 -5.44 -43.12
CA GLU C 599 43.83 -6.77 -43.20
C GLU C 599 43.39 -7.10 -44.61
N ARG C 600 44.25 -6.95 -45.60
CA ARG C 600 43.80 -7.05 -46.98
C ARG C 600 44.54 -8.05 -47.81
N TYR C 601 45.71 -8.50 -47.40
CA TYR C 601 46.60 -9.28 -48.22
C TYR C 601 46.96 -10.52 -47.41
N ILE C 602 47.41 -11.57 -48.08
CA ILE C 602 48.06 -12.71 -47.45
C ILE C 602 49.25 -13.09 -48.29
N ASP C 603 50.41 -13.18 -47.66
CA ASP C 603 51.66 -13.39 -48.36
C ASP C 603 52.36 -14.62 -47.82
N LYS C 604 52.72 -15.53 -48.71
CA LYS C 604 53.38 -16.75 -48.30
C LYS C 604 54.79 -16.44 -47.85
N GLY C 605 55.03 -16.59 -46.56
CA GLY C 605 56.30 -16.22 -46.02
C GLY C 605 56.99 -17.42 -45.44
N ASN C 606 58.21 -17.64 -45.88
CA ASN C 606 58.99 -18.76 -45.39
C ASN C 606 59.62 -18.31 -44.08
N ARG C 607 59.16 -18.87 -42.98
CA ARG C 607 59.54 -18.50 -41.62
C ARG C 607 60.35 -19.58 -40.96
N THR C 608 60.97 -19.22 -39.85
CA THR C 608 61.53 -20.19 -38.93
C THR C 608 61.10 -19.86 -37.52
N TYR C 609 60.61 -20.84 -36.78
CA TYR C 609 60.22 -20.57 -35.41
C TYR C 609 61.27 -21.18 -34.52
N THR C 610 61.38 -20.67 -33.30
CA THR C 610 62.30 -21.21 -32.32
C THR C 610 61.81 -20.89 -30.92
N TRP C 611 61.58 -21.90 -30.11
CA TRP C 611 60.97 -21.74 -28.80
C TRP C 611 61.83 -22.34 -27.70
N THR C 612 61.64 -21.85 -26.49
CA THR C 612 62.31 -22.39 -25.31
C THR C 612 61.47 -22.04 -24.10
N PRO C 613 61.61 -22.75 -22.99
CA PRO C 613 60.88 -22.34 -21.80
C PRO C 613 61.61 -21.33 -20.93
N VAL C 614 60.83 -20.40 -20.41
CA VAL C 614 61.21 -19.55 -19.30
C VAL C 614 61.25 -20.43 -18.06
N ASN C 615 62.44 -20.73 -17.53
CA ASN C 615 62.60 -21.83 -16.57
C ASN C 615 61.97 -21.56 -15.21
N GLY C 616 61.79 -20.32 -14.83
CA GLY C 616 61.16 -20.09 -13.54
C GLY C 616 59.66 -20.24 -13.55
N THR C 617 59.04 -20.17 -14.71
CA THR C 617 57.60 -19.99 -14.70
C THR C 617 57.04 -21.09 -15.59
N ASP C 618 55.78 -20.98 -15.95
CA ASP C 618 55.17 -21.85 -16.94
C ASP C 618 55.03 -21.22 -18.30
N TYR C 619 55.60 -20.04 -18.50
CA TYR C 619 55.61 -19.44 -19.82
C TYR C 619 56.70 -20.08 -20.67
N SER C 620 56.42 -20.22 -21.95
CA SER C 620 57.46 -20.58 -22.90
C SER C 620 57.50 -19.53 -23.98
N LEU C 621 58.70 -19.17 -24.40
CA LEU C 621 58.90 -18.02 -25.25
C LEU C 621 59.44 -18.42 -26.61
N ALA C 622 58.90 -17.81 -27.67
CA ALA C 622 59.34 -18.15 -29.00
C ALA C 622 59.75 -16.91 -29.78
N LEU C 623 60.17 -17.15 -31.01
CA LEU C 623 60.72 -16.11 -31.86
C LEU C 623 60.58 -16.54 -33.29
N VAL C 624 59.99 -15.68 -34.10
CA VAL C 624 59.77 -15.92 -35.51
C VAL C 624 60.82 -15.11 -36.23
N LEU C 625 61.48 -15.72 -37.20
CA LEU C 625 62.32 -14.97 -38.10
C LEU C 625 62.02 -15.44 -39.50
N PRO C 626 62.32 -14.59 -40.47
CA PRO C 626 62.15 -14.95 -41.88
C PRO C 626 63.56 -15.19 -42.36
N THR C 627 63.80 -16.27 -43.10
CA THR C 627 65.16 -16.53 -43.56
C THR C 627 65.54 -15.32 -44.40
N TYR C 628 66.74 -14.79 -44.17
CA TYR C 628 67.30 -13.56 -44.76
C TYR C 628 67.42 -12.49 -43.67
N SER C 629 66.77 -12.72 -42.53
CA SER C 629 66.85 -11.78 -41.41
C SER C 629 67.86 -12.28 -40.40
N PHE C 630 68.52 -13.37 -40.74
CA PHE C 630 69.53 -14.02 -39.93
C PHE C 630 70.77 -13.17 -39.82
N TYR C 631 70.81 -12.04 -40.48
CA TYR C 631 71.93 -11.14 -40.39
C TYR C 631 71.38 -9.74 -40.27
N TYR C 632 72.00 -8.93 -39.42
CA TYR C 632 71.61 -7.54 -39.27
C TYR C 632 72.83 -6.67 -39.50
N ILE C 633 72.58 -5.38 -39.67
CA ILE C 633 73.62 -4.37 -39.77
C ILE C 633 73.78 -3.71 -38.42
N LYS C 634 75.01 -3.68 -37.91
CA LYS C 634 75.36 -2.86 -36.76
C LYS C 634 76.15 -1.68 -37.31
N ALA C 635 75.86 -0.48 -36.82
CA ALA C 635 76.57 0.68 -37.28
C ALA C 635 77.95 0.73 -36.66
N LYS C 636 78.97 0.88 -37.49
CA LYS C 636 80.35 0.94 -37.01
C LYS C 636 80.89 2.30 -37.43
N ILE C 637 80.17 3.36 -37.13
CA ILE C 637 80.63 4.72 -37.41
C ILE C 637 80.94 5.42 -36.09
N GLU C 638 82.12 6.02 -36.04
CA GLU C 638 82.56 6.65 -34.80
C GLU C 638 83.32 7.95 -35.04
N GLU C 639 83.61 8.31 -36.28
CA GLU C 639 84.38 9.51 -36.57
C GLU C 639 83.60 10.76 -36.20
N THR C 640 84.36 11.82 -35.91
CA THR C 640 83.78 13.08 -35.46
C THR C 640 82.99 13.72 -36.58
N ILE C 641 83.58 13.82 -37.77
CA ILE C 641 82.92 14.53 -38.85
C ILE C 641 81.84 13.67 -39.51
N THR C 642 81.96 12.35 -39.48
CA THR C 642 81.02 11.52 -40.23
C THR C 642 79.68 11.39 -39.51
N GLN C 643 79.71 11.24 -38.18
CA GLN C 643 78.46 11.33 -37.43
C GLN C 643 77.90 12.74 -37.45
N ALA C 644 78.78 13.74 -37.58
CA ALA C 644 78.31 15.11 -37.66
C ALA C 644 77.63 15.37 -38.99
N ARG C 645 78.26 14.96 -40.09
CA ARG C 645 77.79 15.31 -41.44
C ARG C 645 76.46 14.65 -41.76
N TYR C 646 76.23 13.46 -41.26
CA TYR C 646 74.99 12.76 -41.50
C TYR C 646 73.84 13.28 -40.67
N SER C 647 74.11 14.11 -39.67
CA SER C 647 73.08 14.50 -38.74
C SER C 647 72.33 15.77 -39.13
N GLU C 648 72.90 16.63 -39.97
CA GLU C 648 72.12 17.75 -40.46
C GLU C 648 71.31 17.39 -41.68
N THR C 649 71.41 16.13 -42.11
CA THR C 649 70.61 15.66 -43.22
C THR C 649 69.14 15.65 -42.86
N LEU C 650 68.84 15.38 -41.59
CA LEU C 650 67.49 15.41 -41.07
C LEU C 650 67.22 16.70 -40.30
N LYS C 651 67.26 17.81 -41.02
CA LYS C 651 66.92 19.17 -40.56
C LYS C 651 65.71 19.69 -41.34
N PRO C 652 64.63 20.08 -40.67
CA PRO C 652 63.39 20.42 -41.37
C PRO C 652 63.45 21.68 -42.22
N ASP C 653 64.45 22.52 -42.02
CA ASP C 653 64.67 23.61 -42.95
C ASP C 653 65.43 23.16 -44.18
N ASN C 654 66.01 21.96 -44.13
CA ASN C 654 66.84 21.46 -45.22
C ASN C 654 66.12 20.37 -46.00
N PHE C 655 64.81 20.53 -46.13
CA PHE C 655 63.98 19.56 -46.84
C PHE C 655 63.68 20.00 -48.27
N GLU C 656 64.33 21.09 -48.69
CA GLU C 656 64.13 21.63 -50.03
C GLU C 656 65.05 20.94 -51.03
N GLU C 657 65.99 20.17 -50.51
CA GLU C 657 66.95 19.45 -51.33
C GLU C 657 67.19 18.05 -50.78
N SER C 658 66.36 17.65 -49.82
CA SER C 658 66.50 16.34 -49.20
C SER C 658 65.25 15.49 -49.34
N GLY C 659 64.11 16.11 -49.06
CA GLY C 659 62.84 15.41 -49.13
C GLY C 659 62.25 15.41 -47.75
N TYR C 660 60.93 15.56 -47.66
CA TYR C 660 60.22 15.59 -46.38
C TYR C 660 60.59 14.37 -45.57
N THR C 661 61.58 14.52 -44.70
CA THR C 661 62.07 13.43 -43.89
C THR C 661 61.23 13.14 -42.66
N PHE C 662 61.07 11.86 -42.37
CA PHE C 662 60.39 11.42 -41.19
C PHE C 662 61.32 10.64 -40.29
N LEU C 663 60.83 10.29 -39.10
CA LEU C 663 61.67 9.63 -38.12
C LEU C 663 60.80 8.89 -37.10
N ALA C 664 61.18 7.70 -36.79
CA ALA C 664 60.32 6.77 -36.08
C ALA C 664 60.45 6.96 -34.58
N PRO C 665 59.45 6.92 -33.90
CA PRO C 665 59.54 7.21 -32.47
C PRO C 665 60.08 6.04 -31.65
N ARG C 666 61.35 5.72 -31.84
CA ARG C 666 61.91 4.73 -30.95
C ARG C 666 62.30 5.42 -29.65
N ASP C 667 62.65 4.61 -28.66
CA ASP C 667 63.16 5.16 -27.41
C ASP C 667 64.66 5.29 -27.54
N TYR C 668 65.05 6.30 -28.31
CA TYR C 668 66.44 6.52 -28.66
C TYR C 668 67.28 6.77 -27.42
N CYS C 669 66.97 7.83 -26.69
CA CYS C 669 67.49 8.03 -25.35
C CYS C 669 66.30 8.09 -24.41
N SER C 670 66.58 8.00 -23.11
CA SER C 670 65.51 8.02 -22.12
C SER C 670 64.83 9.38 -22.02
N ASP C 671 65.46 10.43 -22.54
CA ASP C 671 65.03 11.78 -22.25
C ASP C 671 64.05 12.31 -23.28
N LEU C 672 64.30 12.06 -24.57
CA LEU C 672 63.43 12.55 -25.63
C LEU C 672 62.32 11.54 -25.87
N LYS C 673 61.08 12.03 -25.87
CA LYS C 673 60.00 11.08 -25.76
C LYS C 673 59.25 10.96 -27.09
N PRO C 674 58.73 9.77 -27.40
CA PRO C 674 57.85 9.63 -28.56
C PRO C 674 56.58 10.46 -28.41
N SER C 675 56.27 11.22 -29.45
CA SER C 675 55.36 12.34 -29.29
C SER C 675 54.09 12.27 -30.14
N ASP C 676 54.07 11.45 -31.20
CA ASP C 676 52.94 11.21 -32.13
C ASP C 676 52.68 12.42 -33.04
N ASN C 677 53.34 13.53 -32.78
CA ASN C 677 53.40 14.66 -33.68
C ASN C 677 54.84 14.64 -34.15
N ASN C 678 55.05 14.37 -35.43
CA ASN C 678 56.37 13.92 -35.81
C ASN C 678 57.32 15.08 -36.01
N THR C 679 56.79 16.23 -36.42
CA THR C 679 57.62 17.42 -36.53
C THR C 679 58.04 17.89 -35.15
N GLU C 680 57.19 17.67 -34.16
CA GLU C 680 57.58 17.87 -32.76
C GLU C 680 58.75 16.98 -32.40
N PHE C 681 58.66 15.69 -32.74
CA PHE C 681 59.66 14.71 -32.33
C PHE C 681 60.99 14.91 -33.02
N LEU C 682 60.97 15.16 -34.33
CA LEU C 682 62.22 15.29 -35.07
C LEU C 682 62.99 16.53 -34.67
N LEU C 683 62.30 17.57 -34.19
CA LEU C 683 63.02 18.69 -33.60
C LEU C 683 63.67 18.31 -32.27
N ASN C 684 62.90 17.71 -31.36
CA ASN C 684 63.46 17.22 -30.12
C ASN C 684 64.48 16.11 -30.32
N PHE C 685 64.41 15.38 -31.43
CA PHE C 685 65.50 14.45 -31.72
C PHE C 685 66.73 15.19 -32.18
N ASN C 686 66.56 16.20 -33.01
CA ASN C 686 67.73 16.72 -33.71
C ASN C 686 68.32 17.89 -32.94
N GLU C 687 67.55 18.49 -32.04
CA GLU C 687 68.11 19.34 -30.99
C GLU C 687 69.08 18.55 -30.14
N PHE C 688 68.74 17.30 -29.87
CA PHE C 688 69.47 16.46 -28.91
C PHE C 688 70.89 16.17 -29.37
N ILE C 689 71.09 15.99 -30.67
CA ILE C 689 72.43 15.68 -31.14
C ILE C 689 73.29 16.93 -31.25
N ASP C 690 72.69 18.10 -31.49
CA ASP C 690 73.47 19.32 -31.46
C ASP C 690 73.88 19.68 -30.04
N ARG C 691 72.92 19.67 -29.10
CA ARG C 691 73.20 20.06 -27.72
C ARG C 691 74.09 19.06 -27.01
N LYS C 692 74.16 17.83 -27.50
CA LYS C 692 75.08 16.86 -26.94
C LYS C 692 75.48 15.86 -28.01
N THR C 693 76.79 15.60 -28.10
CA THR C 693 77.47 14.53 -28.82
C THR C 693 76.72 13.20 -28.67
N PRO C 694 76.64 12.38 -29.73
CA PRO C 694 75.86 11.12 -29.63
C PRO C 694 76.46 10.04 -28.72
N ASN C 695 77.50 10.32 -27.93
CA ASN C 695 78.02 9.32 -27.01
C ASN C 695 77.07 9.04 -25.86
N ASN C 696 76.54 10.11 -25.22
CA ASN C 696 75.32 10.13 -24.40
C ASN C 696 75.26 9.07 -23.30
N PRO C 697 75.93 9.27 -22.17
CA PRO C 697 76.25 8.15 -21.26
C PRO C 697 75.05 7.43 -20.62
N SER C 698 73.81 7.82 -20.89
CA SER C 698 72.63 7.06 -20.45
C SER C 698 71.71 6.79 -21.62
N CYS C 699 72.27 6.30 -22.73
CA CYS C 699 71.56 6.21 -23.99
C CYS C 699 72.27 5.24 -24.91
N ASN C 700 71.51 4.34 -25.55
CA ASN C 700 72.13 3.28 -26.33
C ASN C 700 72.71 3.82 -27.62
N THR C 701 74.00 3.55 -27.82
CA THR C 701 74.75 4.04 -28.97
C THR C 701 74.36 3.50 -30.34
N ASP C 702 74.12 2.20 -30.40
CA ASP C 702 73.78 1.55 -31.66
C ASP C 702 72.49 1.99 -32.34
N LEU C 703 71.42 2.16 -31.57
CA LEU C 703 70.15 2.56 -32.18
C LEU C 703 70.20 3.94 -32.82
N ILE C 704 70.77 4.93 -32.14
CA ILE C 704 70.87 6.27 -32.70
C ILE C 704 71.84 6.27 -33.87
N ASN C 705 72.94 5.55 -33.69
CA ASN C 705 74.01 5.49 -34.68
C ASN C 705 73.57 4.89 -36.01
N ARG C 706 72.77 3.84 -35.93
CA ARG C 706 72.29 3.17 -37.12
C ARG C 706 71.44 4.17 -37.89
N VAL C 707 70.65 4.95 -37.16
CA VAL C 707 69.80 5.95 -37.80
C VAL C 707 70.65 6.96 -38.55
N LEU C 708 71.74 7.39 -37.93
CA LEU C 708 72.62 8.37 -38.57
C LEU C 708 73.24 7.78 -39.83
N LEU C 709 73.66 6.52 -39.76
CA LEU C 709 74.26 5.88 -40.93
C LEU C 709 73.22 5.81 -42.04
N ASP C 710 71.99 5.47 -41.67
CA ASP C 710 70.89 5.34 -42.60
C ASP C 710 70.56 6.64 -43.29
N ALA C 711 70.60 7.74 -42.56
CA ALA C 711 70.29 9.03 -43.13
C ALA C 711 71.38 9.52 -44.05
N GLY C 712 72.57 8.95 -43.97
CA GLY C 712 73.56 9.24 -44.96
C GLY C 712 73.50 8.30 -46.12
N PHE C 713 72.62 7.32 -46.04
CA PHE C 713 72.36 6.42 -47.16
C PHE C 713 71.09 6.76 -47.88
N THR C 714 70.07 7.25 -47.20
CA THR C 714 68.94 7.83 -47.90
C THR C 714 69.19 9.27 -48.26
N ASN C 715 70.42 9.76 -48.13
CA ASN C 715 70.79 11.08 -48.60
C ASN C 715 71.47 10.99 -49.94
N GLU C 716 72.44 10.08 -50.04
CA GLU C 716 73.21 9.95 -51.25
C GLU C 716 72.35 9.47 -52.41
N LEU C 717 71.25 8.82 -52.10
CA LEU C 717 70.24 8.54 -53.09
C LEU C 717 69.52 9.80 -53.53
N VAL C 718 69.01 10.56 -52.57
CA VAL C 718 68.22 11.75 -52.84
C VAL C 718 69.07 12.89 -53.37
N GLN C 719 70.37 12.92 -53.04
CA GLN C 719 71.25 13.89 -53.70
C GLN C 719 71.65 13.42 -55.09
N ASN C 720 72.36 12.31 -55.18
CA ASN C 720 73.00 11.91 -56.41
C ASN C 720 72.09 11.12 -57.35
N TYR C 721 70.85 10.80 -56.98
CA TYR C 721 70.03 10.13 -57.98
C TYR C 721 68.67 10.77 -58.20
N TRP C 722 67.91 11.05 -57.14
CA TRP C 722 66.54 11.50 -57.36
C TRP C 722 66.49 12.94 -57.79
N SER C 723 67.40 13.77 -57.31
CA SER C 723 67.46 15.18 -57.66
C SER C 723 68.09 15.42 -59.02
N LYS C 724 68.47 14.37 -59.73
CA LYS C 724 68.87 14.52 -61.11
C LYS C 724 67.66 14.45 -62.03
N GLN C 725 66.71 13.58 -61.71
CA GLN C 725 65.55 13.31 -62.57
C GLN C 725 64.30 13.98 -62.03
N LYS C 726 64.42 15.23 -61.57
CA LYS C 726 63.50 16.00 -60.74
C LYS C 726 62.01 15.83 -61.05
N ASN C 727 61.64 15.70 -62.31
CA ASN C 727 60.30 15.26 -62.67
C ASN C 727 60.37 14.13 -63.68
N ILE C 728 59.98 12.94 -63.27
CA ILE C 728 59.61 11.88 -64.19
C ILE C 728 58.14 12.12 -64.48
N LYS C 729 57.65 11.68 -65.64
CA LYS C 729 56.33 12.11 -66.10
C LYS C 729 55.23 11.48 -65.25
N GLY C 730 55.14 10.16 -65.26
CA GLY C 730 54.09 9.53 -64.49
C GLY C 730 54.35 9.41 -63.00
N VAL C 731 55.51 9.83 -62.52
CA VAL C 731 55.88 9.62 -61.13
C VAL C 731 55.43 10.80 -60.30
N LYS C 732 54.71 10.52 -59.23
CA LYS C 732 54.21 11.54 -58.33
C LYS C 732 55.16 11.81 -57.18
N ALA C 733 55.44 10.80 -56.37
CA ALA C 733 56.23 10.91 -55.15
C ALA C 733 57.15 9.71 -55.07
N ARG C 734 58.25 9.84 -54.37
CA ARG C 734 59.23 8.77 -54.31
C ARG C 734 59.73 8.65 -52.89
N PHE C 735 59.69 7.47 -52.32
CA PHE C 735 60.01 7.31 -50.91
C PHE C 735 61.07 6.26 -50.73
N VAL C 736 61.77 6.30 -49.59
CA VAL C 736 62.65 5.22 -49.15
C VAL C 736 62.32 4.99 -47.70
N VAL C 737 61.44 4.05 -47.43
CA VAL C 737 61.16 3.69 -46.05
C VAL C 737 62.20 2.68 -45.65
N THR C 738 62.92 2.96 -44.59
CA THR C 738 64.14 2.25 -44.33
C THR C 738 64.17 1.85 -42.88
N ASP C 739 65.28 1.28 -42.48
CA ASP C 739 65.38 0.59 -41.21
C ASP C 739 66.25 1.45 -40.28
N GLY C 740 65.60 2.19 -39.40
CA GLY C 740 66.23 3.36 -38.84
C GLY C 740 65.18 4.45 -38.93
N GLY C 741 63.97 4.04 -39.28
CA GLY C 741 62.85 4.92 -39.23
C GLY C 741 62.66 6.04 -40.18
N ILE C 742 63.78 6.43 -40.79
CA ILE C 742 63.86 7.55 -41.70
C ILE C 742 63.20 7.37 -43.04
N THR C 743 61.96 7.79 -43.16
CA THR C 743 61.26 7.69 -44.42
C THR C 743 61.48 9.02 -45.13
N ARG C 744 61.76 9.01 -46.43
CA ARG C 744 61.98 10.27 -47.12
C ARG C 744 61.11 10.43 -48.35
N VAL C 745 60.01 11.12 -48.23
CA VAL C 745 59.20 11.44 -49.38
C VAL C 745 59.85 12.60 -50.11
N TYR C 746 59.91 12.56 -51.43
CA TYR C 746 60.84 13.48 -52.08
C TYR C 746 60.39 14.93 -52.32
N PRO C 747 59.19 15.27 -52.83
CA PRO C 747 58.83 16.69 -52.69
C PRO C 747 58.02 16.93 -51.42
N LYS C 748 58.24 18.10 -50.83
CA LYS C 748 57.51 18.48 -49.63
C LYS C 748 56.02 18.63 -49.88
N GLU C 749 55.62 18.91 -51.12
CA GLU C 749 54.21 18.89 -51.45
C GLU C 749 53.67 17.47 -51.36
N ALA C 750 54.48 16.50 -51.76
CA ALA C 750 54.07 15.11 -51.70
C ALA C 750 54.03 14.59 -50.28
N GLY C 751 54.96 15.04 -49.44
CA GLY C 751 55.03 14.63 -48.06
C GLY C 751 53.89 15.10 -47.20
N GLU C 752 53.07 16.03 -47.67
CA GLU C 752 51.84 16.32 -46.95
C GLU C 752 50.85 15.18 -47.11
N ASN C 753 50.86 14.51 -48.26
CA ASN C 753 49.93 13.42 -48.50
C ASN C 753 50.41 12.08 -47.96
N TRP C 754 51.61 12.02 -47.37
CA TRP C 754 52.15 10.76 -46.88
C TRP C 754 51.42 10.39 -45.61
N GLN C 755 50.44 9.49 -45.72
CA GLN C 755 49.58 9.16 -44.61
C GLN C 755 49.98 7.86 -43.92
N GLU C 756 51.26 7.55 -43.87
CA GLU C 756 51.70 6.30 -43.27
C GLU C 756 52.06 6.51 -41.81
N ASN C 757 52.23 5.40 -41.11
CA ASN C 757 52.83 5.47 -39.79
C ASN C 757 54.32 5.73 -39.98
N PRO C 758 54.89 6.73 -39.30
CA PRO C 758 56.31 7.01 -39.46
C PRO C 758 57.21 6.02 -38.79
N GLU C 759 56.67 5.10 -38.02
CA GLU C 759 57.45 4.00 -37.49
C GLU C 759 57.56 2.91 -38.53
N THR C 760 58.77 2.63 -38.97
CA THR C 760 59.00 1.74 -40.07
C THR C 760 58.67 0.29 -39.77
N TYR C 761 58.54 -0.07 -38.50
CA TYR C 761 58.13 -1.41 -38.14
C TYR C 761 56.67 -1.49 -37.88
N GLU C 762 55.89 -0.65 -38.50
CA GLU C 762 54.47 -0.73 -38.39
C GLU C 762 53.83 -0.51 -39.75
N ASP C 763 54.63 -0.16 -40.75
CA ASP C 763 54.15 0.02 -42.10
C ASP C 763 53.83 -1.30 -42.73
N SER C 764 52.66 -1.37 -43.33
CA SER C 764 52.20 -2.59 -43.95
C SER C 764 53.00 -2.92 -45.19
N PHE C 765 53.21 -1.95 -46.06
CA PHE C 765 53.84 -2.18 -47.35
C PHE C 765 55.31 -2.50 -47.19
N TYR C 766 55.92 -2.01 -46.11
CA TYR C 766 57.32 -2.32 -45.82
C TYR C 766 57.46 -3.81 -45.65
N LYS C 767 56.49 -4.41 -44.99
CA LYS C 767 56.56 -5.80 -44.64
C LYS C 767 56.15 -6.70 -45.78
N ARG C 768 55.35 -6.21 -46.72
CA ARG C 768 55.00 -6.99 -47.87
C ARG C 768 56.04 -6.91 -48.94
N SER C 769 56.87 -5.92 -48.88
CA SER C 769 57.92 -5.76 -49.85
C SER C 769 59.07 -6.69 -49.56
N LEU C 770 59.23 -7.09 -48.31
CA LEU C 770 60.34 -7.94 -47.89
C LEU C 770 60.06 -9.40 -48.20
N ASP C 771 58.81 -9.82 -48.12
CA ASP C 771 58.47 -11.20 -48.45
C ASP C 771 58.65 -11.52 -49.93
N ASN C 772 58.21 -10.60 -50.79
CA ASN C 772 58.29 -10.76 -52.25
C ASN C 772 59.63 -10.43 -52.90
N ASP C 773 59.89 -11.08 -54.03
CA ASP C 773 61.11 -10.86 -54.80
C ASP C 773 60.82 -10.03 -56.05
N ASN C 774 59.63 -9.48 -56.11
CA ASN C 774 59.18 -8.70 -57.26
C ASN C 774 58.56 -7.37 -56.84
N TYR C 775 58.39 -6.46 -57.78
CA TYR C 775 57.79 -5.18 -57.47
C TYR C 775 56.40 -5.41 -56.94
N VAL C 776 56.01 -4.65 -55.93
CA VAL C 776 54.71 -4.80 -55.30
C VAL C 776 53.87 -3.54 -55.44
N PHE C 777 52.60 -3.72 -55.80
CA PHE C 777 51.68 -2.60 -55.99
C PHE C 777 50.67 -2.58 -54.86
N THR C 778 50.48 -1.41 -54.26
CA THR C 778 49.53 -1.28 -53.17
C THR C 778 48.33 -0.47 -53.64
N ALA C 779 47.13 -1.05 -53.50
CA ALA C 779 45.91 -0.40 -53.92
C ALA C 779 45.43 0.70 -52.97
N PRO C 780 44.96 1.85 -53.57
CA PRO C 780 44.48 2.88 -52.63
C PRO C 780 43.14 2.49 -52.02
N TYR C 781 42.81 3.09 -50.87
CA TYR C 781 41.55 2.80 -50.19
C TYR C 781 40.33 3.38 -50.91
N PHE C 782 39.16 2.80 -50.66
CA PHE C 782 37.92 3.28 -51.27
C PHE C 782 37.11 4.07 -50.24
N ASN C 783 36.70 5.26 -50.65
CA ASN C 783 35.99 6.22 -49.84
C ASN C 783 36.89 6.83 -48.77
N LYS C 784 36.48 6.75 -47.52
CA LYS C 784 37.30 7.28 -46.44
C LYS C 784 37.36 8.80 -46.47
N SER C 785 38.36 9.34 -45.79
CA SER C 785 38.58 10.78 -45.73
C SER C 785 40.05 11.06 -45.97
N GLY C 786 40.37 12.26 -46.43
CA GLY C 786 41.75 12.60 -46.74
C GLY C 786 42.00 12.32 -48.20
N PRO C 787 43.08 12.87 -48.77
CA PRO C 787 43.26 12.62 -50.20
C PRO C 787 44.11 11.40 -50.47
N GLY C 788 43.45 10.31 -50.87
CA GLY C 788 44.16 9.10 -51.18
C GLY C 788 43.69 8.43 -52.46
N ALA C 789 43.92 9.06 -53.60
CA ALA C 789 43.54 8.50 -54.87
C ALA C 789 44.34 9.18 -55.96
N TYR C 790 43.69 10.13 -56.62
CA TYR C 790 44.28 10.93 -57.67
C TYR C 790 45.40 11.78 -57.13
N GLU C 791 45.20 12.31 -55.93
CA GLU C 791 46.16 13.18 -55.28
C GLU C 791 47.52 12.55 -54.94
N SER C 792 47.53 11.33 -54.41
CA SER C 792 48.80 10.69 -54.07
C SER C 792 49.13 9.63 -55.11
N GLY C 793 48.20 8.71 -55.28
CA GLY C 793 48.29 7.68 -56.29
C GLY C 793 48.55 6.30 -55.72
N ILE C 794 48.46 5.32 -56.59
CA ILE C 794 48.71 3.93 -56.27
C ILE C 794 50.21 3.77 -56.08
N MET C 795 50.65 2.97 -55.12
CA MET C 795 52.08 2.88 -54.92
C MET C 795 52.67 1.52 -55.13
N VAL C 796 53.86 1.54 -55.67
CA VAL C 796 54.71 0.41 -55.92
C VAL C 796 55.79 0.45 -54.87
N SER C 797 56.20 -0.70 -54.36
CA SER C 797 57.33 -0.72 -53.47
C SER C 797 58.16 -1.92 -53.81
N LYS C 798 59.37 -1.97 -53.29
CA LYS C 798 60.29 -3.05 -53.58
C LYS C 798 61.41 -3.01 -52.56
N ALA C 799 61.71 -4.14 -51.94
CA ALA C 799 62.77 -4.17 -50.96
C ALA C 799 64.13 -4.17 -51.64
N VAL C 800 65.05 -3.41 -51.07
CA VAL C 800 66.44 -3.43 -51.46
C VAL C 800 67.06 -4.73 -50.97
N GLU C 801 67.98 -5.29 -51.75
CA GLU C 801 68.46 -6.64 -51.50
C GLU C 801 69.96 -6.71 -51.79
N ILE C 802 70.79 -6.69 -50.75
CA ILE C 802 72.23 -6.62 -50.93
C ILE C 802 72.89 -7.88 -50.41
N TYR C 803 74.08 -8.14 -50.94
CA TYR C 803 74.93 -9.26 -50.55
C TYR C 803 76.28 -8.70 -50.18
N ILE C 804 76.77 -9.06 -48.99
CA ILE C 804 77.99 -8.44 -48.50
C ILE C 804 79.19 -9.34 -48.70
N GLN C 805 79.18 -10.47 -48.02
CA GLN C 805 80.19 -11.51 -48.22
C GLN C 805 79.46 -12.81 -48.50
N GLY C 806 78.53 -12.73 -49.44
CA GLY C 806 77.64 -13.85 -49.69
C GLY C 806 76.61 -14.02 -48.61
N LYS C 807 76.19 -12.93 -47.97
CA LYS C 807 75.20 -12.97 -46.91
C LYS C 807 74.06 -12.02 -47.25
N LEU C 808 72.86 -12.55 -47.34
CA LEU C 808 71.70 -11.79 -47.78
C LEU C 808 71.21 -10.83 -46.71
N LEU C 809 70.95 -9.58 -47.12
CA LEU C 809 70.40 -8.54 -46.27
C LEU C 809 69.32 -7.81 -47.05
N LYS C 810 68.26 -7.39 -46.37
CA LYS C 810 67.29 -6.46 -46.97
C LYS C 810 67.14 -5.20 -46.12
N PRO C 811 67.93 -4.19 -46.37
CA PRO C 811 67.91 -3.03 -45.48
C PRO C 811 66.75 -2.09 -45.65
N ALA C 812 66.25 -1.86 -46.87
CA ALA C 812 65.34 -0.75 -47.09
C ALA C 812 64.33 -1.10 -48.17
N VAL C 813 63.28 -0.29 -48.25
CA VAL C 813 62.18 -0.45 -49.20
C VAL C 813 61.98 0.87 -49.96
N VAL C 814 62.38 0.90 -51.23
CA VAL C 814 62.17 2.05 -52.11
C VAL C 814 60.77 2.01 -52.69
N GLY C 815 60.38 3.01 -53.43
CA GLY C 815 58.99 3.09 -53.85
C GLY C 815 58.72 4.31 -54.69
N ILE C 816 57.45 4.44 -55.10
CA ILE C 816 56.88 5.44 -56.00
C ILE C 816 55.38 5.51 -55.78
N LYS C 817 54.82 6.68 -55.55
CA LYS C 817 53.39 6.85 -55.74
C LYS C 817 53.16 7.12 -57.23
N ILE C 818 52.23 6.41 -57.85
CA ILE C 818 52.07 6.51 -59.30
C ILE C 818 51.08 7.62 -59.59
N ASP C 819 51.07 8.15 -60.81
CA ASP C 819 50.01 9.08 -61.20
C ASP C 819 48.95 8.28 -61.93
N VAL C 820 47.73 8.31 -61.42
CA VAL C 820 46.72 7.43 -61.99
C VAL C 820 46.27 7.96 -63.35
N ASN C 821 46.26 9.27 -63.57
CA ASN C 821 45.83 9.78 -64.88
C ASN C 821 46.73 9.41 -66.07
N SER C 822 48.04 9.53 -65.91
CA SER C 822 48.98 9.20 -66.98
C SER C 822 48.92 7.72 -67.32
N TRP C 823 48.89 6.90 -66.29
CA TRP C 823 48.87 5.46 -66.50
C TRP C 823 47.72 5.08 -67.41
N ILE C 824 46.59 5.78 -67.27
CA ILE C 824 45.41 5.52 -68.09
C ILE C 824 45.67 5.77 -69.57
N GLU C 825 46.38 6.85 -69.89
CA GLU C 825 46.65 7.17 -71.28
C GLU C 825 47.47 6.09 -71.97
N ASN C 826 48.48 5.57 -71.29
CA ASN C 826 49.30 4.50 -71.85
C ASN C 826 48.45 3.25 -72.06
N PHE C 827 47.58 2.99 -71.09
CA PHE C 827 46.70 1.83 -71.11
C PHE C 827 45.69 1.88 -72.26
N THR C 828 45.12 3.06 -72.49
CA THR C 828 44.14 3.23 -73.56
C THR C 828 44.77 3.03 -74.95
N LYS C 829 45.98 3.54 -75.13
CA LYS C 829 46.66 3.41 -76.40
C LYS C 829 47.76 2.36 -76.32
N ASP C 842 42.29 -3.68 -77.37
CA ASP C 842 40.94 -3.55 -77.93
C ASP C 842 39.99 -2.89 -76.93
N CYS C 843 40.57 -2.16 -75.99
CA CYS C 843 39.78 -1.47 -75.00
C CYS C 843 39.80 0.02 -75.32
N LYS C 844 38.61 0.57 -75.48
CA LYS C 844 38.43 1.98 -75.79
C LYS C 844 37.74 2.55 -74.58
N ARG C 845 38.13 3.75 -74.16
CA ARG C 845 37.52 4.32 -72.98
C ARG C 845 36.01 4.35 -73.18
N ASN C 846 35.29 3.89 -72.16
CA ASN C 846 33.84 3.86 -72.20
C ASN C 846 33.28 2.91 -73.26
N SER C 847 34.04 1.88 -73.62
CA SER C 847 33.60 0.92 -74.62
C SER C 847 32.42 0.07 -74.14
N ASP C 848 31.49 -0.23 -75.05
CA ASP C 848 30.33 -1.06 -74.74
C ASP C 848 30.47 -2.51 -75.21
N VAL C 849 31.56 -2.83 -75.88
CA VAL C 849 31.79 -4.17 -76.41
C VAL C 849 32.41 -5.07 -75.34
N MET C 850 33.46 -4.58 -74.70
CA MET C 850 34.15 -5.33 -73.66
C MET C 850 34.98 -4.41 -72.77
N ASP C 851 35.15 -4.81 -71.51
CA ASP C 851 35.91 -4.03 -70.55
C ASP C 851 37.07 -4.85 -69.99
N CYS C 852 38.16 -4.16 -69.67
CA CYS C 852 39.36 -4.81 -69.16
C CYS C 852 39.89 -4.06 -67.96
N VAL C 853 40.43 -4.79 -67.00
CA VAL C 853 40.94 -4.20 -65.79
C VAL C 853 42.22 -4.85 -65.32
N ILE C 854 42.96 -4.14 -64.47
CA ILE C 854 44.20 -4.65 -63.90
C ILE C 854 43.95 -4.80 -62.40
N LEU C 855 44.26 -5.97 -61.89
CA LEU C 855 44.06 -6.25 -60.48
C LEU C 855 45.31 -6.83 -59.85
N ASP C 856 45.70 -6.26 -58.71
CA ASP C 856 46.85 -6.74 -57.96
C ASP C 856 46.37 -7.96 -57.20
N ASP C 857 47.27 -8.75 -56.65
CA ASP C 857 46.84 -9.92 -55.89
C ASP C 857 45.99 -9.39 -54.76
N GLY C 858 44.99 -10.15 -54.36
CA GLY C 858 44.07 -9.72 -53.33
C GLY C 858 42.78 -9.24 -53.96
N GLY C 859 42.79 -9.11 -55.29
CA GLY C 859 41.62 -8.73 -56.05
C GLY C 859 41.16 -7.28 -56.06
N PHE C 860 41.95 -6.38 -55.49
CA PHE C 860 41.58 -4.99 -55.46
C PHE C 860 41.69 -4.34 -56.82
N LEU C 861 40.83 -3.37 -57.09
CA LEU C 861 40.85 -2.71 -58.39
C LEU C 861 41.75 -1.50 -58.40
N LEU C 862 42.76 -1.56 -59.27
CA LEU C 862 43.69 -0.46 -59.45
C LEU C 862 43.36 0.39 -60.69
N MET C 863 43.14 -0.27 -61.81
CA MET C 863 42.82 0.39 -63.09
C MET C 863 41.55 -0.11 -63.76
N ALA C 864 40.66 0.78 -64.16
CA ALA C 864 39.44 0.39 -64.87
C ALA C 864 39.30 1.12 -66.19
N ASN C 865 39.11 0.36 -67.26
CA ASN C 865 38.96 0.90 -68.61
C ASN C 865 37.70 1.77 -68.83
N HIS C 866 36.58 1.32 -68.28
CA HIS C 866 35.29 1.99 -68.42
C HIS C 866 35.18 3.39 -67.84
N ASP C 867 35.79 3.60 -66.69
CA ASP C 867 35.76 4.88 -65.98
C ASP C 867 34.58 5.01 -65.02
N ASP C 868 33.67 4.04 -65.05
CA ASP C 868 32.53 4.02 -64.15
C ASP C 868 33.05 3.23 -62.96
N TYR C 869 34.18 2.61 -63.20
CA TYR C 869 34.93 1.77 -62.28
C TYR C 869 36.17 2.48 -61.76
N THR C 870 36.87 3.28 -62.58
CA THR C 870 38.06 3.93 -62.07
C THR C 870 37.76 5.09 -61.14
N ASN C 871 36.49 5.49 -61.01
CA ASN C 871 36.13 6.38 -59.93
C ASN C 871 36.19 5.62 -58.61
N GLN C 872 35.77 4.37 -58.62
CA GLN C 872 35.79 3.54 -57.44
C GLN C 872 37.02 2.63 -57.49
N ILE C 873 38.11 3.27 -57.25
CA ILE C 873 39.46 2.73 -57.35
C ILE C 873 39.94 2.29 -55.99
N GLY C 874 40.76 1.25 -55.93
CA GLY C 874 41.17 0.73 -54.65
C GLY C 874 40.08 -0.01 -53.93
N ARG C 875 39.04 -0.37 -54.63
CA ARG C 875 37.89 -1.06 -54.09
C ARG C 875 38.02 -2.52 -54.43
N PHE C 876 37.46 -3.34 -53.59
CA PHE C 876 37.44 -4.76 -53.83
C PHE C 876 36.59 -5.08 -55.04
N PHE C 877 37.18 -5.80 -55.99
CA PHE C 877 36.61 -5.99 -57.31
C PHE C 877 35.35 -6.83 -57.29
N GLY C 878 35.09 -7.53 -56.20
CA GLY C 878 33.89 -8.29 -56.10
C GLY C 878 32.73 -7.45 -55.63
N GLU C 879 32.93 -6.15 -55.50
CA GLU C 879 31.83 -5.27 -55.18
C GLU C 879 31.37 -4.45 -56.36
N ILE C 880 32.09 -4.50 -57.48
CA ILE C 880 31.70 -3.74 -58.65
C ILE C 880 31.25 -4.63 -59.80
N ASP C 881 31.70 -5.87 -59.87
CA ASP C 881 31.09 -6.91 -60.70
C ASP C 881 31.24 -8.25 -60.02
N PRO C 882 30.33 -8.58 -59.11
CA PRO C 882 30.52 -9.79 -58.30
C PRO C 882 30.37 -11.07 -59.06
N SER C 883 29.81 -11.06 -60.26
CA SER C 883 29.64 -12.29 -61.01
C SER C 883 30.95 -12.82 -61.52
N LEU C 884 31.82 -11.94 -62.01
CA LEU C 884 33.09 -12.39 -62.57
C LEU C 884 34.01 -12.85 -61.47
N MET C 885 34.07 -12.09 -60.39
CA MET C 885 34.97 -12.43 -59.29
C MET C 885 34.64 -13.81 -58.72
N ARG C 886 33.35 -14.12 -58.61
CA ARG C 886 32.94 -15.40 -58.07
C ARG C 886 33.49 -16.54 -58.93
N HIS C 887 33.41 -16.38 -60.24
CA HIS C 887 33.90 -17.37 -61.18
C HIS C 887 35.41 -17.55 -61.13
N LEU C 888 36.12 -16.44 -60.94
CA LEU C 888 37.58 -16.46 -60.91
C LEU C 888 38.11 -17.33 -59.79
N VAL C 889 37.47 -17.29 -58.62
CA VAL C 889 37.89 -18.13 -57.51
C VAL C 889 37.73 -19.60 -57.90
N ASN C 890 36.63 -19.90 -58.58
CA ASN C 890 36.32 -21.26 -59.02
C ASN C 890 37.36 -21.82 -59.99
N ILE C 891 37.86 -20.96 -60.87
CA ILE C 891 38.86 -21.36 -61.85
C ILE C 891 40.19 -21.67 -61.19
N SER C 892 40.31 -21.30 -59.92
CA SER C 892 41.52 -21.52 -59.12
C SER C 892 42.52 -20.38 -59.23
N VAL C 893 42.12 -19.32 -59.92
CA VAL C 893 42.95 -18.12 -60.09
C VAL C 893 43.20 -17.44 -58.74
N TYR C 894 42.18 -17.42 -57.88
CA TYR C 894 42.25 -16.78 -56.57
C TYR C 894 41.92 -17.73 -55.42
N ALA C 895 42.53 -17.48 -54.27
CA ALA C 895 42.32 -18.27 -53.05
C ALA C 895 42.10 -17.32 -51.88
N PHE C 896 41.48 -17.79 -50.81
CA PHE C 896 41.21 -16.93 -49.66
C PHE C 896 41.12 -17.65 -48.32
N ASN C 897 41.22 -16.91 -47.22
CA ASN C 897 41.10 -17.46 -45.88
C ASN C 897 40.44 -16.53 -44.91
N LYS C 898 39.32 -16.96 -44.38
CA LYS C 898 38.55 -16.18 -43.44
C LYS C 898 39.08 -16.51 -42.06
N SER C 899 39.20 -15.50 -41.24
CA SER C 899 39.83 -15.56 -39.95
C SER C 899 38.95 -14.81 -38.98
N TYR C 900 39.24 -14.91 -37.70
CA TYR C 900 38.44 -14.19 -36.72
C TYR C 900 39.33 -13.23 -35.95
N ASP C 901 38.88 -12.01 -35.86
CA ASP C 901 39.54 -10.96 -35.11
C ASP C 901 38.73 -10.79 -33.84
N TYR C 902 39.22 -11.30 -32.72
CA TYR C 902 38.47 -11.32 -31.48
C TYR C 902 38.55 -10.02 -30.72
N GLN C 903 39.31 -9.04 -31.21
CA GLN C 903 39.45 -7.73 -30.60
C GLN C 903 39.12 -6.68 -31.65
N SER C 904 37.85 -6.35 -31.79
CA SER C 904 37.41 -5.30 -32.68
C SER C 904 36.09 -4.74 -32.16
N VAL C 905 35.75 -3.53 -32.64
CA VAL C 905 34.55 -2.84 -32.21
C VAL C 905 33.53 -2.77 -33.33
N CYS C 906 32.26 -2.70 -32.95
CA CYS C 906 31.18 -2.58 -33.90
C CYS C 906 29.97 -1.96 -33.22
N GLU C 907 29.11 -1.36 -34.04
CA GLU C 907 27.86 -0.78 -33.56
C GLU C 907 26.91 -1.90 -33.14
N PRO C 908 26.03 -1.62 -32.19
CA PRO C 908 25.13 -2.67 -31.72
C PRO C 908 23.99 -2.92 -32.69
N GLY C 909 23.35 -4.06 -32.51
CA GLY C 909 22.13 -4.41 -33.23
C GLY C 909 20.94 -4.36 -32.28
N ALA C 910 19.82 -3.88 -32.78
CA ALA C 910 18.65 -3.68 -31.93
C ALA C 910 17.98 -5.04 -31.69
N ALA C 911 18.10 -5.53 -30.46
CA ALA C 911 17.42 -6.74 -30.03
C ALA C 911 17.18 -6.69 -28.54
N SER C 972 28.75 3.49 -26.99
CA SER C 972 28.89 3.92 -28.38
C SER C 972 29.41 2.78 -29.23
N LYS C 973 30.24 1.93 -28.62
CA LYS C 973 30.78 0.74 -29.23
C LYS C 973 30.92 -0.32 -28.15
N GLN C 974 30.68 -1.57 -28.52
CA GLN C 974 31.15 -2.68 -27.72
C GLN C 974 32.21 -3.43 -28.50
N SER C 975 32.85 -4.36 -27.81
CA SER C 975 33.74 -5.30 -28.48
C SER C 975 32.93 -6.43 -29.08
N CYS C 976 33.42 -6.93 -30.20
CA CYS C 976 32.73 -7.99 -30.91
C CYS C 976 33.74 -8.76 -31.73
N ILE C 977 33.29 -9.78 -32.35
CA ILE C 977 34.08 -10.59 -33.23
C ILE C 977 33.81 -10.06 -34.62
N THR C 978 34.82 -9.99 -35.44
CA THR C 978 34.62 -9.78 -36.84
C THR C 978 35.24 -10.93 -37.60
N GLU C 979 34.64 -11.32 -38.69
CA GLU C 979 35.29 -12.20 -39.62
C GLU C 979 35.91 -11.38 -40.71
N GLN C 980 37.09 -11.78 -41.15
CA GLN C 980 37.91 -11.00 -42.04
C GLN C 980 38.32 -11.90 -43.17
N THR C 981 38.17 -11.44 -44.40
CA THR C 981 38.59 -12.25 -45.53
C THR C 981 39.81 -11.60 -46.15
N GLN C 982 40.77 -12.40 -46.55
CA GLN C 982 41.82 -11.89 -47.39
C GLN C 982 41.92 -12.81 -48.59
N TYR C 983 42.39 -12.28 -49.70
CA TYR C 983 42.46 -13.00 -50.96
C TYR C 983 43.90 -13.00 -51.44
N PHE C 984 44.29 -14.06 -52.11
CA PHE C 984 45.69 -14.19 -52.47
C PHE C 984 45.86 -15.19 -53.59
N PHE C 985 46.84 -14.99 -54.46
CA PHE C 985 47.03 -15.93 -55.55
C PHE C 985 47.54 -17.25 -55.04
N ASP C 986 46.87 -18.33 -55.38
CA ASP C 986 47.30 -19.65 -54.95
C ASP C 986 47.81 -20.46 -56.13
N ASN C 987 47.55 -19.98 -57.33
CA ASN C 987 47.99 -20.68 -58.51
C ASN C 987 49.03 -19.87 -59.25
N ASP C 988 50.18 -20.49 -59.43
CA ASP C 988 51.31 -19.92 -60.14
C ASP C 988 51.09 -19.73 -61.64
N SER C 989 50.16 -20.47 -62.22
CA SER C 989 49.97 -20.38 -63.68
C SER C 989 49.65 -18.97 -64.15
N LYS C 990 50.35 -18.56 -65.21
CA LYS C 990 50.27 -17.24 -65.82
C LYS C 990 48.97 -16.79 -66.49
N SER C 991 48.31 -17.69 -67.21
CA SER C 991 47.09 -17.31 -67.93
C SER C 991 45.90 -18.19 -67.66
N PHE C 992 44.71 -17.63 -67.82
CA PHE C 992 43.48 -18.37 -67.54
C PHE C 992 42.38 -17.95 -68.50
N SER C 993 42.04 -18.81 -69.44
CA SER C 993 40.99 -18.52 -70.41
C SER C 993 39.73 -19.26 -70.00
N GLY C 994 38.61 -18.79 -70.53
CA GLY C 994 37.36 -19.48 -70.25
C GLY C 994 36.16 -18.64 -70.65
N VAL C 995 35.03 -19.04 -70.09
CA VAL C 995 33.76 -18.33 -70.25
C VAL C 995 32.95 -18.56 -68.97
N LEU C 996 32.24 -17.54 -68.53
CA LEU C 996 31.30 -17.68 -67.43
C LEU C 996 29.92 -17.48 -67.97
N ASP C 997 28.96 -18.20 -67.43
CA ASP C 997 27.57 -18.11 -67.82
C ASP C 997 26.68 -17.89 -66.60
N CYS C 998 25.73 -16.97 -66.74
CA CYS C 998 24.83 -16.64 -65.63
C CYS C 998 23.51 -17.37 -65.76
N GLY C 999 23.22 -17.94 -66.92
CA GLY C 999 21.90 -18.38 -67.27
C GLY C 999 21.45 -17.57 -68.48
N ASN C 1000 21.41 -18.21 -69.64
CA ASN C 1000 20.94 -17.54 -70.85
C ASN C 1000 21.93 -16.55 -71.50
N CYS C 1001 23.17 -16.55 -71.02
CA CYS C 1001 24.16 -15.64 -71.60
C CYS C 1001 25.53 -16.24 -71.38
N SER C 1002 26.49 -15.89 -72.23
CA SER C 1002 27.88 -16.22 -71.99
C SER C 1002 28.68 -14.94 -72.08
N ARG C 1003 29.79 -14.93 -71.38
CA ARG C 1003 30.72 -13.83 -71.38
C ARG C 1003 32.05 -14.55 -71.49
N ILE C 1004 32.89 -14.09 -72.40
CA ILE C 1004 34.18 -14.72 -72.54
C ILE C 1004 35.27 -13.80 -72.00
N PHE C 1005 35.77 -14.16 -70.82
CA PHE C 1005 36.84 -13.44 -70.15
C PHE C 1005 38.20 -14.08 -70.39
N HIS C 1006 39.23 -13.26 -70.57
CA HIS C 1006 40.59 -13.77 -70.76
C HIS C 1006 41.46 -13.15 -69.66
N VAL C 1007 42.19 -13.97 -68.92
CA VAL C 1007 43.04 -13.44 -67.85
C VAL C 1007 44.53 -13.75 -68.04
N GLU C 1008 45.34 -12.71 -67.96
CA GLU C 1008 46.79 -12.82 -68.10
C GLU C 1008 47.46 -12.18 -66.91
N LYS C 1009 48.53 -12.78 -66.41
CA LYS C 1009 49.23 -12.22 -65.26
C LYS C 1009 50.56 -11.61 -65.67
N LEU C 1010 50.77 -10.35 -65.33
CA LEU C 1010 52.01 -9.67 -65.69
C LEU C 1010 53.16 -10.28 -64.91
N MET C 1011 54.22 -10.61 -65.64
CA MET C 1011 55.40 -11.22 -65.03
C MET C 1011 56.24 -10.22 -64.25
N ASN C 1012 56.82 -10.69 -63.15
CA ASN C 1012 57.69 -9.84 -62.35
C ASN C 1012 56.96 -8.91 -61.37
N THR C 1013 55.65 -9.08 -61.25
CA THR C 1013 54.85 -8.27 -60.35
C THR C 1013 53.58 -9.00 -59.94
N ASN C 1014 52.96 -8.56 -58.85
CA ASN C 1014 51.72 -9.15 -58.37
C ASN C 1014 50.48 -8.85 -59.23
N LEU C 1015 50.60 -7.89 -60.14
CA LEU C 1015 49.49 -7.48 -61.00
C LEU C 1015 48.99 -8.55 -61.99
N ILE C 1016 47.68 -8.51 -62.24
CA ILE C 1016 47.04 -9.43 -63.17
C ILE C 1016 46.16 -8.64 -64.16
N PHE C 1017 46.21 -9.00 -65.43
CA PHE C 1017 45.40 -8.31 -66.45
C PHE C 1017 44.30 -9.20 -67.00
N ILE C 1018 43.05 -8.74 -66.93
CA ILE C 1018 41.91 -9.52 -67.41
C ILE C 1018 41.05 -8.80 -68.44
N MET C 1019 40.74 -9.48 -69.53
CA MET C 1019 39.91 -8.93 -70.60
C MET C 1019 38.58 -9.69 -70.65
N VAL C 1020 37.47 -8.99 -70.57
CA VAL C 1020 36.16 -9.63 -70.60
C VAL C 1020 35.09 -8.80 -71.30
N GLU C 1021 34.05 -9.46 -71.80
CA GLU C 1021 32.97 -8.76 -72.50
C GLU C 1021 32.10 -7.94 -71.56
N SER C 1022 31.66 -6.77 -72.02
CA SER C 1022 30.94 -5.77 -71.20
C SER C 1022 29.80 -6.35 -70.37
N LYS C 1023 29.71 -5.87 -69.13
CA LYS C 1023 28.78 -6.43 -68.17
C LYS C 1023 27.34 -6.20 -68.60
N GLY C 1024 27.10 -5.15 -69.39
CA GLY C 1024 25.73 -4.78 -69.72
C GLY C 1024 25.09 -5.71 -70.72
N THR C 1025 25.90 -6.52 -71.42
CA THR C 1025 25.35 -7.40 -72.45
C THR C 1025 24.60 -8.58 -71.83
N CYS C 1026 25.05 -9.04 -70.67
CA CYS C 1026 24.32 -10.03 -69.90
C CYS C 1026 23.90 -9.42 -68.57
N PRO C 1027 22.63 -9.11 -68.37
CA PRO C 1027 22.22 -8.57 -67.07
C PRO C 1027 22.24 -9.64 -66.00
N CYS C 1028 23.30 -9.63 -65.19
CA CYS C 1028 23.49 -10.67 -64.20
C CYS C 1028 23.91 -10.06 -62.88
N ASP C 1029 23.34 -10.58 -61.80
CA ASP C 1029 23.90 -10.49 -60.46
C ASP C 1029 23.95 -11.91 -59.91
N THR C 1030 24.81 -12.15 -58.94
CA THR C 1030 24.67 -13.35 -58.14
C THR C 1030 24.31 -12.98 -56.72
N ARG C 1031 25.25 -12.30 -56.06
CA ARG C 1031 25.20 -11.56 -54.80
C ARG C 1031 26.56 -10.88 -54.73
N LEU C 1032 26.67 -9.85 -53.92
CA LEU C 1032 27.83 -8.97 -53.94
C LEU C 1032 28.89 -9.55 -53.02
N LEU C 1033 29.94 -10.15 -53.59
CA LEU C 1033 31.00 -10.78 -52.81
C LEU C 1033 31.90 -9.73 -52.21
N ILE C 1034 31.79 -9.48 -50.91
CA ILE C 1034 32.44 -8.35 -50.29
C ILE C 1034 33.54 -8.83 -49.35
N GLN C 1035 34.57 -8.01 -49.19
CA GLN C 1035 35.76 -8.31 -48.42
C GLN C 1035 35.93 -7.17 -47.44
N ALA C 1036 35.52 -7.39 -46.21
CA ALA C 1036 35.59 -6.35 -45.20
C ALA C 1036 35.57 -7.06 -43.87
N GLU C 1037 35.92 -6.34 -42.81
CA GLU C 1037 35.63 -6.86 -41.49
C GLU C 1037 34.12 -6.91 -41.37
N GLN C 1038 33.59 -8.11 -41.28
CA GLN C 1038 32.16 -8.35 -41.32
C GLN C 1038 31.76 -8.91 -39.98
N THR C 1039 30.89 -8.21 -39.27
CA THR C 1039 30.48 -8.66 -37.94
C THR C 1039 29.87 -10.03 -38.04
N SER C 1040 30.28 -10.91 -37.13
CA SER C 1040 29.77 -12.27 -37.11
C SER C 1040 29.93 -12.88 -35.74
N ASP C 1041 29.25 -13.99 -35.47
CA ASP C 1041 29.39 -14.62 -34.15
C ASP C 1041 29.76 -16.09 -34.29
N GLY C 1042 31.02 -16.31 -34.63
CA GLY C 1042 31.57 -17.65 -34.81
C GLY C 1042 33.00 -17.63 -34.31
N PRO C 1043 33.70 -18.82 -34.10
CA PRO C 1043 32.98 -20.07 -34.41
C PRO C 1043 32.01 -20.49 -33.33
N ASP C 1044 31.02 -21.31 -33.67
CA ASP C 1044 30.06 -21.76 -32.69
C ASP C 1044 30.84 -22.54 -31.64
N PRO C 1045 30.57 -22.28 -30.38
CA PRO C 1045 31.30 -22.98 -29.30
C PRO C 1045 30.99 -24.44 -29.07
N CYS C 1046 29.74 -24.84 -29.25
CA CYS C 1046 29.30 -26.18 -28.93
C CYS C 1046 30.02 -27.24 -29.75
N ASP C 1047 30.65 -26.85 -30.85
CA ASP C 1047 31.40 -27.73 -31.70
C ASP C 1047 32.89 -27.64 -31.50
N MET C 1048 33.40 -26.54 -30.95
CA MET C 1048 34.80 -26.49 -30.57
C MET C 1048 35.08 -27.41 -29.41
N VAL C 1049 34.16 -27.49 -28.46
CA VAL C 1049 34.48 -28.12 -27.18
C VAL C 1049 34.34 -29.63 -27.25
N LYS C 1050 33.82 -30.17 -28.34
CA LYS C 1050 33.84 -31.60 -28.50
C LYS C 1050 35.23 -32.11 -28.83
N GLN C 1051 36.11 -31.23 -29.32
CA GLN C 1051 37.49 -31.57 -29.63
C GLN C 1051 38.38 -30.39 -29.26
N PRO C 1052 38.58 -30.15 -27.97
CA PRO C 1052 39.20 -28.91 -27.55
C PRO C 1052 40.69 -28.91 -27.85
N ARG C 1053 41.25 -27.72 -27.83
CA ARG C 1053 42.67 -27.54 -28.01
C ARG C 1053 43.42 -28.11 -26.82
N TYR C 1054 44.62 -28.59 -27.07
CA TYR C 1054 45.48 -29.16 -26.04
C TYR C 1054 45.82 -28.12 -24.98
N ARG C 1055 46.11 -28.59 -23.78
CA ARG C 1055 46.16 -27.73 -22.61
C ARG C 1055 46.90 -28.48 -21.54
N LYS C 1056 47.47 -27.76 -20.59
CA LYS C 1056 48.17 -28.39 -19.48
C LYS C 1056 47.84 -27.67 -18.18
N GLY C 1057 47.31 -28.38 -17.20
CA GLY C 1057 46.86 -27.75 -15.98
C GLY C 1057 47.94 -27.57 -14.93
N PRO C 1058 47.55 -27.03 -13.79
CA PRO C 1058 48.51 -26.80 -12.71
C PRO C 1058 48.92 -28.09 -12.03
N ASP C 1059 50.21 -28.25 -11.79
CA ASP C 1059 50.74 -29.44 -11.14
C ASP C 1059 50.26 -29.64 -9.71
N VAL C 1060 50.20 -28.56 -8.95
CA VAL C 1060 49.80 -28.68 -7.55
C VAL C 1060 48.36 -28.26 -7.27
N CYS C 1061 47.60 -29.19 -6.73
CA CYS C 1061 46.21 -28.94 -6.38
C CYS C 1061 46.09 -29.21 -4.89
N PHE C 1062 45.54 -28.26 -4.16
CA PHE C 1062 45.37 -28.42 -2.73
C PHE C 1062 43.90 -28.57 -2.42
N ASP C 1063 43.55 -29.73 -1.90
CA ASP C 1063 42.20 -29.99 -1.52
C ASP C 1063 42.15 -31.23 -0.64
N ASN C 1064 41.09 -31.35 0.13
CA ASN C 1064 40.91 -32.51 0.99
C ASN C 1064 42.10 -32.74 1.88
N ASN C 1065 42.32 -31.90 2.89
CA ASN C 1065 43.19 -32.25 3.99
C ASN C 1065 42.33 -32.95 5.02
N VAL C 1066 42.88 -34.00 5.64
CA VAL C 1066 42.13 -34.87 6.53
C VAL C 1066 41.73 -34.18 7.83
N LEU C 1067 42.54 -33.19 8.21
CA LEU C 1067 42.34 -32.49 9.47
C LEU C 1067 41.66 -31.15 9.35
N GLU C 1068 40.93 -30.97 8.27
CA GLU C 1068 40.17 -29.76 7.99
C GLU C 1068 39.02 -29.71 8.99
N ASP C 1069 38.61 -28.52 9.37
CA ASP C 1069 37.61 -28.46 10.39
C ASP C 1069 36.31 -29.15 10.01
N TYR C 1070 35.85 -28.89 8.79
CA TYR C 1070 34.61 -29.37 8.18
C TYR C 1070 33.39 -29.35 9.09
N THR C 1071 33.41 -28.41 10.05
CA THR C 1071 32.30 -28.28 11.01
C THR C 1071 31.56 -26.95 11.07
N ASP C 1072 31.86 -26.02 10.14
CA ASP C 1072 31.21 -24.72 10.17
C ASP C 1072 30.41 -24.38 8.93
N CYS C 1073 29.09 -24.26 9.10
CA CYS C 1073 28.19 -23.91 8.01
C CYS C 1073 27.13 -22.96 8.52
N GLN D 1 -63.10 39.01 88.79
CA GLN D 1 -62.55 40.36 88.75
C GLN D 1 -61.20 40.43 89.46
N GLY D 2 -61.00 41.49 90.24
CA GLY D 2 -59.73 41.74 90.89
C GLY D 2 -59.47 40.81 92.07
N PRO D 3 -60.55 40.31 92.67
CA PRO D 3 -60.38 39.34 93.77
C PRO D 3 -60.32 37.92 93.24
N HIS D 4 -60.73 37.73 92.00
CA HIS D 4 -60.68 36.42 91.36
C HIS D 4 -59.39 36.20 90.58
N MET D 5 -58.64 37.26 90.28
CA MET D 5 -57.39 37.16 89.55
C MET D 5 -56.18 36.99 90.44
N ALA D 6 -56.34 37.12 91.76
CA ALA D 6 -55.20 36.97 92.66
C ALA D 6 -54.80 35.51 92.84
N LEU D 7 -55.78 34.60 92.78
CA LEU D 7 -55.51 33.19 92.96
C LEU D 7 -55.52 32.40 91.66
N ARG D 8 -56.22 32.87 90.62
CA ARG D 8 -56.31 32.13 89.37
C ARG D 8 -55.04 32.29 88.51
N LYS D 9 -54.41 33.46 88.56
CA LYS D 9 -53.19 33.69 87.79
C LYS D 9 -51.94 33.19 88.50
N GLU D 10 -51.97 33.05 89.83
CA GLU D 10 -50.87 32.45 90.57
C GLU D 10 -50.93 30.92 90.58
N ALA D 11 -51.99 30.33 90.04
CA ALA D 11 -52.06 28.90 89.82
C ALA D 11 -51.56 28.50 88.44
N GLU D 12 -51.65 29.40 87.47
CA GLU D 12 -51.18 29.10 86.12
C GLU D 12 -49.65 29.08 86.06
N ARG D 13 -48.99 29.99 86.77
CA ARG D 13 -47.53 30.01 86.80
C ARG D 13 -46.98 28.90 87.69
N GLN D 14 -47.71 28.52 88.73
CA GLN D 14 -47.25 27.42 89.59
C GLN D 14 -47.39 26.07 88.89
N ALA D 15 -48.43 25.91 88.06
CA ALA D 15 -48.56 24.71 87.24
C ALA D 15 -47.65 24.75 86.03
N LEU D 16 -47.18 25.93 85.62
CA LEU D 16 -46.19 26.03 84.56
C LEU D 16 -44.80 25.66 85.05
N ALA D 17 -44.50 25.99 86.31
CA ALA D 17 -43.21 25.61 86.89
C ALA D 17 -43.14 24.10 87.13
N GLN D 18 -44.26 23.47 87.50
CA GLN D 18 -44.31 22.02 87.58
C GLN D 18 -44.20 21.38 86.20
N LEU D 19 -44.70 22.06 85.16
CA LEU D 19 -44.61 21.54 83.81
C LEU D 19 -43.19 21.62 83.26
N GLU D 20 -42.46 22.67 83.63
CA GLU D 20 -41.07 22.80 83.21
C GLU D 20 -40.15 21.86 83.98
N LYS D 21 -40.52 21.50 85.21
CA LYS D 21 -39.69 20.68 86.08
C LYS D 21 -39.97 19.19 85.92
N ALA D 22 -40.76 18.79 84.92
CA ALA D 22 -41.04 17.39 84.67
C ALA D 22 -40.51 16.87 83.34
N LYS D 23 -39.96 17.75 82.49
CA LYS D 23 -39.44 17.30 81.20
C LYS D 23 -38.17 16.49 81.37
N THR D 24 -37.35 16.82 82.36
CA THR D 24 -36.13 16.08 82.64
C THR D 24 -36.35 14.85 83.52
N LYS D 25 -37.54 14.72 84.11
CA LYS D 25 -37.85 13.54 84.91
C LYS D 25 -37.96 12.31 84.02
N PRO D 26 -37.52 11.14 84.48
CA PRO D 26 -37.57 9.94 83.64
C PRO D 26 -38.99 9.44 83.44
N VAL D 27 -39.16 8.67 82.37
CA VAL D 27 -40.49 8.20 81.98
C VAL D 27 -40.94 7.11 82.94
N ALA D 28 -42.10 7.33 83.57
CA ALA D 28 -42.62 6.38 84.54
C ALA D 28 -43.40 5.26 83.85
N PHE D 29 -44.50 5.61 83.17
CA PHE D 29 -45.35 4.62 82.54
C PHE D 29 -46.00 5.23 81.31
N ALA D 30 -46.14 4.40 80.27
CA ALA D 30 -46.73 4.82 79.01
C ALA D 30 -48.06 4.12 78.81
N VAL D 31 -48.97 4.79 78.10
CA VAL D 31 -50.33 4.31 77.92
C VAL D 31 -50.63 4.18 76.44
N ARG D 32 -51.62 3.32 76.14
CA ARG D 32 -52.16 3.17 74.79
C ARG D 32 -53.55 3.77 74.76
N THR D 33 -53.77 4.73 73.87
CA THR D 33 -55.04 5.43 73.79
C THR D 33 -56.02 4.66 72.92
N ASN D 34 -57.31 4.86 73.19
CA ASN D 34 -58.35 4.20 72.41
C ASN D 34 -59.27 5.15 71.65
N VAL D 35 -59.43 6.39 72.13
CA VAL D 35 -60.30 7.37 71.51
C VAL D 35 -59.48 8.61 71.15
N GLY D 36 -60.16 9.62 70.62
CA GLY D 36 -59.52 10.85 70.19
C GLY D 36 -59.90 12.02 71.09
N TYR D 37 -59.00 12.99 71.18
CA TYR D 37 -59.20 14.15 72.04
C TYR D 37 -58.29 15.29 71.60
N ASN D 38 -58.82 16.51 71.65
CA ASN D 38 -58.08 17.74 71.45
C ASN D 38 -58.44 18.73 72.54
N PRO D 39 -57.53 19.66 72.86
CA PRO D 39 -57.78 20.57 73.99
C PRO D 39 -58.79 21.65 73.64
N SER D 40 -59.65 21.97 74.61
CA SER D 40 -60.67 22.99 74.41
C SER D 40 -60.49 24.14 75.39
N PRO D 41 -61.27 25.22 75.25
CA PRO D 41 -61.05 26.37 76.14
C PRO D 41 -61.67 26.18 77.53
N GLY D 42 -62.67 25.33 77.65
CA GLY D 42 -63.34 25.12 78.91
C GLY D 42 -62.99 23.83 79.64
N ASP D 43 -61.85 23.22 79.35
CA ASP D 43 -61.49 21.93 79.93
C ASP D 43 -60.81 22.04 81.28
N GLU D 44 -60.89 23.21 81.94
CA GLU D 44 -60.24 23.48 83.24
C GLU D 44 -58.73 23.26 83.18
N VAL D 45 -58.14 23.65 82.06
CA VAL D 45 -56.70 23.39 81.79
C VAL D 45 -55.88 24.27 82.72
N PRO D 46 -54.85 23.71 83.40
CA PRO D 46 -54.12 24.52 84.40
C PRO D 46 -53.26 25.61 83.77
N VAL D 47 -52.56 25.32 82.69
CA VAL D 47 -51.82 26.33 81.94
C VAL D 47 -52.46 26.37 80.56
N GLU D 48 -53.21 27.43 80.29
CA GLU D 48 -53.99 27.54 79.06
C GLU D 48 -53.04 27.74 77.88
N GLY D 49 -52.85 26.69 77.09
CA GLY D 49 -52.04 26.76 75.89
C GLY D 49 -51.08 25.60 75.70
N VAL D 50 -50.74 24.90 76.77
CA VAL D 50 -49.69 23.88 76.73
C VAL D 50 -50.27 22.47 76.82
N ALA D 51 -51.51 22.27 76.38
CA ALA D 51 -52.11 20.95 76.39
C ALA D 51 -51.86 20.23 75.07
N ILE D 52 -51.88 18.90 75.12
CA ILE D 52 -51.59 18.08 73.96
C ILE D 52 -52.84 17.33 73.51
N THR D 53 -52.79 16.84 72.27
CA THR D 53 -53.92 16.19 71.63
C THR D 53 -53.52 14.81 71.13
N PHE D 54 -54.46 13.87 71.22
CA PHE D 54 -54.25 12.51 70.75
C PHE D 54 -55.51 12.03 70.02
N GLU D 55 -55.29 11.25 68.97
CA GLU D 55 -56.36 10.57 68.24
C GLU D 55 -56.47 9.13 68.75
N PRO D 56 -57.35 8.32 68.15
CA PRO D 56 -57.37 6.89 68.49
C PRO D 56 -56.07 6.20 68.12
N LYS D 57 -55.62 5.32 69.03
CA LYS D 57 -54.39 4.54 68.93
C LYS D 57 -53.16 5.46 68.80
N ASP D 58 -52.90 6.17 69.88
CA ASP D 58 -51.67 6.95 70.06
C ASP D 58 -50.97 6.53 71.33
N PHE D 59 -49.76 7.05 71.54
CA PHE D 59 -48.91 6.71 72.67
C PHE D 59 -48.53 7.97 73.45
N LEU D 60 -48.51 7.84 74.77
CA LEU D 60 -48.21 8.98 75.65
C LEU D 60 -47.26 8.53 76.76
N HIS D 61 -45.99 8.95 76.67
CA HIS D 61 -44.99 8.69 77.71
C HIS D 61 -45.25 9.65 78.87
N ILE D 62 -46.03 9.21 79.84
CA ILE D 62 -46.42 10.06 80.97
C ILE D 62 -45.23 10.22 81.90
N LYS D 63 -44.86 11.47 82.18
CA LYS D 63 -43.75 11.73 83.09
C LYS D 63 -44.21 11.66 84.55
N GLU D 64 -45.11 12.56 84.94
CA GLU D 64 -45.62 12.59 86.31
C GLU D 64 -47.10 12.92 86.31
N LYS D 65 -47.66 13.00 87.50
CA LYS D 65 -49.09 13.26 87.71
C LYS D 65 -49.24 14.63 88.37
N TYR D 66 -49.81 15.59 87.63
CA TYR D 66 -49.96 16.94 88.15
C TYR D 66 -51.04 16.99 89.23
N ASN D 67 -52.24 16.53 88.89
CA ASN D 67 -53.34 16.49 89.83
C ASN D 67 -54.20 15.27 89.50
N ASN D 68 -55.42 15.26 90.02
CA ASN D 68 -56.34 14.16 89.74
C ASN D 68 -57.05 14.32 88.40
N ASP D 69 -56.83 15.42 87.69
CA ASP D 69 -57.50 15.67 86.42
C ASP D 69 -56.54 15.89 85.25
N TRP D 70 -55.24 16.02 85.49
CA TRP D 70 -54.28 16.18 84.40
C TRP D 70 -52.99 15.47 84.74
N TRP D 71 -52.47 14.70 83.78
CA TRP D 71 -51.16 14.10 83.88
C TRP D 71 -50.17 14.92 83.07
N ILE D 72 -48.89 14.67 83.30
CA ILE D 72 -47.82 15.37 82.59
C ILE D 72 -47.03 14.34 81.82
N GLY D 73 -46.92 14.52 80.50
CA GLY D 73 -46.21 13.57 79.67
C GLY D 73 -46.13 14.07 78.25
N ARG D 74 -45.40 13.31 77.43
CA ARG D 74 -45.08 13.74 76.08
C ARG D 74 -45.63 12.76 75.04
N LEU D 75 -45.78 13.26 73.82
CA LEU D 75 -46.26 12.45 72.71
C LEU D 75 -45.09 11.76 72.03
N VAL D 76 -45.30 10.50 71.64
CA VAL D 76 -44.25 9.74 70.98
C VAL D 76 -44.26 10.12 69.51
N LYS D 77 -43.45 11.12 69.15
CA LYS D 77 -43.46 11.77 67.86
C LYS D 77 -42.22 12.65 67.80
N GLU D 78 -41.72 12.88 66.60
CA GLU D 78 -40.46 13.61 66.42
C GLU D 78 -40.65 15.09 66.76
N GLY D 79 -39.94 15.54 67.79
CA GLY D 79 -39.90 16.93 68.17
C GLY D 79 -40.91 17.35 69.21
N CYS D 80 -41.85 16.47 69.58
CA CYS D 80 -42.92 16.84 70.50
C CYS D 80 -42.42 16.87 71.93
N GLU D 81 -42.92 17.85 72.68
CA GLU D 81 -42.51 18.11 74.05
C GLU D 81 -43.54 17.54 75.02
N VAL D 82 -43.41 17.89 76.30
CA VAL D 82 -44.37 17.43 77.31
C VAL D 82 -45.70 18.17 77.15
N GLY D 83 -46.70 17.68 77.88
CA GLY D 83 -48.00 18.31 77.83
C GLY D 83 -48.95 17.75 78.87
N PHE D 84 -50.16 18.32 78.88
CA PHE D 84 -51.21 17.98 79.84
C PHE D 84 -52.02 16.80 79.30
N ILE D 85 -51.83 15.63 79.89
CA ILE D 85 -52.58 14.43 79.52
C ILE D 85 -53.83 14.38 80.39
N PRO D 86 -55.02 14.30 79.82
CA PRO D 86 -56.23 14.11 80.64
C PRO D 86 -56.29 12.71 81.21
N SER D 87 -56.56 12.62 82.50
CA SER D 87 -56.65 11.34 83.19
C SER D 87 -57.91 10.59 82.75
N PRO D 88 -57.98 9.27 82.96
CA PRO D 88 -59.22 8.55 82.66
C PRO D 88 -60.42 9.00 83.47
N VAL D 89 -60.23 9.55 84.67
CA VAL D 89 -61.34 10.13 85.39
C VAL D 89 -61.64 11.56 84.90
N LYS D 90 -60.66 12.21 84.26
CA LYS D 90 -60.94 13.44 83.53
C LYS D 90 -61.66 13.14 82.21
N LEU D 91 -61.28 12.03 81.56
CA LEU D 91 -62.05 11.55 80.41
C LEU D 91 -63.40 10.99 80.82
N ASP D 92 -63.56 10.59 82.07
CA ASP D 92 -64.87 10.26 82.61
C ASP D 92 -65.66 11.53 82.95
N SER D 93 -64.98 12.61 83.30
CA SER D 93 -65.69 13.84 83.65
C SER D 93 -66.15 14.62 82.43
N LEU D 94 -65.43 14.53 81.32
CA LEU D 94 -65.74 15.35 80.15
C LEU D 94 -66.98 14.87 79.40
N ARG D 95 -67.23 13.56 79.41
CA ARG D 95 -68.37 13.04 78.65
C ARG D 95 -69.70 13.25 79.39
N LEU D 96 -69.69 13.16 80.72
CA LEU D 96 -70.91 13.37 81.49
C LEU D 96 -71.32 14.83 81.54
N LEU D 97 -70.39 15.77 81.33
CA LEU D 97 -70.76 17.17 81.20
C LEU D 97 -71.38 17.48 79.85
N GLN D 98 -71.20 16.59 78.87
CA GLN D 98 -71.85 16.76 77.58
C GLN D 98 -73.33 16.39 77.65
N GLU D 99 -73.72 15.63 78.67
CA GLU D 99 -75.13 15.28 78.88
C GLU D 99 -75.83 16.23 79.83
N GLN D 100 -75.17 16.64 80.90
CA GLN D 100 -75.78 17.52 81.89
C GLN D 100 -75.89 18.95 81.39
N VAL E 191 -65.16 -0.12 79.00
CA VAL E 191 -64.04 0.06 78.10
C VAL E 191 -63.06 1.08 78.67
N PRO E 192 -61.87 0.63 79.05
CA PRO E 192 -60.83 1.56 79.52
C PRO E 192 -60.18 2.28 78.34
N PRO E 193 -60.00 3.60 78.44
CA PRO E 193 -59.35 4.32 77.33
C PRO E 193 -57.84 4.21 77.33
N TYR E 194 -57.19 3.98 78.47
CA TYR E 194 -55.73 3.90 78.57
C TYR E 194 -55.31 2.51 79.06
N ASP E 195 -54.27 1.96 78.47
CA ASP E 195 -53.77 0.63 78.78
C ASP E 195 -52.29 0.70 79.08
N VAL E 196 -51.87 0.04 80.17
CA VAL E 196 -50.50 0.17 80.66
C VAL E 196 -49.57 -0.62 79.73
N VAL E 197 -48.87 0.11 78.86
CA VAL E 197 -47.95 -0.50 77.91
C VAL E 197 -46.53 -0.13 78.33
N PRO E 198 -45.49 -0.83 77.89
CA PRO E 198 -44.12 -0.41 78.23
C PRO E 198 -43.76 0.91 77.56
N SER E 199 -42.79 1.59 78.18
CA SER E 199 -42.36 2.90 77.70
C SER E 199 -41.50 2.81 76.44
N MET E 200 -40.87 1.67 76.19
CA MET E 200 -40.13 1.43 74.95
C MET E 200 -40.59 0.09 74.39
N ARG E 201 -41.16 0.11 73.19
CA ARG E 201 -41.84 -1.05 72.66
C ARG E 201 -40.82 -2.13 72.25
N PRO E 202 -41.11 -3.39 72.56
CA PRO E 202 -40.18 -4.46 72.16
C PRO E 202 -40.24 -4.74 70.66
N ILE E 203 -39.06 -4.84 70.06
CA ILE E 203 -38.96 -5.08 68.63
C ILE E 203 -39.13 -6.57 68.37
N ILE E 204 -40.02 -6.90 67.43
CA ILE E 204 -40.29 -8.29 67.05
C ILE E 204 -40.35 -8.46 65.53
N LEU E 205 -40.00 -9.64 65.05
CA LEU E 205 -40.00 -9.94 63.61
C LEU E 205 -40.97 -11.08 63.29
N VAL E 206 -41.82 -10.86 62.28
CA VAL E 206 -42.81 -11.88 61.88
C VAL E 206 -43.32 -11.77 60.44
N GLY E 207 -43.92 -12.85 59.95
CA GLY E 207 -44.49 -12.92 58.61
C GLY E 207 -43.73 -13.53 57.44
N PRO E 208 -42.42 -13.95 57.66
CA PRO E 208 -41.77 -14.56 56.48
C PRO E 208 -42.52 -15.84 56.09
N SER E 209 -42.90 -16.59 57.12
CA SER E 209 -43.63 -17.85 57.03
C SER E 209 -43.79 -18.37 58.46
N LEU E 210 -44.14 -19.65 58.61
CA LEU E 210 -44.22 -20.24 59.95
C LEU E 210 -42.84 -20.43 60.56
N LYS E 211 -42.67 -19.98 61.80
CA LYS E 211 -41.45 -20.23 62.55
C LYS E 211 -41.40 -21.68 63.01
N GLY E 212 -40.29 -22.04 63.65
CA GLY E 212 -40.08 -23.43 64.00
C GLY E 212 -39.63 -24.26 62.82
N TYR E 213 -38.90 -23.66 61.89
CA TYR E 213 -38.36 -24.35 60.73
C TYR E 213 -36.97 -23.82 60.43
N GLU E 214 -36.26 -24.52 59.55
CA GLU E 214 -34.95 -24.05 59.11
C GLU E 214 -35.07 -22.89 58.13
N VAL E 215 -36.23 -22.75 57.49
CA VAL E 215 -36.41 -21.70 56.49
C VAL E 215 -36.57 -20.35 57.17
N THR E 216 -37.63 -20.20 57.98
CA THR E 216 -38.03 -18.90 58.51
C THR E 216 -37.07 -18.40 59.57
N ASP E 217 -36.57 -19.30 60.42
CA ASP E 217 -35.74 -18.90 61.55
C ASP E 217 -34.35 -18.44 61.09
N MET E 218 -33.76 -19.14 60.12
CA MET E 218 -32.44 -18.76 59.64
C MET E 218 -32.45 -17.51 58.80
N MET E 219 -33.61 -17.14 58.24
CA MET E 219 -33.74 -15.81 57.64
C MET E 219 -33.79 -14.73 58.70
N GLN E 220 -34.42 -15.01 59.85
CA GLN E 220 -34.52 -14.01 60.90
C GLN E 220 -33.23 -13.90 61.70
N LYS E 221 -32.48 -15.01 61.81
CA LYS E 221 -31.22 -15.03 62.56
C LYS E 221 -30.18 -14.10 61.94
N ALA E 222 -30.24 -13.90 60.62
CA ALA E 222 -29.40 -12.90 59.98
C ALA E 222 -29.81 -11.49 60.38
N LEU E 223 -31.10 -11.26 60.65
CA LEU E 223 -31.57 -9.93 61.00
C LEU E 223 -31.27 -9.58 62.45
N PHE E 224 -31.22 -10.57 63.36
CA PHE E 224 -30.83 -10.29 64.73
C PHE E 224 -29.36 -9.95 64.86
N ASP E 225 -28.54 -10.38 63.90
CA ASP E 225 -27.12 -10.09 63.95
C ASP E 225 -26.84 -8.64 63.57
N PHE E 226 -27.66 -8.07 62.67
CA PHE E 226 -27.43 -6.70 62.22
C PHE E 226 -27.76 -5.70 63.34
N LEU E 227 -28.88 -5.90 64.03
CA LEU E 227 -29.30 -4.99 65.08
C LEU E 227 -28.56 -5.18 66.40
N LYS E 228 -27.70 -6.20 66.48
CA LYS E 228 -26.93 -6.41 67.71
C LYS E 228 -25.75 -5.45 67.81
N HIS E 229 -25.00 -5.28 66.72
CA HIS E 229 -23.80 -4.44 66.75
C HIS E 229 -24.02 -3.04 66.19
N LEU E 230 -25.09 -2.82 65.41
CA LEU E 230 -25.38 -1.47 64.92
C LEU E 230 -25.88 -0.57 66.04
N PHE E 231 -26.72 -1.11 66.92
CA PHE E 231 -27.26 -0.38 68.05
C PHE E 231 -26.73 -0.95 69.37
N ASP E 232 -25.45 -1.32 69.37
CA ASP E 232 -24.82 -1.89 70.55
C ASP E 232 -24.66 -0.84 71.65
N GLY E 233 -25.09 -1.21 72.86
CA GLY E 233 -25.12 -0.30 73.98
C GLY E 233 -26.43 0.41 74.21
N ARG E 234 -27.34 0.40 73.22
CA ARG E 234 -28.66 1.01 73.32
C ARG E 234 -29.75 0.04 72.87
N ILE E 235 -29.58 -1.25 73.16
CA ILE E 235 -30.57 -2.26 72.83
C ILE E 235 -30.52 -3.35 73.91
N SER E 236 -31.62 -4.06 74.07
CA SER E 236 -31.69 -5.24 74.93
C SER E 236 -32.33 -6.37 74.13
N ILE E 237 -31.51 -7.29 73.65
CA ILE E 237 -31.95 -8.40 72.81
C ILE E 237 -32.05 -9.65 73.67
N THR E 238 -33.20 -10.30 73.65
CA THR E 238 -33.44 -11.49 74.46
C THR E 238 -33.93 -12.64 73.60
N ARG E 239 -33.97 -13.81 74.20
CA ARG E 239 -34.47 -15.03 73.58
C ARG E 239 -35.71 -15.49 74.33
N VAL E 240 -36.85 -15.50 73.64
CA VAL E 240 -38.16 -15.75 74.26
C VAL E 240 -38.47 -17.23 74.16
N THR E 241 -38.95 -17.82 75.26
CA THR E 241 -39.27 -19.24 75.33
C THR E 241 -40.75 -19.52 75.48
N ALA E 242 -41.41 -18.88 76.45
CA ALA E 242 -42.80 -19.18 76.77
C ALA E 242 -43.76 -18.36 75.91
N ASP E 243 -44.91 -18.95 75.59
CA ASP E 243 -45.89 -18.32 74.70
C ASP E 243 -46.55 -17.17 75.43
N ILE E 244 -46.30 -15.94 74.96
CA ILE E 244 -46.82 -14.74 75.61
C ILE E 244 -48.17 -14.33 75.04
N SER E 245 -48.77 -15.13 74.17
CA SER E 245 -50.10 -14.87 73.64
C SER E 245 -51.21 -15.51 74.46
N LEU E 246 -50.97 -15.75 75.75
CA LEU E 246 -51.86 -16.55 76.58
C LEU E 246 -52.59 -15.72 77.64
N ALA E 247 -52.09 -14.54 77.97
CA ALA E 247 -52.74 -13.70 78.97
C ALA E 247 -53.76 -12.78 78.33
N ARG E 267 -49.57 -26.17 77.77
CA ARG E 267 -48.73 -25.00 77.57
C ARG E 267 -48.28 -24.39 78.89
N SER E 268 -47.76 -23.17 78.81
CA SER E 268 -47.27 -22.47 80.00
C SER E 268 -48.43 -21.98 80.86
N SER E 269 -48.16 -21.82 82.15
CA SER E 269 -49.12 -21.26 83.07
C SER E 269 -49.12 -19.73 82.99
N LEU E 270 -49.90 -19.10 83.86
CA LEU E 270 -49.94 -17.64 83.89
C LEU E 270 -48.69 -17.04 84.53
N ALA E 271 -48.12 -17.71 85.52
CA ALA E 271 -47.00 -17.13 86.26
C ALA E 271 -45.71 -17.14 85.47
N GLU E 272 -45.46 -18.20 84.69
CA GLU E 272 -44.23 -18.27 83.90
C GLU E 272 -44.25 -17.31 82.73
N VAL E 273 -45.43 -16.91 82.27
CA VAL E 273 -45.51 -15.95 81.17
C VAL E 273 -45.45 -14.52 81.70
N GLN E 274 -46.20 -14.23 82.77
CA GLN E 274 -46.28 -12.87 83.30
C GLN E 274 -44.98 -12.42 83.93
N SER E 275 -44.21 -13.34 84.51
CA SER E 275 -42.87 -13.03 85.00
C SER E 275 -41.89 -12.75 83.87
N GLU E 276 -42.18 -13.21 82.66
CA GLU E 276 -41.42 -12.81 81.48
C GLU E 276 -41.96 -11.53 80.85
N ILE E 277 -43.27 -11.27 80.98
CA ILE E 277 -43.83 -10.01 80.53
C ILE E 277 -43.34 -8.86 81.43
N GLU E 278 -43.27 -9.09 82.74
CA GLU E 278 -42.74 -8.07 83.63
C GLU E 278 -41.22 -7.91 83.49
N ARG E 279 -40.53 -8.87 82.88
CA ARG E 279 -39.13 -8.66 82.51
C ARG E 279 -39.00 -7.70 81.34
N ILE E 280 -39.97 -7.72 80.41
CA ILE E 280 -40.06 -6.71 79.37
C ILE E 280 -40.41 -5.37 79.99
N PHE E 281 -41.20 -5.38 81.07
CA PHE E 281 -41.54 -4.15 81.78
C PHE E 281 -40.32 -3.56 82.48
N GLU E 282 -39.36 -4.40 82.87
CA GLU E 282 -38.11 -3.92 83.44
C GLU E 282 -37.19 -3.34 82.39
N LEU E 283 -37.20 -3.91 81.18
CA LEU E 283 -36.34 -3.46 80.08
C LEU E 283 -36.86 -2.19 79.40
N ALA E 284 -38.00 -1.65 79.82
CA ALA E 284 -38.47 -0.35 79.38
C ALA E 284 -38.17 0.76 80.37
N ARG E 285 -37.59 0.44 81.52
CA ARG E 285 -37.40 1.43 82.58
C ARG E 285 -36.17 2.30 82.32
N THR E 286 -35.10 1.72 81.78
CA THR E 286 -33.88 2.48 81.52
C THR E 286 -33.89 3.19 80.17
N LEU E 287 -35.03 3.17 79.47
CA LEU E 287 -35.27 3.88 78.21
C LEU E 287 -34.29 3.46 77.12
N GLN E 288 -34.31 2.15 76.82
CA GLN E 288 -33.50 1.59 75.75
C GLN E 288 -34.36 0.66 74.91
N LEU E 289 -33.82 0.26 73.77
CA LEU E 289 -34.56 -0.60 72.85
C LEU E 289 -34.65 -2.03 73.38
N VAL E 290 -35.79 -2.66 73.14
CA VAL E 290 -36.06 -4.04 73.54
C VAL E 290 -36.27 -4.85 72.27
N ALA E 291 -35.68 -6.03 72.21
CA ALA E 291 -35.83 -6.91 71.05
C ALA E 291 -36.16 -8.32 71.52
N LEU E 292 -37.07 -8.97 70.82
CA LEU E 292 -37.59 -10.27 71.22
C LEU E 292 -37.31 -11.31 70.14
N ASP E 293 -36.75 -12.44 70.55
CA ASP E 293 -36.64 -13.62 69.68
C ASP E 293 -37.75 -14.57 70.11
N ALA E 294 -38.97 -14.28 69.64
CA ALA E 294 -40.13 -15.10 69.94
C ALA E 294 -40.32 -16.12 68.82
N ASP E 295 -40.54 -17.38 69.20
CA ASP E 295 -40.44 -18.48 68.26
C ASP E 295 -41.78 -19.05 67.83
N THR E 296 -42.89 -18.58 68.39
CA THR E 296 -44.21 -19.07 68.04
C THR E 296 -45.14 -17.98 67.50
N ILE E 297 -44.66 -16.76 67.32
CA ILE E 297 -45.50 -15.64 66.89
C ILE E 297 -45.60 -15.66 65.37
N ASN E 298 -46.83 -15.86 64.87
CA ASN E 298 -47.04 -16.02 63.44
C ASN E 298 -48.30 -15.31 62.94
N HIS E 299 -48.72 -14.23 63.60
CA HIS E 299 -49.98 -13.58 63.29
C HIS E 299 -49.95 -12.18 63.89
N PRO E 300 -50.60 -11.20 63.26
CA PRO E 300 -50.67 -9.85 63.89
C PRO E 300 -51.52 -9.81 65.15
N ALA E 301 -52.72 -10.37 65.12
CA ALA E 301 -53.61 -10.41 66.28
C ALA E 301 -53.24 -11.47 67.30
N GLN E 302 -52.15 -12.22 67.07
CA GLN E 302 -51.62 -13.11 68.10
C GLN E 302 -51.10 -12.32 69.29
N LEU E 303 -50.59 -11.12 69.05
CA LEU E 303 -50.13 -10.27 70.14
C LEU E 303 -50.94 -8.98 70.21
N SER E 304 -52.27 -9.11 70.19
CA SER E 304 -53.16 -7.97 70.27
C SER E 304 -53.96 -7.89 71.57
N LYS E 305 -53.83 -8.88 72.45
CA LYS E 305 -54.66 -8.95 73.64
C LYS E 305 -53.92 -8.65 74.93
N THR E 306 -52.59 -8.66 74.91
CA THR E 306 -51.81 -8.33 76.10
C THR E 306 -51.60 -6.82 76.19
N SER E 307 -50.76 -6.42 77.15
CA SER E 307 -50.46 -5.02 77.41
C SER E 307 -49.01 -4.69 77.08
N LEU E 308 -48.52 -5.21 75.96
CA LEU E 308 -47.17 -4.93 75.48
C LEU E 308 -47.15 -4.02 74.26
N ALA E 309 -47.96 -4.35 73.24
CA ALA E 309 -47.98 -3.75 71.90
C ALA E 309 -46.57 -3.72 71.27
N PRO E 310 -46.02 -4.85 70.85
CA PRO E 310 -44.67 -4.85 70.29
C PRO E 310 -44.62 -4.30 68.86
N ILE E 311 -43.40 -4.09 68.39
CA ILE E 311 -43.16 -3.56 67.05
C ILE E 311 -43.24 -4.72 66.06
N ILE E 312 -44.19 -4.64 65.12
CA ILE E 312 -44.44 -5.72 64.18
C ILE E 312 -43.63 -5.44 62.93
N VAL E 313 -42.37 -5.87 62.93
CA VAL E 313 -41.56 -5.87 61.72
C VAL E 313 -41.97 -7.08 60.89
N TYR E 314 -42.55 -6.84 59.72
CA TYR E 314 -43.06 -7.89 58.86
C TYR E 314 -42.06 -8.12 57.73
N ILE E 315 -41.35 -9.23 57.78
CA ILE E 315 -40.52 -9.64 56.65
C ILE E 315 -41.44 -10.10 55.53
N LYS E 316 -41.32 -9.45 54.37
CA LYS E 316 -42.20 -9.72 53.24
C LYS E 316 -41.40 -10.45 52.17
N ILE E 317 -41.77 -11.70 51.92
CA ILE E 317 -41.30 -12.42 50.74
C ILE E 317 -42.21 -11.99 49.60
N THR E 318 -41.63 -11.30 48.61
CA THR E 318 -42.43 -10.68 47.57
C THR E 318 -43.01 -11.70 46.59
N SER E 319 -42.46 -12.91 46.52
CA SER E 319 -42.91 -13.92 45.57
C SER E 319 -43.14 -15.24 46.30
N PRO E 320 -44.34 -15.81 46.25
CA PRO E 320 -44.58 -17.08 46.96
C PRO E 320 -43.90 -18.28 46.33
N LYS E 321 -43.56 -18.23 45.04
CA LYS E 321 -42.89 -19.37 44.42
C LYS E 321 -41.44 -19.52 44.87
N VAL E 322 -40.81 -18.43 45.32
CA VAL E 322 -39.41 -18.48 45.72
C VAL E 322 -39.27 -19.23 47.05
N LEU E 323 -40.33 -19.21 47.88
CA LEU E 323 -40.29 -19.84 49.19
C LEU E 323 -40.12 -21.35 49.06
N GLN E 324 -40.90 -21.99 48.18
CA GLN E 324 -40.74 -23.42 47.97
C GLN E 324 -39.50 -23.77 47.17
N ARG E 325 -38.80 -22.79 46.61
CA ARG E 325 -37.47 -23.05 46.07
C ARG E 325 -36.40 -22.92 47.15
N LEU E 326 -36.71 -22.12 48.16
CA LEU E 326 -35.91 -22.02 49.35
C LEU E 326 -36.07 -23.36 50.10
N ILE E 327 -37.30 -23.90 50.08
CA ILE E 327 -37.61 -25.15 50.80
C ILE E 327 -36.81 -26.32 50.24
N LYS E 328 -36.71 -26.41 48.91
CA LYS E 328 -35.89 -27.46 48.32
C LYS E 328 -34.39 -27.18 48.40
N SER E 329 -33.99 -26.01 48.89
CA SER E 329 -32.58 -25.75 49.14
C SER E 329 -32.15 -26.22 50.52
N ARG E 330 -33.10 -26.49 51.41
CA ARG E 330 -32.80 -26.92 52.77
C ARG E 330 -32.66 -28.43 52.91
N GLY E 331 -32.50 -29.15 51.80
CA GLY E 331 -32.43 -30.60 51.84
C GLY E 331 -33.81 -31.22 51.78
N LYS E 332 -33.86 -32.49 52.19
CA LYS E 332 -35.11 -33.22 52.27
C LYS E 332 -35.75 -33.19 53.64
N SER E 333 -35.12 -32.52 54.61
CA SER E 333 -35.74 -32.34 55.92
C SER E 333 -36.93 -31.40 55.84
N GLN E 334 -36.75 -30.27 55.18
CA GLN E 334 -37.83 -29.30 54.97
C GLN E 334 -38.68 -29.63 53.76
N SER E 335 -38.25 -30.57 52.91
CA SER E 335 -39.07 -30.99 51.78
C SER E 335 -40.24 -31.87 52.18
N LYS E 336 -40.30 -32.30 53.45
CA LYS E 336 -41.46 -32.95 54.00
C LYS E 336 -42.49 -31.97 54.53
N HIS E 337 -42.17 -30.68 54.54
CA HIS E 337 -43.00 -29.63 55.12
C HIS E 337 -43.27 -28.54 54.09
N LEU E 338 -43.72 -28.95 52.91
CA LEU E 338 -43.90 -28.04 51.78
C LEU E 338 -45.08 -27.08 51.97
N ASN E 339 -46.29 -27.64 52.01
CA ASN E 339 -47.49 -26.82 51.96
C ASN E 339 -47.88 -26.27 53.33
N VAL E 340 -47.30 -26.81 54.41
CA VAL E 340 -47.67 -26.36 55.74
C VAL E 340 -47.06 -25.00 56.04
N GLN E 341 -45.90 -24.69 55.44
CA GLN E 341 -45.32 -23.36 55.61
C GLN E 341 -46.06 -22.32 54.80
N ILE E 342 -46.58 -22.69 53.63
CA ILE E 342 -47.28 -21.75 52.76
C ILE E 342 -48.67 -21.37 53.27
N ALA E 343 -49.14 -22.00 54.34
CA ALA E 343 -50.44 -21.65 54.91
C ALA E 343 -50.38 -20.28 55.59
N ALA E 344 -49.57 -20.15 56.63
CA ALA E 344 -49.44 -18.86 57.29
C ALA E 344 -48.53 -17.90 56.51
N SER E 345 -47.76 -18.42 55.55
CA SER E 345 -47.15 -17.52 54.56
C SER E 345 -48.22 -16.85 53.73
N GLU E 346 -49.31 -17.56 53.43
CA GLU E 346 -50.44 -16.94 52.76
C GLU E 346 -51.26 -16.10 53.74
N LYS E 347 -51.48 -16.59 54.97
CA LYS E 347 -52.34 -15.89 55.92
C LYS E 347 -51.76 -14.57 56.36
N LEU E 348 -50.43 -14.51 56.55
CA LEU E 348 -49.78 -13.23 56.79
C LEU E 348 -49.80 -12.34 55.55
N ALA E 349 -49.73 -12.96 54.37
CA ALA E 349 -49.94 -12.20 53.13
C ALA E 349 -51.40 -11.83 52.95
N GLN E 350 -52.33 -12.54 53.59
CA GLN E 350 -53.72 -12.12 53.62
C GLN E 350 -53.97 -10.98 54.60
N CYS E 351 -53.16 -10.86 55.64
CA CYS E 351 -53.32 -9.75 56.58
C CYS E 351 -52.93 -8.44 55.90
N PRO E 352 -53.59 -7.34 56.25
CA PRO E 352 -53.28 -6.04 55.61
C PRO E 352 -51.94 -5.51 56.07
N PRO E 353 -51.15 -4.95 55.14
CA PRO E 353 -49.81 -4.45 55.52
C PRO E 353 -49.83 -3.20 56.40
N GLU E 354 -50.92 -2.45 56.43
CA GLU E 354 -50.99 -1.27 57.30
C GLU E 354 -51.23 -1.64 58.76
N MET E 355 -51.68 -2.87 59.03
CA MET E 355 -51.82 -3.31 60.42
C MET E 355 -50.46 -3.59 61.05
N PHE E 356 -49.45 -3.86 60.23
CA PHE E 356 -48.10 -4.11 60.68
C PHE E 356 -47.39 -2.79 61.00
N ASP E 357 -46.10 -2.88 61.28
CA ASP E 357 -45.29 -1.69 61.53
C ASP E 357 -44.18 -1.47 60.51
N ILE E 358 -43.36 -2.49 60.24
CA ILE E 358 -42.19 -2.33 59.38
C ILE E 358 -42.17 -3.46 58.37
N ILE E 359 -42.09 -3.12 57.09
CA ILE E 359 -42.19 -4.07 56.01
C ILE E 359 -40.84 -4.16 55.32
N LEU E 360 -40.37 -5.39 55.07
CA LEU E 360 -39.09 -5.64 54.45
C LEU E 360 -39.32 -6.53 53.22
N ASP E 361 -39.30 -5.93 52.03
CA ASP E 361 -39.46 -6.66 50.77
C ASP E 361 -38.16 -6.73 49.98
N GLU E 362 -37.02 -6.54 50.64
CA GLU E 362 -35.75 -6.36 49.95
C GLU E 362 -34.93 -7.63 49.97
N ASN E 363 -34.46 -8.05 48.80
CA ASN E 363 -33.72 -9.29 48.69
C ASN E 363 -32.31 -9.18 49.26
N GLN E 364 -31.64 -8.07 49.05
CA GLN E 364 -30.28 -7.95 49.51
C GLN E 364 -30.25 -7.63 51.00
N LEU E 365 -29.08 -7.80 51.61
CA LEU E 365 -28.91 -7.50 53.02
C LEU E 365 -29.05 -6.01 53.30
N GLU E 366 -28.34 -5.18 52.54
CA GLU E 366 -28.24 -3.76 52.84
C GLU E 366 -29.56 -3.03 52.64
N ASP E 367 -30.41 -3.50 51.73
CA ASP E 367 -31.64 -2.78 51.44
C ASP E 367 -32.76 -3.14 52.42
N ALA E 368 -32.74 -4.34 52.98
CA ALA E 368 -33.63 -4.64 54.10
C ALA E 368 -33.12 -3.99 55.38
N CYS E 369 -31.81 -3.79 55.48
CA CYS E 369 -31.21 -3.18 56.66
C CYS E 369 -31.12 -1.66 56.58
N GLU E 370 -31.32 -1.08 55.40
CA GLU E 370 -31.46 0.38 55.33
C GLU E 370 -32.81 0.81 55.91
N HIS E 371 -33.82 -0.04 55.79
CA HIS E 371 -35.09 0.23 56.45
C HIS E 371 -35.03 -0.17 57.94
N LEU E 372 -34.31 -1.25 58.25
CA LEU E 372 -34.35 -1.79 59.60
C LEU E 372 -33.57 -0.93 60.59
N ALA E 373 -32.61 -0.15 60.10
CA ALA E 373 -31.91 0.79 60.98
C ALA E 373 -32.57 2.16 61.02
N GLU E 374 -33.01 2.67 59.87
CA GLU E 374 -33.48 4.06 59.78
C GLU E 374 -34.86 4.24 60.37
N TYR E 375 -35.70 3.20 60.35
CA TYR E 375 -37.06 3.34 60.88
C TYR E 375 -37.06 3.44 62.39
N LEU E 376 -36.24 2.63 63.06
CA LEU E 376 -36.17 2.70 64.50
C LEU E 376 -35.35 3.90 64.97
N GLU E 377 -34.42 4.38 64.12
CA GLU E 377 -33.72 5.63 64.40
C GLU E 377 -34.67 6.82 64.29
N ALA E 378 -35.65 6.75 63.38
CA ALA E 378 -36.75 7.71 63.39
C ALA E 378 -37.69 7.47 64.56
N TYR E 379 -37.75 6.23 65.06
CA TYR E 379 -38.59 5.93 66.21
C TYR E 379 -37.90 6.28 67.52
N TRP E 380 -36.56 6.20 67.59
CA TRP E 380 -35.84 6.58 68.79
C TRP E 380 -35.91 8.08 69.05
N LYS E 381 -35.77 8.88 67.98
CA LYS E 381 -35.91 10.33 68.14
C LYS E 381 -37.35 10.75 68.42
N ALA E 382 -38.32 9.91 68.07
CA ALA E 382 -39.70 10.18 68.45
C ALA E 382 -39.91 9.98 69.95
N THR E 383 -39.30 8.94 70.52
CA THR E 383 -39.44 8.69 71.95
C THR E 383 -38.61 9.65 72.78
N HIS E 384 -37.43 10.01 72.29
CA HIS E 384 -36.49 10.79 73.09
C HIS E 384 -36.40 12.22 72.57
N PRO E 385 -36.78 13.21 73.36
CA PRO E 385 -36.69 14.61 72.93
C PRO E 385 -35.32 15.17 73.19
N PRO E 386 -34.93 16.24 72.49
CA PRO E 386 -33.66 16.90 72.80
C PRO E 386 -33.76 17.74 74.06
N SER E 387 -32.60 17.98 74.67
CA SER E 387 -32.52 18.82 75.86
C SER E 387 -32.75 20.29 75.53
#